data_2L2I
#
_entry.id   2L2I
#
_cell.length_a   1.000
_cell.length_b   1.000
_cell.length_c   1.000
_cell.angle_alpha   90.00
_cell.angle_beta   90.00
_cell.angle_gamma   90.00
#
_symmetry.space_group_name_H-M   'P 1'
#
loop_
_entity.id
_entity.type
_entity.pdbx_description
1 polymer 'RNA polymerase II transcription factor B subunit 1'
2 polymer 'Krueppel-like factor 1'
#
loop_
_entity_poly.entity_id
_entity_poly.type
_entity_poly.pdbx_seq_one_letter_code
_entity_poly.pdbx_strand_id
1 'polypeptide(L)'
;PSHSGAAIFEKVSGIIAINEDVSPAELTWRSTDGDKVHTVVLSTIDKLQATPASSEKMMLRLIGKVDESKKRKDNEGNEV
VPKPQRHMFSFNNRTVMDNIKMTLQQIISRYKDAD
;
A
2 'polypeptide(L)' GSLHVKSEDQPGEEEDDERGADATWDLDLLLTNFSGPEPGGA B
#
# COMPACT_ATOMS: atom_id res chain seq x y z
N PRO A 1 20.15 2.60 -1.70
CA PRO A 1 19.45 3.86 -1.39
C PRO A 1 18.08 3.94 -2.05
N SER A 2 17.41 2.80 -2.13
CA SER A 2 16.08 2.74 -2.74
C SER A 2 15.49 1.33 -2.61
N HIS A 3 14.17 1.23 -2.77
CA HIS A 3 13.48 -0.05 -2.67
C HIS A 3 13.47 -0.55 -1.24
N SER A 4 14.64 -0.85 -0.72
CA SER A 4 14.76 -1.34 0.65
C SER A 4 14.57 -0.20 1.63
N GLY A 5 13.73 -0.46 2.63
CA GLY A 5 13.44 0.53 3.65
C GLY A 5 12.83 -0.12 4.87
N ALA A 6 12.51 0.68 5.87
CA ALA A 6 11.92 0.14 7.09
C ALA A 6 10.44 0.48 7.16
N ALA A 7 9.66 -0.48 7.64
CA ALA A 7 8.22 -0.31 7.77
C ALA A 7 7.67 -1.18 8.89
N ILE A 8 6.49 -0.85 9.38
CA ILE A 8 5.89 -1.61 10.46
C ILE A 8 4.45 -2.00 10.14
N PHE A 9 4.06 -3.19 10.60
CA PHE A 9 2.71 -3.69 10.38
C PHE A 9 2.22 -4.43 11.62
N GLU A 10 0.96 -4.17 11.99
CA GLU A 10 0.35 -4.81 13.16
C GLU A 10 1.29 -4.75 14.37
N LYS A 11 1.88 -3.58 14.59
CA LYS A 11 2.78 -3.38 15.72
C LYS A 11 4.04 -4.23 15.60
N VAL A 12 4.29 -4.75 14.40
CA VAL A 12 5.47 -5.58 14.16
C VAL A 12 6.38 -4.88 13.15
N SER A 13 7.59 -4.54 13.59
CA SER A 13 8.53 -3.86 12.72
C SER A 13 9.33 -4.82 11.86
N GLY A 14 9.83 -4.31 10.75
CA GLY A 14 10.59 -5.11 9.81
C GLY A 14 11.15 -4.27 8.69
N ILE A 15 11.82 -4.90 7.74
CA ILE A 15 12.40 -4.18 6.61
C ILE A 15 11.60 -4.46 5.35
N ILE A 16 11.31 -3.41 4.61
CA ILE A 16 10.52 -3.49 3.40
C ILE A 16 11.41 -3.35 2.17
N ALA A 17 11.38 -4.35 1.28
CA ALA A 17 12.21 -4.33 0.08
C ALA A 17 11.43 -4.67 -1.18
N ILE A 18 11.68 -3.92 -2.24
CA ILE A 18 11.03 -4.13 -3.53
C ILE A 18 11.92 -4.98 -4.44
N ASN A 19 11.30 -5.84 -5.24
CA ASN A 19 12.03 -6.71 -6.16
C ASN A 19 11.59 -6.47 -7.59
N GLU A 20 12.50 -5.91 -8.38
CA GLU A 20 12.24 -5.65 -9.79
C GLU A 20 13.04 -6.60 -10.66
N ASP A 21 13.32 -7.77 -10.10
CA ASP A 21 14.08 -8.80 -10.81
C ASP A 21 13.14 -9.86 -11.38
N VAL A 22 11.97 -10.00 -10.76
CA VAL A 22 10.99 -10.98 -11.22
C VAL A 22 9.93 -10.30 -12.08
N SER A 23 9.12 -11.11 -12.78
CA SER A 23 8.08 -10.58 -13.65
C SER A 23 7.25 -9.53 -12.90
N PRO A 24 6.44 -9.95 -11.91
CA PRO A 24 5.64 -9.03 -11.11
C PRO A 24 6.47 -8.36 -10.04
N ALA A 25 7.11 -7.26 -10.40
CA ALA A 25 7.95 -6.52 -9.45
C ALA A 25 7.23 -6.41 -8.12
N GLU A 26 7.59 -7.28 -7.19
CA GLU A 26 6.95 -7.31 -5.89
C GLU A 26 7.90 -6.94 -4.78
N LEU A 27 7.37 -6.76 -3.57
CA LEU A 27 8.17 -6.38 -2.42
C LEU A 27 7.77 -7.19 -1.21
N THR A 28 8.75 -7.58 -0.41
CA THR A 28 8.44 -8.36 0.78
C THR A 28 8.96 -7.67 2.03
N TRP A 29 8.24 -7.87 3.10
CA TRP A 29 8.55 -7.29 4.38
C TRP A 29 9.02 -8.35 5.36
N ARG A 30 10.05 -8.04 6.14
CA ARG A 30 10.59 -9.00 7.12
C ARG A 30 10.86 -8.33 8.46
N SER A 31 10.30 -8.91 9.52
CA SER A 31 10.50 -8.35 10.86
C SER A 31 11.87 -8.72 11.41
N THR A 32 12.36 -7.92 12.35
CA THR A 32 13.67 -8.16 12.94
C THR A 32 13.54 -8.95 14.24
N ASP A 33 12.54 -8.60 15.03
CA ASP A 33 12.29 -9.25 16.31
C ASP A 33 10.98 -10.02 16.29
N GLY A 34 10.10 -9.69 15.35
CA GLY A 34 8.82 -10.36 15.26
C GLY A 34 8.91 -11.73 14.60
N ASP A 35 10.06 -12.04 14.01
CA ASP A 35 10.24 -13.32 13.34
C ASP A 35 9.11 -13.60 12.35
N LYS A 36 8.86 -12.63 11.47
CA LYS A 36 7.82 -12.75 10.49
C LYS A 36 8.22 -12.05 9.18
N VAL A 37 7.61 -12.46 8.09
CA VAL A 37 7.91 -11.88 6.79
C VAL A 37 6.66 -11.84 5.91
N HIS A 38 6.30 -10.64 5.45
CA HIS A 38 5.14 -10.48 4.60
C HIS A 38 5.53 -10.02 3.19
N THR A 39 5.38 -10.92 2.24
CA THR A 39 5.68 -10.64 0.83
C THR A 39 4.46 -10.07 0.13
N VAL A 40 4.50 -8.78 -0.17
CA VAL A 40 3.39 -8.11 -0.85
C VAL A 40 3.70 -7.96 -2.33
N VAL A 41 3.02 -8.72 -3.17
CA VAL A 41 3.26 -8.65 -4.60
C VAL A 41 2.61 -7.43 -5.22
N LEU A 42 3.44 -6.47 -5.58
CA LEU A 42 2.97 -5.24 -6.23
C LEU A 42 1.99 -5.58 -7.34
N SER A 43 2.13 -6.78 -7.91
CA SER A 43 1.26 -7.22 -8.98
C SER A 43 -0.17 -7.28 -8.48
N THR A 44 -0.35 -7.99 -7.39
CA THR A 44 -1.65 -8.11 -6.77
C THR A 44 -2.09 -6.76 -6.22
N ILE A 45 -1.12 -5.86 -6.05
CA ILE A 45 -1.41 -4.52 -5.54
C ILE A 45 -1.76 -3.57 -6.69
N ASP A 46 -2.88 -2.87 -6.55
CA ASP A 46 -3.33 -1.94 -7.58
C ASP A 46 -3.24 -0.50 -7.10
N LYS A 47 -3.26 -0.31 -5.78
CA LYS A 47 -3.18 1.04 -5.21
C LYS A 47 -1.92 1.21 -4.38
N LEU A 48 -1.42 2.45 -4.35
CA LEU A 48 -0.21 2.77 -3.60
C LEU A 48 -0.22 4.25 -3.22
N GLN A 49 -0.12 4.54 -1.93
CA GLN A 49 -0.13 5.92 -1.47
C GLN A 49 0.84 6.16 -0.30
N ALA A 50 1.63 7.21 -0.41
CA ALA A 50 2.57 7.59 0.63
C ALA A 50 2.10 8.88 1.28
N THR A 51 2.65 9.22 2.44
CA THR A 51 2.24 10.43 3.15
C THR A 51 3.27 11.56 3.01
N PRO A 52 3.02 12.52 2.08
CA PRO A 52 3.88 13.65 1.83
C PRO A 52 3.28 14.97 2.31
N ALA A 53 4.14 15.98 2.47
CA ALA A 53 3.74 17.33 2.90
C ALA A 53 2.54 17.35 3.84
N SER A 54 1.35 17.17 3.26
CA SER A 54 0.10 17.19 4.02
C SER A 54 0.09 16.10 5.07
N SER A 55 0.77 15.02 4.76
CA SER A 55 0.86 13.90 5.66
C SER A 55 2.31 13.64 6.07
N GLU A 56 2.71 14.18 7.20
CA GLU A 56 4.05 13.99 7.72
C GLU A 56 4.08 12.78 8.66
N LYS A 57 3.08 11.91 8.52
CA LYS A 57 2.95 10.73 9.34
C LYS A 57 3.81 9.57 8.80
N MET A 58 4.54 9.83 7.72
CA MET A 58 5.41 8.83 7.09
C MET A 58 4.78 7.43 7.13
N MET A 59 4.01 7.10 6.09
CA MET A 59 3.36 5.81 6.02
C MET A 59 2.99 5.47 4.57
N LEU A 60 3.16 4.20 4.21
CA LEU A 60 2.83 3.75 2.85
C LEU A 60 1.66 2.79 2.86
N ARG A 61 0.68 3.04 1.99
CA ARG A 61 -0.51 2.21 1.91
C ARG A 61 -0.62 1.58 0.52
N LEU A 62 -0.78 0.26 0.48
CA LEU A 62 -0.89 -0.46 -0.78
C LEU A 62 -2.09 -1.41 -0.75
N ILE A 63 -2.97 -1.27 -1.73
CA ILE A 63 -4.17 -2.10 -1.81
C ILE A 63 -4.06 -3.13 -2.92
N GLY A 64 -4.63 -4.30 -2.67
CA GLY A 64 -4.60 -5.38 -3.65
C GLY A 64 -5.30 -5.01 -4.94
N LYS A 65 -6.25 -5.85 -5.36
CA LYS A 65 -7.00 -5.61 -6.59
C LYS A 65 -8.50 -5.55 -6.31
N VAL A 66 -9.28 -5.33 -7.36
CA VAL A 66 -10.73 -5.26 -7.22
C VAL A 66 -11.43 -5.81 -8.45
N ASP A 67 -12.35 -6.75 -8.24
CA ASP A 67 -13.10 -7.37 -9.33
C ASP A 67 -14.59 -7.38 -9.02
N GLU A 68 -15.28 -6.31 -9.43
CA GLU A 68 -16.72 -6.19 -9.20
C GLU A 68 -17.50 -7.22 -10.01
N SER A 69 -16.88 -7.75 -11.07
CA SER A 69 -17.52 -8.74 -11.93
C SER A 69 -18.11 -9.89 -11.12
N LYS A 70 -17.54 -10.13 -9.95
CA LYS A 70 -18.00 -11.21 -9.07
C LYS A 70 -18.87 -10.68 -7.94
N LYS A 71 -19.28 -9.42 -8.04
CA LYS A 71 -20.11 -8.80 -7.00
C LYS A 71 -21.34 -9.65 -6.68
N ARG A 72 -22.24 -9.07 -5.89
CA ARG A 72 -23.47 -9.74 -5.50
C ARG A 72 -24.54 -8.73 -5.15
N LYS A 73 -25.75 -8.94 -5.66
CA LYS A 73 -26.86 -8.04 -5.41
C LYS A 73 -27.33 -8.15 -3.95
N ASP A 74 -28.52 -7.64 -3.68
CA ASP A 74 -29.08 -7.69 -2.33
C ASP A 74 -30.58 -7.40 -2.35
N ASN A 75 -31.20 -7.48 -1.18
CA ASN A 75 -32.63 -7.24 -1.06
C ASN A 75 -32.99 -5.84 -1.56
N GLU A 76 -32.03 -4.94 -1.52
CA GLU A 76 -32.24 -3.57 -1.97
C GLU A 76 -31.86 -3.40 -3.43
N GLY A 77 -31.78 -4.52 -4.16
CA GLY A 77 -31.43 -4.46 -5.56
C GLY A 77 -30.11 -3.74 -5.81
N ASN A 78 -29.23 -3.76 -4.81
CA ASN A 78 -27.94 -3.10 -4.93
C ASN A 78 -26.80 -4.12 -4.85
N GLU A 79 -25.64 -3.74 -5.37
CA GLU A 79 -24.47 -4.61 -5.37
C GLU A 79 -23.19 -3.80 -5.22
N VAL A 80 -22.05 -4.49 -5.20
CA VAL A 80 -20.76 -3.84 -5.07
C VAL A 80 -19.62 -4.83 -5.11
N VAL A 81 -18.43 -4.35 -5.47
CA VAL A 81 -17.25 -5.19 -5.55
C VAL A 81 -16.90 -5.78 -4.18
N PRO A 82 -16.54 -7.08 -4.14
CA PRO A 82 -16.18 -7.75 -2.88
C PRO A 82 -15.06 -7.03 -2.14
N LYS A 83 -15.35 -6.60 -0.91
CA LYS A 83 -14.37 -5.89 -0.10
C LYS A 83 -13.01 -6.60 -0.12
N PRO A 84 -12.05 -6.06 -0.91
CA PRO A 84 -10.71 -6.66 -1.02
C PRO A 84 -9.95 -6.60 0.30
N GLN A 85 -8.64 -6.77 0.21
CA GLN A 85 -7.79 -6.74 1.41
C GLN A 85 -6.73 -5.65 1.29
N ARG A 86 -7.02 -4.50 1.89
CA ARG A 86 -6.09 -3.36 1.86
C ARG A 86 -5.01 -3.52 2.91
N HIS A 87 -3.91 -2.78 2.76
CA HIS A 87 -2.81 -2.83 3.71
C HIS A 87 -2.22 -1.44 3.94
N MET A 88 -2.20 -1.02 5.19
CA MET A 88 -1.66 0.29 5.55
C MET A 88 -0.34 0.14 6.31
N PHE A 89 0.75 0.48 5.64
CA PHE A 89 2.07 0.40 6.26
C PHE A 89 2.46 1.74 6.87
N SER A 90 3.08 1.69 8.05
CA SER A 90 3.48 2.92 8.73
C SER A 90 4.82 2.77 9.44
N PHE A 91 5.74 3.68 9.13
CA PHE A 91 7.06 3.66 9.76
C PHE A 91 7.37 5.03 10.35
N ASN A 92 8.46 5.10 11.12
CA ASN A 92 8.87 6.35 11.75
C ASN A 92 9.89 7.08 10.90
N ASN A 93 9.85 6.85 9.59
CA ASN A 93 10.79 7.50 8.68
C ASN A 93 10.06 8.16 7.51
N ARG A 94 10.13 9.49 7.46
CA ARG A 94 9.49 10.26 6.40
C ARG A 94 10.37 10.32 5.16
N THR A 95 11.69 10.26 5.37
CA THR A 95 12.64 10.30 4.27
C THR A 95 12.65 8.98 3.51
N VAL A 96 12.70 7.88 4.27
CA VAL A 96 12.71 6.55 3.69
C VAL A 96 11.45 6.29 2.89
N MET A 97 10.31 6.40 3.57
CA MET A 97 9.00 6.17 2.92
C MET A 97 8.91 6.83 1.55
N ASP A 98 9.15 8.14 1.50
CA ASP A 98 9.08 8.88 0.25
C ASP A 98 10.06 8.35 -0.79
N ASN A 99 11.10 7.67 -0.32
CA ASN A 99 12.11 7.12 -1.22
C ASN A 99 11.67 5.78 -1.81
N ILE A 100 10.97 4.98 -1.01
CA ILE A 100 10.50 3.68 -1.45
C ILE A 100 9.14 3.76 -2.15
N LYS A 101 8.33 4.74 -1.76
CA LYS A 101 7.01 4.91 -2.35
C LYS A 101 7.13 5.42 -3.79
N MET A 102 8.10 6.29 -4.01
CA MET A 102 8.33 6.87 -5.33
C MET A 102 8.72 5.79 -6.34
N THR A 103 9.40 4.75 -5.87
CA THR A 103 9.84 3.66 -6.74
C THR A 103 8.78 2.58 -6.87
N LEU A 104 8.05 2.33 -5.77
CA LEU A 104 7.01 1.31 -5.77
C LEU A 104 5.71 1.85 -6.36
N GLN A 105 5.46 3.14 -6.17
CA GLN A 105 4.24 3.76 -6.69
C GLN A 105 4.24 3.79 -8.21
N GLN A 106 5.28 4.40 -8.78
CA GLN A 106 5.41 4.49 -10.23
C GLN A 106 5.09 3.16 -10.91
N ILE A 107 5.58 2.08 -10.32
CA ILE A 107 5.35 0.75 -10.86
C ILE A 107 3.86 0.46 -11.02
N ILE A 108 3.05 0.97 -10.10
CA ILE A 108 1.62 0.76 -10.18
C ILE A 108 1.07 1.37 -11.46
N SER A 109 1.26 2.66 -11.59
CA SER A 109 0.79 3.39 -12.77
C SER A 109 1.42 2.81 -14.03
N ARG A 110 2.67 2.36 -13.91
CA ARG A 110 3.38 1.77 -15.04
C ARG A 110 2.79 0.40 -15.37
N TYR A 111 2.58 -0.40 -14.33
CA TYR A 111 2.01 -1.74 -14.52
C TYR A 111 0.55 -1.65 -14.97
N LYS A 112 -0.25 -0.89 -14.23
CA LYS A 112 -1.67 -0.74 -14.55
C LYS A 112 -1.86 -0.36 -16.02
N ASP A 113 -0.88 0.34 -16.58
CA ASP A 113 -0.94 0.75 -17.97
C ASP A 113 -0.78 -0.43 -18.92
N ALA A 114 -0.45 -1.60 -18.38
CA ALA A 114 -0.27 -2.79 -19.20
C ALA A 114 -1.02 -3.98 -18.62
N ASP A 115 -0.85 -4.21 -17.33
CA ASP A 115 -1.53 -5.31 -16.65
C ASP A 115 -3.04 -5.21 -16.80
N PRO B 11 -9.09 3.01 23.93
CA PRO B 11 -8.16 3.85 23.14
C PRO B 11 -8.21 5.31 23.59
N GLY B 12 -7.11 6.03 23.37
CA GLY B 12 -7.05 7.43 23.76
C GLY B 12 -5.65 8.01 23.60
N GLU B 13 -4.67 7.36 24.23
CA GLU B 13 -3.28 7.82 24.16
C GLU B 13 -2.48 6.96 23.19
N GLU B 14 -3.09 6.60 22.07
CA GLU B 14 -2.43 5.78 21.06
C GLU B 14 -2.21 6.56 19.77
N GLU B 15 -1.64 5.90 18.77
CA GLU B 15 -1.38 6.54 17.49
C GLU B 15 -1.40 5.51 16.36
N ASP B 16 -0.94 5.92 15.19
CA ASP B 16 -0.91 5.03 14.03
C ASP B 16 -2.32 4.60 13.64
N ASP B 17 -3.30 5.42 14.01
CA ASP B 17 -4.70 5.13 13.71
C ASP B 17 -5.61 6.25 14.23
N GLU B 18 -5.14 7.48 14.11
CA GLU B 18 -5.91 8.64 14.57
C GLU B 18 -5.19 9.95 14.24
N ARG B 19 -3.86 9.90 14.19
CA ARG B 19 -3.06 11.07 13.89
C ARG B 19 -1.90 10.71 12.99
N GLY B 20 -1.21 9.64 13.35
CA GLY B 20 -0.07 9.19 12.57
C GLY B 20 -0.47 8.17 11.52
N ALA B 21 -1.77 8.06 11.25
CA ALA B 21 -2.27 7.10 10.26
C ALA B 21 -3.62 7.53 9.68
N ASP B 22 -3.71 8.80 9.27
CA ASP B 22 -4.96 9.30 8.70
C ASP B 22 -4.74 10.54 7.83
N ALA B 23 -3.74 10.48 6.95
CA ALA B 23 -3.44 11.59 6.06
C ALA B 23 -2.94 11.13 4.69
N THR B 24 -2.94 9.81 4.45
CA THR B 24 -2.51 9.28 3.16
C THR B 24 -3.71 9.03 2.26
N TRP B 25 -4.88 9.45 2.70
CA TRP B 25 -6.10 9.27 1.94
C TRP B 25 -6.37 10.52 1.12
N ASP B 26 -5.30 11.16 0.68
CA ASP B 26 -5.42 12.38 -0.10
C ASP B 26 -4.07 12.83 -0.67
N LEU B 27 -3.53 12.03 -1.59
CA LEU B 27 -2.27 12.35 -2.24
C LEU B 27 -2.03 11.53 -3.50
N ASP B 28 -2.57 10.32 -3.51
CA ASP B 28 -2.44 9.43 -4.67
C ASP B 28 -3.80 9.23 -5.34
N LEU B 29 -4.06 8.03 -5.86
CA LEU B 29 -5.33 7.74 -6.51
C LEU B 29 -5.54 8.62 -7.74
N LEU B 30 -4.61 8.50 -8.69
CA LEU B 30 -4.68 9.27 -9.92
C LEU B 30 -3.52 8.91 -10.85
N LEU B 31 -3.57 7.71 -11.42
CA LEU B 31 -2.53 7.25 -12.33
C LEU B 31 -3.12 6.54 -13.55
N THR B 32 -3.50 5.28 -13.36
CA THR B 32 -4.08 4.49 -14.44
C THR B 32 -4.80 3.26 -13.89
N ASN B 33 -5.45 3.43 -12.75
CA ASN B 33 -6.19 2.34 -12.12
C ASN B 33 -7.69 2.47 -12.36
N PHE B 34 -8.41 1.37 -12.17
CA PHE B 34 -9.85 1.37 -12.36
C PHE B 34 -10.22 1.75 -13.80
N SER B 35 -9.32 1.42 -14.73
CA SER B 35 -9.56 1.73 -16.14
C SER B 35 -9.70 3.24 -16.35
N GLY B 36 -10.10 3.62 -17.55
CA GLY B 36 -10.27 5.03 -17.87
C GLY B 36 -10.07 5.32 -19.34
N PRO B 37 -8.83 5.60 -19.78
CA PRO B 37 -8.53 5.90 -21.17
C PRO B 37 -8.67 4.68 -22.07
N PRO A 1 15.24 4.37 -6.28
CA PRO A 1 16.52 4.18 -5.58
C PRO A 1 16.33 3.83 -4.10
N SER A 2 15.30 3.04 -3.83
CA SER A 2 15.00 2.63 -2.46
C SER A 2 13.85 1.63 -2.44
N HIS A 3 14.17 0.37 -2.18
CA HIS A 3 13.17 -0.69 -2.12
C HIS A 3 13.07 -1.28 -0.73
N SER A 4 14.22 -1.49 -0.11
CA SER A 4 14.26 -2.03 1.23
C SER A 4 14.11 -0.94 2.27
N GLY A 5 13.23 -1.18 3.23
CA GLY A 5 12.97 -0.22 4.28
C GLY A 5 12.28 -0.88 5.45
N ALA A 6 11.98 -0.10 6.48
CA ALA A 6 11.30 -0.66 7.64
C ALA A 6 9.85 -0.23 7.69
N ALA A 7 8.99 -1.17 8.12
CA ALA A 7 7.56 -0.91 8.22
C ALA A 7 6.95 -1.80 9.29
N ILE A 8 5.83 -1.36 9.85
CA ILE A 8 5.17 -2.15 10.89
C ILE A 8 3.70 -2.42 10.58
N PHE A 9 3.25 -3.61 10.95
CA PHE A 9 1.87 -4.02 10.74
C PHE A 9 1.36 -4.80 11.95
N GLU A 10 0.09 -4.61 12.27
CA GLU A 10 -0.54 -5.30 13.40
C GLU A 10 0.39 -5.33 14.61
N LYS A 11 1.02 -4.20 14.91
CA LYS A 11 1.93 -4.09 16.04
C LYS A 11 3.13 -5.02 15.89
N VAL A 12 3.37 -5.49 14.67
CA VAL A 12 4.50 -6.37 14.40
C VAL A 12 5.48 -5.71 13.45
N SER A 13 6.70 -5.50 13.91
CA SER A 13 7.70 -4.84 13.08
C SER A 13 8.42 -5.83 12.17
N GLY A 14 8.96 -5.28 11.09
CA GLY A 14 9.66 -6.08 10.10
C GLY A 14 10.30 -5.21 9.03
N ILE A 15 10.93 -5.83 8.05
CA ILE A 15 11.57 -5.06 6.99
C ILE A 15 10.77 -5.21 5.70
N ILE A 16 10.58 -4.09 5.03
CA ILE A 16 9.80 -4.05 3.80
C ILE A 16 10.74 -3.90 2.59
N ALA A 17 10.54 -4.75 1.57
CA ALA A 17 11.40 -4.71 0.39
C ALA A 17 10.65 -5.03 -0.90
N ILE A 18 10.97 -4.29 -1.97
CA ILE A 18 10.34 -4.51 -3.27
C ILE A 18 11.18 -5.44 -4.12
N ASN A 19 10.51 -6.27 -4.91
CA ASN A 19 11.19 -7.22 -5.78
C ASN A 19 10.77 -7.04 -7.22
N GLU A 20 11.70 -6.57 -8.04
CA GLU A 20 11.45 -6.37 -9.45
C GLU A 20 12.19 -7.41 -10.28
N ASP A 21 12.38 -8.57 -9.66
CA ASP A 21 13.07 -9.68 -10.31
C ASP A 21 12.06 -10.71 -10.83
N VAL A 22 10.89 -10.74 -10.20
CA VAL A 22 9.84 -11.68 -10.60
C VAL A 22 8.83 -10.99 -11.52
N SER A 23 7.97 -11.78 -12.15
CA SER A 23 6.95 -11.22 -13.06
C SER A 23 6.20 -10.07 -12.39
N PRO A 24 5.40 -10.36 -11.34
CA PRO A 24 4.65 -9.33 -10.63
C PRO A 24 5.55 -8.63 -9.62
N ALA A 25 6.25 -7.59 -10.08
CA ALA A 25 7.14 -6.84 -9.21
C ALA A 25 6.44 -6.53 -7.90
N GLU A 26 6.68 -7.36 -6.92
CA GLU A 26 6.04 -7.25 -5.62
C GLU A 26 7.05 -7.01 -4.50
N LEU A 27 6.54 -6.69 -3.31
CA LEU A 27 7.37 -6.44 -2.16
C LEU A 27 6.91 -7.29 -1.00
N THR A 28 7.85 -7.78 -0.20
CA THR A 28 7.49 -8.60 0.94
C THR A 28 8.02 -8.00 2.22
N TRP A 29 7.26 -8.22 3.29
CA TRP A 29 7.59 -7.69 4.60
C TRP A 29 7.90 -8.80 5.60
N ARG A 30 9.17 -8.92 5.98
CA ARG A 30 9.59 -9.93 6.93
C ARG A 30 9.80 -9.32 8.32
N SER A 31 9.11 -9.88 9.32
CA SER A 31 9.23 -9.40 10.69
C SER A 31 10.68 -9.31 11.13
N THR A 32 10.98 -8.37 12.01
CA THR A 32 12.34 -8.19 12.51
C THR A 32 12.76 -9.38 13.37
N ASP A 33 11.80 -9.95 14.06
CA ASP A 33 12.05 -11.10 14.92
C ASP A 33 12.10 -12.39 14.11
N GLY A 34 11.50 -12.37 12.92
CA GLY A 34 11.48 -13.53 12.07
C GLY A 34 10.33 -14.46 12.40
N ASP A 35 9.28 -13.90 13.00
CA ASP A 35 8.11 -14.68 13.37
C ASP A 35 6.96 -14.48 12.40
N LYS A 36 7.21 -13.80 11.29
CA LYS A 36 6.18 -13.56 10.29
C LYS A 36 6.74 -12.82 9.08
N VAL A 37 6.12 -13.07 7.92
CA VAL A 37 6.54 -12.45 6.68
C VAL A 37 5.33 -12.21 5.78
N HIS A 38 5.10 -10.97 5.39
CA HIS A 38 3.96 -10.64 4.53
C HIS A 38 4.42 -10.15 3.16
N THR A 39 4.20 -11.00 2.16
CA THR A 39 4.55 -10.69 0.77
C THR A 39 3.36 -10.05 0.07
N VAL A 40 3.43 -8.75 -0.19
CA VAL A 40 2.35 -8.05 -0.86
C VAL A 40 2.62 -7.95 -2.35
N VAL A 41 1.84 -8.68 -3.15
CA VAL A 41 2.03 -8.64 -4.59
C VAL A 41 1.57 -7.32 -5.19
N LEU A 42 2.53 -6.46 -5.50
CA LEU A 42 2.26 -5.17 -6.09
C LEU A 42 1.33 -5.30 -7.29
N SER A 43 1.34 -6.49 -7.89
CA SER A 43 0.49 -6.76 -9.05
C SER A 43 -0.96 -6.63 -8.66
N THR A 44 -1.32 -7.31 -7.58
CA THR A 44 -2.66 -7.26 -7.06
C THR A 44 -2.95 -5.87 -6.49
N ILE A 45 -1.87 -5.13 -6.19
CA ILE A 45 -2.02 -3.78 -5.66
C ILE A 45 -2.22 -2.77 -6.77
N ASP A 46 -3.34 -2.04 -6.71
CA ASP A 46 -3.66 -1.04 -7.72
C ASP A 46 -3.31 0.37 -7.25
N LYS A 47 -3.33 0.57 -5.93
CA LYS A 47 -3.03 1.88 -5.37
C LYS A 47 -1.86 1.79 -4.40
N LEU A 48 -1.05 2.85 -4.36
CA LEU A 48 0.11 2.92 -3.48
C LEU A 48 0.44 4.38 -3.19
N GLN A 49 0.50 4.75 -1.91
CA GLN A 49 0.78 6.13 -1.53
C GLN A 49 1.54 6.25 -0.22
N ALA A 50 2.08 7.45 0.00
CA ALA A 50 2.83 7.76 1.22
C ALA A 50 2.39 9.10 1.78
N THR A 51 2.56 9.31 3.07
CA THR A 51 2.15 10.57 3.68
C THR A 51 3.12 11.70 3.39
N PRO A 52 2.58 12.89 3.03
CA PRO A 52 3.36 14.07 2.70
C PRO A 52 3.50 15.01 3.90
N ALA A 53 4.39 15.98 3.79
CA ALA A 53 4.62 16.95 4.86
C ALA A 53 3.32 17.64 5.32
N SER A 54 2.19 17.28 4.72
CA SER A 54 0.90 17.88 5.08
C SER A 54 0.57 17.58 6.53
N SER A 55 1.04 16.44 6.99
CA SER A 55 0.82 16.00 8.35
C SER A 55 2.12 15.49 8.96
N GLU A 56 2.09 15.16 10.25
CA GLU A 56 3.27 14.67 10.95
C GLU A 56 3.33 13.14 10.95
N LYS A 57 2.70 12.52 9.95
CA LYS A 57 2.70 11.06 9.85
C LYS A 57 3.88 10.57 9.02
N MET A 58 3.85 9.28 8.71
CA MET A 58 4.89 8.64 7.91
C MET A 58 4.54 7.17 7.67
N MET A 59 3.49 6.96 6.89
CA MET A 59 3.02 5.61 6.59
C MET A 59 2.81 5.40 5.09
N LEU A 60 2.77 4.14 4.69
CA LEU A 60 2.53 3.77 3.30
C LEU A 60 1.23 2.99 3.20
N ARG A 61 0.48 3.22 2.13
CA ARG A 61 -0.80 2.53 1.95
C ARG A 61 -0.80 1.67 0.70
N LEU A 62 -1.27 0.44 0.84
CA LEU A 62 -1.34 -0.50 -0.27
C LEU A 62 -2.76 -0.99 -0.48
N ILE A 63 -3.28 -0.81 -1.70
CA ILE A 63 -4.64 -1.22 -2.03
C ILE A 63 -4.63 -2.30 -3.10
N GLY A 64 -5.21 -3.46 -2.78
CA GLY A 64 -5.27 -4.55 -3.73
C GLY A 64 -6.10 -4.21 -4.95
N LYS A 65 -6.70 -5.24 -5.55
CA LYS A 65 -7.53 -5.05 -6.74
C LYS A 65 -8.90 -5.71 -6.56
N VAL A 66 -9.84 -5.35 -7.43
CA VAL A 66 -11.19 -5.91 -7.38
C VAL A 66 -11.90 -5.74 -8.71
N ASP A 67 -12.60 -6.78 -9.13
CA ASP A 67 -13.33 -6.76 -10.40
C ASP A 67 -14.76 -7.26 -10.22
N GLU A 68 -15.33 -7.01 -9.04
CA GLU A 68 -16.69 -7.43 -8.72
C GLU A 68 -16.94 -8.86 -9.19
N SER A 69 -15.88 -9.67 -9.19
CA SER A 69 -15.99 -11.05 -9.62
C SER A 69 -16.06 -11.98 -8.42
N LYS A 70 -15.43 -11.56 -7.32
CA LYS A 70 -15.42 -12.34 -6.09
C LYS A 70 -16.63 -12.03 -5.22
N LYS A 71 -17.57 -11.25 -5.75
CA LYS A 71 -18.78 -10.88 -5.02
C LYS A 71 -19.47 -12.11 -4.43
N ARG A 72 -20.61 -11.88 -3.79
CA ARG A 72 -21.38 -12.96 -3.17
C ARG A 72 -22.79 -13.08 -3.76
N LYS A 73 -23.26 -12.00 -4.37
CA LYS A 73 -24.59 -11.98 -4.97
C LYS A 73 -25.67 -12.15 -3.90
N ASP A 74 -26.91 -12.31 -4.34
CA ASP A 74 -28.03 -12.49 -3.42
C ASP A 74 -29.27 -12.95 -4.15
N ASN A 75 -30.35 -13.19 -3.40
CA ASN A 75 -31.61 -13.63 -3.98
C ASN A 75 -32.15 -12.62 -4.96
N GLU A 76 -31.84 -11.35 -4.71
CA GLU A 76 -32.29 -10.26 -5.57
C GLU A 76 -31.25 -9.91 -6.62
N GLY A 77 -30.28 -10.81 -6.82
CA GLY A 77 -29.23 -10.56 -7.80
C GLY A 77 -28.55 -9.23 -7.59
N ASN A 78 -28.57 -8.74 -6.35
CA ASN A 78 -27.95 -7.46 -6.02
C ASN A 78 -26.46 -7.48 -6.38
N GLU A 79 -25.71 -8.36 -5.71
CA GLU A 79 -24.28 -8.48 -5.95
C GLU A 79 -23.55 -7.18 -5.62
N VAL A 80 -22.24 -7.28 -5.44
CA VAL A 80 -21.43 -6.11 -5.13
C VAL A 80 -19.94 -6.47 -5.10
N VAL A 81 -19.10 -5.47 -5.31
CA VAL A 81 -17.66 -5.67 -5.30
C VAL A 81 -17.12 -5.67 -3.88
N PRO A 82 -16.63 -6.83 -3.40
CA PRO A 82 -16.08 -6.94 -2.04
C PRO A 82 -15.04 -5.87 -1.74
N LYS A 83 -15.34 -5.04 -0.75
CA LYS A 83 -14.45 -3.95 -0.35
C LYS A 83 -13.00 -4.43 -0.28
N PRO A 84 -12.13 -3.88 -1.15
CA PRO A 84 -10.71 -4.26 -1.18
C PRO A 84 -10.05 -4.19 0.20
N GLN A 85 -8.92 -4.86 0.35
CA GLN A 85 -8.20 -4.87 1.62
C GLN A 85 -6.98 -3.95 1.54
N ARG A 86 -7.15 -2.72 2.01
CA ARG A 86 -6.06 -1.75 2.00
C ARG A 86 -5.13 -1.96 3.19
N HIS A 87 -3.83 -1.95 2.94
CA HIS A 87 -2.84 -2.14 3.98
C HIS A 87 -2.15 -0.83 4.33
N MET A 88 -2.25 -0.41 5.59
CA MET A 88 -1.62 0.82 6.04
C MET A 88 -0.35 0.50 6.80
N PHE A 89 0.80 0.77 6.20
CA PHE A 89 2.08 0.51 6.82
C PHE A 89 2.61 1.76 7.51
N SER A 90 2.86 1.66 8.81
CA SER A 90 3.35 2.80 9.57
C SER A 90 4.68 2.50 10.25
N PHE A 91 5.64 3.40 10.03
CA PHE A 91 6.95 3.28 10.64
C PHE A 91 7.38 4.64 11.19
N ASN A 92 8.47 4.66 11.95
CA ASN A 92 8.96 5.90 12.53
C ASN A 92 9.97 6.59 11.62
N ASN A 93 9.87 6.32 10.33
CA ASN A 93 10.78 6.92 9.36
C ASN A 93 10.02 7.60 8.22
N ARG A 94 9.84 8.90 8.34
CA ARG A 94 9.13 9.68 7.32
C ARG A 94 9.94 9.73 6.04
N THR A 95 11.27 9.69 6.17
CA THR A 95 12.16 9.73 5.04
C THR A 95 12.14 8.40 4.29
N VAL A 96 12.24 7.30 5.03
CA VAL A 96 12.23 5.97 4.43
C VAL A 96 10.93 5.73 3.68
N MET A 97 9.80 5.81 4.39
CA MET A 97 8.48 5.59 3.78
C MET A 97 8.36 6.28 2.43
N ASP A 98 8.61 7.59 2.41
CA ASP A 98 8.50 8.37 1.17
C ASP A 98 9.52 7.91 0.13
N ASN A 99 10.59 7.25 0.59
CA ASN A 99 11.64 6.78 -0.31
C ASN A 99 11.25 5.47 -0.97
N ILE A 100 10.69 4.54 -0.19
CA ILE A 100 10.30 3.24 -0.72
C ILE A 100 9.00 3.34 -1.54
N LYS A 101 8.12 4.27 -1.16
CA LYS A 101 6.86 4.45 -1.87
C LYS A 101 7.12 4.92 -3.30
N MET A 102 8.03 5.88 -3.43
CA MET A 102 8.38 6.44 -4.73
C MET A 102 8.69 5.32 -5.73
N THR A 103 9.40 4.30 -5.24
CA THR A 103 9.76 3.16 -6.09
C THR A 103 8.52 2.45 -6.61
N LEU A 104 7.52 2.30 -5.75
CA LEU A 104 6.28 1.63 -6.13
C LEU A 104 5.38 2.57 -6.92
N GLN A 105 5.35 3.83 -6.51
CA GLN A 105 4.52 4.84 -7.19
C GLN A 105 4.69 4.76 -8.70
N GLN A 106 5.94 4.61 -9.14
CA GLN A 106 6.23 4.52 -10.57
C GLN A 106 5.74 3.19 -11.14
N ILE A 107 5.96 2.12 -10.38
CA ILE A 107 5.55 0.79 -10.81
C ILE A 107 4.05 0.74 -11.11
N ILE A 108 3.23 1.08 -10.12
CA ILE A 108 1.79 1.06 -10.30
C ILE A 108 1.39 1.75 -11.59
N SER A 109 1.90 2.97 -11.75
CA SER A 109 1.63 3.76 -12.94
C SER A 109 2.08 3.00 -14.18
N ARG A 110 3.12 2.19 -14.02
CA ARG A 110 3.65 1.39 -15.11
C ARG A 110 2.75 0.17 -15.34
N TYR A 111 2.52 -0.59 -14.28
CA TYR A 111 1.68 -1.78 -14.36
C TYR A 111 0.27 -1.41 -14.82
N LYS A 112 -0.31 -0.40 -14.18
CA LYS A 112 -1.66 0.05 -14.52
C LYS A 112 -1.79 0.29 -16.03
N ASP A 113 -0.70 0.67 -16.65
CA ASP A 113 -0.68 0.95 -18.08
C ASP A 113 -0.80 -0.34 -18.91
N ALA A 114 -0.75 -1.49 -18.23
CA ALA A 114 -0.86 -2.77 -18.91
C ALA A 114 -1.86 -3.68 -18.23
N ASP A 115 -1.75 -3.80 -16.91
CA ASP A 115 -2.65 -4.64 -16.13
C ASP A 115 -4.10 -4.21 -16.32
N PRO B 11 6.65 10.12 24.58
CA PRO B 11 5.60 9.21 25.12
C PRO B 11 4.28 9.95 25.34
N GLY B 12 3.23 9.48 24.67
CA GLY B 12 1.92 10.09 24.80
C GLY B 12 1.54 10.90 23.58
N GLU B 13 1.60 10.28 22.41
CA GLU B 13 1.25 10.94 21.17
C GLU B 13 -0.16 10.58 20.71
N GLU B 14 -0.57 9.36 21.05
CA GLU B 14 -1.90 8.88 20.67
C GLU B 14 -2.07 8.86 19.16
N GLU B 15 -1.88 7.68 18.56
CA GLU B 15 -2.01 7.53 17.13
C GLU B 15 -3.31 6.79 16.78
N ASP B 16 -3.43 6.39 15.52
CA ASP B 16 -4.62 5.68 15.06
C ASP B 16 -5.85 6.57 15.19
N ASP B 17 -5.64 7.88 15.20
CA ASP B 17 -6.73 8.84 15.32
C ASP B 17 -6.25 10.26 15.04
N GLU B 18 -6.36 10.68 13.78
CA GLU B 18 -5.94 12.01 13.36
C GLU B 18 -4.57 12.37 13.94
N ARG B 19 -3.70 11.37 14.05
CA ARG B 19 -2.36 11.56 14.58
C ARG B 19 -1.43 10.45 14.11
N GLY B 20 -0.79 10.67 12.97
CA GLY B 20 0.10 9.69 12.41
C GLY B 20 -0.62 8.71 11.50
N ALA B 21 -1.90 9.00 11.24
CA ALA B 21 -2.72 8.16 10.38
C ALA B 21 -3.87 8.97 9.81
N ASP B 22 -3.53 10.08 9.16
CA ASP B 22 -4.54 10.96 8.58
C ASP B 22 -3.93 11.90 7.54
N ALA B 23 -3.05 11.35 6.71
CA ALA B 23 -2.39 12.13 5.67
C ALA B 23 -1.87 11.22 4.56
N THR B 24 -2.79 10.49 3.92
CA THR B 24 -2.43 9.57 2.85
C THR B 24 -3.55 9.45 1.82
N TRP B 25 -4.79 9.61 2.27
CA TRP B 25 -5.94 9.53 1.37
C TRP B 25 -6.16 10.86 0.68
N ASP B 26 -5.16 11.31 -0.08
CA ASP B 26 -5.23 12.58 -0.78
C ASP B 26 -4.01 12.78 -1.66
N LEU B 27 -2.86 12.33 -1.16
CA LEU B 27 -1.61 12.42 -1.89
C LEU B 27 -1.47 11.22 -2.82
N ASP B 28 -2.42 10.29 -2.72
CA ASP B 28 -2.43 9.11 -3.54
C ASP B 28 -3.14 9.37 -4.86
N LEU B 29 -3.57 8.31 -5.52
CA LEU B 29 -4.30 8.43 -6.79
C LEU B 29 -3.61 9.42 -7.73
N LEU B 30 -2.76 8.89 -8.61
CA LEU B 30 -2.04 9.72 -9.56
C LEU B 30 -1.17 8.85 -10.48
N LEU B 31 -1.81 7.90 -11.16
CA LEU B 31 -1.09 7.01 -12.07
C LEU B 31 -1.98 6.61 -13.24
N THR B 32 -1.38 6.59 -14.43
CA THR B 32 -2.09 6.23 -15.65
C THR B 32 -3.42 6.99 -15.76
N ASN B 33 -3.39 8.12 -16.47
CA ASN B 33 -4.58 8.93 -16.65
C ASN B 33 -4.85 9.19 -18.13
N PHE B 34 -5.77 10.11 -18.41
CA PHE B 34 -6.12 10.43 -19.79
C PHE B 34 -6.60 9.20 -20.54
N SER B 35 -7.11 8.22 -19.81
CA SER B 35 -7.61 6.99 -20.41
C SER B 35 -9.14 6.97 -20.43
N GLY B 36 -9.71 7.68 -21.40
CA GLY B 36 -11.15 7.74 -21.51
C GLY B 36 -11.67 7.05 -22.76
N PRO B 37 -12.99 6.99 -22.95
CA PRO B 37 -13.59 6.34 -24.12
C PRO B 37 -13.01 6.85 -25.43
N PRO A 1 17.86 3.98 0.17
CA PRO A 1 17.45 5.39 -0.03
C PRO A 1 16.61 5.57 -1.29
N SER A 2 15.78 4.58 -1.59
CA SER A 2 14.93 4.62 -2.77
C SER A 2 13.90 3.50 -2.74
N HIS A 3 14.36 2.30 -2.41
CA HIS A 3 13.48 1.13 -2.36
C HIS A 3 13.42 0.56 -0.95
N SER A 4 14.53 0.66 -0.24
CA SER A 4 14.60 0.14 1.12
C SER A 4 14.23 1.23 2.13
N GLY A 5 13.37 0.87 3.05
CA GLY A 5 12.93 1.79 4.08
C GLY A 5 12.36 1.04 5.26
N ALA A 6 11.91 1.77 6.27
CA ALA A 6 11.34 1.13 7.46
C ALA A 6 9.83 1.28 7.49
N ALA A 7 9.15 0.23 7.91
CA ALA A 7 7.70 0.23 7.99
C ALA A 7 7.23 -0.71 9.10
N ILE A 8 6.00 -0.51 9.56
CA ILE A 8 5.47 -1.35 10.62
C ILE A 8 4.08 -1.88 10.28
N PHE A 9 3.81 -3.10 10.72
CA PHE A 9 2.53 -3.74 10.48
C PHE A 9 2.15 -4.62 11.65
N GLU A 10 0.86 -4.65 11.99
CA GLU A 10 0.35 -5.44 13.11
C GLU A 10 1.19 -5.22 14.36
N LYS A 11 1.64 -3.98 14.56
CA LYS A 11 2.44 -3.63 15.72
C LYS A 11 3.81 -4.30 15.69
N VAL A 12 4.20 -4.79 14.51
CA VAL A 12 5.50 -5.44 14.36
C VAL A 12 6.36 -4.65 13.39
N SER A 13 7.53 -4.21 13.87
CA SER A 13 8.42 -3.42 13.04
C SER A 13 9.33 -4.29 12.19
N GLY A 14 9.76 -3.72 11.07
CA GLY A 14 10.62 -4.41 10.14
C GLY A 14 11.11 -3.48 9.06
N ILE A 15 11.89 -4.00 8.11
CA ILE A 15 12.41 -3.17 7.03
C ILE A 15 11.68 -3.51 5.74
N ILE A 16 11.29 -2.47 5.02
CA ILE A 16 10.55 -2.61 3.78
C ILE A 16 11.46 -2.33 2.58
N ALA A 17 11.41 -3.18 1.56
CA ALA A 17 12.25 -3.00 0.38
C ALA A 17 11.55 -3.41 -0.91
N ILE A 18 11.82 -2.68 -2.00
CA ILE A 18 11.24 -3.00 -3.30
C ILE A 18 12.17 -3.90 -4.09
N ASN A 19 11.59 -4.82 -4.86
CA ASN A 19 12.37 -5.76 -5.67
C ASN A 19 11.98 -5.65 -7.13
N GLU A 20 12.91 -5.16 -7.93
CA GLU A 20 12.69 -5.03 -9.37
C GLU A 20 13.61 -5.98 -10.12
N ASP A 21 13.92 -7.09 -9.47
CA ASP A 21 14.78 -8.10 -10.05
C ASP A 21 13.95 -9.29 -10.54
N VAL A 22 12.77 -9.48 -9.95
CA VAL A 22 11.90 -10.57 -10.34
C VAL A 22 10.80 -10.08 -11.29
N SER A 23 10.09 -11.00 -11.93
CA SER A 23 9.02 -10.64 -12.85
C SER A 23 8.08 -9.63 -12.21
N PRO A 24 7.31 -10.04 -11.18
CA PRO A 24 6.39 -9.14 -10.49
C PRO A 24 7.14 -8.26 -9.50
N ALA A 25 7.66 -7.14 -9.99
CA ALA A 25 8.41 -6.21 -9.13
C ALA A 25 7.66 -6.01 -7.84
N GLU A 26 8.07 -6.75 -6.83
CA GLU A 26 7.42 -6.72 -5.52
C GLU A 26 8.37 -6.26 -4.42
N LEU A 27 7.80 -6.01 -3.24
CA LEU A 27 8.57 -5.55 -2.10
C LEU A 27 8.29 -6.43 -0.90
N THR A 28 9.32 -6.75 -0.14
CA THR A 28 9.13 -7.59 1.03
C THR A 28 9.51 -6.85 2.30
N TRP A 29 8.82 -7.19 3.37
CA TRP A 29 9.02 -6.55 4.65
C TRP A 29 9.52 -7.54 5.70
N ARG A 30 10.78 -7.39 6.10
CA ARG A 30 11.38 -8.27 7.10
C ARG A 30 11.38 -7.59 8.47
N SER A 31 10.76 -8.24 9.46
CA SER A 31 10.70 -7.70 10.81
C SER A 31 12.06 -7.17 11.27
N THR A 32 12.05 -6.34 12.30
CA THR A 32 13.29 -5.76 12.83
C THR A 32 14.09 -6.81 13.59
N ASP A 33 13.36 -7.71 14.26
CA ASP A 33 13.99 -8.76 15.03
C ASP A 33 14.30 -9.98 14.15
N GLY A 34 13.66 -10.03 12.99
CA GLY A 34 13.88 -11.14 12.07
C GLY A 34 12.98 -12.32 12.38
N ASP A 35 11.90 -12.07 13.09
CA ASP A 35 10.96 -13.12 13.46
C ASP A 35 9.90 -13.33 12.37
N LYS A 36 9.61 -12.27 11.63
CA LYS A 36 8.62 -12.34 10.56
C LYS A 36 9.08 -11.60 9.31
N VAL A 37 8.55 -12.03 8.17
CA VAL A 37 8.88 -11.42 6.88
C VAL A 37 7.67 -11.43 5.96
N HIS A 38 7.21 -10.25 5.56
CA HIS A 38 6.05 -10.17 4.68
C HIS A 38 6.43 -9.66 3.29
N THR A 39 6.39 -10.55 2.32
CA THR A 39 6.69 -10.23 0.93
C THR A 39 5.40 -9.87 0.20
N VAL A 40 5.22 -8.59 -0.10
CA VAL A 40 4.01 -8.14 -0.79
C VAL A 40 4.26 -8.04 -2.28
N VAL A 41 3.56 -8.85 -3.06
CA VAL A 41 3.75 -8.84 -4.50
C VAL A 41 3.05 -7.63 -5.14
N LEU A 42 3.83 -6.59 -5.38
CA LEU A 42 3.33 -5.36 -5.99
C LEU A 42 2.44 -5.68 -7.18
N SER A 43 2.71 -6.82 -7.82
CA SER A 43 1.94 -7.24 -8.97
C SER A 43 0.52 -7.59 -8.53
N THR A 44 0.45 -8.39 -7.48
CA THR A 44 -0.80 -8.80 -6.91
C THR A 44 -1.45 -7.65 -6.17
N ILE A 45 -0.65 -6.63 -5.84
CA ILE A 45 -1.17 -5.45 -5.13
C ILE A 45 -2.05 -4.61 -6.04
N ASP A 46 -1.41 -3.83 -6.90
CA ASP A 46 -2.10 -2.96 -7.86
C ASP A 46 -2.44 -1.59 -7.26
N LYS A 47 -2.47 -1.49 -5.94
CA LYS A 47 -2.77 -0.23 -5.27
C LYS A 47 -1.68 0.17 -4.29
N LEU A 48 -1.40 1.47 -4.24
CA LEU A 48 -0.38 2.01 -3.35
C LEU A 48 -0.68 3.48 -3.02
N GLN A 49 -0.60 3.83 -1.74
CA GLN A 49 -0.88 5.21 -1.32
C GLN A 49 -0.02 5.63 -0.13
N ALA A 50 0.54 6.83 -0.23
CA ALA A 50 1.37 7.40 0.82
C ALA A 50 0.68 8.62 1.43
N THR A 51 1.15 9.08 2.58
CA THR A 51 0.53 10.23 3.22
C THR A 51 0.92 11.53 2.52
N PRO A 52 -0.09 12.36 2.15
CA PRO A 52 0.11 13.62 1.45
C PRO A 52 0.17 14.83 2.38
N ALA A 53 0.59 15.97 1.84
CA ALA A 53 0.70 17.21 2.60
C ALA A 53 -0.55 17.45 3.47
N SER A 54 -1.64 16.76 3.16
CA SER A 54 -2.87 16.89 3.93
C SER A 54 -2.63 16.48 5.37
N SER A 55 -1.70 15.56 5.53
CA SER A 55 -1.34 15.06 6.84
C SER A 55 0.18 14.89 6.95
N GLU A 56 0.77 15.56 7.93
CA GLU A 56 2.21 15.45 8.15
C GLU A 56 2.58 13.99 8.39
N LYS A 57 1.57 13.18 8.69
CA LYS A 57 1.74 11.75 8.95
C LYS A 57 2.64 11.11 7.90
N MET A 58 3.03 9.86 8.15
CA MET A 58 3.89 9.12 7.24
C MET A 58 3.53 7.65 7.25
N MET A 59 2.90 7.18 6.18
CA MET A 59 2.50 5.79 6.10
C MET A 59 2.10 5.40 4.68
N LEU A 60 2.31 4.12 4.35
CA LEU A 60 1.97 3.62 3.02
C LEU A 60 0.89 2.53 3.11
N ARG A 61 -0.04 2.55 2.17
CA ARG A 61 -1.14 1.58 2.14
C ARG A 61 -1.08 0.76 0.84
N LEU A 62 -1.09 -0.56 0.98
CA LEU A 62 -1.05 -1.45 -0.17
C LEU A 62 -2.26 -2.38 -0.18
N ILE A 63 -2.97 -2.42 -1.31
CA ILE A 63 -4.15 -3.28 -1.43
C ILE A 63 -3.86 -4.50 -2.30
N GLY A 64 -3.87 -5.67 -1.68
CA GLY A 64 -3.61 -6.91 -2.40
C GLY A 64 -4.72 -7.26 -3.37
N LYS A 65 -4.65 -6.71 -4.58
CA LYS A 65 -5.66 -6.98 -5.61
C LYS A 65 -7.04 -6.59 -5.14
N VAL A 66 -7.97 -6.45 -6.08
CA VAL A 66 -9.34 -6.09 -5.77
C VAL A 66 -10.33 -6.74 -6.74
N ASP A 67 -11.47 -7.18 -6.21
CA ASP A 67 -12.49 -7.83 -7.03
C ASP A 67 -13.85 -7.19 -6.80
N GLU A 68 -14.47 -6.73 -7.88
CA GLU A 68 -15.78 -6.10 -7.80
C GLU A 68 -16.79 -6.83 -8.67
N SER A 69 -16.75 -8.16 -8.62
CA SER A 69 -17.67 -8.98 -9.39
C SER A 69 -18.63 -9.75 -8.49
N LYS A 70 -18.13 -10.14 -7.33
CA LYS A 70 -18.94 -10.88 -6.37
C LYS A 70 -19.60 -9.94 -5.35
N LYS A 71 -19.46 -8.64 -5.58
CA LYS A 71 -20.05 -7.64 -4.68
C LYS A 71 -21.55 -7.84 -4.55
N ARG A 72 -22.23 -6.85 -3.98
CA ARG A 72 -23.68 -6.91 -3.80
C ARG A 72 -24.32 -5.58 -4.21
N LYS A 73 -25.44 -5.68 -4.92
CA LYS A 73 -26.15 -4.48 -5.37
C LYS A 73 -27.12 -3.99 -4.30
N ASP A 74 -27.49 -2.71 -4.39
CA ASP A 74 -28.41 -2.12 -3.44
C ASP A 74 -29.81 -2.02 -4.02
N ASN A 75 -30.76 -1.57 -3.19
CA ASN A 75 -32.14 -1.42 -3.62
C ASN A 75 -32.26 -0.37 -4.72
N GLU A 76 -31.30 0.55 -4.76
CA GLU A 76 -31.30 1.61 -5.75
C GLU A 76 -30.50 1.21 -6.99
N GLY A 77 -30.38 -0.09 -7.22
CA GLY A 77 -29.64 -0.57 -8.37
C GLY A 77 -28.16 -0.19 -8.31
N ASN A 78 -27.66 0.03 -7.11
CA ASN A 78 -26.26 0.39 -6.92
C ASN A 78 -25.39 -0.85 -6.73
N GLU A 79 -24.13 -0.65 -6.40
CA GLU A 79 -23.19 -1.75 -6.20
C GLU A 79 -21.98 -1.30 -5.40
N VAL A 80 -21.05 -2.23 -5.19
CA VAL A 80 -19.84 -1.94 -4.44
C VAL A 80 -18.74 -2.95 -4.76
N VAL A 81 -17.68 -2.95 -3.97
CA VAL A 81 -16.57 -3.87 -4.16
C VAL A 81 -16.15 -4.50 -2.83
N PRO A 82 -16.19 -5.84 -2.73
CA PRO A 82 -15.81 -6.54 -1.50
C PRO A 82 -14.38 -6.21 -1.06
N LYS A 83 -14.26 -5.34 -0.06
CA LYS A 83 -12.97 -4.93 0.47
C LYS A 83 -12.04 -6.13 0.66
N PRO A 84 -11.09 -6.34 -0.26
CA PRO A 84 -10.14 -7.47 -0.18
C PRO A 84 -9.28 -7.40 1.08
N GLN A 85 -8.18 -8.14 1.06
CA GLN A 85 -7.26 -8.17 2.20
C GLN A 85 -6.24 -7.04 2.10
N ARG A 86 -6.69 -5.82 2.38
CA ARG A 86 -5.82 -4.65 2.31
C ARG A 86 -5.01 -4.52 3.59
N HIS A 87 -3.92 -3.75 3.53
CA HIS A 87 -3.06 -3.55 4.69
C HIS A 87 -2.51 -2.13 4.71
N MET A 88 -2.57 -1.50 5.88
CA MET A 88 -2.08 -0.15 6.06
C MET A 88 -0.72 -0.16 6.74
N PHE A 89 0.31 0.23 6.00
CA PHE A 89 1.66 0.27 6.54
C PHE A 89 1.98 1.66 7.08
N SER A 90 2.41 1.72 8.34
CA SER A 90 2.71 2.98 8.97
C SER A 90 4.07 2.98 9.66
N PHE A 91 4.87 3.99 9.38
CA PHE A 91 6.18 4.11 9.99
C PHE A 91 6.37 5.52 10.55
N ASN A 92 7.44 5.71 11.31
CA ASN A 92 7.72 7.00 11.91
C ASN A 92 8.71 7.80 11.06
N ASN A 93 8.68 7.56 9.76
CA ASN A 93 9.57 8.26 8.84
C ASN A 93 8.82 8.87 7.66
N ARG A 94 8.90 10.19 7.55
CA ARG A 94 8.25 10.91 6.47
C ARG A 94 9.14 10.97 5.24
N THR A 95 10.44 11.00 5.48
CA THR A 95 11.42 11.04 4.39
C THR A 95 11.53 9.68 3.72
N VAL A 96 11.61 8.64 4.54
CA VAL A 96 11.72 7.28 4.03
C VAL A 96 10.52 6.94 3.15
N MET A 97 9.33 6.99 3.74
CA MET A 97 8.10 6.69 3.01
C MET A 97 8.07 7.33 1.62
N ASP A 98 8.23 8.66 1.59
CA ASP A 98 8.20 9.40 0.34
C ASP A 98 9.29 8.92 -0.62
N ASN A 99 10.33 8.28 -0.07
CA ASN A 99 11.44 7.79 -0.89
C ASN A 99 11.15 6.38 -1.42
N ILE A 100 10.43 5.58 -0.65
CA ILE A 100 10.12 4.22 -1.08
C ILE A 100 8.86 4.16 -1.93
N LYS A 101 7.79 4.82 -1.49
CA LYS A 101 6.55 4.83 -2.23
C LYS A 101 6.77 5.44 -3.61
N MET A 102 7.54 6.52 -3.65
CA MET A 102 7.84 7.20 -4.90
C MET A 102 8.29 6.18 -5.96
N THR A 103 8.96 5.14 -5.50
CA THR A 103 9.43 4.08 -6.39
C THR A 103 8.27 3.19 -6.80
N LEU A 104 7.36 2.94 -5.85
CA LEU A 104 6.20 2.10 -6.10
C LEU A 104 5.17 2.83 -6.96
N GLN A 105 4.80 4.04 -6.53
CA GLN A 105 3.82 4.85 -7.24
C GLN A 105 4.05 4.78 -8.75
N GLN A 106 5.32 4.89 -9.14
CA GLN A 106 5.68 4.83 -10.55
C GLN A 106 5.37 3.45 -11.12
N ILE A 107 5.72 2.42 -10.35
CA ILE A 107 5.49 1.04 -10.76
C ILE A 107 4.00 0.76 -10.85
N ILE A 108 3.28 0.94 -9.75
CA ILE A 108 1.85 0.68 -9.74
C ILE A 108 1.16 1.48 -10.84
N SER A 109 1.73 2.64 -11.13
CA SER A 109 1.19 3.51 -12.17
C SER A 109 1.37 2.87 -13.54
N ARG A 110 2.37 2.00 -13.66
CA ARG A 110 2.64 1.31 -14.91
C ARG A 110 2.07 -0.10 -14.86
N TYR A 111 2.34 -0.81 -13.77
CA TYR A 111 1.85 -2.18 -13.60
C TYR A 111 0.32 -2.21 -13.65
N LYS A 112 -0.30 -1.08 -13.34
CA LYS A 112 -1.76 -0.97 -13.36
C LYS A 112 -2.29 -1.11 -14.78
N ASP A 113 -1.73 -0.30 -15.68
CA ASP A 113 -2.15 -0.30 -17.08
C ASP A 113 -1.63 -1.53 -17.83
N ALA A 114 -0.90 -2.38 -17.14
CA ALA A 114 -0.34 -3.58 -17.76
C ALA A 114 -0.87 -4.85 -17.10
N ASP A 115 -1.16 -4.76 -15.81
CA ASP A 115 -1.67 -5.91 -15.06
C ASP A 115 -2.99 -6.41 -15.66
N PRO B 11 0.88 -6.57 23.10
CA PRO B 11 0.95 -5.09 23.27
C PRO B 11 1.77 -4.44 22.14
N GLY B 12 1.86 -3.12 22.18
CA GLY B 12 2.61 -2.40 21.17
C GLY B 12 1.95 -1.09 20.78
N GLU B 13 2.42 -0.51 19.68
CA GLU B 13 1.86 0.75 19.19
C GLU B 13 0.86 0.51 18.06
N GLU B 14 -0.42 0.53 18.40
CA GLU B 14 -1.48 0.31 17.42
C GLU B 14 -1.93 1.64 16.80
N GLU B 15 -0.96 2.39 16.30
CA GLU B 15 -1.26 3.68 15.67
C GLU B 15 -1.92 4.63 16.68
N ASP B 16 -2.29 5.81 16.20
CA ASP B 16 -2.93 6.81 17.05
C ASP B 16 -4.45 6.68 17.00
N ASP B 17 -4.96 6.47 15.79
CA ASP B 17 -6.41 6.35 15.56
C ASP B 17 -6.99 7.68 15.13
N GLU B 18 -7.27 7.80 13.84
CA GLU B 18 -7.82 9.04 13.27
C GLU B 18 -6.72 10.08 13.11
N ARG B 19 -5.46 9.68 13.37
CA ARG B 19 -4.33 10.57 13.25
C ARG B 19 -3.30 10.01 12.27
N GLY B 20 -2.52 9.06 12.77
CA GLY B 20 -1.50 8.42 11.95
C GLY B 20 -2.07 7.36 11.02
N ALA B 21 -3.39 7.37 10.84
CA ALA B 21 -4.04 6.39 9.99
C ALA B 21 -5.38 6.91 9.48
N ASP B 22 -5.40 8.17 9.04
CA ASP B 22 -6.62 8.78 8.54
C ASP B 22 -6.33 10.03 7.70
N ALA B 23 -5.51 9.86 6.68
CA ALA B 23 -5.14 10.96 5.79
C ALA B 23 -4.30 10.47 4.63
N THR B 24 -4.57 9.26 4.17
CA THR B 24 -3.80 8.71 3.06
C THR B 24 -4.68 8.09 1.97
N TRP B 25 -6.00 8.10 2.17
CA TRP B 25 -6.90 7.54 1.18
C TRP B 25 -7.50 8.64 0.34
N ASP B 26 -6.71 9.67 0.07
CA ASP B 26 -7.17 10.81 -0.72
C ASP B 26 -6.03 11.48 -1.47
N LEU B 27 -4.96 10.73 -1.73
CA LEU B 27 -3.82 11.27 -2.47
C LEU B 27 -3.44 10.37 -3.64
N ASP B 28 -4.11 9.23 -3.74
CA ASP B 28 -3.85 8.28 -4.82
C ASP B 28 -5.11 8.05 -5.65
N LEU B 29 -5.16 6.94 -6.37
CA LEU B 29 -6.33 6.62 -7.19
C LEU B 29 -6.58 7.69 -8.24
N LEU B 30 -6.00 7.50 -9.43
CA LEU B 30 -6.16 8.46 -10.52
C LEU B 30 -5.36 8.03 -11.75
N LEU B 31 -4.18 7.45 -11.51
CA LEU B 31 -3.32 7.00 -12.61
C LEU B 31 -3.96 5.84 -13.37
N THR B 32 -3.40 5.55 -14.55
CA THR B 32 -3.90 4.46 -15.38
C THR B 32 -5.40 4.60 -15.60
N ASN B 33 -5.79 5.20 -16.73
CA ASN B 33 -7.20 5.39 -17.05
C ASN B 33 -7.49 4.93 -18.48
N PHE B 34 -8.76 4.71 -18.78
CA PHE B 34 -9.18 4.27 -20.10
C PHE B 34 -8.54 2.94 -20.45
N SER B 35 -8.29 2.12 -19.44
CA SER B 35 -7.68 0.81 -19.65
C SER B 35 -8.05 -0.15 -18.51
N GLY B 36 -8.60 -1.31 -18.88
CA GLY B 36 -8.98 -2.28 -17.88
C GLY B 36 -8.67 -3.71 -18.31
N PRO B 37 -9.61 -4.36 -19.03
CA PRO B 37 -9.41 -5.74 -19.51
C PRO B 37 -8.36 -5.83 -20.61
N PRO A 1 17.92 1.88 -3.29
CA PRO A 1 17.50 2.37 -4.61
C PRO A 1 16.04 2.79 -4.64
N SER A 2 15.57 3.37 -3.54
CA SER A 2 14.18 3.83 -3.42
C SER A 2 13.22 2.64 -3.36
N HIS A 3 13.74 1.48 -2.97
CA HIS A 3 12.91 0.28 -2.85
C HIS A 3 12.96 -0.26 -1.43
N SER A 4 14.12 -0.19 -0.82
CA SER A 4 14.29 -0.66 0.54
C SER A 4 14.03 0.46 1.53
N GLY A 5 13.23 0.15 2.54
CA GLY A 5 12.89 1.11 3.56
C GLY A 5 12.39 0.43 4.81
N ALA A 6 12.04 1.22 5.82
CA ALA A 6 11.55 0.63 7.06
C ALA A 6 10.03 0.78 7.17
N ALA A 7 9.39 -0.26 7.69
CA ALA A 7 7.95 -0.26 7.83
C ALA A 7 7.53 -1.13 9.01
N ILE A 8 6.34 -0.87 9.53
CA ILE A 8 5.84 -1.63 10.66
C ILE A 8 4.43 -2.14 10.42
N PHE A 9 4.16 -3.35 10.92
CA PHE A 9 2.85 -3.97 10.77
C PHE A 9 2.53 -4.81 12.01
N GLU A 10 1.25 -4.81 12.39
CA GLU A 10 0.81 -5.57 13.57
C GLU A 10 1.71 -5.29 14.76
N LYS A 11 2.19 -4.06 14.86
CA LYS A 11 3.04 -3.65 15.97
C LYS A 11 4.42 -4.31 15.89
N VAL A 12 4.76 -4.85 14.73
CA VAL A 12 6.05 -5.48 14.54
C VAL A 12 6.86 -4.75 13.47
N SER A 13 8.04 -4.28 13.84
CA SER A 13 8.87 -3.53 12.90
C SER A 13 9.75 -4.46 12.05
N GLY A 14 10.09 -3.95 10.88
CA GLY A 14 10.92 -4.70 9.94
C GLY A 14 11.37 -3.83 8.79
N ILE A 15 12.08 -4.42 7.84
CA ILE A 15 12.54 -3.66 6.69
C ILE A 15 11.76 -4.07 5.46
N ILE A 16 11.26 -3.07 4.75
CA ILE A 16 10.44 -3.29 3.57
C ILE A 16 11.24 -2.99 2.29
N ALA A 17 11.31 -3.96 1.38
CA ALA A 17 12.06 -3.77 0.14
C ALA A 17 11.32 -4.32 -1.08
N ILE A 18 11.43 -3.61 -2.20
CA ILE A 18 10.78 -4.03 -3.44
C ILE A 18 11.72 -4.88 -4.28
N ASN A 19 11.16 -5.87 -4.96
CA ASN A 19 11.93 -6.77 -5.82
C ASN A 19 11.39 -6.78 -7.23
N GLU A 20 12.18 -6.22 -8.15
CA GLU A 20 11.79 -6.19 -9.55
C GLU A 20 12.61 -7.18 -10.35
N ASP A 21 13.03 -8.23 -9.67
CA ASP A 21 13.82 -9.29 -10.28
C ASP A 21 12.94 -10.47 -10.65
N VAL A 22 11.83 -10.62 -9.93
CA VAL A 22 10.89 -11.71 -10.19
C VAL A 22 9.74 -11.23 -11.06
N SER A 23 8.96 -12.16 -11.60
CA SER A 23 7.83 -11.81 -12.46
C SER A 23 6.97 -10.73 -11.81
N PRO A 24 6.28 -11.06 -10.69
CA PRO A 24 5.45 -10.10 -9.98
C PRO A 24 6.29 -9.20 -9.09
N ALA A 25 6.79 -8.12 -9.65
CA ALA A 25 7.62 -7.18 -8.89
C ALA A 25 6.95 -6.88 -7.57
N GLU A 26 7.38 -7.59 -6.55
CA GLU A 26 6.82 -7.45 -5.21
C GLU A 26 7.86 -7.01 -4.20
N LEU A 27 7.39 -6.66 -2.99
CA LEU A 27 8.29 -6.20 -1.94
C LEU A 27 8.16 -7.09 -0.71
N THR A 28 9.27 -7.30 -0.03
CA THR A 28 9.29 -8.14 1.14
C THR A 28 9.52 -7.34 2.41
N TRP A 29 8.94 -7.83 3.49
CA TRP A 29 9.08 -7.17 4.78
C TRP A 29 9.66 -8.11 5.83
N ARG A 30 10.91 -7.86 6.24
CA ARG A 30 11.55 -8.70 7.24
C ARG A 30 11.72 -7.95 8.55
N SER A 31 11.21 -8.53 9.64
CA SER A 31 11.29 -7.90 10.95
C SER A 31 12.75 -7.69 11.36
N THR A 32 13.01 -6.57 12.02
CA THR A 32 14.37 -6.25 12.47
C THR A 32 14.76 -7.08 13.69
N ASP A 33 13.75 -7.54 14.43
CA ASP A 33 13.98 -8.35 15.61
C ASP A 33 12.75 -9.20 15.94
N GLY A 34 12.08 -9.68 14.89
CA GLY A 34 10.90 -10.50 15.08
C GLY A 34 11.03 -11.87 14.44
N ASP A 35 12.14 -12.10 13.74
CA ASP A 35 12.38 -13.38 13.09
C ASP A 35 11.24 -13.73 12.14
N LYS A 36 10.52 -12.73 11.69
CA LYS A 36 9.40 -12.93 10.76
C LYS A 36 9.63 -12.18 9.46
N VAL A 37 8.86 -12.55 8.44
CA VAL A 37 8.96 -11.91 7.14
C VAL A 37 7.60 -11.84 6.46
N HIS A 38 7.33 -10.72 5.80
CA HIS A 38 6.08 -10.54 5.10
C HIS A 38 6.34 -10.07 3.67
N THR A 39 6.09 -10.95 2.72
CA THR A 39 6.29 -10.64 1.31
C THR A 39 4.97 -10.25 0.66
N VAL A 40 4.79 -8.97 0.37
CA VAL A 40 3.57 -8.50 -0.27
C VAL A 40 3.73 -8.46 -1.78
N VAL A 41 2.98 -9.31 -2.48
CA VAL A 41 3.08 -9.36 -3.93
C VAL A 41 2.40 -8.16 -4.57
N LEU A 42 3.22 -7.18 -4.96
CA LEU A 42 2.74 -5.98 -5.62
C LEU A 42 1.80 -6.33 -6.76
N SER A 43 1.98 -7.54 -7.31
CA SER A 43 1.15 -8.02 -8.40
C SER A 43 -0.27 -8.17 -7.91
N THR A 44 -0.42 -8.88 -6.81
CA THR A 44 -1.70 -9.07 -6.19
C THR A 44 -2.26 -7.73 -5.74
N ILE A 45 -1.37 -6.77 -5.53
CA ILE A 45 -1.78 -5.43 -5.10
C ILE A 45 -2.27 -4.61 -6.30
N ASP A 46 -3.37 -3.90 -6.11
CA ASP A 46 -3.95 -3.08 -7.17
C ASP A 46 -3.90 -1.59 -6.81
N LYS A 47 -3.93 -1.31 -5.51
CA LYS A 47 -3.87 0.07 -5.04
C LYS A 47 -2.61 0.32 -4.23
N LEU A 48 -2.17 1.57 -4.22
CA LEU A 48 -0.97 1.96 -3.49
C LEU A 48 -1.21 3.28 -2.77
N GLN A 49 -1.15 3.25 -1.45
CA GLN A 49 -1.40 4.46 -0.66
C GLN A 49 -0.19 4.89 0.14
N ALA A 50 -0.02 6.21 0.23
CA ALA A 50 1.06 6.83 0.98
C ALA A 50 0.59 8.16 1.56
N THR A 51 1.08 8.50 2.73
CA THR A 51 0.68 9.75 3.37
C THR A 51 1.36 10.95 2.73
N PRO A 52 0.55 11.82 2.09
CA PRO A 52 1.03 13.02 1.40
C PRO A 52 1.00 14.25 2.29
N ALA A 53 1.64 15.33 1.81
CA ALA A 53 1.70 16.60 2.54
C ALA A 53 0.36 16.99 3.16
N SER A 54 -0.73 16.29 2.81
CA SER A 54 -2.05 16.59 3.36
C SER A 54 -2.01 16.42 4.87
N SER A 55 -1.18 15.51 5.30
CA SER A 55 -1.00 15.22 6.71
C SER A 55 0.48 15.04 7.03
N GLU A 56 0.82 15.15 8.31
CA GLU A 56 2.21 14.99 8.73
C GLU A 56 2.49 13.56 9.16
N LYS A 57 1.74 12.62 8.58
CA LYS A 57 1.88 11.21 8.89
C LYS A 57 2.84 10.52 7.91
N MET A 58 3.08 9.24 8.13
CA MET A 58 3.96 8.46 7.29
C MET A 58 3.58 6.99 7.33
N MET A 59 2.90 6.52 6.29
CA MET A 59 2.46 5.14 6.23
C MET A 59 2.04 4.73 4.83
N LEU A 60 2.29 3.47 4.48
CA LEU A 60 1.93 2.95 3.16
C LEU A 60 0.96 1.79 3.28
N ARG A 61 -0.16 1.86 2.54
CA ARG A 61 -1.16 0.80 2.56
C ARG A 61 -1.31 0.21 1.16
N LEU A 62 -1.49 -1.11 1.08
CA LEU A 62 -1.62 -1.78 -0.20
C LEU A 62 -2.86 -2.67 -0.23
N ILE A 63 -3.64 -2.56 -1.30
CA ILE A 63 -4.84 -3.36 -1.46
C ILE A 63 -4.56 -4.62 -2.27
N GLY A 64 -4.48 -5.75 -1.58
CA GLY A 64 -4.20 -7.02 -2.24
C GLY A 64 -5.45 -7.68 -2.78
N LYS A 65 -5.33 -8.28 -3.96
CA LYS A 65 -6.46 -8.97 -4.59
C LYS A 65 -7.60 -8.00 -4.90
N VAL A 66 -8.21 -8.18 -6.07
CA VAL A 66 -9.32 -7.35 -6.50
C VAL A 66 -10.03 -7.96 -7.70
N ASP A 67 -11.36 -8.00 -7.63
CA ASP A 67 -12.16 -8.57 -8.72
C ASP A 67 -13.27 -7.62 -9.13
N GLU A 68 -13.97 -7.05 -8.15
CA GLU A 68 -15.07 -6.11 -8.40
C GLU A 68 -15.95 -6.60 -9.54
N SER A 69 -16.04 -7.92 -9.68
CA SER A 69 -16.84 -8.53 -10.73
C SER A 69 -17.82 -9.54 -10.12
N LYS A 70 -17.32 -10.34 -9.20
CA LYS A 70 -18.12 -11.34 -8.54
C LYS A 70 -18.79 -10.76 -7.28
N LYS A 71 -18.69 -9.44 -7.11
CA LYS A 71 -19.28 -8.77 -5.97
C LYS A 71 -20.73 -9.20 -5.74
N ARG A 72 -21.31 -8.69 -4.66
CA ARG A 72 -22.70 -9.00 -4.33
C ARG A 72 -23.57 -7.77 -4.52
N LYS A 73 -24.84 -7.99 -4.86
CA LYS A 73 -25.77 -6.89 -5.08
C LYS A 73 -26.73 -6.74 -3.90
N ASP A 74 -27.34 -5.57 -3.77
CA ASP A 74 -28.27 -5.29 -2.70
C ASP A 74 -29.70 -5.20 -3.23
N ASN A 75 -30.65 -5.08 -2.31
CA ASN A 75 -32.06 -4.99 -2.69
C ASN A 75 -32.32 -3.74 -3.53
N GLU A 76 -31.50 -2.71 -3.30
CA GLU A 76 -31.64 -1.46 -4.03
C GLU A 76 -30.83 -1.48 -5.32
N GLY A 77 -30.31 -2.65 -5.69
CA GLY A 77 -29.52 -2.76 -6.90
C GLY A 77 -28.12 -2.22 -6.74
N ASN A 78 -27.63 -2.23 -5.51
CA ASN A 78 -26.29 -1.73 -5.22
C ASN A 78 -25.24 -2.82 -5.46
N GLU A 79 -23.98 -2.49 -5.19
CA GLU A 79 -22.88 -3.44 -5.40
C GLU A 79 -21.53 -2.77 -5.12
N VAL A 80 -20.52 -3.58 -4.85
CA VAL A 80 -19.19 -3.07 -4.56
C VAL A 80 -18.16 -4.19 -4.53
N VAL A 81 -16.90 -3.85 -4.81
CA VAL A 81 -15.82 -4.82 -4.82
C VAL A 81 -15.68 -5.49 -3.45
N PRO A 82 -15.70 -6.82 -3.40
CA PRO A 82 -15.57 -7.56 -2.14
C PRO A 82 -14.29 -7.18 -1.39
N LYS A 83 -14.46 -6.61 -0.20
CA LYS A 83 -13.32 -6.17 0.62
C LYS A 83 -12.19 -7.20 0.59
N PRO A 84 -11.18 -6.96 -0.27
CA PRO A 84 -10.03 -7.87 -0.40
C PRO A 84 -9.15 -7.87 0.85
N GLN A 85 -7.94 -8.39 0.71
CA GLN A 85 -7.00 -8.45 1.82
C GLN A 85 -6.09 -7.22 1.83
N ARG A 86 -6.61 -6.11 2.36
CA ARG A 86 -5.86 -4.87 2.42
C ARG A 86 -5.00 -4.81 3.68
N HIS A 87 -3.94 -4.02 3.63
CA HIS A 87 -3.04 -3.88 4.77
C HIS A 87 -2.47 -2.46 4.85
N MET A 88 -2.54 -1.87 6.04
CA MET A 88 -2.03 -0.53 6.26
C MET A 88 -0.67 -0.58 6.94
N PHE A 89 0.38 -0.27 6.19
CA PHE A 89 1.73 -0.27 6.73
C PHE A 89 2.09 1.13 7.22
N SER A 90 2.61 1.22 8.44
CA SER A 90 2.95 2.52 9.01
C SER A 90 4.36 2.51 9.60
N PHE A 91 5.11 3.57 9.29
CA PHE A 91 6.46 3.71 9.80
C PHE A 91 6.66 5.10 10.40
N ASN A 92 7.78 5.30 11.08
CA ASN A 92 8.06 6.59 11.71
C ASN A 92 8.87 7.51 10.80
N ASN A 93 8.84 7.26 9.49
CA ASN A 93 9.58 8.10 8.56
C ASN A 93 8.72 8.54 7.39
N ARG A 94 8.58 9.86 7.23
CA ARG A 94 7.81 10.44 6.14
C ARG A 94 8.68 10.57 4.89
N THR A 95 9.99 10.66 5.10
CA THR A 95 10.93 10.78 4.00
C THR A 95 11.25 9.38 3.44
N VAL A 96 11.27 8.39 4.33
CA VAL A 96 11.54 7.02 3.93
C VAL A 96 10.39 6.46 3.10
N MET A 97 9.17 6.69 3.57
CA MET A 97 7.98 6.20 2.87
C MET A 97 7.88 6.74 1.45
N ASP A 98 7.95 8.07 1.32
CA ASP A 98 7.85 8.73 0.02
C ASP A 98 8.88 8.21 -0.98
N ASN A 99 9.95 7.62 -0.48
CA ASN A 99 11.01 7.11 -1.34
C ASN A 99 10.73 5.70 -1.84
N ILE A 100 10.04 4.90 -1.03
CA ILE A 100 9.73 3.52 -1.41
C ILE A 100 8.43 3.43 -2.22
N LYS A 101 7.39 4.14 -1.80
CA LYS A 101 6.12 4.10 -2.50
C LYS A 101 6.25 4.73 -3.88
N MET A 102 7.06 5.78 -3.97
CA MET A 102 7.28 6.47 -5.23
C MET A 102 7.57 5.47 -6.35
N THR A 103 8.37 4.47 -6.03
CA THR A 103 8.72 3.43 -7.00
C THR A 103 7.51 2.56 -7.30
N LEU A 104 6.72 2.27 -6.28
CA LEU A 104 5.52 1.45 -6.44
C LEU A 104 4.43 2.20 -7.20
N GLN A 105 4.34 3.51 -6.96
CA GLN A 105 3.34 4.34 -7.62
C GLN A 105 3.37 4.15 -9.13
N GLN A 106 4.55 4.28 -9.72
CA GLN A 106 4.71 4.11 -11.16
C GLN A 106 4.34 2.70 -11.58
N ILE A 107 4.65 1.72 -10.74
CA ILE A 107 4.35 0.33 -11.03
C ILE A 107 2.85 0.09 -11.16
N ILE A 108 2.10 0.35 -10.09
CA ILE A 108 0.66 0.14 -10.14
C ILE A 108 0.05 0.89 -11.32
N SER A 109 0.68 2.00 -11.67
CA SER A 109 0.22 2.82 -12.78
C SER A 109 0.54 2.15 -14.11
N ARG A 110 1.55 1.28 -14.11
CA ARG A 110 1.93 0.56 -15.32
C ARG A 110 1.34 -0.85 -15.32
N TYR A 111 1.37 -1.50 -14.16
CA TYR A 111 0.81 -2.84 -14.03
C TYR A 111 -0.70 -2.81 -14.14
N LYS A 112 -1.29 -1.64 -13.98
CA LYS A 112 -2.74 -1.47 -14.07
C LYS A 112 -3.22 -1.65 -15.50
N ASP A 113 -2.48 -1.07 -16.44
CA ASP A 113 -2.82 -1.14 -17.85
C ASP A 113 -2.54 -2.51 -18.45
N ALA A 114 -2.02 -3.43 -17.63
CA ALA A 114 -1.71 -4.77 -18.10
C ALA A 114 -2.37 -5.83 -17.23
N ASP A 115 -2.36 -5.62 -15.92
CA ASP A 115 -2.96 -6.56 -14.99
C ASP A 115 -4.45 -6.74 -15.28
N PRO B 11 -1.46 7.58 27.46
CA PRO B 11 -0.45 7.68 26.37
C PRO B 11 0.01 6.31 25.88
N GLY B 12 -0.66 5.80 24.86
CA GLY B 12 -0.31 4.50 24.31
C GLY B 12 0.52 4.61 23.05
N GLU B 13 0.30 3.68 22.12
CA GLU B 13 1.03 3.67 20.86
C GLU B 13 0.12 3.25 19.71
N GLU B 14 -0.73 4.17 19.28
CA GLU B 14 -1.65 3.90 18.17
C GLU B 14 -1.47 4.92 17.05
N GLU B 15 -0.37 4.77 16.30
CA GLU B 15 -0.07 5.67 15.20
C GLU B 15 0.25 7.06 15.72
N ASP B 16 -0.76 7.77 16.20
CA ASP B 16 -0.59 9.11 16.74
C ASP B 16 -1.80 9.51 17.57
N ASP B 17 -2.92 9.78 16.90
CA ASP B 17 -4.15 10.17 17.57
C ASP B 17 -5.22 10.55 16.55
N GLU B 18 -5.94 9.53 16.06
CA GLU B 18 -7.00 9.74 15.07
C GLU B 18 -6.56 10.71 13.97
N ARG B 19 -5.31 10.56 13.53
CA ARG B 19 -4.76 11.42 12.50
C ARG B 19 -3.56 10.75 11.83
N GLY B 20 -2.70 10.19 12.65
CA GLY B 20 -1.51 9.51 12.15
C GLY B 20 -1.84 8.40 11.18
N ALA B 21 -3.12 8.03 11.09
CA ALA B 21 -3.55 6.97 10.18
C ALA B 21 -4.87 7.32 9.51
N ASP B 22 -4.93 8.51 8.92
CA ASP B 22 -6.14 8.97 8.25
C ASP B 22 -5.84 9.97 7.13
N ALA B 23 -4.72 9.77 6.45
CA ALA B 23 -4.32 10.65 5.36
C ALA B 23 -3.60 9.89 4.25
N THR B 24 -4.26 8.86 3.72
CA THR B 24 -3.67 8.05 2.65
C THR B 24 -4.72 7.56 1.65
N TRP B 25 -5.97 7.42 2.10
CA TRP B 25 -7.03 6.95 1.22
C TRP B 25 -7.62 8.11 0.42
N ASP B 26 -6.75 8.88 -0.22
CA ASP B 26 -7.16 10.02 -1.01
C ASP B 26 -6.05 10.48 -1.96
N LEU B 27 -4.89 9.82 -1.89
CA LEU B 27 -3.76 10.15 -2.74
C LEU B 27 -3.28 8.94 -3.52
N ASP B 28 -3.89 7.79 -3.26
CA ASP B 28 -3.52 6.55 -3.91
C ASP B 28 -4.17 6.45 -5.29
N LEU B 29 -5.31 7.11 -5.43
CA LEU B 29 -6.07 7.09 -6.68
C LEU B 29 -5.29 7.77 -7.80
N LEU B 30 -5.87 7.77 -9.00
CA LEU B 30 -5.24 8.38 -10.16
C LEU B 30 -4.03 7.56 -10.61
N LEU B 31 -4.28 6.33 -11.03
CA LEU B 31 -3.21 5.45 -11.48
C LEU B 31 -3.22 5.33 -13.01
N THR B 32 -4.22 4.63 -13.54
CA THR B 32 -4.35 4.44 -14.98
C THR B 32 -5.66 5.01 -15.48
N ASN B 33 -5.64 6.27 -15.91
CA ASN B 33 -6.83 6.93 -16.43
C ASN B 33 -6.65 7.33 -17.88
N PHE B 34 -7.56 8.14 -18.40
CA PHE B 34 -7.50 8.60 -19.77
C PHE B 34 -7.17 10.08 -19.85
N SER B 35 -6.32 10.53 -18.91
CA SER B 35 -5.92 11.94 -18.87
C SER B 35 -4.54 12.13 -19.50
N GLY B 36 -4.52 12.32 -20.82
CA GLY B 36 -3.26 12.52 -21.52
C GLY B 36 -3.20 11.74 -22.81
N PRO B 37 -2.42 12.21 -23.79
CA PRO B 37 -2.28 11.54 -25.09
C PRO B 37 -1.50 10.22 -24.98
N PRO A 1 18.51 1.65 -3.43
CA PRO A 1 18.43 2.64 -2.34
C PRO A 1 17.06 3.32 -2.27
N SER A 2 16.02 2.57 -2.56
CA SER A 2 14.66 3.10 -2.53
C SER A 2 13.65 1.98 -2.30
N HIS A 3 13.81 0.87 -3.01
CA HIS A 3 12.91 -0.26 -2.87
C HIS A 3 12.95 -0.81 -1.46
N SER A 4 14.13 -0.87 -0.89
CA SER A 4 14.30 -1.38 0.47
C SER A 4 14.12 -0.26 1.48
N GLY A 5 13.32 -0.53 2.49
CA GLY A 5 13.05 0.45 3.52
C GLY A 5 12.47 -0.22 4.75
N ALA A 6 12.17 0.56 5.77
CA ALA A 6 11.62 0.01 6.99
C ALA A 6 10.12 0.26 7.08
N ALA A 7 9.39 -0.73 7.55
CA ALA A 7 7.94 -0.63 7.69
C ALA A 7 7.46 -1.43 8.88
N ILE A 8 6.31 -1.05 9.41
CA ILE A 8 5.75 -1.76 10.55
C ILE A 8 4.28 -2.08 10.36
N PHE A 9 3.88 -3.24 10.86
CA PHE A 9 2.50 -3.69 10.75
C PHE A 9 2.12 -4.52 11.97
N GLU A 10 0.88 -4.39 12.42
CA GLU A 10 0.39 -5.12 13.59
C GLU A 10 1.37 -5.00 14.76
N LYS A 11 2.01 -3.84 14.85
CA LYS A 11 2.96 -3.57 15.93
C LYS A 11 4.24 -4.39 15.76
N VAL A 12 4.46 -4.93 14.56
CA VAL A 12 5.67 -5.71 14.29
C VAL A 12 6.53 -4.99 13.27
N SER A 13 7.75 -4.67 13.64
CA SER A 13 8.65 -3.97 12.74
C SER A 13 9.47 -4.92 11.89
N GLY A 14 9.78 -4.47 10.68
CA GLY A 14 10.54 -5.26 9.74
C GLY A 14 11.07 -4.42 8.61
N ILE A 15 11.73 -5.05 7.65
CA ILE A 15 12.27 -4.32 6.51
C ILE A 15 11.44 -4.63 5.27
N ILE A 16 11.04 -3.58 4.57
CA ILE A 16 10.21 -3.70 3.39
C ILE A 16 11.03 -3.48 2.12
N ALA A 17 11.01 -4.44 1.21
CA ALA A 17 11.78 -4.30 -0.03
C ALA A 17 10.98 -4.78 -1.25
N ILE A 18 11.12 -4.05 -2.36
CA ILE A 18 10.43 -4.39 -3.60
C ILE A 18 11.30 -5.27 -4.48
N ASN A 19 10.67 -6.20 -5.18
CA ASN A 19 11.37 -7.12 -6.07
C ASN A 19 10.81 -7.04 -7.48
N GLU A 20 11.62 -6.51 -8.39
CA GLU A 20 11.22 -6.40 -9.79
C GLU A 20 11.97 -7.42 -10.62
N ASP A 21 12.33 -8.52 -9.99
CA ASP A 21 13.05 -9.61 -10.64
C ASP A 21 12.08 -10.72 -11.04
N VAL A 22 10.97 -10.82 -10.31
CA VAL A 22 9.96 -11.84 -10.60
C VAL A 22 8.84 -11.25 -11.44
N SER A 23 7.99 -12.11 -12.00
CA SER A 23 6.87 -11.66 -12.82
C SER A 23 6.08 -10.56 -12.10
N PRO A 24 5.41 -10.88 -10.99
CA PRO A 24 4.66 -9.91 -10.22
C PRO A 24 5.57 -9.09 -9.32
N ALA A 25 6.11 -8.01 -9.86
CA ALA A 25 7.01 -7.15 -9.09
C ALA A 25 6.39 -6.84 -7.75
N GLU A 26 6.78 -7.62 -6.76
CA GLU A 26 6.23 -7.49 -5.41
C GLU A 26 7.31 -7.13 -4.39
N LEU A 27 6.88 -6.79 -3.18
CA LEU A 27 7.81 -6.42 -2.12
C LEU A 27 7.61 -7.30 -0.92
N THR A 28 8.70 -7.59 -0.21
CA THR A 28 8.63 -8.43 0.95
C THR A 28 8.93 -7.66 2.21
N TRP A 29 8.31 -8.10 3.30
CA TRP A 29 8.50 -7.47 4.58
C TRP A 29 9.00 -8.47 5.62
N ARG A 30 10.26 -8.33 6.03
CA ARG A 30 10.82 -9.23 7.03
C ARG A 30 11.02 -8.51 8.36
N SER A 31 10.40 -9.03 9.42
CA SER A 31 10.51 -8.43 10.74
C SER A 31 11.96 -8.19 11.11
N THR A 32 12.21 -7.15 11.91
CA THR A 32 13.56 -6.82 12.34
C THR A 32 14.14 -7.94 13.20
N ASP A 33 13.26 -8.68 13.86
CA ASP A 33 13.68 -9.79 14.70
C ASP A 33 14.10 -10.98 13.87
N GLY A 34 13.51 -11.10 12.69
CA GLY A 34 13.82 -12.20 11.79
C GLY A 34 13.00 -13.44 12.13
N ASP A 35 11.82 -13.23 12.69
CA ASP A 35 10.94 -14.33 13.05
C ASP A 35 9.74 -14.42 12.13
N LYS A 36 9.35 -13.29 11.55
CA LYS A 36 8.21 -13.25 10.65
C LYS A 36 8.54 -12.48 9.37
N VAL A 37 7.80 -12.79 8.32
CA VAL A 37 7.98 -12.14 7.03
C VAL A 37 6.65 -12.00 6.31
N HIS A 38 6.47 -10.89 5.61
CA HIS A 38 5.24 -10.64 4.88
C HIS A 38 5.54 -10.17 3.46
N THR A 39 5.26 -11.04 2.51
CA THR A 39 5.49 -10.73 1.10
C THR A 39 4.20 -10.24 0.46
N VAL A 40 4.15 -8.95 0.17
CA VAL A 40 2.95 -8.37 -0.46
C VAL A 40 3.10 -8.33 -1.96
N VAL A 41 2.33 -9.15 -2.67
CA VAL A 41 2.40 -9.18 -4.11
C VAL A 41 1.81 -7.94 -4.73
N LEU A 42 2.68 -7.01 -5.11
CA LEU A 42 2.28 -5.76 -5.73
C LEU A 42 1.30 -6.04 -6.88
N SER A 43 1.40 -7.24 -7.44
CA SER A 43 0.52 -7.63 -8.54
C SER A 43 -0.92 -7.57 -8.09
N THR A 44 -1.19 -8.26 -7.00
CA THR A 44 -2.52 -8.27 -6.42
C THR A 44 -2.85 -6.88 -5.89
N ILE A 45 -1.80 -6.08 -5.64
CA ILE A 45 -1.98 -4.72 -5.15
C ILE A 45 -2.23 -3.75 -6.30
N ASP A 46 -3.49 -3.63 -6.71
CA ASP A 46 -3.86 -2.74 -7.81
C ASP A 46 -3.94 -1.28 -7.35
N LYS A 47 -3.71 -1.04 -6.07
CA LYS A 47 -3.76 0.31 -5.53
C LYS A 47 -2.83 0.47 -4.33
N LEU A 48 -2.24 1.65 -4.20
CA LEU A 48 -1.32 1.94 -3.11
C LEU A 48 -1.47 3.40 -2.67
N GLN A 49 -1.28 3.65 -1.38
CA GLN A 49 -1.40 5.01 -0.85
C GLN A 49 -0.30 5.34 0.15
N ALA A 50 0.31 6.50 -0.02
CA ALA A 50 1.38 6.96 0.87
C ALA A 50 0.95 8.23 1.59
N THR A 51 1.67 8.60 2.65
CA THR A 51 1.33 9.80 3.42
C THR A 51 1.76 11.06 2.67
N PRO A 52 1.05 12.18 2.91
CA PRO A 52 1.30 13.45 2.24
C PRO A 52 2.01 14.46 3.13
N ALA A 53 2.52 15.51 2.51
CA ALA A 53 3.20 16.58 3.22
C ALA A 53 2.23 17.33 4.14
N SER A 54 0.93 17.02 3.99
CA SER A 54 -0.11 17.66 4.79
C SER A 54 0.12 17.36 6.26
N SER A 55 0.67 16.19 6.51
CA SER A 55 0.96 15.73 7.86
C SER A 55 2.40 15.28 7.99
N GLU A 56 2.88 15.20 9.22
CA GLU A 56 4.25 14.77 9.49
C GLU A 56 4.32 13.25 9.67
N LYS A 57 3.23 12.56 9.34
CA LYS A 57 3.17 11.12 9.46
C LYS A 57 4.07 10.45 8.43
N MET A 58 3.93 9.13 8.30
CA MET A 58 4.73 8.37 7.34
C MET A 58 4.27 6.92 7.32
N MET A 59 3.56 6.55 6.25
CA MET A 59 3.08 5.18 6.12
C MET A 59 2.58 4.91 4.71
N LEU A 60 2.77 3.67 4.26
CA LEU A 60 2.35 3.26 2.93
C LEU A 60 1.23 2.22 3.03
N ARG A 61 0.27 2.32 2.13
CA ARG A 61 -0.87 1.41 2.10
C ARG A 61 -0.90 0.63 0.80
N LEU A 62 -1.21 -0.67 0.89
CA LEU A 62 -1.27 -1.51 -0.30
C LEU A 62 -2.63 -2.17 -0.41
N ILE A 63 -3.38 -1.78 -1.43
CA ILE A 63 -4.71 -2.32 -1.66
C ILE A 63 -4.67 -3.54 -2.57
N GLY A 64 -4.84 -4.71 -1.96
CA GLY A 64 -4.81 -5.95 -2.72
C GLY A 64 -6.15 -6.29 -3.34
N LYS A 65 -6.13 -7.13 -4.36
CA LYS A 65 -7.35 -7.54 -5.04
C LYS A 65 -8.06 -6.34 -5.68
N VAL A 66 -8.96 -6.62 -6.60
CA VAL A 66 -9.71 -5.58 -7.29
C VAL A 66 -10.61 -4.82 -6.32
N ASP A 67 -11.34 -3.83 -6.84
CA ASP A 67 -12.24 -3.03 -6.03
C ASP A 67 -13.64 -3.64 -6.02
N GLU A 68 -14.61 -2.88 -5.50
CA GLU A 68 -15.98 -3.34 -5.42
C GLU A 68 -16.85 -2.71 -6.51
N SER A 69 -16.43 -1.54 -6.99
CA SER A 69 -17.17 -0.83 -8.04
C SER A 69 -17.44 -1.72 -9.23
N LYS A 70 -16.60 -2.74 -9.41
CA LYS A 70 -16.75 -3.68 -10.51
C LYS A 70 -17.69 -4.82 -10.18
N LYS A 71 -18.38 -4.72 -9.03
CA LYS A 71 -19.32 -5.75 -8.60
C LYS A 71 -20.33 -6.09 -9.69
N ARG A 72 -21.34 -6.86 -9.32
CA ARG A 72 -22.38 -7.27 -10.25
C ARG A 72 -23.69 -7.54 -9.52
N LYS A 73 -24.78 -7.02 -10.06
CA LYS A 73 -26.09 -7.20 -9.45
C LYS A 73 -26.58 -8.64 -9.60
N ASP A 74 -27.51 -9.04 -8.75
CA ASP A 74 -28.06 -10.39 -8.80
C ASP A 74 -29.41 -10.41 -9.53
N ASN A 75 -29.92 -11.60 -9.77
CA ASN A 75 -31.19 -11.76 -10.45
C ASN A 75 -32.34 -11.17 -9.63
N GLU A 76 -32.21 -11.30 -8.31
CA GLU A 76 -33.21 -10.80 -7.39
C GLU A 76 -32.96 -9.33 -7.06
N GLY A 77 -31.75 -8.85 -7.37
CA GLY A 77 -31.42 -7.47 -7.10
C GLY A 77 -30.33 -7.33 -6.05
N ASN A 78 -29.60 -8.43 -5.80
CA ASN A 78 -28.52 -8.42 -4.82
C ASN A 78 -27.21 -7.97 -5.45
N GLU A 79 -26.14 -8.00 -4.67
CA GLU A 79 -24.83 -7.59 -5.15
C GLU A 79 -23.72 -8.12 -4.24
N VAL A 80 -22.49 -8.11 -4.73
CA VAL A 80 -21.35 -8.58 -3.96
C VAL A 80 -20.22 -7.55 -3.94
N VAL A 81 -19.34 -7.68 -2.97
CA VAL A 81 -18.21 -6.78 -2.84
C VAL A 81 -16.94 -7.56 -2.57
N PRO A 82 -16.21 -7.95 -3.63
CA PRO A 82 -14.96 -8.71 -3.51
C PRO A 82 -14.04 -8.17 -2.43
N LYS A 83 -14.26 -8.62 -1.19
CA LYS A 83 -13.46 -8.18 -0.05
C LYS A 83 -11.97 -8.17 -0.39
N PRO A 84 -11.41 -6.99 -0.73
CA PRO A 84 -10.00 -6.85 -1.09
C PRO A 84 -9.08 -7.00 0.13
N GLN A 85 -7.79 -6.83 -0.10
CA GLN A 85 -6.80 -6.95 0.98
C GLN A 85 -5.97 -5.67 1.10
N ARG A 86 -6.48 -4.71 1.88
CA ARG A 86 -5.79 -3.44 2.08
C ARG A 86 -5.19 -3.36 3.47
N HIS A 87 -4.00 -2.76 3.56
CA HIS A 87 -3.32 -2.62 4.84
C HIS A 87 -2.53 -1.32 4.91
N MET A 88 -2.48 -0.73 6.09
CA MET A 88 -1.75 0.52 6.29
C MET A 88 -0.42 0.25 6.98
N PHE A 89 0.66 0.38 6.22
CA PHE A 89 2.01 0.15 6.73
C PHE A 89 2.60 1.45 7.21
N SER A 90 2.94 1.52 8.50
CA SER A 90 3.48 2.75 9.07
C SER A 90 4.89 2.55 9.60
N PHE A 91 5.73 3.56 9.40
CA PHE A 91 7.10 3.52 9.86
C PHE A 91 7.48 4.86 10.49
N ASN A 92 8.63 4.91 11.13
CA ASN A 92 9.09 6.13 11.79
C ASN A 92 10.11 6.90 10.97
N ASN A 93 10.07 6.73 9.65
CA ASN A 93 11.02 7.43 8.78
C ASN A 93 10.31 8.14 7.64
N ARG A 94 10.03 9.43 7.83
CA ARG A 94 9.35 10.23 6.81
C ARG A 94 10.17 10.27 5.52
N THR A 95 11.48 10.04 5.64
CA THR A 95 12.36 10.05 4.49
C THR A 95 12.34 8.70 3.79
N VAL A 96 12.47 7.63 4.58
CA VAL A 96 12.47 6.27 4.03
C VAL A 96 11.16 5.98 3.29
N MET A 97 10.07 6.46 3.85
CA MET A 97 8.75 6.24 3.27
C MET A 97 8.58 6.97 1.94
N ASP A 98 8.80 8.27 1.94
CA ASP A 98 8.66 9.10 0.76
C ASP A 98 9.43 8.54 -0.44
N ASN A 99 10.44 7.72 -0.17
CA ASN A 99 11.26 7.14 -1.24
C ASN A 99 10.64 5.86 -1.81
N ILE A 100 10.44 4.86 -0.96
CA ILE A 100 9.88 3.59 -1.40
C ILE A 100 8.43 3.72 -1.87
N LYS A 101 7.77 4.80 -1.46
CA LYS A 101 6.38 5.04 -1.85
C LYS A 101 6.27 5.36 -3.34
N MET A 102 7.27 6.06 -3.84
CA MET A 102 7.31 6.45 -5.25
C MET A 102 7.55 5.24 -6.14
N THR A 103 8.45 4.37 -5.72
CA THR A 103 8.77 3.16 -6.49
C THR A 103 7.53 2.32 -6.74
N LEU A 104 6.69 2.21 -5.72
CA LEU A 104 5.45 1.42 -5.83
C LEU A 104 4.35 2.23 -6.50
N GLN A 105 4.17 3.47 -6.06
CA GLN A 105 3.13 4.35 -6.61
C GLN A 105 3.16 4.34 -8.14
N GLN A 106 4.37 4.39 -8.70
CA GLN A 106 4.54 4.40 -10.14
C GLN A 106 4.17 3.03 -10.74
N ILE A 107 4.55 1.97 -10.04
CA ILE A 107 4.26 0.62 -10.49
C ILE A 107 2.76 0.39 -10.66
N ILE A 108 2.01 0.60 -9.59
CA ILE A 108 0.56 0.40 -9.65
C ILE A 108 -0.04 1.18 -10.81
N SER A 109 0.62 2.26 -11.18
CA SER A 109 0.15 3.10 -12.28
C SER A 109 0.46 2.43 -13.62
N ARG A 110 1.49 1.59 -13.64
CA ARG A 110 1.87 0.88 -14.86
C ARG A 110 1.29 -0.52 -14.88
N TYR A 111 1.26 -1.17 -13.72
CA TYR A 111 0.72 -2.51 -13.61
C TYR A 111 -0.78 -2.52 -13.89
N LYS A 112 -1.45 -1.44 -13.47
CA LYS A 112 -2.89 -1.31 -13.68
C LYS A 112 -3.24 -1.40 -15.16
N ASP A 113 -2.57 -0.58 -15.96
CA ASP A 113 -2.80 -0.53 -17.40
C ASP A 113 -2.28 -1.79 -18.10
N ALA A 114 -1.70 -2.71 -17.34
CA ALA A 114 -1.16 -3.93 -17.91
C ALA A 114 -1.89 -5.16 -17.37
N ASP A 115 -2.37 -5.07 -16.13
CA ASP A 115 -3.09 -6.18 -15.50
C ASP A 115 -4.31 -6.58 -16.33
N PRO B 11 6.19 11.62 26.34
CA PRO B 11 5.13 10.70 26.83
C PRO B 11 3.94 10.63 25.86
N GLY B 12 3.91 9.58 25.04
CA GLY B 12 2.84 9.41 24.09
C GLY B 12 3.29 8.74 22.81
N GLU B 13 2.62 7.65 22.46
CA GLU B 13 2.96 6.90 21.25
C GLU B 13 1.75 6.14 20.73
N GLU B 14 0.99 6.79 19.84
CA GLU B 14 -0.20 6.16 19.27
C GLU B 14 -0.85 7.09 18.24
N GLU B 15 -1.36 6.50 17.16
CA GLU B 15 -2.01 7.28 16.11
C GLU B 15 -3.51 7.07 16.13
N ASP B 16 -4.07 6.97 17.33
CA ASP B 16 -5.50 6.78 17.49
C ASP B 16 -6.19 8.12 17.72
N ASP B 17 -5.70 9.16 17.07
CA ASP B 17 -6.28 10.49 17.21
C ASP B 17 -5.76 11.44 16.13
N GLU B 18 -6.10 11.13 14.87
CA GLU B 18 -5.68 11.95 13.73
C GLU B 18 -4.21 12.34 13.85
N ARG B 19 -3.36 11.39 14.21
CA ARG B 19 -1.94 11.63 14.35
C ARG B 19 -1.14 10.40 13.95
N GLY B 20 -0.92 10.23 12.65
CA GLY B 20 -0.19 9.08 12.16
C GLY B 20 -1.09 8.08 11.49
N ALA B 21 -2.41 8.28 11.63
CA ALA B 21 -3.38 7.38 11.02
C ALA B 21 -4.56 8.18 10.46
N ASP B 22 -4.25 9.18 9.63
CA ASP B 22 -5.28 10.02 9.03
C ASP B 22 -4.82 10.53 7.67
N ALA B 23 -3.86 11.42 7.69
CA ALA B 23 -3.30 12.00 6.47
C ALA B 23 -2.74 10.91 5.58
N THR B 24 -3.58 10.34 4.74
CA THR B 24 -3.14 9.26 3.86
C THR B 24 -4.15 9.00 2.76
N TRP B 25 -5.27 8.40 3.12
CA TRP B 25 -6.31 8.08 2.16
C TRP B 25 -6.90 9.36 1.58
N ASP B 26 -6.15 9.98 0.67
CA ASP B 26 -6.58 11.22 0.03
C ASP B 26 -5.56 11.69 -0.99
N LEU B 27 -4.29 11.40 -0.72
CA LEU B 27 -3.20 11.79 -1.60
C LEU B 27 -2.83 10.68 -2.58
N ASP B 28 -3.79 9.81 -2.87
CA ASP B 28 -3.56 8.71 -3.79
C ASP B 28 -4.86 8.27 -4.47
N LEU B 29 -4.85 7.08 -5.05
CA LEU B 29 -6.03 6.56 -5.74
C LEU B 29 -6.40 7.43 -6.94
N LEU B 30 -5.57 7.37 -7.97
CA LEU B 30 -5.80 8.16 -9.18
C LEU B 30 -4.75 7.85 -10.24
N LEU B 31 -4.63 6.58 -10.60
CA LEU B 31 -3.66 6.15 -11.61
C LEU B 31 -4.35 5.86 -12.94
N THR B 32 -3.66 5.14 -13.82
CA THR B 32 -4.21 4.79 -15.13
C THR B 32 -5.63 4.25 -15.01
N ASN B 33 -6.61 5.13 -15.23
CA ASN B 33 -8.01 4.75 -15.15
C ASN B 33 -8.87 5.67 -16.00
N PHE B 34 -8.65 6.97 -15.86
CA PHE B 34 -9.40 7.97 -16.60
C PHE B 34 -8.49 9.07 -17.13
N SER B 35 -7.25 8.71 -17.43
CA SER B 35 -6.27 9.67 -17.95
C SER B 35 -4.96 8.97 -18.28
N GLY B 36 -5.05 7.76 -18.82
CA GLY B 36 -3.86 7.01 -19.18
C GLY B 36 -3.14 7.60 -20.37
N PRO B 37 -3.55 7.25 -21.60
CA PRO B 37 -2.92 7.76 -22.81
C PRO B 37 -3.22 9.24 -23.04
N PRO A 1 17.80 4.07 0.05
CA PRO A 1 16.47 3.96 0.70
C PRO A 1 15.32 4.22 -0.27
N SER A 2 15.49 3.77 -1.50
CA SER A 2 14.47 3.94 -2.53
C SER A 2 13.52 2.75 -2.57
N HIS A 3 14.02 1.58 -2.17
CA HIS A 3 13.23 0.37 -2.15
C HIS A 3 13.13 -0.22 -0.75
N SER A 4 14.21 -0.10 0.00
CA SER A 4 14.25 -0.60 1.36
C SER A 4 13.81 0.47 2.35
N GLY A 5 12.92 0.08 3.24
CA GLY A 5 12.42 1.00 4.24
C GLY A 5 11.82 0.25 5.41
N ALA A 6 11.30 0.97 6.39
CA ALA A 6 10.70 0.34 7.54
C ALA A 6 9.18 0.43 7.49
N ALA A 7 8.54 -0.66 7.88
CA ALA A 7 7.08 -0.73 7.89
C ALA A 7 6.59 -1.66 8.99
N ILE A 8 5.38 -1.44 9.46
CA ILE A 8 4.83 -2.29 10.51
C ILE A 8 3.45 -2.83 10.15
N PHE A 9 3.19 -4.05 10.58
CA PHE A 9 1.92 -4.70 10.32
C PHE A 9 1.50 -5.56 11.53
N GLU A 10 0.21 -5.57 11.82
CA GLU A 10 -0.32 -6.33 12.95
C GLU A 10 0.52 -6.12 14.21
N LYS A 11 0.94 -4.87 14.42
CA LYS A 11 1.72 -4.51 15.59
C LYS A 11 3.11 -5.15 15.57
N VAL A 12 3.52 -5.66 14.41
CA VAL A 12 4.84 -6.28 14.29
C VAL A 12 5.70 -5.49 13.32
N SER A 13 6.81 -4.96 13.81
CA SER A 13 7.70 -4.16 12.96
C SER A 13 8.67 -5.02 12.18
N GLY A 14 9.11 -4.47 11.06
CA GLY A 14 10.03 -5.15 10.17
C GLY A 14 10.55 -4.22 9.10
N ILE A 15 11.38 -4.75 8.21
CA ILE A 15 11.93 -3.93 7.14
C ILE A 15 11.27 -4.30 5.82
N ILE A 16 10.83 -3.28 5.09
CA ILE A 16 10.14 -3.47 3.83
C ILE A 16 11.06 -3.11 2.66
N ALA A 17 11.26 -4.05 1.74
CA ALA A 17 12.14 -3.81 0.59
C ALA A 17 11.54 -4.28 -0.73
N ILE A 18 11.81 -3.53 -1.79
CA ILE A 18 11.31 -3.87 -3.12
C ILE A 18 12.34 -4.71 -3.87
N ASN A 19 11.87 -5.66 -4.66
CA ASN A 19 12.75 -6.53 -5.43
C ASN A 19 12.47 -6.43 -6.92
N GLU A 20 13.41 -5.87 -7.65
CA GLU A 20 13.27 -5.73 -9.10
C GLU A 20 14.24 -6.66 -9.80
N ASP A 21 14.53 -7.76 -9.13
CA ASP A 21 15.44 -8.77 -9.67
C ASP A 21 14.67 -9.97 -10.21
N VAL A 22 13.47 -10.17 -9.69
CA VAL A 22 12.63 -11.28 -10.14
C VAL A 22 11.60 -10.81 -11.16
N SER A 23 10.93 -11.76 -11.81
CA SER A 23 9.92 -11.42 -12.81
C SER A 23 8.92 -10.40 -12.25
N PRO A 24 8.09 -10.80 -11.27
CA PRO A 24 7.13 -9.88 -10.65
C PRO A 24 7.80 -9.00 -9.61
N ALA A 25 8.33 -7.87 -10.06
CA ALA A 25 9.00 -6.94 -9.16
C ALA A 25 8.15 -6.75 -7.92
N GLU A 26 8.50 -7.49 -6.88
CA GLU A 26 7.74 -7.46 -5.64
C GLU A 26 8.61 -7.04 -4.45
N LEU A 27 7.98 -6.79 -3.32
CA LEU A 27 8.67 -6.38 -2.12
C LEU A 27 8.37 -7.35 -1.00
N THR A 28 9.33 -7.55 -0.10
CA THR A 28 9.13 -8.46 1.01
C THR A 28 9.42 -7.79 2.34
N TRP A 29 8.52 -8.03 3.28
CA TRP A 29 8.62 -7.48 4.61
C TRP A 29 9.29 -8.47 5.55
N ARG A 30 10.18 -7.99 6.41
CA ARG A 30 10.87 -8.86 7.35
C ARG A 30 10.87 -8.26 8.75
N SER A 31 10.28 -8.98 9.71
CA SER A 31 10.22 -8.51 11.09
C SER A 31 11.60 -8.07 11.59
N THR A 32 11.63 -6.99 12.36
CA THR A 32 12.88 -6.48 12.90
C THR A 32 13.55 -7.51 13.79
N ASP A 33 12.74 -8.29 14.48
CA ASP A 33 13.24 -9.32 15.37
C ASP A 33 13.58 -10.59 14.59
N GLY A 34 13.02 -10.72 13.39
CA GLY A 34 13.26 -11.88 12.57
C GLY A 34 12.33 -13.03 12.91
N ASP A 35 11.20 -12.72 13.53
CA ASP A 35 10.24 -13.73 13.92
C ASP A 35 9.34 -14.12 12.75
N LYS A 36 8.98 -13.12 11.96
CA LYS A 36 8.12 -13.36 10.80
C LYS A 36 8.73 -12.80 9.52
N VAL A 37 8.16 -13.21 8.39
CA VAL A 37 8.62 -12.77 7.09
C VAL A 37 7.45 -12.64 6.12
N HIS A 38 7.35 -11.49 5.46
CA HIS A 38 6.28 -11.25 4.51
C HIS A 38 6.83 -10.92 3.13
N THR A 39 6.05 -11.25 2.12
CA THR A 39 6.42 -11.01 0.72
C THR A 39 5.19 -10.59 -0.06
N VAL A 40 5.11 -9.31 -0.42
CA VAL A 40 3.97 -8.82 -1.18
C VAL A 40 4.31 -8.71 -2.65
N VAL A 41 3.71 -9.57 -3.47
CA VAL A 41 3.98 -9.54 -4.90
C VAL A 41 3.32 -8.35 -5.57
N LEU A 42 4.12 -7.33 -5.83
CA LEU A 42 3.65 -6.11 -6.46
C LEU A 42 2.90 -6.42 -7.75
N SER A 43 3.17 -7.60 -8.31
CA SER A 43 2.51 -8.02 -9.54
C SER A 43 1.03 -8.21 -9.30
N THR A 44 0.73 -8.98 -8.28
CA THR A 44 -0.64 -9.23 -7.90
C THR A 44 -1.25 -7.97 -7.30
N ILE A 45 -0.39 -7.07 -6.82
CA ILE A 45 -0.84 -5.82 -6.23
C ILE A 45 -0.78 -4.68 -7.24
N ASP A 46 -1.93 -4.34 -7.82
CA ASP A 46 -2.00 -3.26 -8.80
C ASP A 46 -2.34 -1.92 -8.14
N LYS A 47 -2.51 -1.93 -6.83
CA LYS A 47 -2.83 -0.71 -6.09
C LYS A 47 -1.77 -0.39 -5.04
N LEU A 48 -1.50 0.90 -4.86
CA LEU A 48 -0.52 1.37 -3.89
C LEU A 48 -0.91 2.77 -3.41
N GLN A 49 -1.14 2.90 -2.11
CA GLN A 49 -1.55 4.18 -1.55
C GLN A 49 -0.67 4.62 -0.38
N ALA A 50 -0.25 5.88 -0.42
CA ALA A 50 0.57 6.46 0.63
C ALA A 50 -0.06 7.74 1.14
N THR A 51 0.28 8.16 2.35
CA THR A 51 -0.30 9.37 2.91
C THR A 51 0.33 10.63 2.31
N PRO A 52 -0.48 11.43 1.59
CA PRO A 52 -0.04 12.66 0.95
C PRO A 52 -0.20 13.87 1.87
N ALA A 53 0.39 15.00 1.47
CA ALA A 53 0.34 16.24 2.24
C ALA A 53 -0.99 16.45 2.97
N SER A 54 -2.04 15.76 2.54
CA SER A 54 -3.36 15.88 3.18
C SER A 54 -3.26 15.47 4.63
N SER A 55 -2.37 14.54 4.89
CA SER A 55 -2.15 14.05 6.24
C SER A 55 -0.67 13.85 6.51
N GLU A 56 -0.16 14.50 7.56
CA GLU A 56 1.25 14.34 7.92
C GLU A 56 1.56 12.87 8.18
N LYS A 57 0.50 12.10 8.44
CA LYS A 57 0.61 10.67 8.70
C LYS A 57 1.45 9.97 7.63
N MET A 58 2.08 8.87 8.01
CA MET A 58 2.92 8.10 7.09
C MET A 58 2.48 6.65 7.07
N MET A 59 2.12 6.16 5.88
CA MET A 59 1.68 4.78 5.74
C MET A 59 1.63 4.38 4.27
N LEU A 60 1.59 3.07 4.02
CA LEU A 60 1.52 2.55 2.66
C LEU A 60 0.52 1.40 2.58
N ARG A 61 -0.46 1.52 1.69
CA ARG A 61 -1.48 0.49 1.53
C ARG A 61 -1.44 -0.09 0.12
N LEU A 62 -1.58 -1.40 0.03
CA LEU A 62 -1.56 -2.09 -1.27
C LEU A 62 -2.73 -3.06 -1.37
N ILE A 63 -3.36 -3.09 -2.54
CA ILE A 63 -4.50 -3.99 -2.75
C ILE A 63 -4.13 -5.12 -3.72
N GLY A 64 -4.71 -6.27 -3.47
CA GLY A 64 -4.45 -7.43 -4.30
C GLY A 64 -5.36 -7.51 -5.51
N LYS A 65 -5.41 -6.44 -6.29
CA LYS A 65 -6.25 -6.39 -7.49
C LYS A 65 -7.71 -6.65 -7.13
N VAL A 66 -8.51 -6.96 -8.14
CA VAL A 66 -9.93 -7.23 -7.95
C VAL A 66 -10.69 -5.97 -7.57
N ASP A 67 -12.01 -6.00 -7.73
CA ASP A 67 -12.85 -4.85 -7.41
C ASP A 67 -14.03 -5.27 -6.53
N GLU A 68 -14.64 -4.30 -5.86
CA GLU A 68 -15.77 -4.56 -5.00
C GLU A 68 -16.90 -3.54 -5.22
N SER A 69 -16.76 -2.72 -6.26
CA SER A 69 -17.76 -1.72 -6.58
C SER A 69 -18.89 -2.31 -7.42
N LYS A 70 -18.79 -3.60 -7.74
CA LYS A 70 -19.80 -4.27 -8.54
C LYS A 70 -20.95 -4.79 -7.68
N LYS A 71 -20.96 -4.41 -6.40
CA LYS A 71 -22.02 -4.83 -5.48
C LYS A 71 -23.41 -4.52 -6.04
N ARG A 72 -24.43 -4.80 -5.24
CA ARG A 72 -25.80 -4.55 -5.66
C ARG A 72 -26.70 -4.30 -4.46
N LYS A 73 -26.61 -5.19 -3.46
CA LYS A 73 -27.41 -5.06 -2.24
C LYS A 73 -27.15 -6.23 -1.31
N ASP A 74 -27.88 -6.27 -0.20
CA ASP A 74 -27.73 -7.34 0.77
C ASP A 74 -28.93 -7.40 1.72
N ASN A 75 -28.89 -8.34 2.65
CA ASN A 75 -29.98 -8.50 3.61
C ASN A 75 -30.21 -7.23 4.41
N GLU A 76 -29.15 -6.44 4.56
CA GLU A 76 -29.23 -5.20 5.29
C GLU A 76 -29.58 -4.03 4.38
N GLY A 77 -30.05 -4.35 3.17
CA GLY A 77 -30.40 -3.30 2.22
C GLY A 77 -29.24 -2.38 1.90
N ASN A 78 -28.02 -2.87 2.12
CA ASN A 78 -26.82 -2.07 1.86
C ASN A 78 -26.09 -2.57 0.62
N GLU A 79 -25.31 -3.63 0.78
CA GLU A 79 -24.55 -4.21 -0.33
C GLU A 79 -23.61 -5.30 0.16
N VAL A 80 -22.94 -5.97 -0.78
CA VAL A 80 -22.00 -7.03 -0.45
C VAL A 80 -20.57 -6.54 -0.58
N VAL A 81 -20.31 -5.77 -1.63
CA VAL A 81 -18.98 -5.23 -1.89
C VAL A 81 -17.88 -6.21 -1.48
N PRO A 82 -17.49 -7.11 -2.42
CA PRO A 82 -16.45 -8.12 -2.16
C PRO A 82 -15.21 -7.53 -1.51
N LYS A 83 -15.21 -7.48 -0.17
CA LYS A 83 -14.09 -6.94 0.58
C LYS A 83 -12.78 -7.60 0.16
N PRO A 84 -11.94 -6.91 -0.63
CA PRO A 84 -10.67 -7.43 -1.11
C PRO A 84 -9.64 -7.58 0.02
N GLN A 85 -8.53 -8.23 -0.28
CA GLN A 85 -7.47 -8.43 0.71
C GLN A 85 -6.50 -7.25 0.70
N ARG A 86 -6.97 -6.12 1.21
CA ARG A 86 -6.14 -4.92 1.26
C ARG A 86 -5.21 -4.93 2.46
N HIS A 87 -4.00 -4.42 2.28
CA HIS A 87 -3.02 -4.37 3.36
C HIS A 87 -2.58 -2.93 3.63
N MET A 88 -2.84 -2.46 4.85
CA MET A 88 -2.47 -1.11 5.24
C MET A 88 -1.21 -1.11 6.08
N PHE A 89 -0.12 -0.67 5.50
CA PHE A 89 1.16 -0.63 6.21
C PHE A 89 1.36 0.75 6.84
N SER A 90 1.79 0.76 8.10
CA SER A 90 2.00 2.02 8.81
C SER A 90 3.34 2.04 9.54
N PHE A 91 4.08 3.12 9.35
CA PHE A 91 5.38 3.28 10.01
C PHE A 91 5.51 4.69 10.58
N ASN A 92 6.55 4.90 11.37
CA ASN A 92 6.78 6.20 11.99
C ASN A 92 7.77 7.02 11.18
N ASN A 93 7.79 6.78 9.87
CA ASN A 93 8.71 7.50 8.98
C ASN A 93 7.97 8.14 7.82
N ARG A 94 8.06 9.47 7.74
CA ARG A 94 7.42 10.23 6.67
C ARG A 94 8.34 10.32 5.46
N THR A 95 9.65 10.28 5.71
CA THR A 95 10.64 10.35 4.64
C THR A 95 10.73 9.01 3.92
N VAL A 96 10.81 7.94 4.71
CA VAL A 96 10.90 6.60 4.15
C VAL A 96 9.70 6.30 3.27
N MET A 97 8.51 6.36 3.85
CA MET A 97 7.27 6.10 3.11
C MET A 97 7.27 6.74 1.73
N ASP A 98 7.50 8.04 1.68
CA ASP A 98 7.52 8.77 0.41
C ASP A 98 8.60 8.26 -0.53
N ASN A 99 9.61 7.60 0.01
CA ASN A 99 10.71 7.08 -0.80
C ASN A 99 10.40 5.70 -1.37
N ILE A 100 10.13 4.74 -0.51
CA ILE A 100 9.84 3.38 -0.96
C ILE A 100 8.63 3.35 -1.89
N LYS A 101 7.54 3.99 -1.49
CA LYS A 101 6.34 4.02 -2.32
C LYS A 101 6.65 4.62 -3.68
N MET A 102 7.49 5.64 -3.68
CA MET A 102 7.89 6.31 -4.91
C MET A 102 8.28 5.28 -5.97
N THR A 103 8.86 4.18 -5.50
CA THR A 103 9.27 3.09 -6.38
C THR A 103 8.06 2.29 -6.84
N LEU A 104 7.17 1.98 -5.89
CA LEU A 104 5.96 1.21 -6.19
C LEU A 104 5.03 2.00 -7.11
N GLN A 105 4.69 3.22 -6.69
CA GLN A 105 3.79 4.08 -7.47
C GLN A 105 4.16 4.08 -8.95
N GLN A 106 5.44 4.30 -9.24
CA GLN A 106 5.91 4.33 -10.62
C GLN A 106 5.77 2.95 -11.27
N ILE A 107 6.06 1.90 -10.51
CA ILE A 107 5.97 0.55 -11.02
C ILE A 107 4.56 0.23 -11.50
N ILE A 108 3.58 0.35 -10.62
CA ILE A 108 2.20 0.06 -10.99
C ILE A 108 1.77 0.94 -12.15
N SER A 109 2.39 2.11 -12.24
CA SER A 109 2.08 3.05 -13.30
C SER A 109 2.71 2.58 -14.61
N ARG A 110 3.78 1.80 -14.51
CA ARG A 110 4.45 1.28 -15.69
C ARG A 110 3.93 -0.13 -16.01
N TYR A 111 3.79 -0.95 -14.96
CA TYR A 111 3.29 -2.31 -15.13
C TYR A 111 1.84 -2.31 -15.58
N LYS A 112 1.15 -1.19 -15.36
CA LYS A 112 -0.25 -1.06 -15.73
C LYS A 112 -0.39 -0.98 -17.24
N ASP A 113 0.48 -0.21 -17.88
CA ASP A 113 0.46 -0.02 -19.32
C ASP A 113 1.00 -1.25 -20.06
N ALA A 114 1.41 -2.27 -19.31
CA ALA A 114 1.94 -3.49 -19.91
C ALA A 114 1.18 -4.72 -19.44
N ASP A 115 0.79 -4.72 -18.17
CA ASP A 115 0.06 -5.84 -17.60
C ASP A 115 -1.25 -6.09 -18.36
N PRO B 11 0.73 12.17 26.38
CA PRO B 11 0.62 11.59 25.02
C PRO B 11 1.90 11.79 24.21
N GLY B 12 2.45 10.69 23.68
CA GLY B 12 3.66 10.78 22.89
C GLY B 12 3.38 10.87 21.41
N GLU B 13 2.37 11.65 21.05
CA GLU B 13 2.01 11.83 19.65
C GLU B 13 1.61 10.50 19.02
N GLU B 14 0.39 10.05 19.31
CA GLU B 14 -0.12 8.79 18.78
C GLU B 14 -1.30 9.04 17.84
N GLU B 15 -1.23 8.46 16.65
CA GLU B 15 -2.30 8.62 15.66
C GLU B 15 -3.03 7.30 15.44
N ASP B 16 -3.20 6.53 16.52
CA ASP B 16 -3.88 5.24 16.43
C ASP B 16 -5.39 5.44 16.58
N ASP B 17 -5.95 6.31 15.75
CA ASP B 17 -7.38 6.59 15.80
C ASP B 17 -7.78 7.58 14.71
N GLU B 18 -8.26 7.06 13.59
CA GLU B 18 -8.68 7.88 12.46
C GLU B 18 -7.64 8.95 12.15
N ARG B 19 -6.36 8.59 12.27
CA ARG B 19 -5.28 9.52 12.01
C ARG B 19 -4.22 8.87 11.12
N GLY B 20 -3.51 7.92 11.70
CA GLY B 20 -2.47 7.21 10.96
C GLY B 20 -3.04 6.11 10.09
N ALA B 21 -4.33 6.20 9.80
CA ALA B 21 -5.01 5.21 8.97
C ALA B 21 -6.28 5.77 8.37
N ASP B 22 -6.21 7.02 7.89
CA ASP B 22 -7.39 7.66 7.30
C ASP B 22 -7.01 8.94 6.53
N ALA B 23 -6.19 8.77 5.51
CA ALA B 23 -5.75 9.88 4.67
C ALA B 23 -4.84 9.38 3.55
N THR B 24 -5.16 8.20 3.04
CA THR B 24 -4.35 7.61 1.99
C THR B 24 -5.21 7.03 0.85
N TRP B 25 -6.52 6.99 1.04
CA TRP B 25 -7.42 6.46 0.02
C TRP B 25 -7.92 7.59 -0.86
N ASP B 26 -7.01 8.48 -1.24
CA ASP B 26 -7.34 9.62 -2.07
C ASP B 26 -6.11 10.13 -2.84
N LEU B 27 -5.12 9.27 -3.03
CA LEU B 27 -3.91 9.65 -3.75
C LEU B 27 -3.30 8.49 -4.52
N ASP B 28 -4.05 7.40 -4.65
CA ASP B 28 -3.55 6.23 -5.36
C ASP B 28 -4.22 6.09 -6.73
N LEU B 29 -5.51 6.35 -6.76
CA LEU B 29 -6.29 6.24 -7.99
C LEU B 29 -5.82 7.24 -9.03
N LEU B 30 -4.68 6.93 -9.67
CA LEU B 30 -4.11 7.79 -10.71
C LEU B 30 -2.76 7.26 -11.17
N LEU B 31 -2.78 6.17 -11.94
CA LEU B 31 -1.56 5.56 -12.45
C LEU B 31 -1.46 5.70 -13.96
N THR B 32 -2.10 4.77 -14.68
CA THR B 32 -2.09 4.80 -16.14
C THR B 32 -3.41 5.31 -16.69
N ASN B 33 -3.35 5.91 -17.87
CA ASN B 33 -4.55 6.45 -18.52
C ASN B 33 -4.61 6.05 -19.98
N PHE B 34 -5.52 6.66 -20.72
CA PHE B 34 -5.68 6.36 -22.14
C PHE B 34 -4.88 7.33 -22.99
N SER B 35 -4.70 8.55 -22.49
CA SER B 35 -3.95 9.58 -23.21
C SER B 35 -2.56 9.76 -22.59
N GLY B 36 -1.83 10.75 -23.10
CA GLY B 36 -0.49 11.02 -22.59
C GLY B 36 -0.13 12.49 -22.66
N PRO B 37 -0.42 13.25 -21.58
CA PRO B 37 -0.11 14.69 -21.53
C PRO B 37 1.34 14.99 -21.89
N PRO A 1 18.09 1.74 0.58
CA PRO A 1 18.13 1.97 -0.88
C PRO A 1 16.76 2.33 -1.45
N SER A 2 15.99 3.08 -0.68
CA SER A 2 14.65 3.51 -1.09
C SER A 2 13.69 2.33 -1.14
N HIS A 3 13.96 1.37 -2.03
CA HIS A 3 13.11 0.20 -2.17
C HIS A 3 13.01 -0.57 -0.85
N SER A 4 14.13 -0.64 -0.15
CA SER A 4 14.17 -1.34 1.12
C SER A 4 14.05 -0.36 2.28
N GLY A 5 13.18 -0.69 3.21
CA GLY A 5 12.96 0.14 4.37
C GLY A 5 12.31 -0.66 5.48
N ALA A 6 12.04 -0.03 6.61
CA ALA A 6 11.41 -0.72 7.72
C ALA A 6 9.94 -0.35 7.83
N ALA A 7 9.13 -1.35 8.12
CA ALA A 7 7.69 -1.17 8.26
C ALA A 7 7.13 -2.14 9.28
N ILE A 8 5.94 -1.84 9.80
CA ILE A 8 5.33 -2.71 10.78
C ILE A 8 3.88 -3.04 10.42
N PHE A 9 3.48 -4.26 10.75
CA PHE A 9 2.13 -4.73 10.48
C PHE A 9 1.68 -5.70 11.57
N GLU A 10 0.40 -5.64 11.93
CA GLU A 10 -0.15 -6.50 12.96
C GLU A 10 0.70 -6.44 14.23
N LYS A 11 1.22 -5.26 14.52
CA LYS A 11 2.05 -5.06 15.70
C LYS A 11 3.35 -5.86 15.60
N VAL A 12 3.68 -6.30 14.38
CA VAL A 12 4.91 -7.07 14.17
C VAL A 12 5.85 -6.32 13.23
N SER A 13 7.06 -6.05 13.69
CA SER A 13 8.03 -5.32 12.89
C SER A 13 8.77 -6.22 11.92
N GLY A 14 9.26 -5.61 10.85
CA GLY A 14 9.98 -6.32 9.83
C GLY A 14 10.59 -5.36 8.81
N ILE A 15 11.25 -5.89 7.80
CA ILE A 15 11.84 -5.04 6.77
C ILE A 15 11.05 -5.14 5.49
N ILE A 16 10.81 -3.99 4.89
CA ILE A 16 10.03 -3.89 3.66
C ILE A 16 10.94 -3.64 2.46
N ALA A 17 10.74 -4.37 1.37
CA ALA A 17 11.58 -4.21 0.19
C ALA A 17 10.80 -4.40 -1.11
N ILE A 18 11.07 -3.54 -2.10
CA ILE A 18 10.40 -3.61 -3.39
C ILE A 18 11.23 -4.44 -4.38
N ASN A 19 10.80 -5.68 -4.61
CA ASN A 19 11.50 -6.57 -5.53
C ASN A 19 11.15 -6.25 -6.98
N GLU A 20 12.13 -5.75 -7.70
CA GLU A 20 11.95 -5.41 -9.11
C GLU A 20 12.80 -6.32 -9.98
N ASP A 21 13.03 -7.53 -9.47
CA ASP A 21 13.82 -8.53 -10.18
C ASP A 21 12.93 -9.61 -10.78
N VAL A 22 11.72 -9.73 -10.26
CA VAL A 22 10.78 -10.73 -10.76
C VAL A 22 9.76 -10.10 -11.70
N SER A 23 9.00 -10.92 -12.41
CA SER A 23 8.00 -10.42 -13.35
C SER A 23 7.11 -9.38 -12.68
N PRO A 24 6.29 -9.78 -11.70
CA PRO A 24 5.43 -8.85 -10.98
C PRO A 24 6.20 -8.09 -9.93
N ALA A 25 6.80 -6.98 -10.33
CA ALA A 25 7.58 -6.17 -9.41
C ALA A 25 6.80 -5.96 -8.13
N GLU A 26 7.07 -6.82 -7.17
CA GLU A 26 6.37 -6.79 -5.89
C GLU A 26 7.33 -6.50 -4.74
N LEU A 27 6.76 -6.27 -3.56
CA LEU A 27 7.56 -5.97 -2.38
C LEU A 27 7.16 -6.90 -1.25
N THR A 28 8.15 -7.48 -0.59
CA THR A 28 7.85 -8.38 0.52
C THR A 28 8.36 -7.82 1.82
N TRP A 29 7.64 -8.15 2.88
CA TRP A 29 7.95 -7.67 4.22
C TRP A 29 8.30 -8.81 5.15
N ARG A 30 9.57 -8.90 5.54
CA ARG A 30 10.02 -9.96 6.44
C ARG A 30 10.20 -9.41 7.86
N SER A 31 9.52 -10.03 8.83
CA SER A 31 9.61 -9.60 10.22
C SER A 31 11.07 -9.39 10.65
N THR A 32 11.26 -8.66 11.73
CA THR A 32 12.59 -8.38 12.24
C THR A 32 13.24 -9.65 12.77
N ASP A 33 12.43 -10.55 13.29
CA ASP A 33 12.91 -11.81 13.82
C ASP A 33 12.95 -12.88 12.75
N GLY A 34 12.15 -12.70 11.70
CA GLY A 34 12.10 -13.66 10.62
C GLY A 34 11.03 -14.72 10.82
N ASP A 35 10.19 -14.52 11.84
CA ASP A 35 9.12 -15.46 12.13
C ASP A 35 7.95 -15.30 11.16
N LYS A 36 7.89 -14.16 10.49
CA LYS A 36 6.82 -13.88 9.54
C LYS A 36 7.32 -13.05 8.38
N VAL A 37 6.76 -13.28 7.20
CA VAL A 37 7.14 -12.55 6.00
C VAL A 37 5.93 -12.35 5.09
N HIS A 38 5.58 -11.09 4.84
CA HIS A 38 4.44 -10.79 3.99
C HIS A 38 4.90 -10.23 2.64
N THR A 39 4.73 -11.04 1.61
CA THR A 39 5.08 -10.65 0.24
C THR A 39 3.86 -10.07 -0.46
N VAL A 40 3.86 -8.76 -0.67
CA VAL A 40 2.75 -8.10 -1.34
C VAL A 40 3.02 -7.94 -2.83
N VAL A 41 2.29 -8.68 -3.66
CA VAL A 41 2.50 -8.59 -5.09
C VAL A 41 1.94 -7.31 -5.66
N LEU A 42 2.82 -6.35 -5.90
CA LEU A 42 2.43 -5.06 -6.47
C LEU A 42 1.60 -5.25 -7.73
N SER A 43 1.72 -6.43 -8.34
CA SER A 43 0.98 -6.74 -9.55
C SER A 43 -0.51 -6.71 -9.24
N THR A 44 -0.86 -7.36 -8.15
CA THR A 44 -2.22 -7.40 -7.69
C THR A 44 -2.60 -6.06 -7.07
N ILE A 45 -1.60 -5.28 -6.68
CA ILE A 45 -1.84 -3.97 -6.09
C ILE A 45 -2.14 -2.94 -7.17
N ASP A 46 -3.24 -2.22 -7.00
CA ASP A 46 -3.65 -1.20 -7.97
C ASP A 46 -3.64 0.20 -7.35
N LYS A 47 -3.31 0.28 -6.06
CA LYS A 47 -3.29 1.56 -5.37
C LYS A 47 -2.16 1.61 -4.34
N LEU A 48 -1.56 2.79 -4.20
CA LEU A 48 -0.47 2.99 -3.25
C LEU A 48 -0.39 4.45 -2.82
N GLN A 49 -0.29 4.69 -1.52
CA GLN A 49 -0.23 6.05 -1.01
C GLN A 49 0.62 6.12 0.25
N ALA A 50 1.49 7.13 0.32
CA ALA A 50 2.34 7.32 1.50
C ALA A 50 2.01 8.64 2.16
N THR A 51 2.00 8.66 3.47
CA THR A 51 1.66 9.87 4.21
C THR A 51 2.82 10.87 4.26
N PRO A 52 2.58 12.08 3.73
CA PRO A 52 3.55 13.17 3.70
C PRO A 52 3.50 13.98 4.99
N ALA A 53 4.49 14.83 5.19
CA ALA A 53 4.57 15.68 6.39
C ALA A 53 3.29 16.49 6.62
N SER A 54 2.22 16.20 5.88
CA SER A 54 0.95 16.91 6.04
C SER A 54 0.41 16.69 7.44
N SER A 55 0.72 15.53 7.97
CA SER A 55 0.30 15.15 9.30
C SER A 55 1.48 14.60 10.10
N GLU A 56 1.34 14.56 11.42
CA GLU A 56 2.41 14.03 12.27
C GLU A 56 2.56 12.52 12.06
N LYS A 57 1.58 11.94 11.35
CA LYS A 57 1.56 10.51 11.07
C LYS A 57 2.87 10.01 10.47
N MET A 58 2.84 8.76 10.01
CA MET A 58 4.00 8.11 9.42
C MET A 58 3.64 6.68 9.00
N MET A 59 2.95 6.54 7.88
CA MET A 59 2.57 5.21 7.40
C MET A 59 2.37 5.17 5.88
N LEU A 60 2.46 3.96 5.34
CA LEU A 60 2.29 3.72 3.91
C LEU A 60 1.02 2.89 3.70
N ARG A 61 0.15 3.33 2.80
CA ARG A 61 -1.10 2.61 2.53
C ARG A 61 -1.17 2.13 1.09
N LEU A 62 -1.40 0.82 0.92
CA LEU A 62 -1.49 0.23 -0.40
C LEU A 62 -2.73 -0.66 -0.51
N ILE A 63 -3.51 -0.46 -1.57
CA ILE A 63 -4.73 -1.24 -1.78
C ILE A 63 -4.52 -2.28 -2.88
N GLY A 64 -4.98 -3.50 -2.63
CA GLY A 64 -4.84 -4.57 -3.61
C GLY A 64 -5.67 -4.33 -4.85
N LYS A 65 -6.18 -5.42 -5.43
CA LYS A 65 -7.00 -5.32 -6.64
C LYS A 65 -8.43 -5.72 -6.34
N VAL A 66 -9.28 -5.69 -7.38
CA VAL A 66 -10.68 -6.03 -7.23
C VAL A 66 -11.00 -7.36 -7.93
N ASP A 67 -12.07 -8.00 -7.50
CA ASP A 67 -12.48 -9.28 -8.08
C ASP A 67 -13.96 -9.27 -8.42
N GLU A 68 -14.32 -8.55 -9.48
CA GLU A 68 -15.70 -8.45 -9.91
C GLU A 68 -16.05 -9.57 -10.90
N SER A 69 -15.28 -10.65 -10.88
CA SER A 69 -15.52 -11.78 -11.77
C SER A 69 -16.37 -12.85 -11.09
N LYS A 70 -16.44 -12.79 -9.77
CA LYS A 70 -17.22 -13.76 -9.00
C LYS A 70 -18.13 -13.06 -8.00
N LYS A 71 -18.22 -11.73 -8.09
CA LYS A 71 -19.06 -10.95 -7.18
C LYS A 71 -20.46 -11.56 -7.07
N ARG A 72 -21.27 -10.98 -6.18
CA ARG A 72 -22.64 -11.46 -5.98
C ARG A 72 -23.64 -10.47 -6.56
N LYS A 73 -24.76 -10.99 -7.07
CA LYS A 73 -25.79 -10.15 -7.66
C LYS A 73 -26.65 -9.51 -6.57
N ASP A 74 -27.31 -8.41 -6.93
CA ASP A 74 -28.17 -7.70 -5.99
C ASP A 74 -29.62 -8.13 -6.15
N ASN A 75 -30.51 -7.48 -5.39
CA ASN A 75 -31.94 -7.80 -5.45
C ASN A 75 -32.52 -7.47 -6.81
N GLU A 76 -32.00 -6.40 -7.41
CA GLU A 76 -32.46 -5.96 -8.71
C GLU A 76 -31.53 -6.47 -9.82
N GLY A 77 -30.32 -6.85 -9.43
CA GLY A 77 -29.36 -7.35 -10.40
C GLY A 77 -28.26 -6.35 -10.69
N ASN A 78 -28.03 -5.43 -9.75
CA ASN A 78 -26.99 -4.42 -9.91
C ASN A 78 -25.61 -5.00 -9.68
N GLU A 79 -25.55 -6.06 -8.86
CA GLU A 79 -24.28 -6.73 -8.55
C GLU A 79 -23.34 -5.78 -7.82
N VAL A 80 -22.09 -6.19 -7.67
CA VAL A 80 -21.09 -5.38 -6.97
C VAL A 80 -19.69 -5.92 -7.22
N VAL A 81 -18.73 -5.41 -6.45
CA VAL A 81 -17.34 -5.85 -6.57
C VAL A 81 -16.71 -6.01 -5.19
N PRO A 82 -16.07 -7.16 -4.92
CA PRO A 82 -15.42 -7.42 -3.63
C PRO A 82 -14.46 -6.31 -3.23
N LYS A 83 -14.87 -5.50 -2.26
CA LYS A 83 -14.05 -4.39 -1.78
C LYS A 83 -12.63 -4.87 -1.46
N PRO A 84 -11.64 -4.51 -2.32
CA PRO A 84 -10.25 -4.91 -2.11
C PRO A 84 -9.76 -4.65 -0.69
N GLN A 85 -8.90 -5.52 -0.20
CA GLN A 85 -8.36 -5.39 1.15
C GLN A 85 -7.28 -4.32 1.20
N ARG A 86 -7.54 -3.25 1.94
CA ARG A 86 -6.59 -2.16 2.08
C ARG A 86 -5.53 -2.48 3.13
N HIS A 87 -4.27 -2.36 2.74
CA HIS A 87 -3.17 -2.63 3.65
C HIS A 87 -2.53 -1.34 4.15
N MET A 88 -2.66 -1.08 5.45
CA MET A 88 -2.09 0.12 6.04
C MET A 88 -0.80 -0.20 6.78
N PHE A 89 0.31 0.21 6.20
CA PHE A 89 1.62 -0.02 6.80
C PHE A 89 2.05 1.21 7.59
N SER A 90 2.68 1.01 8.74
CA SER A 90 3.10 2.13 9.57
C SER A 90 4.45 1.89 10.24
N PHE A 91 5.37 2.83 10.03
CA PHE A 91 6.69 2.76 10.62
C PHE A 91 7.06 4.10 11.24
N ASN A 92 7.79 4.05 12.35
CA ASN A 92 8.21 5.27 13.06
C ASN A 92 8.92 6.26 12.14
N ASN A 93 9.35 5.79 10.97
CA ASN A 93 10.06 6.65 10.03
C ASN A 93 9.11 7.38 9.10
N ARG A 94 9.34 8.69 8.95
CA ARG A 94 8.53 9.52 8.06
C ARG A 94 9.28 9.81 6.77
N THR A 95 10.60 9.92 6.88
CA THR A 95 11.45 10.19 5.72
C THR A 95 11.60 8.92 4.89
N VAL A 96 11.86 7.81 5.57
CA VAL A 96 12.02 6.52 4.91
C VAL A 96 10.78 6.17 4.11
N MET A 97 9.64 6.09 4.78
CA MET A 97 8.38 5.76 4.12
C MET A 97 8.18 6.56 2.83
N ASP A 98 8.29 7.88 2.94
CA ASP A 98 8.12 8.75 1.79
C ASP A 98 9.07 8.39 0.65
N ASN A 99 10.16 7.71 0.97
CA ASN A 99 11.14 7.33 -0.04
C ASN A 99 10.76 6.01 -0.72
N ILE A 100 10.51 4.98 0.09
CA ILE A 100 10.14 3.67 -0.43
C ILE A 100 8.76 3.71 -1.09
N LYS A 101 7.89 4.61 -0.65
CA LYS A 101 6.56 4.72 -1.21
C LYS A 101 6.63 5.16 -2.67
N MET A 102 7.51 6.10 -2.94
CA MET A 102 7.69 6.61 -4.29
C MET A 102 8.05 5.48 -5.25
N THR A 103 8.87 4.54 -4.77
CA THR A 103 9.28 3.40 -5.58
C THR A 103 8.07 2.67 -6.14
N LEU A 104 7.08 2.41 -5.29
CA LEU A 104 5.87 1.71 -5.70
C LEU A 104 4.95 2.65 -6.48
N GLN A 105 4.93 3.92 -6.08
CA GLN A 105 4.10 4.91 -6.74
C GLN A 105 4.42 4.98 -8.23
N GLN A 106 5.70 5.07 -8.55
CA GLN A 106 6.13 5.14 -9.95
C GLN A 106 5.71 3.88 -10.70
N ILE A 107 5.79 2.74 -10.03
CA ILE A 107 5.42 1.47 -10.62
C ILE A 107 3.98 1.51 -11.16
N ILE A 108 3.05 1.95 -10.33
CA ILE A 108 1.65 2.04 -10.75
C ILE A 108 1.53 2.79 -12.06
N SER A 109 2.43 3.74 -12.25
CA SER A 109 2.46 4.55 -13.45
C SER A 109 2.92 3.74 -14.65
N ARG A 110 3.65 2.66 -14.39
CA ARG A 110 4.12 1.78 -15.46
C ARG A 110 3.18 0.59 -15.56
N TYR A 111 2.76 0.07 -14.41
CA TYR A 111 1.84 -1.05 -14.37
C TYR A 111 0.49 -0.67 -14.96
N LYS A 112 0.14 0.61 -14.84
CA LYS A 112 -1.12 1.12 -15.35
C LYS A 112 -1.21 0.94 -16.85
N ASP A 113 -0.26 1.54 -17.56
CA ASP A 113 -0.21 1.48 -19.01
C ASP A 113 0.13 0.08 -19.52
N ALA A 114 0.33 -0.86 -18.61
CA ALA A 114 0.67 -2.22 -18.99
C ALA A 114 -0.42 -3.20 -18.55
N ASP A 115 -1.10 -2.88 -17.46
CA ASP A 115 -2.17 -3.73 -16.94
C ASP A 115 -3.27 -3.90 -17.98
N PRO B 11 6.39 18.63 19.60
CA PRO B 11 7.00 18.41 20.94
C PRO B 11 7.75 17.09 21.01
N GLY B 12 7.04 16.00 20.77
CA GLY B 12 7.66 14.68 20.82
C GLY B 12 7.16 13.76 19.73
N GLU B 13 6.17 12.94 20.07
CA GLU B 13 5.59 12.00 19.10
C GLU B 13 4.09 11.88 19.31
N GLU B 14 3.39 11.51 18.23
CA GLU B 14 1.94 11.35 18.30
C GLU B 14 1.56 9.89 18.46
N GLU B 15 0.28 9.59 18.25
CA GLU B 15 -0.21 8.21 18.38
C GLU B 15 -1.01 7.81 17.14
N ASP B 16 -1.55 6.60 17.17
CA ASP B 16 -2.34 6.08 16.05
C ASP B 16 -3.84 6.27 16.32
N ASP B 17 -4.29 7.52 16.25
CA ASP B 17 -5.68 7.83 16.48
C ASP B 17 -6.09 9.11 15.75
N GLU B 18 -6.46 8.97 14.48
CA GLU B 18 -6.87 10.10 13.66
C GLU B 18 -5.91 11.29 13.81
N ARG B 19 -4.63 10.98 13.98
CA ARG B 19 -3.63 12.01 14.13
C ARG B 19 -2.30 11.58 13.50
N GLY B 20 -1.61 10.68 14.17
CA GLY B 20 -0.35 10.18 13.67
C GLY B 20 -0.53 8.94 12.83
N ALA B 21 -1.71 8.79 12.23
CA ALA B 21 -2.01 7.65 11.39
C ALA B 21 -3.30 7.88 10.61
N ASP B 22 -3.41 9.06 10.01
CA ASP B 22 -4.61 9.40 9.24
C ASP B 22 -4.35 10.55 8.26
N ALA B 23 -3.30 10.41 7.45
CA ALA B 23 -2.96 11.43 6.46
C ALA B 23 -2.89 10.81 5.07
N THR B 24 -2.99 9.49 4.99
CA THR B 24 -2.95 8.78 3.70
C THR B 24 -4.31 8.77 3.03
N TRP B 25 -5.32 9.26 3.75
CA TRP B 25 -6.68 9.30 3.21
C TRP B 25 -6.87 10.55 2.37
N ASP B 26 -5.81 10.90 1.62
CA ASP B 26 -5.81 12.08 0.77
C ASP B 26 -4.46 12.21 0.09
N LEU B 27 -3.89 11.07 -0.31
CA LEU B 27 -2.58 11.05 -0.95
C LEU B 27 -2.69 10.76 -2.45
N ASP B 28 -2.68 9.48 -2.81
CA ASP B 28 -2.76 9.07 -4.20
C ASP B 28 -4.22 8.89 -4.64
N LEU B 29 -4.56 7.70 -5.16
CA LEU B 29 -5.92 7.43 -5.61
C LEU B 29 -6.29 8.29 -6.81
N LEU B 30 -5.35 8.42 -7.74
CA LEU B 30 -5.57 9.21 -8.95
C LEU B 30 -4.88 8.57 -10.15
N LEU B 31 -4.70 7.25 -10.08
CA LEU B 31 -4.04 6.51 -11.15
C LEU B 31 -5.00 5.51 -11.81
N THR B 32 -4.45 4.53 -12.52
CA THR B 32 -5.25 3.51 -13.19
C THR B 32 -6.30 2.92 -12.24
N ASN B 33 -7.52 2.80 -12.72
CA ASN B 33 -8.61 2.26 -11.92
C ASN B 33 -9.60 1.49 -12.79
N PHE B 34 -10.70 1.06 -12.21
CA PHE B 34 -11.72 0.31 -12.93
C PHE B 34 -12.24 1.11 -14.13
N SER B 35 -12.23 2.43 -14.00
CA SER B 35 -12.69 3.31 -15.07
C SER B 35 -11.51 4.02 -15.74
N GLY B 36 -11.77 4.66 -16.87
CA GLY B 36 -10.73 5.36 -17.58
C GLY B 36 -10.90 5.31 -19.09
N PRO B 37 -9.83 5.55 -19.85
CA PRO B 37 -9.90 5.52 -21.33
C PRO B 37 -10.09 4.11 -21.87
N PRO A 1 15.11 5.09 -6.20
CA PRO A 1 15.72 3.76 -6.30
C PRO A 1 15.75 3.03 -4.96
N SER A 2 14.71 3.23 -4.17
CA SER A 2 14.61 2.61 -2.85
C SER A 2 13.45 1.62 -2.80
N HIS A 3 13.75 0.37 -2.45
CA HIS A 3 12.73 -0.67 -2.37
C HIS A 3 12.59 -1.18 -0.94
N SER A 4 13.73 -1.36 -0.29
CA SER A 4 13.74 -1.85 1.09
C SER A 4 13.55 -0.70 2.06
N GLY A 5 12.65 -0.89 3.00
CA GLY A 5 12.37 0.11 4.00
C GLY A 5 11.64 -0.50 5.17
N ALA A 6 11.29 0.31 6.16
CA ALA A 6 10.60 -0.21 7.32
C ALA A 6 9.11 0.14 7.26
N ALA A 7 8.29 -0.81 7.67
CA ALA A 7 6.85 -0.62 7.67
C ALA A 7 6.21 -1.36 8.83
N ILE A 8 5.02 -0.92 9.23
CA ILE A 8 4.33 -1.57 10.34
C ILE A 8 2.87 -1.79 10.02
N PHE A 9 2.35 -2.93 10.47
CA PHE A 9 0.96 -3.29 10.26
C PHE A 9 0.41 -4.06 11.45
N GLU A 10 -0.86 -3.81 11.78
CA GLU A 10 -1.51 -4.47 12.91
C GLU A 10 -0.63 -4.40 14.16
N LYS A 11 0.09 -3.29 14.30
CA LYS A 11 0.96 -3.09 15.45
C LYS A 11 2.17 -4.02 15.42
N VAL A 12 2.46 -4.59 14.26
CA VAL A 12 3.60 -5.48 14.11
C VAL A 12 4.62 -4.85 13.17
N SER A 13 5.84 -4.63 13.66
CA SER A 13 6.87 -4.02 12.84
C SER A 13 7.65 -5.05 12.04
N GLY A 14 8.12 -4.60 10.89
CA GLY A 14 8.88 -5.44 9.98
C GLY A 14 9.54 -4.62 8.90
N ILE A 15 10.22 -5.28 7.98
CA ILE A 15 10.88 -4.57 6.89
C ILE A 15 10.12 -4.80 5.60
N ILE A 16 9.91 -3.71 4.87
CA ILE A 16 9.17 -3.74 3.63
C ILE A 16 10.11 -3.61 2.43
N ALA A 17 10.00 -4.54 1.47
CA ALA A 17 10.88 -4.53 0.31
C ALA A 17 10.15 -4.90 -0.98
N ILE A 18 10.54 -4.25 -2.08
CA ILE A 18 9.96 -4.53 -3.39
C ILE A 18 10.90 -5.41 -4.22
N ASN A 19 10.33 -6.29 -5.01
CA ASN A 19 11.10 -7.20 -5.85
C ASN A 19 10.71 -7.06 -7.31
N GLU A 20 11.63 -6.53 -8.10
CA GLU A 20 11.40 -6.36 -9.53
C GLU A 20 12.21 -7.37 -10.31
N ASP A 21 12.46 -8.51 -9.67
CA ASP A 21 13.23 -9.59 -10.29
C ASP A 21 12.30 -10.67 -10.80
N VAL A 22 11.12 -10.77 -10.20
CA VAL A 22 10.13 -11.77 -10.62
C VAL A 22 9.11 -11.16 -11.57
N SER A 23 8.31 -12.00 -12.21
CA SER A 23 7.30 -11.50 -13.15
C SER A 23 6.47 -10.39 -12.52
N PRO A 24 5.64 -10.72 -11.50
CA PRO A 24 4.83 -9.73 -10.81
C PRO A 24 5.65 -8.94 -9.81
N ALA A 25 6.31 -7.89 -10.27
CA ALA A 25 7.13 -7.07 -9.38
C ALA A 25 6.35 -6.75 -8.12
N GLU A 26 6.60 -7.54 -7.09
CA GLU A 26 5.88 -7.40 -5.83
C GLU A 26 6.82 -7.06 -4.68
N LEU A 27 6.23 -6.72 -3.53
CA LEU A 27 6.98 -6.36 -2.36
C LEU A 27 6.48 -7.14 -1.17
N THR A 28 7.39 -7.61 -0.33
CA THR A 28 6.99 -8.38 0.83
C THR A 28 7.47 -7.72 2.11
N TRP A 29 6.67 -7.90 3.15
CA TRP A 29 6.94 -7.35 4.45
C TRP A 29 7.29 -8.45 5.45
N ARG A 30 8.37 -8.25 6.20
CA ARG A 30 8.78 -9.26 7.18
C ARG A 30 9.00 -8.64 8.55
N SER A 31 8.28 -9.13 9.56
CA SER A 31 8.41 -8.60 10.92
C SER A 31 9.85 -8.73 11.41
N THR A 32 10.23 -7.84 12.32
CA THR A 32 11.58 -7.84 12.87
C THR A 32 11.81 -9.08 13.73
N ASP A 33 10.74 -9.62 14.27
CA ASP A 33 10.81 -10.80 15.12
C ASP A 33 11.12 -12.05 14.29
N GLY A 34 10.67 -12.04 13.05
CA GLY A 34 10.91 -13.17 12.16
C GLY A 34 9.85 -14.25 12.33
N ASP A 35 8.65 -13.85 12.74
CA ASP A 35 7.56 -14.78 12.94
C ASP A 35 6.39 -14.47 12.02
N LYS A 36 6.49 -13.39 11.25
CA LYS A 36 5.42 -13.01 10.34
C LYS A 36 5.97 -12.22 9.15
N VAL A 37 5.45 -12.52 7.97
CA VAL A 37 5.88 -11.86 6.75
C VAL A 37 4.71 -11.72 5.78
N HIS A 38 4.43 -10.49 5.35
CA HIS A 38 3.34 -10.25 4.41
C HIS A 38 3.86 -9.88 3.03
N THR A 39 3.70 -10.78 2.10
CA THR A 39 4.11 -10.58 0.70
C THR A 39 2.94 -10.05 -0.11
N VAL A 40 2.98 -8.78 -0.48
CA VAL A 40 1.91 -8.19 -1.26
C VAL A 40 2.27 -8.15 -2.73
N VAL A 41 1.59 -8.96 -3.54
CA VAL A 41 1.89 -8.99 -4.97
C VAL A 41 1.41 -7.73 -5.65
N LEU A 42 2.33 -6.81 -5.86
CA LEU A 42 2.04 -5.54 -6.52
C LEU A 42 1.23 -5.75 -7.79
N SER A 43 1.34 -6.95 -8.36
CA SER A 43 0.61 -7.28 -9.58
C SER A 43 -0.88 -7.21 -9.31
N THR A 44 -1.29 -7.92 -8.28
CA THR A 44 -2.68 -7.93 -7.87
C THR A 44 -3.07 -6.54 -7.37
N ILE A 45 -2.07 -5.74 -7.02
CA ILE A 45 -2.31 -4.39 -6.54
C ILE A 45 -2.65 -3.46 -7.70
N ASP A 46 -3.68 -2.63 -7.53
CA ASP A 46 -4.11 -1.71 -8.57
C ASP A 46 -4.10 -0.26 -8.08
N LYS A 47 -3.68 -0.05 -6.84
CA LYS A 47 -3.64 1.30 -6.28
C LYS A 47 -2.75 1.36 -5.05
N LEU A 48 -2.17 2.54 -4.80
CA LEU A 48 -1.29 2.74 -3.66
C LEU A 48 -1.30 4.22 -3.25
N GLN A 49 -0.93 4.50 -2.01
CA GLN A 49 -0.89 5.87 -1.52
C GLN A 49 0.22 6.09 -0.51
N ALA A 50 0.59 7.35 -0.32
CA ALA A 50 1.64 7.72 0.63
C ALA A 50 1.34 9.09 1.25
N THR A 51 2.02 9.40 2.33
CA THR A 51 1.80 10.67 3.00
C THR A 51 2.72 11.77 2.46
N PRO A 52 2.11 12.85 1.93
CA PRO A 52 2.82 13.98 1.36
C PRO A 52 3.02 15.10 2.37
N ALA A 53 3.89 16.06 2.04
CA ALA A 53 4.16 17.19 2.91
C ALA A 53 2.88 17.90 3.37
N SER A 54 1.72 17.46 2.86
CA SER A 54 0.44 18.06 3.24
C SER A 54 0.20 17.91 4.72
N SER A 55 0.73 16.84 5.26
CA SER A 55 0.59 16.54 6.68
C SER A 55 1.90 16.05 7.27
N GLU A 56 1.93 15.86 8.58
CA GLU A 56 3.14 15.41 9.26
C GLU A 56 3.13 13.90 9.49
N LYS A 57 2.43 13.18 8.62
CA LYS A 57 2.34 11.73 8.74
C LYS A 57 3.28 11.04 7.76
N MET A 58 3.74 9.85 8.12
CA MET A 58 4.63 9.07 7.28
C MET A 58 4.13 7.63 7.17
N MET A 59 3.24 7.40 6.20
CA MET A 59 2.68 6.07 6.00
C MET A 59 2.33 5.81 4.54
N LEU A 60 2.32 4.54 4.15
CA LEU A 60 1.99 4.14 2.80
C LEU A 60 0.68 3.35 2.79
N ARG A 61 0.07 3.19 1.63
CA ARG A 61 -1.19 2.47 1.52
C ARG A 61 -1.28 1.71 0.20
N LEU A 62 -1.94 0.56 0.23
CA LEU A 62 -2.10 -0.26 -0.97
C LEU A 62 -3.55 -0.70 -1.14
N ILE A 63 -3.99 -0.81 -2.39
CA ILE A 63 -5.35 -1.22 -2.68
C ILE A 63 -5.37 -2.33 -3.73
N GLY A 64 -5.64 -3.55 -3.28
CA GLY A 64 -5.68 -4.68 -4.19
C GLY A 64 -6.74 -4.54 -5.26
N LYS A 65 -7.03 -5.62 -5.97
CA LYS A 65 -8.03 -5.60 -7.02
C LYS A 65 -9.41 -5.98 -6.47
N VAL A 66 -10.37 -6.13 -7.37
CA VAL A 66 -11.74 -6.48 -6.98
C VAL A 66 -12.09 -7.88 -7.46
N ASP A 67 -12.62 -8.69 -6.54
CA ASP A 67 -13.01 -10.06 -6.87
C ASP A 67 -14.44 -10.34 -6.41
N GLU A 68 -15.39 -10.16 -7.31
CA GLU A 68 -16.80 -10.38 -7.01
C GLU A 68 -17.10 -11.87 -6.87
N SER A 69 -16.25 -12.70 -7.45
CA SER A 69 -16.44 -14.16 -7.41
C SER A 69 -16.67 -14.64 -5.97
N LYS A 70 -16.16 -13.91 -5.01
CA LYS A 70 -16.30 -14.26 -3.61
C LYS A 70 -17.43 -13.48 -2.94
N LYS A 71 -18.26 -12.84 -3.75
CA LYS A 71 -19.38 -12.05 -3.23
C LYS A 71 -20.24 -12.85 -2.25
N ARG A 72 -21.42 -12.31 -1.95
CA ARG A 72 -22.36 -12.95 -1.03
C ARG A 72 -23.74 -12.33 -1.19
N LYS A 73 -24.76 -13.16 -1.25
CA LYS A 73 -26.14 -12.68 -1.39
C LYS A 73 -26.50 -11.71 -0.27
N ASP A 74 -27.79 -11.41 -0.15
CA ASP A 74 -28.27 -10.49 0.87
C ASP A 74 -29.79 -10.56 1.00
N ASN A 75 -30.48 -10.12 -0.06
CA ASN A 75 -31.93 -10.13 -0.06
C ASN A 75 -32.47 -10.72 -1.35
N GLU A 76 -32.54 -9.91 -2.39
CA GLU A 76 -33.05 -10.35 -3.68
C GLU A 76 -31.91 -10.81 -4.58
N GLY A 77 -30.98 -11.57 -4.02
CA GLY A 77 -29.85 -12.06 -4.79
C GLY A 77 -29.08 -10.95 -5.49
N ASN A 78 -28.98 -9.80 -4.83
CA ASN A 78 -28.27 -8.66 -5.39
C ASN A 78 -26.76 -8.82 -5.22
N GLU A 79 -26.36 -9.31 -4.04
CA GLU A 79 -24.94 -9.50 -3.74
C GLU A 79 -24.12 -8.26 -4.09
N VAL A 80 -22.80 -8.42 -4.14
CA VAL A 80 -21.92 -7.30 -4.47
C VAL A 80 -20.46 -7.74 -4.48
N VAL A 81 -19.65 -7.02 -5.25
CA VAL A 81 -18.23 -7.30 -5.35
C VAL A 81 -17.48 -6.81 -4.11
N PRO A 82 -16.96 -7.72 -3.27
CA PRO A 82 -16.23 -7.36 -2.06
C PRO A 82 -15.11 -6.35 -2.34
N LYS A 83 -15.24 -5.16 -1.75
CA LYS A 83 -14.25 -4.10 -1.94
C LYS A 83 -12.82 -4.65 -1.78
N PRO A 84 -11.86 -4.10 -2.55
CA PRO A 84 -10.46 -4.54 -2.49
C PRO A 84 -9.88 -4.47 -1.08
N GLN A 85 -8.92 -5.34 -0.80
CA GLN A 85 -8.29 -5.37 0.51
C GLN A 85 -7.33 -4.21 0.68
N ARG A 86 -7.88 -3.03 0.97
CA ARG A 86 -7.08 -1.82 1.15
C ARG A 86 -6.50 -1.76 2.55
N HIS A 87 -5.18 -1.74 2.65
CA HIS A 87 -4.50 -1.67 3.94
C HIS A 87 -3.65 -0.41 4.05
N MET A 88 -3.43 0.05 5.27
CA MET A 88 -2.63 1.23 5.51
C MET A 88 -1.35 0.89 6.26
N PHE A 89 -0.22 1.10 5.60
CA PHE A 89 1.09 0.83 6.20
C PHE A 89 1.61 2.09 6.86
N SER A 90 1.90 2.02 8.16
CA SER A 90 2.36 3.20 8.90
C SER A 90 3.75 3.01 9.47
N PHE A 91 4.56 4.06 9.39
CA PHE A 91 5.91 4.04 9.91
C PHE A 91 6.30 5.44 10.42
N ASN A 92 7.44 5.52 11.10
CA ASN A 92 7.90 6.79 11.65
C ASN A 92 9.05 7.38 10.84
N ASN A 93 9.05 7.11 9.54
CA ASN A 93 10.10 7.64 8.66
C ASN A 93 9.50 8.29 7.42
N ARG A 94 9.42 9.63 7.45
CA ARG A 94 8.88 10.38 6.32
C ARG A 94 9.76 10.20 5.08
N THR A 95 11.03 9.92 5.29
CA THR A 95 11.97 9.72 4.22
C THR A 95 11.86 8.31 3.64
N VAL A 96 11.67 7.33 4.52
CA VAL A 96 11.55 5.94 4.10
C VAL A 96 10.25 5.71 3.33
N MET A 97 9.17 6.30 3.80
CA MET A 97 7.86 6.14 3.17
C MET A 97 7.87 6.64 1.72
N ASP A 98 8.30 7.88 1.53
CA ASP A 98 8.34 8.48 0.21
C ASP A 98 9.43 7.86 -0.67
N ASN A 99 10.43 7.26 -0.04
CA ASN A 99 11.54 6.66 -0.78
C ASN A 99 11.15 5.31 -1.39
N ILE A 100 10.33 4.55 -0.68
CA ILE A 100 9.91 3.24 -1.16
C ILE A 100 8.68 3.33 -2.06
N LYS A 101 7.81 4.31 -1.79
CA LYS A 101 6.61 4.49 -2.59
C LYS A 101 6.95 5.09 -3.95
N MET A 102 7.84 6.07 -3.93
CA MET A 102 8.26 6.74 -5.16
C MET A 102 8.63 5.72 -6.24
N THR A 103 9.15 4.59 -5.80
CA THR A 103 9.56 3.52 -6.71
C THR A 103 8.40 2.56 -7.00
N LEU A 104 7.84 1.99 -5.95
CA LEU A 104 6.74 1.04 -6.08
C LEU A 104 5.51 1.71 -6.72
N GLN A 105 5.43 3.02 -6.61
CA GLN A 105 4.30 3.77 -7.17
C GLN A 105 4.39 3.82 -8.69
N GLN A 106 5.52 4.30 -9.20
CA GLN A 106 5.72 4.41 -10.65
C GLN A 106 5.35 3.10 -11.34
N ILE A 107 5.51 1.99 -10.64
CA ILE A 107 5.19 0.68 -11.18
C ILE A 107 3.69 0.54 -11.44
N ILE A 108 2.88 0.64 -10.40
CA ILE A 108 1.44 0.52 -10.57
C ILE A 108 0.95 1.49 -11.62
N SER A 109 1.68 2.59 -11.77
CA SER A 109 1.34 3.60 -12.75
C SER A 109 1.67 3.11 -14.16
N ARG A 110 2.63 2.20 -14.25
CA ARG A 110 3.04 1.64 -15.53
C ARG A 110 2.39 0.27 -15.75
N TYR A 111 2.36 -0.56 -14.69
CA TYR A 111 1.77 -1.88 -14.78
C TYR A 111 0.31 -1.79 -15.21
N LYS A 112 -0.35 -0.70 -14.86
CA LYS A 112 -1.74 -0.50 -15.20
C LYS A 112 -1.92 -0.37 -16.71
N ASP A 113 -1.24 0.61 -17.31
CA ASP A 113 -1.33 0.85 -18.75
C ASP A 113 -0.60 -0.23 -19.55
N ALA A 114 -0.02 -1.19 -18.86
CA ALA A 114 0.71 -2.27 -19.53
C ALA A 114 0.05 -3.62 -19.29
N ASP A 115 -0.60 -3.75 -18.14
CA ASP A 115 -1.28 -5.00 -17.79
C ASP A 115 -2.35 -5.34 -18.82
N PRO B 11 7.09 4.73 24.53
CA PRO B 11 6.03 3.99 25.25
C PRO B 11 5.08 3.29 24.30
N GLY B 12 4.53 4.03 23.35
CA GLY B 12 3.61 3.47 22.39
C GLY B 12 3.36 4.38 21.20
N GLU B 13 3.92 4.02 20.06
CA GLU B 13 3.76 4.81 18.84
C GLU B 13 2.57 4.32 18.02
N GLU B 14 1.80 5.26 17.50
CA GLU B 14 0.62 4.92 16.69
C GLU B 14 -0.05 6.19 16.17
N GLU B 15 -0.57 7.00 17.08
CA GLU B 15 -1.24 8.24 16.71
C GLU B 15 -2.44 7.96 15.82
N ASP B 16 -3.03 6.78 15.97
CA ASP B 16 -4.19 6.40 15.17
C ASP B 16 -5.42 7.19 15.59
N ASP B 17 -5.36 8.51 15.40
CA ASP B 17 -6.48 9.38 15.75
C ASP B 17 -6.40 10.70 14.99
N GLU B 18 -6.66 10.65 13.69
CA GLU B 18 -6.62 11.83 12.85
C GLU B 18 -5.39 12.69 13.12
N ARG B 19 -4.25 12.04 13.30
CA ARG B 19 -3.01 12.73 13.57
C ARG B 19 -1.92 12.31 12.58
N GLY B 20 -1.57 11.04 12.64
CA GLY B 20 -0.56 10.51 11.76
C GLY B 20 -1.13 9.48 10.81
N ALA B 21 -2.42 9.63 10.50
CA ALA B 21 -3.11 8.71 9.60
C ALA B 21 -4.28 9.43 8.93
N ASP B 22 -4.02 10.61 8.38
CA ASP B 22 -5.07 11.39 7.74
C ASP B 22 -4.49 12.31 6.65
N ALA B 23 -3.61 11.75 5.81
CA ALA B 23 -3.00 12.52 4.73
C ALA B 23 -2.42 11.60 3.67
N THR B 24 -3.22 10.64 3.20
CA THR B 24 -2.77 9.69 2.19
C THR B 24 -3.84 9.42 1.13
N TRP B 25 -5.10 9.66 1.46
CA TRP B 25 -6.19 9.41 0.52
C TRP B 25 -6.53 10.65 -0.29
N ASP B 26 -5.55 11.52 -0.55
CA ASP B 26 -5.81 12.72 -1.32
C ASP B 26 -4.59 13.20 -2.10
N LEU B 27 -3.55 12.37 -2.17
CA LEU B 27 -2.34 12.73 -2.91
C LEU B 27 -2.02 11.71 -3.98
N ASP B 28 -2.56 10.50 -3.82
CA ASP B 28 -2.32 9.43 -4.78
C ASP B 28 -3.55 9.22 -5.67
N LEU B 29 -3.69 8.00 -6.20
CA LEU B 29 -4.83 7.69 -7.06
C LEU B 29 -4.76 8.48 -8.36
N LEU B 30 -3.95 8.00 -9.30
CA LEU B 30 -3.78 8.66 -10.59
C LEU B 30 -2.82 7.87 -11.47
N LEU B 31 -2.99 6.55 -11.49
CA LEU B 31 -2.13 5.67 -12.27
C LEU B 31 -2.37 5.86 -13.77
N THR B 32 -1.28 5.86 -14.55
CA THR B 32 -1.37 6.03 -15.99
C THR B 32 -2.15 7.29 -16.36
N ASN B 33 -1.63 8.43 -15.91
CA ASN B 33 -2.26 9.71 -16.20
C ASN B 33 -1.23 10.79 -16.45
N PHE B 34 -0.34 11.00 -15.48
CA PHE B 34 0.71 12.00 -15.60
C PHE B 34 2.02 11.50 -14.99
N SER B 35 1.93 10.97 -13.77
CA SER B 35 3.10 10.45 -13.07
C SER B 35 4.12 11.57 -12.84
N GLY B 36 3.62 12.78 -12.61
CA GLY B 36 4.51 13.90 -12.37
C GLY B 36 4.08 15.14 -13.13
N PRO B 37 3.13 15.93 -12.58
CA PRO B 37 2.64 17.14 -13.22
C PRO B 37 3.69 18.26 -13.23
N PRO A 1 15.30 6.31 -5.14
CA PRO A 1 16.31 5.24 -5.24
C PRO A 1 16.56 4.56 -3.90
N SER A 2 15.50 4.42 -3.11
CA SER A 2 15.61 3.79 -1.79
C SER A 2 15.15 2.34 -1.85
N HIS A 3 13.83 2.15 -1.96
CA HIS A 3 13.25 0.81 -2.03
C HIS A 3 13.22 0.16 -0.66
N SER A 4 14.37 0.04 -0.03
CA SER A 4 14.48 -0.56 1.28
C SER A 4 14.13 0.46 2.35
N GLY A 5 13.28 0.06 3.28
CA GLY A 5 12.86 0.92 4.36
C GLY A 5 12.27 0.13 5.49
N ALA A 6 11.83 0.81 6.54
CA ALA A 6 11.25 0.11 7.68
C ALA A 6 9.74 0.31 7.74
N ALA A 7 9.03 -0.75 8.08
CA ALA A 7 7.58 -0.72 8.18
C ALA A 7 7.11 -1.68 9.26
N ILE A 8 5.88 -1.49 9.74
CA ILE A 8 5.36 -2.35 10.78
C ILE A 8 3.96 -2.85 10.47
N PHE A 9 3.70 -4.09 10.86
CA PHE A 9 2.40 -4.71 10.66
C PHE A 9 2.02 -5.55 11.87
N GLU A 10 0.73 -5.57 12.19
CA GLU A 10 0.21 -6.32 13.33
C GLU A 10 1.11 -6.18 14.55
N LYS A 11 1.58 -4.96 14.79
CA LYS A 11 2.44 -4.67 15.93
C LYS A 11 3.80 -5.35 15.81
N VAL A 12 4.15 -5.80 14.61
CA VAL A 12 5.44 -6.46 14.39
C VAL A 12 6.26 -5.67 13.39
N SER A 13 7.43 -5.21 13.83
CA SER A 13 8.30 -4.42 12.97
C SER A 13 9.16 -5.30 12.07
N GLY A 14 9.58 -4.71 10.95
CA GLY A 14 10.39 -5.41 9.98
C GLY A 14 10.93 -4.46 8.94
N ILE A 15 11.65 -4.99 7.97
CA ILE A 15 12.20 -4.14 6.91
C ILE A 15 11.46 -4.39 5.61
N ILE A 16 11.07 -3.30 4.96
CA ILE A 16 10.32 -3.37 3.72
C ILE A 16 11.22 -3.00 2.54
N ALA A 17 11.32 -3.90 1.56
CA ALA A 17 12.19 -3.66 0.40
C ALA A 17 11.55 -4.08 -0.91
N ILE A 18 11.77 -3.26 -1.94
CA ILE A 18 11.25 -3.54 -3.29
C ILE A 18 12.29 -4.30 -4.12
N ASN A 19 11.81 -5.21 -4.94
CA ASN A 19 12.68 -6.00 -5.81
C ASN A 19 12.36 -5.74 -7.27
N GLU A 20 13.30 -5.10 -7.95
CA GLU A 20 13.15 -4.81 -9.37
C GLU A 20 14.08 -5.69 -10.19
N ASP A 21 14.37 -6.85 -9.64
CA ASP A 21 15.23 -7.82 -10.30
C ASP A 21 14.40 -8.88 -11.01
N VAL A 22 13.16 -9.07 -10.54
CA VAL A 22 12.26 -10.06 -11.13
C VAL A 22 11.22 -9.36 -12.01
N SER A 23 10.54 -10.14 -12.85
CA SER A 23 9.52 -9.58 -13.74
C SER A 23 8.58 -8.67 -12.97
N PRO A 24 7.77 -9.23 -12.05
CA PRO A 24 6.85 -8.44 -11.24
C PRO A 24 7.58 -7.79 -10.07
N ALA A 25 8.12 -6.60 -10.32
CA ALA A 25 8.84 -5.87 -9.29
C ALA A 25 8.05 -5.87 -8.00
N GLU A 26 8.39 -6.78 -7.12
CA GLU A 26 7.68 -6.94 -5.86
C GLU A 26 8.56 -6.60 -4.65
N LEU A 27 7.94 -6.51 -3.48
CA LEU A 27 8.66 -6.18 -2.26
C LEU A 27 8.35 -7.18 -1.17
N THR A 28 9.27 -7.35 -0.23
CA THR A 28 9.07 -8.28 0.87
C THR A 28 9.39 -7.64 2.21
N TRP A 29 8.56 -7.95 3.18
CA TRP A 29 8.71 -7.42 4.52
C TRP A 29 9.23 -8.47 5.50
N ARG A 30 10.47 -8.32 5.94
CA ARG A 30 11.06 -9.27 6.89
C ARG A 30 11.20 -8.63 8.27
N SER A 31 10.55 -9.22 9.26
CA SER A 31 10.61 -8.71 10.63
C SER A 31 12.04 -8.41 11.05
N THR A 32 12.22 -7.40 11.89
CA THR A 32 13.54 -7.02 12.36
C THR A 32 14.14 -8.10 13.25
N ASP A 33 13.27 -8.77 14.00
CA ASP A 33 13.68 -9.84 14.89
C ASP A 33 13.89 -11.14 14.11
N GLY A 34 13.30 -11.23 12.93
CA GLY A 34 13.42 -12.42 12.13
C GLY A 34 12.41 -13.49 12.50
N ASP A 35 11.32 -13.06 13.15
CA ASP A 35 10.28 -13.98 13.57
C ASP A 35 9.34 -14.30 12.43
N LYS A 36 9.01 -13.28 11.64
CA LYS A 36 8.10 -13.45 10.51
C LYS A 36 8.73 -12.94 9.22
N VAL A 37 8.08 -13.28 8.11
CA VAL A 37 8.53 -12.86 6.78
C VAL A 37 7.34 -12.61 5.87
N HIS A 38 7.32 -11.45 5.23
CA HIS A 38 6.23 -11.09 4.34
C HIS A 38 6.75 -10.75 2.95
N THR A 39 5.92 -10.99 1.95
CA THR A 39 6.27 -10.70 0.56
C THR A 39 5.06 -10.16 -0.18
N VAL A 40 5.06 -8.87 -0.46
CA VAL A 40 3.96 -8.24 -1.18
C VAL A 40 4.34 -8.00 -2.63
N VAL A 41 3.70 -8.74 -3.54
CA VAL A 41 4.01 -8.59 -4.94
C VAL A 41 3.30 -7.42 -5.57
N LEU A 42 4.06 -6.37 -5.87
CA LEU A 42 3.52 -5.18 -6.49
C LEU A 42 2.66 -5.55 -7.69
N SER A 43 2.96 -6.70 -8.28
CA SER A 43 2.20 -7.18 -9.43
C SER A 43 0.75 -7.36 -9.05
N THR A 44 0.54 -8.12 -8.00
CA THR A 44 -0.79 -8.37 -7.50
C THR A 44 -1.34 -7.11 -6.82
N ILE A 45 -0.44 -6.19 -6.48
CA ILE A 45 -0.85 -4.95 -5.83
C ILE A 45 -1.05 -3.84 -6.87
N ASP A 46 -2.30 -3.52 -7.15
CA ASP A 46 -2.64 -2.48 -8.12
C ASP A 46 -2.86 -1.13 -7.44
N LYS A 47 -2.70 -1.09 -6.12
CA LYS A 47 -2.89 0.14 -5.36
C LYS A 47 -1.75 0.38 -4.37
N LEU A 48 -1.40 1.64 -4.20
CA LEU A 48 -0.33 2.04 -3.29
C LEU A 48 -0.57 3.47 -2.83
N GLN A 49 -0.48 3.71 -1.52
CA GLN A 49 -0.72 5.04 -0.99
C GLN A 49 0.21 5.39 0.17
N ALA A 50 0.59 6.67 0.24
CA ALA A 50 1.44 7.18 1.32
C ALA A 50 0.79 8.40 1.94
N THR A 51 0.90 8.53 3.26
CA THR A 51 0.29 9.67 3.96
C THR A 51 1.09 10.96 3.82
N PRO A 52 0.68 11.86 2.90
CA PRO A 52 1.33 13.13 2.63
C PRO A 52 0.50 14.33 3.06
N ALA A 53 1.15 15.51 3.13
CA ALA A 53 0.49 16.78 3.49
C ALA A 53 -0.72 16.63 4.41
N SER A 54 -1.81 16.13 3.84
CA SER A 54 -3.05 15.94 4.58
C SER A 54 -2.84 15.00 5.75
N SER A 55 -1.92 14.08 5.56
CA SER A 55 -1.60 13.12 6.60
C SER A 55 -0.16 13.28 7.04
N GLU A 56 0.05 14.03 8.12
CA GLU A 56 1.38 14.23 8.66
C GLU A 56 1.99 12.88 9.05
N LYS A 57 1.12 11.88 9.18
CA LYS A 57 1.52 10.53 9.53
C LYS A 57 2.59 10.01 8.57
N MET A 58 2.93 8.73 8.74
CA MET A 58 3.94 8.09 7.91
C MET A 58 3.58 6.63 7.71
N MET A 59 2.53 6.38 6.94
CA MET A 59 2.07 5.02 6.69
C MET A 59 1.87 4.75 5.20
N LEU A 60 2.21 3.54 4.79
CA LEU A 60 2.05 3.13 3.39
C LEU A 60 0.99 2.02 3.30
N ARG A 61 0.08 2.17 2.34
CA ARG A 61 -0.99 1.19 2.17
C ARG A 61 -0.92 0.54 0.79
N LEU A 62 -1.15 -0.78 0.75
CA LEU A 62 -1.13 -1.53 -0.49
C LEU A 62 -2.35 -2.43 -0.60
N ILE A 63 -2.87 -2.57 -1.81
CA ILE A 63 -4.05 -3.39 -2.04
C ILE A 63 -3.83 -4.34 -3.21
N GLY A 64 -4.11 -5.62 -2.99
CA GLY A 64 -3.94 -6.61 -4.05
C GLY A 64 -4.97 -6.47 -5.15
N LYS A 65 -5.03 -7.46 -6.03
CA LYS A 65 -5.97 -7.46 -7.14
C LYS A 65 -7.34 -7.98 -6.70
N VAL A 66 -8.36 -7.68 -7.48
CA VAL A 66 -9.72 -8.12 -7.18
C VAL A 66 -10.51 -8.39 -8.45
N ASP A 67 -11.76 -8.81 -8.29
CA ASP A 67 -12.63 -9.09 -9.42
C ASP A 67 -13.73 -8.05 -9.55
N GLU A 68 -14.29 -7.65 -8.41
CA GLU A 68 -15.37 -6.65 -8.37
C GLU A 68 -16.40 -6.92 -9.46
N SER A 69 -16.58 -8.21 -9.77
CA SER A 69 -17.54 -8.62 -10.79
C SER A 69 -18.65 -9.45 -10.18
N LYS A 70 -18.28 -10.28 -9.20
CA LYS A 70 -19.25 -11.13 -8.52
C LYS A 70 -19.88 -10.43 -7.33
N LYS A 71 -19.57 -9.13 -7.17
CA LYS A 71 -20.11 -8.35 -6.07
C LYS A 71 -21.63 -8.38 -6.06
N ARG A 72 -22.24 -7.52 -5.25
CA ARG A 72 -23.69 -7.44 -5.15
C ARG A 72 -24.16 -5.99 -5.22
N LYS A 73 -25.21 -5.75 -6.01
CA LYS A 73 -25.75 -4.40 -6.16
C LYS A 73 -26.68 -4.06 -5.00
N ASP A 74 -26.88 -2.76 -4.77
CA ASP A 74 -27.75 -2.30 -3.71
C ASP A 74 -29.13 -1.95 -4.24
N ASN A 75 -30.08 -1.74 -3.34
CA ASN A 75 -31.44 -1.39 -3.72
C ASN A 75 -31.48 -0.07 -4.47
N GLU A 76 -30.47 0.77 -4.24
CA GLU A 76 -30.38 2.07 -4.89
C GLU A 76 -29.64 1.97 -6.23
N GLY A 77 -29.38 0.75 -6.68
CA GLY A 77 -28.69 0.55 -7.94
C GLY A 77 -27.19 0.77 -7.81
N ASN A 78 -26.66 0.58 -6.61
CA ASN A 78 -25.23 0.75 -6.36
C ASN A 78 -24.49 -0.58 -6.47
N GLU A 79 -23.20 -0.56 -6.19
CA GLU A 79 -22.38 -1.77 -6.25
C GLU A 79 -21.12 -1.63 -5.43
N VAL A 80 -20.29 -2.67 -5.44
CA VAL A 80 -19.04 -2.66 -4.68
C VAL A 80 -18.17 -3.85 -5.07
N VAL A 81 -17.16 -4.15 -4.25
CA VAL A 81 -16.27 -5.27 -4.50
C VAL A 81 -16.33 -6.30 -3.38
N PRO A 82 -16.26 -7.60 -3.71
CA PRO A 82 -16.31 -8.68 -2.72
C PRO A 82 -15.18 -8.60 -1.69
N LYS A 83 -15.31 -7.67 -0.75
CA LYS A 83 -14.31 -7.48 0.30
C LYS A 83 -12.88 -7.64 -0.23
N PRO A 84 -12.34 -6.62 -0.90
CA PRO A 84 -10.98 -6.65 -1.45
C PRO A 84 -9.93 -6.82 -0.37
N GLN A 85 -8.85 -7.52 -0.71
CA GLN A 85 -7.77 -7.76 0.23
C GLN A 85 -6.86 -6.53 0.33
N ARG A 86 -6.95 -5.83 1.45
CA ARG A 86 -6.15 -4.63 1.67
C ARG A 86 -5.35 -4.71 2.97
N HIS A 87 -4.24 -3.98 3.02
CA HIS A 87 -3.40 -3.96 4.21
C HIS A 87 -2.83 -2.57 4.44
N MET A 88 -2.85 -2.13 5.70
CA MET A 88 -2.35 -0.81 6.05
C MET A 88 -1.00 -0.92 6.77
N PHE A 89 0.05 -0.45 6.09
CA PHE A 89 1.38 -0.48 6.66
C PHE A 89 1.69 0.84 7.35
N SER A 90 2.25 0.79 8.55
CA SER A 90 2.55 2.00 9.30
C SER A 90 3.90 1.94 9.99
N PHE A 91 4.73 2.95 9.73
CA PHE A 91 6.05 3.02 10.35
C PHE A 91 6.23 4.39 11.01
N ASN A 92 7.30 4.53 11.77
CA ASN A 92 7.57 5.78 12.47
C ASN A 92 8.50 6.68 11.64
N ASN A 93 8.45 6.52 10.32
CA ASN A 93 9.30 7.32 9.45
C ASN A 93 8.52 7.93 8.29
N ARG A 94 8.40 9.25 8.31
CA ARG A 94 7.69 9.97 7.25
C ARG A 94 8.59 10.19 6.05
N THR A 95 9.89 10.30 6.30
CA THR A 95 10.86 10.50 5.23
C THR A 95 11.01 9.21 4.42
N VAL A 96 11.11 8.09 5.14
CA VAL A 96 11.27 6.79 4.51
C VAL A 96 10.05 6.46 3.64
N MET A 97 8.88 6.42 4.28
CA MET A 97 7.63 6.11 3.57
C MET A 97 7.51 6.87 2.26
N ASP A 98 7.59 8.20 2.34
CA ASP A 98 7.47 9.04 1.15
C ASP A 98 8.50 8.68 0.09
N ASN A 99 9.58 8.02 0.50
CA ASN A 99 10.64 7.63 -0.43
C ASN A 99 10.35 6.27 -1.06
N ILE A 100 10.18 5.25 -0.23
CA ILE A 100 9.91 3.92 -0.72
C ILE A 100 8.63 3.85 -1.55
N LYS A 101 7.63 4.63 -1.16
CA LYS A 101 6.37 4.65 -1.90
C LYS A 101 6.58 5.21 -3.30
N MET A 102 7.34 6.29 -3.38
CA MET A 102 7.63 6.94 -4.65
C MET A 102 8.04 5.91 -5.69
N THR A 103 8.72 4.86 -5.23
CA THR A 103 9.16 3.78 -6.11
C THR A 103 7.98 2.91 -6.54
N LEU A 104 7.06 2.68 -5.61
CA LEU A 104 5.88 1.86 -5.90
C LEU A 104 4.85 2.66 -6.69
N GLN A 105 4.47 3.81 -6.15
CA GLN A 105 3.47 4.68 -6.79
C GLN A 105 3.70 4.77 -8.30
N GLN A 106 4.96 4.97 -8.69
CA GLN A 106 5.31 5.07 -10.10
C GLN A 106 5.04 3.76 -10.83
N ILE A 107 5.51 2.66 -10.24
CA ILE A 107 5.33 1.35 -10.84
C ILE A 107 3.85 1.04 -11.06
N ILE A 108 3.08 1.02 -9.98
CA ILE A 108 1.65 0.73 -10.09
C ILE A 108 0.97 1.73 -10.99
N SER A 109 1.54 2.93 -11.03
CA SER A 109 1.02 4.00 -11.87
C SER A 109 1.27 3.67 -13.34
N ARG A 110 2.28 2.84 -13.59
CA ARG A 110 2.61 2.44 -14.95
C ARG A 110 2.07 1.03 -15.23
N TYR A 111 2.30 0.11 -14.30
CA TYR A 111 1.83 -1.26 -14.45
C TYR A 111 0.32 -1.30 -14.59
N LYS A 112 -0.36 -0.33 -13.99
CA LYS A 112 -1.81 -0.25 -14.04
C LYS A 112 -2.30 -0.14 -15.48
N ASP A 113 -1.74 0.81 -16.22
CA ASP A 113 -2.11 1.04 -17.60
C ASP A 113 -1.56 -0.06 -18.53
N ALA A 114 -0.85 -1.02 -17.96
CA ALA A 114 -0.28 -2.10 -18.74
C ALA A 114 -0.89 -3.45 -18.36
N ASP A 115 -1.28 -3.58 -17.09
CA ASP A 115 -1.88 -4.82 -16.61
C ASP A 115 -3.15 -5.16 -17.40
N PRO B 11 5.81 15.47 24.82
CA PRO B 11 5.29 14.22 25.45
C PRO B 11 4.09 13.66 24.68
N GLY B 12 3.95 12.34 24.67
CA GLY B 12 2.84 11.72 23.99
C GLY B 12 2.90 11.93 22.48
N GLU B 13 3.99 11.49 21.86
CA GLU B 13 4.17 11.62 20.42
C GLU B 13 3.79 10.33 19.70
N GLU B 14 2.77 9.65 20.21
CA GLU B 14 2.31 8.40 19.61
C GLU B 14 0.82 8.45 19.31
N GLU B 15 0.46 8.11 18.08
CA GLU B 15 -0.94 8.12 17.66
C GLU B 15 -1.35 6.77 17.10
N ASP B 16 -1.22 5.73 17.91
CA ASP B 16 -1.58 4.38 17.50
C ASP B 16 -3.03 4.07 17.89
N ASP B 17 -3.94 4.93 17.46
CA ASP B 17 -5.36 4.74 17.76
C ASP B 17 -6.21 5.78 17.03
N GLU B 18 -6.72 5.40 15.87
CA GLU B 18 -7.56 6.29 15.07
C GLU B 18 -6.97 7.70 14.99
N ARG B 19 -5.65 7.78 14.88
CA ARG B 19 -4.97 9.05 14.80
C ARG B 19 -3.79 8.98 13.84
N GLY B 20 -2.92 8.00 14.09
CA GLY B 20 -1.76 7.81 13.25
C GLY B 20 -2.00 6.75 12.19
N ALA B 21 -3.26 6.52 11.84
CA ALA B 21 -3.61 5.52 10.84
C ALA B 21 -4.99 5.79 10.24
N ASP B 22 -5.27 7.05 9.91
CA ASP B 22 -6.56 7.40 9.32
C ASP B 22 -6.48 8.69 8.51
N ALA B 23 -5.53 8.75 7.57
CA ALA B 23 -5.37 9.92 6.71
C ALA B 23 -4.76 9.55 5.36
N THR B 24 -4.76 8.25 5.04
CA THR B 24 -4.23 7.79 3.76
C THR B 24 -5.37 7.39 2.84
N TRP B 25 -6.59 7.34 3.39
CA TRP B 25 -7.77 6.98 2.62
C TRP B 25 -8.21 8.19 1.79
N ASP B 26 -7.24 8.75 1.09
CA ASP B 26 -7.43 9.92 0.26
C ASP B 26 -6.15 10.19 -0.52
N LEU B 27 -5.48 9.10 -0.90
CA LEU B 27 -4.21 9.19 -1.62
C LEU B 27 -4.37 8.80 -3.09
N ASP B 28 -4.21 7.51 -3.37
CA ASP B 28 -4.31 6.99 -4.72
C ASP B 28 -5.74 7.12 -5.26
N LEU B 29 -6.15 6.18 -6.12
CA LEU B 29 -7.48 6.20 -6.69
C LEU B 29 -7.68 7.42 -7.58
N LEU B 30 -6.75 7.61 -8.53
CA LEU B 30 -6.81 8.73 -9.45
C LEU B 30 -5.59 8.75 -10.37
N LEU B 31 -5.16 7.57 -10.82
CA LEU B 31 -4.00 7.46 -11.70
C LEU B 31 -4.35 6.70 -12.97
N THR B 32 -3.36 6.56 -13.85
CA THR B 32 -3.55 5.85 -15.12
C THR B 32 -4.79 6.37 -15.86
N ASN B 33 -5.08 5.77 -17.00
CA ASN B 33 -6.23 6.18 -17.81
C ASN B 33 -7.47 5.36 -17.45
N PHE B 34 -7.51 4.11 -17.90
CA PHE B 34 -8.63 3.23 -17.63
C PHE B 34 -8.26 1.77 -17.91
N SER B 35 -7.62 1.54 -19.05
CA SER B 35 -7.21 0.20 -19.43
C SER B 35 -8.42 -0.73 -19.56
N GLY B 36 -9.11 -0.62 -20.69
CA GLY B 36 -10.28 -1.44 -20.92
C GLY B 36 -10.22 -2.18 -22.25
N PRO B 37 -9.54 -3.34 -22.30
CA PRO B 37 -9.42 -4.14 -23.53
C PRO B 37 -10.77 -4.41 -24.17
N PRO A 1 16.21 2.99 -6.71
CA PRO A 1 15.89 1.54 -6.73
C PRO A 1 15.68 0.99 -5.32
N SER A 2 15.06 1.79 -4.47
CA SER A 2 14.79 1.39 -3.09
C SER A 2 13.47 0.63 -3.00
N HIS A 3 13.56 -0.67 -2.71
CA HIS A 3 12.36 -1.51 -2.60
C HIS A 3 12.22 -2.04 -1.18
N SER A 4 13.34 -2.30 -0.54
CA SER A 4 13.33 -2.82 0.83
C SER A 4 13.31 -1.67 1.82
N GLY A 5 12.42 -1.79 2.79
CA GLY A 5 12.29 -0.76 3.82
C GLY A 5 11.59 -1.30 5.04
N ALA A 6 11.40 -0.46 6.04
CA ALA A 6 10.72 -0.90 7.26
C ALA A 6 9.32 -0.32 7.33
N ALA A 7 8.39 -1.14 7.82
CA ALA A 7 6.99 -0.72 7.94
C ALA A 7 6.31 -1.48 9.07
N ILE A 8 5.24 -0.90 9.60
CA ILE A 8 4.51 -1.53 10.68
C ILE A 8 3.02 -1.59 10.40
N PHE A 9 2.40 -2.68 10.83
CA PHE A 9 0.97 -2.88 10.63
C PHE A 9 0.38 -3.63 11.82
N GLU A 10 -0.86 -3.27 12.20
CA GLU A 10 -1.54 -3.89 13.33
C GLU A 10 -0.62 -3.97 14.55
N LYS A 11 0.19 -2.94 14.72
CA LYS A 11 1.11 -2.86 15.86
C LYS A 11 2.22 -3.91 15.75
N VAL A 12 2.41 -4.46 14.55
CA VAL A 12 3.46 -5.44 14.34
C VAL A 12 4.49 -4.91 13.35
N SER A 13 5.74 -4.83 13.77
CA SER A 13 6.80 -4.30 12.92
C SER A 13 7.42 -5.40 12.07
N GLY A 14 7.92 -4.99 10.92
CA GLY A 14 8.54 -5.91 9.98
C GLY A 14 9.25 -5.17 8.87
N ILE A 15 9.81 -5.90 7.92
CA ILE A 15 10.51 -5.29 6.80
C ILE A 15 9.69 -5.43 5.54
N ILE A 16 9.53 -4.33 4.84
CA ILE A 16 8.73 -4.29 3.62
C ILE A 16 9.63 -4.23 2.38
N ALA A 17 9.43 -5.17 1.45
CA ALA A 17 10.25 -5.19 0.24
C ALA A 17 9.42 -5.46 -1.02
N ILE A 18 9.73 -4.72 -2.09
CA ILE A 18 9.01 -4.88 -3.36
C ILE A 18 9.73 -5.88 -4.27
N ASN A 19 8.94 -6.62 -5.02
CA ASN A 19 9.47 -7.63 -5.94
C ASN A 19 8.98 -7.38 -7.35
N GLU A 20 9.90 -6.98 -8.22
CA GLU A 20 9.58 -6.72 -9.62
C GLU A 20 10.10 -7.85 -10.48
N ASP A 21 10.21 -9.02 -9.89
CA ASP A 21 10.68 -10.21 -10.59
C ASP A 21 9.50 -11.07 -11.04
N VAL A 22 8.38 -10.93 -10.35
CA VAL A 22 7.18 -11.69 -10.69
C VAL A 22 6.22 -10.84 -11.50
N SER A 23 5.22 -11.47 -12.13
CA SER A 23 4.25 -10.76 -12.94
C SER A 23 3.69 -9.56 -12.17
N PRO A 24 2.93 -9.81 -11.08
CA PRO A 24 2.37 -8.73 -10.27
C PRO A 24 3.40 -8.16 -9.32
N ALA A 25 4.18 -7.20 -9.80
CA ALA A 25 5.20 -6.58 -8.97
C ALA A 25 4.61 -6.23 -7.62
N GLU A 26 4.86 -7.09 -6.65
CA GLU A 26 4.31 -6.93 -5.31
C GLU A 26 5.40 -6.82 -4.26
N LEU A 27 5.02 -6.46 -3.04
CA LEU A 27 5.98 -6.32 -1.96
C LEU A 27 5.57 -7.16 -0.77
N THR A 28 6.56 -7.75 -0.10
CA THR A 28 6.30 -8.58 1.05
C THR A 28 6.71 -7.90 2.33
N TRP A 29 5.99 -8.22 3.40
CA TRP A 29 6.26 -7.65 4.71
C TRP A 29 6.51 -8.74 5.75
N ARG A 30 7.77 -8.87 6.18
CA ARG A 30 8.11 -9.88 7.20
C ARG A 30 8.44 -9.21 8.53
N SER A 31 7.80 -9.67 9.60
CA SER A 31 8.04 -9.11 10.92
C SER A 31 9.51 -9.23 11.31
N THR A 32 9.94 -8.37 12.24
CA THR A 32 11.32 -8.38 12.71
C THR A 32 11.48 -9.33 13.90
N ASP A 33 10.39 -9.58 14.60
CA ASP A 33 10.41 -10.46 15.75
C ASP A 33 9.02 -11.03 16.03
N GLY A 34 8.25 -11.23 14.96
CA GLY A 34 6.91 -11.77 15.10
C GLY A 34 6.71 -13.06 14.33
N ASP A 35 7.73 -13.48 13.58
CA ASP A 35 7.66 -14.70 12.79
C ASP A 35 6.46 -14.68 11.84
N LYS A 36 6.00 -13.48 11.50
CA LYS A 36 4.87 -13.32 10.60
C LYS A 36 5.30 -12.62 9.31
N VAL A 37 4.50 -12.78 8.27
CA VAL A 37 4.79 -12.17 6.98
C VAL A 37 3.52 -11.76 6.27
N HIS A 38 3.57 -10.61 5.60
CA HIS A 38 2.42 -10.11 4.87
C HIS A 38 2.85 -9.70 3.47
N THR A 39 2.42 -10.48 2.48
CA THR A 39 2.74 -10.21 1.08
C THR A 39 1.59 -9.47 0.42
N VAL A 40 1.78 -8.18 0.15
CA VAL A 40 0.74 -7.40 -0.50
C VAL A 40 0.97 -7.35 -2.00
N VAL A 41 0.06 -7.96 -2.76
CA VAL A 41 0.19 -7.97 -4.20
C VAL A 41 -0.19 -6.63 -4.80
N LEU A 42 0.83 -5.82 -5.09
CA LEU A 42 0.64 -4.51 -5.66
C LEU A 42 -0.26 -4.56 -6.90
N SER A 43 -0.37 -5.74 -7.48
CA SER A 43 -1.20 -5.93 -8.66
C SER A 43 -2.64 -5.59 -8.34
N THR A 44 -3.15 -6.24 -7.30
CA THR A 44 -4.49 -5.99 -6.84
C THR A 44 -4.60 -4.56 -6.35
N ILE A 45 -3.47 -4.00 -5.91
CA ILE A 45 -3.45 -2.62 -5.43
C ILE A 45 -3.61 -1.65 -6.59
N ASP A 46 -4.55 -0.72 -6.45
CA ASP A 46 -4.81 0.26 -7.50
C ASP A 46 -4.41 1.67 -7.05
N LYS A 47 -4.39 1.88 -5.74
CA LYS A 47 -4.02 3.19 -5.19
C LYS A 47 -2.81 3.07 -4.28
N LEU A 48 -2.00 4.11 -4.28
CA LEU A 48 -0.79 4.14 -3.45
C LEU A 48 -0.76 5.42 -2.61
N GLN A 49 -0.46 5.27 -1.33
CA GLN A 49 -0.41 6.42 -0.44
C GLN A 49 0.94 6.54 0.28
N ALA A 50 1.45 7.75 0.31
CA ALA A 50 2.72 8.05 0.98
C ALA A 50 2.69 9.48 1.50
N THR A 51 3.38 9.73 2.61
CA THR A 51 3.37 11.08 3.17
C THR A 51 4.61 11.89 2.77
N PRO A 52 4.47 12.77 1.77
CA PRO A 52 5.54 13.64 1.29
C PRO A 52 5.81 14.77 2.28
N ALA A 53 6.92 15.48 2.08
CA ALA A 53 7.30 16.60 2.96
C ALA A 53 6.12 17.49 3.36
N SER A 54 4.91 17.22 2.85
CA SER A 54 3.74 18.00 3.18
C SER A 54 3.46 17.94 4.66
N SER A 55 3.83 16.82 5.25
CA SER A 55 3.64 16.61 6.67
C SER A 55 4.85 15.90 7.28
N GLU A 56 4.94 15.93 8.60
CA GLU A 56 6.05 15.29 9.30
C GLU A 56 5.89 13.77 9.28
N LYS A 57 4.66 13.31 9.07
CA LYS A 57 4.37 11.87 9.04
C LYS A 57 5.34 11.13 8.13
N MET A 58 5.19 9.81 8.09
CA MET A 58 6.02 8.95 7.26
C MET A 58 5.39 7.57 7.14
N MET A 59 4.26 7.51 6.44
CA MET A 59 3.55 6.25 6.28
C MET A 59 3.20 5.96 4.82
N LEU A 60 2.95 4.68 4.54
CA LEU A 60 2.56 4.23 3.21
C LEU A 60 1.26 3.45 3.29
N ARG A 61 0.25 3.87 2.53
CA ARG A 61 -1.05 3.20 2.53
C ARG A 61 -1.35 2.65 1.13
N LEU A 62 -1.96 1.47 1.09
CA LEU A 62 -2.30 0.84 -0.19
C LEU A 62 -3.79 0.47 -0.24
N ILE A 63 -4.40 0.64 -1.40
CA ILE A 63 -5.80 0.32 -1.59
C ILE A 63 -5.99 -0.70 -2.71
N GLY A 64 -6.58 -1.84 -2.37
CA GLY A 64 -6.80 -2.89 -3.37
C GLY A 64 -7.70 -2.44 -4.50
N LYS A 65 -8.29 -3.40 -5.20
CA LYS A 65 -9.17 -3.10 -6.33
C LYS A 65 -10.60 -3.56 -6.04
N VAL A 66 -11.48 -3.39 -7.02
CA VAL A 66 -12.87 -3.80 -6.86
C VAL A 66 -13.34 -4.61 -8.07
N ASP A 67 -13.99 -5.74 -7.79
CA ASP A 67 -14.49 -6.62 -8.85
C ASP A 67 -15.95 -6.99 -8.61
N GLU A 68 -16.80 -5.97 -8.56
CA GLU A 68 -18.23 -6.18 -8.33
C GLU A 68 -18.91 -6.81 -9.56
N SER A 69 -18.18 -6.87 -10.67
CA SER A 69 -18.71 -7.43 -11.90
C SER A 69 -18.70 -8.96 -11.86
N LYS A 70 -17.83 -9.52 -11.03
CA LYS A 70 -17.71 -10.97 -10.90
C LYS A 70 -18.02 -11.44 -9.48
N LYS A 71 -17.93 -10.53 -8.51
CA LYS A 71 -18.21 -10.86 -7.12
C LYS A 71 -17.47 -12.11 -6.65
N ARG A 72 -17.60 -12.38 -5.36
CA ARG A 72 -17.01 -13.55 -4.75
C ARG A 72 -18.11 -14.52 -4.35
N LYS A 73 -19.33 -14.00 -4.28
CA LYS A 73 -20.50 -14.79 -3.92
C LYS A 73 -20.40 -15.28 -2.47
N ASP A 74 -21.28 -16.20 -2.10
CA ASP A 74 -21.29 -16.74 -0.75
C ASP A 74 -21.99 -18.10 -0.70
N ASN A 75 -21.94 -18.75 0.46
CA ASN A 75 -22.57 -20.04 0.64
C ASN A 75 -24.05 -19.98 0.35
N GLU A 76 -24.64 -18.81 0.61
CA GLU A 76 -26.06 -18.60 0.39
C GLU A 76 -26.31 -18.00 -1.00
N GLY A 77 -25.35 -18.16 -1.89
CA GLY A 77 -25.48 -17.64 -3.24
C GLY A 77 -25.55 -16.12 -3.27
N ASN A 78 -25.16 -15.49 -2.17
CA ASN A 78 -25.18 -14.03 -2.08
C ASN A 78 -23.88 -13.45 -2.63
N GLU A 79 -24.00 -12.41 -3.44
CA GLU A 79 -22.84 -11.76 -4.04
C GLU A 79 -22.75 -10.31 -3.61
N VAL A 80 -21.58 -9.71 -3.80
CA VAL A 80 -21.36 -8.31 -3.43
C VAL A 80 -20.00 -7.83 -3.90
N VAL A 81 -19.84 -6.51 -4.01
CA VAL A 81 -18.59 -5.91 -4.45
C VAL A 81 -17.44 -6.31 -3.52
N PRO A 82 -16.36 -6.88 -4.08
CA PRO A 82 -15.19 -7.30 -3.30
C PRO A 82 -14.62 -6.16 -2.46
N LYS A 83 -14.81 -6.24 -1.14
CA LYS A 83 -14.32 -5.21 -0.23
C LYS A 83 -12.80 -5.01 -0.39
N PRO A 84 -12.38 -3.88 -0.97
CA PRO A 84 -10.96 -3.59 -1.18
C PRO A 84 -10.14 -3.75 0.10
N GLN A 85 -8.86 -4.05 -0.07
CA GLN A 85 -7.97 -4.24 1.07
C GLN A 85 -7.17 -2.98 1.36
N ARG A 86 -7.86 -1.93 1.82
CA ARG A 86 -7.21 -0.66 2.13
C ARG A 86 -6.57 -0.70 3.50
N HIS A 87 -5.26 -0.50 3.55
CA HIS A 87 -4.52 -0.51 4.80
C HIS A 87 -3.52 0.64 4.87
N MET A 88 -3.19 1.06 6.08
CA MET A 88 -2.24 2.15 6.30
C MET A 88 -0.98 1.64 6.98
N PHE A 89 0.12 1.64 6.24
CA PHE A 89 1.39 1.19 6.78
C PHE A 89 2.17 2.38 7.33
N SER A 90 2.49 2.34 8.62
CA SER A 90 3.20 3.45 9.25
C SER A 90 4.53 3.00 9.86
N PHE A 91 5.58 3.75 9.55
CA PHE A 91 6.91 3.45 10.08
C PHE A 91 7.55 4.74 10.61
N ASN A 92 8.68 4.58 11.30
CA ASN A 92 9.38 5.73 11.86
C ASN A 92 10.51 6.18 10.94
N ASN A 93 10.33 5.95 9.64
CA ASN A 93 11.33 6.32 8.65
C ASN A 93 10.72 7.13 7.51
N ARG A 94 10.98 8.44 7.51
CA ARG A 94 10.46 9.31 6.47
C ARG A 94 11.29 9.17 5.20
N THR A 95 12.57 8.85 5.36
CA THR A 95 13.46 8.67 4.24
C THR A 95 13.16 7.37 3.51
N VAL A 96 12.97 6.30 4.26
CA VAL A 96 12.67 4.99 3.69
C VAL A 96 11.37 5.02 2.92
N MET A 97 10.29 5.37 3.62
CA MET A 97 8.96 5.45 3.01
C MET A 97 8.99 6.11 1.63
N ASP A 98 9.52 7.32 1.58
CA ASP A 98 9.60 8.07 0.33
C ASP A 98 10.48 7.35 -0.70
N ASN A 99 11.36 6.49 -0.23
CA ASN A 99 12.26 5.76 -1.12
C ASN A 99 11.63 4.47 -1.65
N ILE A 100 10.74 3.86 -0.87
CA ILE A 100 10.10 2.62 -1.28
C ILE A 100 8.84 2.86 -2.13
N LYS A 101 8.13 3.95 -1.85
CA LYS A 101 6.93 4.26 -2.61
C LYS A 101 7.28 4.94 -3.93
N MET A 102 8.31 5.77 -3.89
CA MET A 102 8.77 6.49 -5.07
C MET A 102 8.89 5.55 -6.26
N THR A 103 9.21 4.28 -5.98
CA THR A 103 9.35 3.27 -7.02
C THR A 103 8.01 2.65 -7.35
N LEU A 104 7.11 2.62 -6.37
CA LEU A 104 5.79 2.05 -6.54
C LEU A 104 4.83 3.04 -7.21
N GLN A 105 5.01 4.32 -6.91
CA GLN A 105 4.17 5.37 -7.48
C GLN A 105 4.10 5.24 -9.00
N GLN A 106 5.26 5.13 -9.63
CA GLN A 106 5.33 5.00 -11.08
C GLN A 106 4.65 3.71 -11.52
N ILE A 107 4.73 2.68 -10.68
CA ILE A 107 4.12 1.40 -10.98
C ILE A 107 2.61 1.54 -11.16
N ILE A 108 1.93 2.01 -10.12
CA ILE A 108 0.49 2.18 -10.20
C ILE A 108 0.12 3.05 -11.40
N SER A 109 1.00 4.01 -11.67
CA SER A 109 0.80 4.92 -12.78
C SER A 109 0.94 4.17 -14.11
N ARG A 110 1.66 3.05 -14.08
CA ARG A 110 1.85 2.24 -15.27
C ARG A 110 0.89 1.06 -15.28
N TYR A 111 0.79 0.38 -14.14
CA TYR A 111 -0.09 -0.77 -14.00
C TYR A 111 -1.55 -0.38 -14.26
N LYS A 112 -1.91 0.83 -13.85
CA LYS A 112 -3.26 1.34 -14.04
C LYS A 112 -3.64 1.35 -15.51
N ASP A 113 -2.81 2.01 -16.31
CA ASP A 113 -3.05 2.12 -17.75
C ASP A 113 -2.82 0.80 -18.48
N ALA A 114 -2.44 -0.23 -17.74
CA ALA A 114 -2.19 -1.53 -18.34
C ALA A 114 -3.17 -2.58 -17.83
N ASP A 115 -3.64 -2.40 -16.60
CA ASP A 115 -4.59 -3.34 -16.00
C ASP A 115 -5.87 -3.40 -16.82
N PRO B 11 4.10 1.54 23.31
CA PRO B 11 2.79 2.11 22.85
C PRO B 11 1.79 1.01 22.52
N GLY B 12 0.51 1.31 22.73
CA GLY B 12 -0.54 0.33 22.46
C GLY B 12 -1.83 0.99 22.03
N GLU B 13 -1.73 2.14 21.38
CA GLU B 13 -2.91 2.87 20.91
C GLU B 13 -2.59 3.70 19.68
N GLU B 14 -3.59 3.91 18.84
CA GLU B 14 -3.42 4.68 17.61
C GLU B 14 -2.98 6.10 17.93
N GLU B 15 -2.39 6.78 16.94
CA GLU B 15 -1.91 8.15 17.12
C GLU B 15 -3.06 9.07 17.50
N ASP B 16 -3.89 9.42 16.52
CA ASP B 16 -5.03 10.30 16.76
C ASP B 16 -5.83 10.49 15.48
N ASP B 17 -5.12 10.69 14.36
CA ASP B 17 -5.73 10.92 13.04
C ASP B 17 -5.56 12.37 12.62
N GLU B 18 -4.57 13.00 13.20
CA GLU B 18 -4.25 14.39 12.92
C GLU B 18 -2.79 14.69 13.30
N ARG B 19 -2.00 13.64 13.47
CA ARG B 19 -0.60 13.80 13.83
C ARG B 19 0.19 12.55 13.48
N GLY B 20 0.75 12.54 12.28
CA GLY B 20 1.50 11.38 11.81
C GLY B 20 0.64 10.43 11.02
N ALA B 21 -0.63 10.80 10.81
CA ALA B 21 -1.56 9.98 10.06
C ALA B 21 -2.65 10.86 9.44
N ASP B 22 -2.22 11.85 8.65
CA ASP B 22 -3.15 12.76 8.01
C ASP B 22 -2.48 13.55 6.88
N ALA B 23 -1.69 12.85 6.06
CA ALA B 23 -0.99 13.47 4.94
C ALA B 23 -0.67 12.44 3.86
N THR B 24 -1.68 11.71 3.41
CA THR B 24 -1.48 10.68 2.39
C THR B 24 -2.68 10.53 1.45
N TRP B 25 -3.84 11.02 1.86
CA TRP B 25 -5.04 10.91 1.05
C TRP B 25 -5.16 12.04 0.02
N ASP B 26 -4.08 12.81 -0.14
CA ASP B 26 -4.08 13.92 -1.08
C ASP B 26 -2.89 13.83 -2.04
N LEU B 27 -2.10 12.76 -1.92
CA LEU B 27 -0.94 12.56 -2.78
C LEU B 27 -0.98 11.20 -3.48
N ASP B 28 -2.02 10.42 -3.20
CA ASP B 28 -2.15 9.10 -3.79
C ASP B 28 -2.59 9.20 -5.24
N LEU B 29 -3.62 10.01 -5.47
CA LEU B 29 -4.18 10.21 -6.78
C LEU B 29 -3.11 10.60 -7.79
N LEU B 30 -3.54 10.92 -9.02
CA LEU B 30 -2.63 11.30 -10.09
C LEU B 30 -1.75 10.12 -10.51
N LEU B 31 -2.41 9.06 -11.00
CA LEU B 31 -1.70 7.87 -11.44
C LEU B 31 -1.45 7.89 -12.94
N THR B 32 -2.52 7.73 -13.72
CA THR B 32 -2.43 7.74 -15.16
C THR B 32 -3.81 7.80 -15.81
N ASN B 33 -4.48 8.95 -15.65
CA ASN B 33 -5.81 9.14 -16.22
C ASN B 33 -5.74 9.26 -17.74
N PHE B 34 -4.65 9.85 -18.23
CA PHE B 34 -4.47 10.04 -19.67
C PHE B 34 -3.05 9.64 -20.09
N SER B 35 -2.07 10.14 -19.35
CA SER B 35 -0.67 9.83 -19.64
C SER B 35 -0.38 8.35 -19.47
N GLY B 36 0.90 7.98 -19.50
CA GLY B 36 1.28 6.59 -19.34
C GLY B 36 2.72 6.45 -18.89
N PRO B 37 3.38 5.33 -19.26
CA PRO B 37 4.77 5.07 -18.89
C PRO B 37 5.75 6.00 -19.62
N PRO A 1 14.00 5.70 -4.65
CA PRO A 1 15.24 5.01 -5.06
C PRO A 1 15.55 3.82 -4.14
N SER A 2 14.51 3.13 -3.71
CA SER A 2 14.67 1.97 -2.84
C SER A 2 13.44 1.07 -2.89
N HIS A 3 13.65 -0.23 -2.69
CA HIS A 3 12.55 -1.19 -2.73
C HIS A 3 12.40 -1.87 -1.38
N SER A 4 13.53 -2.24 -0.78
CA SER A 4 13.51 -2.90 0.51
C SER A 4 13.52 -1.88 1.64
N GLY A 5 12.63 -2.08 2.58
CA GLY A 5 12.52 -1.20 3.72
C GLY A 5 11.81 -1.88 4.85
N ALA A 6 11.62 -1.19 5.96
CA ALA A 6 10.94 -1.77 7.10
C ALA A 6 9.53 -1.26 7.23
N ALA A 7 8.61 -2.14 7.59
CA ALA A 7 7.21 -1.78 7.73
C ALA A 7 6.53 -2.64 8.78
N ILE A 8 5.36 -2.19 9.23
CA ILE A 8 4.61 -2.92 10.24
C ILE A 8 3.12 -2.94 9.92
N PHE A 9 2.47 -4.05 10.25
CA PHE A 9 1.05 -4.20 10.03
C PHE A 9 0.42 -5.04 11.13
N GLU A 10 -0.79 -4.66 11.54
CA GLU A 10 -1.51 -5.37 12.60
C GLU A 10 -0.61 -5.59 13.82
N LYS A 11 0.21 -4.58 14.11
CA LYS A 11 1.12 -4.65 15.25
C LYS A 11 2.21 -5.70 15.03
N VAL A 12 2.39 -6.12 13.79
CA VAL A 12 3.42 -7.10 13.46
C VAL A 12 4.47 -6.49 12.56
N SER A 13 5.71 -6.43 13.03
CA SER A 13 6.78 -5.82 12.25
C SER A 13 7.42 -6.81 11.29
N GLY A 14 7.98 -6.27 10.22
CA GLY A 14 8.60 -7.07 9.19
C GLY A 14 9.35 -6.20 8.19
N ILE A 15 9.93 -6.83 7.17
CA ILE A 15 10.65 -6.08 6.16
C ILE A 15 9.85 -6.07 4.87
N ILE A 16 9.73 -4.89 4.29
CA ILE A 16 8.96 -4.69 3.07
C ILE A 16 9.89 -4.49 1.88
N ALA A 17 9.68 -5.26 0.80
CA ALA A 17 10.52 -5.15 -0.38
C ALA A 17 9.75 -5.33 -1.68
N ILE A 18 10.17 -4.61 -2.72
CA ILE A 18 9.53 -4.70 -4.03
C ILE A 18 10.24 -5.74 -4.89
N ASN A 19 9.48 -6.46 -5.70
CA ASN A 19 10.03 -7.49 -6.58
C ASN A 19 9.71 -7.20 -8.02
N GLU A 20 10.74 -6.87 -8.80
CA GLU A 20 10.58 -6.59 -10.21
C GLU A 20 11.26 -7.68 -11.03
N ASP A 21 11.31 -8.87 -10.46
CA ASP A 21 11.93 -10.01 -11.12
C ASP A 21 10.87 -10.93 -11.70
N VAL A 22 9.67 -10.89 -11.13
CA VAL A 22 8.57 -11.71 -11.62
C VAL A 22 7.62 -10.90 -12.50
N SER A 23 6.73 -11.58 -13.21
CA SER A 23 5.78 -10.90 -14.09
C SER A 23 5.09 -9.76 -13.35
N PRO A 24 4.26 -10.07 -12.34
CA PRO A 24 3.57 -9.05 -11.56
C PRO A 24 4.49 -8.45 -10.52
N ALA A 25 5.25 -7.43 -10.93
CA ALA A 25 6.18 -6.77 -10.02
C ALA A 25 5.48 -6.45 -8.71
N GLU A 26 5.66 -7.34 -7.75
CA GLU A 26 5.01 -7.22 -6.45
C GLU A 26 6.02 -7.08 -5.32
N LEU A 27 5.51 -6.77 -4.13
CA LEU A 27 6.33 -6.60 -2.96
C LEU A 27 5.88 -7.53 -1.87
N THR A 28 6.82 -8.06 -1.09
CA THR A 28 6.47 -8.96 -0.02
C THR A 28 6.95 -8.42 1.31
N TRP A 29 6.19 -8.74 2.34
CA TRP A 29 6.49 -8.28 3.69
C TRP A 29 6.73 -9.44 4.64
N ARG A 30 7.99 -9.62 5.05
CA ARG A 30 8.34 -10.71 5.96
C ARG A 30 8.52 -10.19 7.38
N SER A 31 7.76 -10.75 8.31
CA SER A 31 7.84 -10.35 9.71
C SER A 31 9.16 -10.78 10.34
N THR A 32 9.54 -10.11 11.42
CA THR A 32 10.78 -10.41 12.12
C THR A 32 10.50 -11.16 13.42
N ASP A 33 9.42 -10.79 14.07
CA ASP A 33 9.01 -11.41 15.32
C ASP A 33 7.72 -12.20 15.14
N GLY A 34 6.93 -11.83 14.15
CA GLY A 34 5.68 -12.52 13.90
C GLY A 34 5.85 -13.77 13.06
N ASP A 35 7.05 -13.96 12.51
CA ASP A 35 7.34 -15.13 11.69
C ASP A 35 6.33 -15.28 10.55
N LYS A 36 5.72 -14.16 10.17
CA LYS A 36 4.74 -14.17 9.08
C LYS A 36 5.31 -13.51 7.83
N VAL A 37 4.61 -13.68 6.71
CA VAL A 37 5.05 -13.11 5.45
C VAL A 37 3.86 -12.69 4.60
N HIS A 38 3.77 -11.41 4.28
CA HIS A 38 2.68 -10.90 3.47
C HIS A 38 3.19 -10.41 2.12
N THR A 39 2.86 -11.15 1.08
CA THR A 39 3.24 -10.83 -0.29
C THR A 39 2.11 -10.07 -0.98
N VAL A 40 2.29 -8.78 -1.19
CA VAL A 40 1.27 -7.97 -1.84
C VAL A 40 1.55 -7.85 -3.33
N VAL A 41 0.71 -8.48 -4.15
CA VAL A 41 0.91 -8.43 -5.59
C VAL A 41 0.54 -7.06 -6.15
N LEU A 42 1.56 -6.25 -6.38
CA LEU A 42 1.38 -4.91 -6.93
C LEU A 42 0.46 -4.96 -8.15
N SER A 43 0.43 -6.12 -8.80
CA SER A 43 -0.41 -6.30 -9.98
C SER A 43 -1.86 -6.08 -9.62
N THR A 44 -2.28 -6.76 -8.57
CA THR A 44 -3.63 -6.63 -8.07
C THR A 44 -3.81 -5.28 -7.42
N ILE A 45 -2.68 -4.65 -7.07
CA ILE A 45 -2.72 -3.32 -6.44
C ILE A 45 -2.93 -2.24 -7.50
N ASP A 46 -4.02 -1.50 -7.37
CA ASP A 46 -4.34 -0.44 -8.32
C ASP A 46 -4.02 0.94 -7.74
N LYS A 47 -3.94 1.03 -6.42
CA LYS A 47 -3.64 2.29 -5.76
C LYS A 47 -2.42 2.17 -4.85
N LEU A 48 -1.65 3.24 -4.77
CA LEU A 48 -0.45 3.27 -3.93
C LEU A 48 -0.18 4.70 -3.47
N GLN A 49 -0.26 4.94 -2.17
CA GLN A 49 -0.04 6.27 -1.62
C GLN A 49 0.92 6.25 -0.44
N ALA A 50 1.72 7.31 -0.33
CA ALA A 50 2.68 7.45 0.76
C ALA A 50 2.55 8.84 1.39
N THR A 51 3.04 8.98 2.61
CA THR A 51 2.95 10.26 3.30
C THR A 51 3.98 11.27 2.79
N PRO A 52 3.52 12.48 2.41
CA PRO A 52 4.36 13.55 1.91
C PRO A 52 4.71 14.54 3.00
N ALA A 53 5.67 15.41 2.74
CA ALA A 53 6.08 16.42 3.71
C ALA A 53 4.89 17.26 4.20
N SER A 54 3.68 16.98 3.69
CA SER A 54 2.50 17.71 4.09
C SER A 54 2.23 17.55 5.57
N SER A 55 2.60 16.39 6.08
CA SER A 55 2.42 16.07 7.47
C SER A 55 3.63 15.33 8.04
N GLU A 56 3.61 15.10 9.35
CA GLU A 56 4.69 14.38 10.01
C GLU A 56 4.46 12.87 9.95
N LYS A 57 3.24 12.47 9.56
CA LYS A 57 2.91 11.06 9.47
C LYS A 57 3.76 10.34 8.43
N MET A 58 4.30 9.19 8.81
CA MET A 58 5.14 8.40 7.92
C MET A 58 4.53 7.01 7.73
N MET A 59 3.99 6.75 6.54
CA MET A 59 3.37 5.47 6.26
C MET A 59 3.12 5.27 4.77
N LEU A 60 2.71 4.06 4.41
CA LEU A 60 2.42 3.71 3.02
C LEU A 60 1.10 2.95 2.94
N ARG A 61 0.29 3.28 1.94
CA ARG A 61 -1.01 2.62 1.76
C ARG A 61 -1.07 1.88 0.43
N LEU A 62 -1.70 0.70 0.45
CA LEU A 62 -1.85 -0.10 -0.76
C LEU A 62 -3.30 -0.53 -0.92
N ILE A 63 -4.00 0.08 -1.87
CA ILE A 63 -5.40 -0.24 -2.13
C ILE A 63 -5.54 -1.18 -3.33
N GLY A 64 -5.87 -2.43 -3.06
CA GLY A 64 -6.03 -3.40 -4.13
C GLY A 64 -7.08 -2.99 -5.14
N LYS A 65 -7.02 -3.59 -6.33
CA LYS A 65 -7.98 -3.29 -7.38
C LYS A 65 -9.41 -3.51 -6.91
N VAL A 66 -9.64 -4.67 -6.29
CA VAL A 66 -10.97 -5.02 -5.79
C VAL A 66 -10.88 -6.14 -4.76
N ASP A 67 -11.84 -6.15 -3.83
CA ASP A 67 -11.87 -7.16 -2.78
C ASP A 67 -13.23 -7.86 -2.75
N GLU A 68 -13.23 -9.18 -2.68
CA GLU A 68 -14.46 -9.95 -2.65
C GLU A 68 -14.38 -11.05 -1.60
N SER A 69 -13.98 -10.69 -0.39
CA SER A 69 -13.87 -11.64 0.70
C SER A 69 -15.03 -11.51 1.68
N LYS A 70 -15.57 -10.29 1.76
CA LYS A 70 -16.69 -10.01 2.64
C LYS A 70 -17.99 -9.81 1.85
N LYS A 71 -17.93 -10.10 0.55
CA LYS A 71 -19.09 -9.95 -0.32
C LYS A 71 -20.33 -10.62 0.27
N ARG A 72 -21.44 -10.53 -0.46
CA ARG A 72 -22.69 -11.14 -0.02
C ARG A 72 -23.02 -12.34 -0.91
N LYS A 73 -24.18 -12.94 -0.68
CA LYS A 73 -24.60 -14.10 -1.46
C LYS A 73 -25.99 -13.88 -2.05
N ASP A 74 -26.53 -14.91 -2.68
CA ASP A 74 -27.85 -14.83 -3.28
C ASP A 74 -28.49 -16.22 -3.41
N ASN A 75 -29.67 -16.27 -4.00
CA ASN A 75 -30.38 -17.53 -4.19
C ASN A 75 -29.54 -18.52 -4.99
N GLU A 76 -28.72 -17.99 -5.88
CA GLU A 76 -27.86 -18.81 -6.72
C GLU A 76 -26.38 -18.56 -6.41
N GLY A 77 -26.10 -17.45 -5.74
CA GLY A 77 -24.73 -17.12 -5.40
C GLY A 77 -24.15 -16.05 -6.31
N ASN A 78 -24.98 -15.07 -6.67
CA ASN A 78 -24.55 -13.99 -7.55
C ASN A 78 -23.42 -13.20 -6.92
N GLU A 79 -23.43 -13.10 -5.59
CA GLU A 79 -22.41 -12.36 -4.84
C GLU A 79 -22.09 -11.02 -5.49
N VAL A 80 -21.03 -10.37 -5.03
CA VAL A 80 -20.64 -9.08 -5.58
C VAL A 80 -19.23 -8.69 -5.11
N VAL A 81 -18.64 -7.70 -5.78
CA VAL A 81 -17.30 -7.25 -5.44
C VAL A 81 -17.21 -5.71 -5.50
N PRO A 82 -18.00 -5.01 -4.66
CA PRO A 82 -18.01 -3.55 -4.63
C PRO A 82 -16.85 -2.98 -3.81
N LYS A 83 -16.91 -3.18 -2.49
CA LYS A 83 -15.88 -2.68 -1.59
C LYS A 83 -14.49 -3.19 -1.98
N PRO A 84 -13.64 -2.32 -2.55
CA PRO A 84 -12.28 -2.70 -2.96
C PRO A 84 -11.40 -3.02 -1.77
N GLN A 85 -10.19 -3.52 -2.06
CA GLN A 85 -9.25 -3.86 -1.00
C GLN A 85 -8.39 -2.66 -0.62
N ARG A 86 -8.22 -2.43 0.68
CA ARG A 86 -7.43 -1.31 1.15
C ARG A 86 -6.79 -1.61 2.50
N HIS A 87 -5.49 -1.32 2.61
CA HIS A 87 -4.75 -1.54 3.84
C HIS A 87 -3.67 -0.47 4.03
N MET A 88 -3.56 0.05 5.24
CA MET A 88 -2.58 1.10 5.53
C MET A 88 -1.40 0.53 6.31
N PHE A 89 -0.20 0.77 5.80
CA PHE A 89 1.02 0.31 6.45
C PHE A 89 1.56 1.41 7.36
N SER A 90 2.28 1.05 8.41
CA SER A 90 2.81 2.06 9.33
C SER A 90 4.20 1.70 9.84
N PHE A 91 5.12 2.67 9.73
CA PHE A 91 6.48 2.49 10.20
C PHE A 91 7.00 3.79 10.81
N ASN A 92 8.15 3.71 11.47
CA ASN A 92 8.75 4.89 12.11
C ASN A 92 9.83 5.52 11.24
N ASN A 93 9.82 5.24 9.94
CA ASN A 93 10.80 5.80 9.03
C ASN A 93 10.14 6.64 7.95
N ARG A 94 10.37 7.95 8.00
CA ARG A 94 9.81 8.87 7.02
C ARG A 94 10.57 8.77 5.71
N THR A 95 11.83 8.38 5.79
CA THR A 95 12.67 8.22 4.60
C THR A 95 12.41 6.88 3.92
N VAL A 96 12.32 5.83 4.73
CA VAL A 96 12.07 4.50 4.21
C VAL A 96 10.74 4.44 3.46
N MET A 97 9.71 5.05 4.04
CA MET A 97 8.39 5.07 3.44
C MET A 97 8.37 5.81 2.11
N ASP A 98 8.85 7.05 2.12
CA ASP A 98 8.86 7.89 0.93
C ASP A 98 9.81 7.35 -0.15
N ASN A 99 10.83 6.61 0.27
CA ASN A 99 11.80 6.06 -0.68
C ASN A 99 11.27 4.79 -1.33
N ILE A 100 10.52 4.00 -0.58
CA ILE A 100 9.97 2.75 -1.10
C ILE A 100 8.63 2.97 -1.79
N LYS A 101 7.94 4.07 -1.47
CA LYS A 101 6.65 4.34 -2.09
C LYS A 101 6.84 4.83 -3.52
N MET A 102 7.89 5.63 -3.73
CA MET A 102 8.19 6.17 -5.05
C MET A 102 8.35 5.05 -6.06
N THR A 103 9.06 4.00 -5.67
CA THR A 103 9.27 2.85 -6.55
C THR A 103 7.95 2.28 -7.03
N LEU A 104 6.97 2.22 -6.14
CA LEU A 104 5.65 1.69 -6.48
C LEU A 104 4.80 2.76 -7.17
N GLN A 105 4.89 3.99 -6.67
CA GLN A 105 4.12 5.09 -7.23
C GLN A 105 4.23 5.11 -8.75
N GLN A 106 5.45 4.97 -9.26
CA GLN A 106 5.68 4.97 -10.70
C GLN A 106 5.07 3.72 -11.34
N ILE A 107 5.20 2.59 -10.65
CA ILE A 107 4.68 1.33 -11.15
C ILE A 107 3.17 1.42 -11.40
N ILE A 108 2.41 1.72 -10.36
CA ILE A 108 0.96 1.82 -10.50
C ILE A 108 0.61 2.77 -11.63
N SER A 109 1.48 3.74 -11.86
CA SER A 109 1.28 4.72 -12.91
C SER A 109 1.54 4.11 -14.29
N ARG A 110 2.34 3.05 -14.32
CA ARG A 110 2.67 2.37 -15.56
C ARG A 110 1.80 1.13 -15.73
N TYR A 111 1.56 0.42 -14.63
CA TYR A 111 0.75 -0.79 -14.66
C TYR A 111 -0.72 -0.45 -14.88
N LYS A 112 -1.14 0.71 -14.38
CA LYS A 112 -2.52 1.15 -14.53
C LYS A 112 -2.91 1.25 -16.01
N ASP A 113 -2.09 1.97 -16.77
CA ASP A 113 -2.32 2.16 -18.19
C ASP A 113 -2.07 0.89 -19.00
N ALA A 114 -1.68 -0.18 -18.31
CA ALA A 114 -1.40 -1.43 -18.98
C ALA A 114 -2.36 -2.53 -18.53
N ASP A 115 -2.81 -2.44 -17.28
CA ASP A 115 -3.73 -3.43 -16.72
C ASP A 115 -5.01 -3.51 -17.56
N PRO B 11 -0.73 16.93 20.25
CA PRO B 11 -0.11 15.78 20.94
C PRO B 11 -0.84 15.43 22.24
N GLY B 12 -1.47 14.27 22.26
CA GLY B 12 -2.20 13.83 23.44
C GLY B 12 -1.49 12.72 24.19
N GLU B 13 -1.28 11.60 23.52
CA GLU B 13 -0.60 10.46 24.13
C GLU B 13 0.21 9.69 23.09
N GLU B 14 -0.40 9.41 21.96
CA GLU B 14 0.26 8.68 20.89
C GLU B 14 0.02 9.35 19.54
N GLU B 15 0.42 8.67 18.46
CA GLU B 15 0.24 9.21 17.11
C GLU B 15 -0.81 8.42 16.34
N ASP B 16 -1.27 7.31 16.92
CA ASP B 16 -2.29 6.49 16.27
C ASP B 16 -3.64 7.18 16.31
N ASP B 17 -3.67 8.45 15.94
CA ASP B 17 -4.91 9.23 15.94
C ASP B 17 -4.70 10.58 15.26
N GLU B 18 -5.02 10.62 13.97
CA GLU B 18 -4.88 11.84 13.18
C GLU B 18 -3.53 12.52 13.44
N ARG B 19 -2.49 11.71 13.62
CA ARG B 19 -1.15 12.23 13.86
C ARG B 19 -0.10 11.49 13.04
N GLY B 20 -0.36 10.20 12.80
CA GLY B 20 0.55 9.39 12.01
C GLY B 20 -0.20 8.53 11.03
N ALA B 21 -1.41 8.96 10.68
CA ALA B 21 -2.25 8.23 9.74
C ALA B 21 -3.30 9.15 9.13
N ASP B 22 -2.88 10.35 8.73
CA ASP B 22 -3.80 11.33 8.16
C ASP B 22 -3.07 12.29 7.20
N ALA B 23 -2.26 11.73 6.30
CA ALA B 23 -1.53 12.53 5.32
C ALA B 23 -1.02 11.65 4.19
N THR B 24 -1.90 10.83 3.61
CA THR B 24 -1.53 9.94 2.52
C THR B 24 -2.59 9.87 1.42
N TRP B 25 -3.82 10.25 1.75
CA TRP B 25 -4.91 10.21 0.78
C TRP B 25 -5.07 11.53 0.05
N ASP B 26 -4.13 12.45 0.21
CA ASP B 26 -4.21 13.75 -0.45
C ASP B 26 -2.94 14.08 -1.24
N LEU B 27 -2.12 13.06 -1.49
CA LEU B 27 -0.89 13.25 -2.25
C LEU B 27 -0.81 12.21 -3.36
N ASP B 28 -1.84 11.37 -3.45
CA ASP B 28 -1.88 10.34 -4.46
C ASP B 28 -3.10 10.54 -5.36
N LEU B 29 -3.55 9.48 -6.01
CA LEU B 29 -4.71 9.55 -6.88
C LEU B 29 -4.53 10.60 -7.97
N LEU B 30 -3.48 10.43 -8.77
CA LEU B 30 -3.18 11.34 -9.86
C LEU B 30 -1.93 10.91 -10.62
N LEU B 31 -1.96 9.68 -11.14
CA LEU B 31 -0.82 9.15 -11.88
C LEU B 31 -1.14 9.03 -13.37
N THR B 32 -1.78 7.92 -13.77
CA THR B 32 -2.13 7.69 -15.15
C THR B 32 -3.30 8.58 -15.58
N ASN B 33 -3.09 9.89 -15.56
CA ASN B 33 -4.13 10.85 -15.93
C ASN B 33 -3.51 12.17 -16.36
N PHE B 34 -2.96 12.91 -15.41
CA PHE B 34 -2.33 14.20 -15.70
C PHE B 34 -0.92 14.01 -16.25
N SER B 35 -0.25 12.95 -15.80
CA SER B 35 1.11 12.67 -16.25
C SER B 35 1.20 11.26 -16.82
N GLY B 36 1.94 11.11 -17.91
CA GLY B 36 2.10 9.81 -18.54
C GLY B 36 3.31 9.07 -18.02
N PRO B 37 4.52 9.60 -18.28
CA PRO B 37 5.77 8.96 -17.84
C PRO B 37 5.76 8.64 -16.35
N PRO A 1 14.35 5.86 -5.33
CA PRO A 1 14.58 4.48 -5.79
C PRO A 1 15.28 3.63 -4.73
N SER A 2 14.94 3.86 -3.48
CA SER A 2 15.53 3.13 -2.37
C SER A 2 14.96 1.72 -2.29
N HIS A 3 13.63 1.62 -2.29
CA HIS A 3 12.94 0.34 -2.21
C HIS A 3 12.93 -0.21 -0.79
N SER A 4 14.11 -0.32 -0.20
CA SER A 4 14.23 -0.81 1.16
C SER A 4 13.90 0.29 2.16
N GLY A 5 13.08 -0.05 3.13
CA GLY A 5 12.68 0.90 4.15
C GLY A 5 12.13 0.18 5.36
N ALA A 6 11.71 0.94 6.37
CA ALA A 6 11.18 0.34 7.57
C ALA A 6 9.67 0.54 7.66
N ALA A 7 8.98 -0.49 8.13
CA ALA A 7 7.54 -0.45 8.26
C ALA A 7 7.06 -1.38 9.37
N ILE A 8 5.86 -1.14 9.87
CA ILE A 8 5.32 -1.96 10.94
C ILE A 8 3.90 -2.43 10.64
N PHE A 9 3.60 -3.64 11.07
CA PHE A 9 2.27 -4.22 10.87
C PHE A 9 1.87 -5.08 12.05
N GLU A 10 0.59 -5.03 12.42
CA GLU A 10 0.08 -5.80 13.55
C GLU A 10 0.97 -5.65 14.78
N LYS A 11 1.49 -4.44 14.97
CA LYS A 11 2.35 -4.14 16.11
C LYS A 11 3.68 -4.88 16.01
N VAL A 12 4.03 -5.33 14.81
CA VAL A 12 5.29 -6.04 14.59
C VAL A 12 6.15 -5.28 13.60
N SER A 13 7.32 -4.84 14.05
CA SER A 13 8.22 -4.08 13.19
C SER A 13 9.08 -4.98 12.32
N GLY A 14 9.49 -4.43 11.19
CA GLY A 14 10.30 -5.17 10.23
C GLY A 14 10.81 -4.26 9.13
N ILE A 15 11.54 -4.82 8.17
CA ILE A 15 12.07 -4.02 7.08
C ILE A 15 11.30 -4.33 5.81
N ILE A 16 10.95 -3.28 5.08
CA ILE A 16 10.18 -3.40 3.86
C ILE A 16 11.08 -3.19 2.64
N ALA A 17 11.01 -4.10 1.67
CA ALA A 17 11.86 -3.98 0.48
C ALA A 17 11.15 -4.43 -0.80
N ILE A 18 11.31 -3.63 -1.85
CA ILE A 18 10.71 -3.93 -3.16
C ILE A 18 11.73 -4.65 -4.05
N ASN A 19 11.23 -5.58 -4.85
CA ASN A 19 12.08 -6.34 -5.76
C ASN A 19 11.66 -6.11 -7.21
N GLU A 20 12.52 -5.43 -7.96
CA GLU A 20 12.25 -5.16 -9.37
C GLU A 20 13.15 -6.03 -10.24
N ASP A 21 13.50 -7.18 -9.70
CA ASP A 21 14.35 -8.14 -10.40
C ASP A 21 13.51 -9.23 -11.03
N VAL A 22 12.32 -9.46 -10.46
CA VAL A 22 11.41 -10.47 -10.97
C VAL A 22 10.31 -9.84 -11.81
N SER A 23 9.59 -10.66 -12.58
CA SER A 23 8.51 -10.16 -13.42
C SER A 23 7.59 -9.24 -12.62
N PRO A 24 6.84 -9.79 -11.64
CA PRO A 24 5.95 -9.01 -10.80
C PRO A 24 6.71 -8.30 -9.71
N ALA A 25 7.22 -7.11 -10.01
CA ALA A 25 7.98 -6.35 -9.03
C ALA A 25 7.23 -6.34 -7.70
N GLU A 26 7.67 -7.21 -6.80
CA GLU A 26 7.02 -7.36 -5.51
C GLU A 26 7.93 -6.94 -4.36
N LEU A 27 7.37 -6.85 -3.16
CA LEU A 27 8.13 -6.43 -2.00
C LEU A 27 7.77 -7.30 -0.81
N THR A 28 8.76 -7.58 0.03
CA THR A 28 8.52 -8.39 1.20
C THR A 28 8.95 -7.66 2.46
N TRP A 29 8.23 -7.93 3.54
CA TRP A 29 8.48 -7.29 4.81
C TRP A 29 8.93 -8.29 5.87
N ARG A 30 10.20 -8.20 6.25
CA ARG A 30 10.75 -9.11 7.26
C ARG A 30 10.85 -8.40 8.62
N SER A 31 10.21 -8.98 9.64
CA SER A 31 10.22 -8.42 10.98
C SER A 31 11.64 -8.00 11.39
N THR A 32 11.72 -7.13 12.39
CA THR A 32 13.01 -6.65 12.88
C THR A 32 13.77 -7.76 13.59
N ASP A 33 13.03 -8.58 14.31
CA ASP A 33 13.62 -9.69 15.06
C ASP A 33 13.83 -10.90 14.15
N GLY A 34 13.13 -10.92 13.03
CA GLY A 34 13.25 -12.03 12.09
C GLY A 34 12.32 -13.17 12.43
N ASP A 35 11.28 -12.87 13.21
CA ASP A 35 10.31 -13.88 13.61
C ASP A 35 9.21 -14.04 12.56
N LYS A 36 8.95 -12.97 11.83
CA LYS A 36 7.92 -13.00 10.79
C LYS A 36 8.37 -12.26 9.54
N VAL A 37 7.83 -12.68 8.40
CA VAL A 37 8.15 -12.06 7.11
C VAL A 37 6.94 -12.06 6.19
N HIS A 38 6.48 -10.88 5.80
CA HIS A 38 5.33 -10.78 4.92
C HIS A 38 5.72 -10.30 3.54
N THR A 39 5.64 -11.20 2.57
CA THR A 39 5.96 -10.91 1.18
C THR A 39 4.71 -10.44 0.45
N VAL A 40 4.64 -9.15 0.16
CA VAL A 40 3.49 -8.59 -0.55
C VAL A 40 3.83 -8.38 -2.01
N VAL A 41 3.23 -9.19 -2.88
CA VAL A 41 3.51 -9.07 -4.30
C VAL A 41 2.71 -7.93 -4.92
N LEU A 42 3.43 -6.86 -5.26
CA LEU A 42 2.83 -5.70 -5.89
C LEU A 42 1.93 -6.10 -7.06
N SER A 43 2.19 -7.28 -7.61
CA SER A 43 1.42 -7.79 -8.73
C SER A 43 -0.06 -7.82 -8.37
N THR A 44 -0.36 -8.53 -7.30
CA THR A 44 -1.72 -8.63 -6.82
C THR A 44 -2.16 -7.29 -6.23
N ILE A 45 -1.18 -6.45 -5.89
CA ILE A 45 -1.48 -5.14 -5.33
C ILE A 45 -1.59 -4.08 -6.43
N ASP A 46 -2.82 -3.80 -6.85
CA ASP A 46 -3.06 -2.83 -7.91
C ASP A 46 -3.22 -1.41 -7.35
N LYS A 47 -3.12 -1.27 -6.03
CA LYS A 47 -3.26 0.04 -5.39
C LYS A 47 -2.25 0.22 -4.26
N LEU A 48 -1.75 1.44 -4.13
CA LEU A 48 -0.79 1.79 -3.09
C LEU A 48 -0.86 3.27 -2.78
N GLN A 49 -0.77 3.62 -1.50
CA GLN A 49 -0.85 5.02 -1.10
C GLN A 49 0.05 5.34 0.08
N ALA A 50 0.42 6.61 0.20
CA ALA A 50 1.26 7.11 1.28
C ALA A 50 0.67 8.39 1.85
N THR A 51 1.00 8.71 3.10
CA THR A 51 0.46 9.90 3.71
C THR A 51 1.19 11.17 3.21
N PRO A 52 0.40 12.17 2.76
CA PRO A 52 0.90 13.43 2.21
C PRO A 52 0.97 14.54 3.25
N ALA A 53 1.64 15.64 2.89
CA ALA A 53 1.78 16.80 3.77
C ALA A 53 0.47 17.14 4.49
N SER A 54 -0.65 16.56 4.04
CA SER A 54 -1.94 16.80 4.67
C SER A 54 -1.89 16.36 6.12
N SER A 55 -1.06 15.36 6.36
CA SER A 55 -0.87 14.83 7.69
C SER A 55 0.61 14.58 7.96
N GLU A 56 1.03 14.87 9.18
CA GLU A 56 2.42 14.66 9.57
C GLU A 56 2.73 13.17 9.66
N LYS A 57 1.69 12.33 9.50
CA LYS A 57 1.85 10.89 9.58
C LYS A 57 2.93 10.40 8.61
N MET A 58 3.05 9.08 8.53
CA MET A 58 4.02 8.44 7.65
C MET A 58 3.68 6.96 7.50
N MET A 59 2.64 6.69 6.72
CA MET A 59 2.19 5.32 6.52
C MET A 59 2.07 4.97 5.04
N LEU A 60 2.01 3.67 4.76
CA LEU A 60 1.88 3.18 3.39
C LEU A 60 0.79 2.11 3.33
N ARG A 61 -0.20 2.32 2.47
CA ARG A 61 -1.29 1.37 2.32
C ARG A 61 -1.34 0.81 0.90
N LEU A 62 -1.45 -0.51 0.80
CA LEU A 62 -1.51 -1.17 -0.50
C LEU A 62 -2.68 -2.13 -0.57
N ILE A 63 -3.55 -1.92 -1.55
CA ILE A 63 -4.73 -2.77 -1.73
C ILE A 63 -4.44 -3.94 -2.65
N GLY A 64 -5.06 -5.07 -2.35
CA GLY A 64 -4.87 -6.26 -3.15
C GLY A 64 -5.95 -6.45 -4.20
N LYS A 65 -6.00 -5.53 -5.16
CA LYS A 65 -6.99 -5.60 -6.23
C LYS A 65 -8.41 -5.58 -5.67
N VAL A 66 -9.39 -5.68 -6.56
CA VAL A 66 -10.80 -5.68 -6.17
C VAL A 66 -11.60 -6.67 -7.00
N ASP A 67 -12.84 -6.90 -6.60
CA ASP A 67 -13.72 -7.82 -7.31
C ASP A 67 -15.08 -7.19 -7.59
N GLU A 68 -15.06 -5.95 -8.09
CA GLU A 68 -16.29 -5.24 -8.39
C GLU A 68 -16.86 -5.65 -9.76
N SER A 69 -16.23 -6.64 -10.39
CA SER A 69 -16.68 -7.11 -11.70
C SER A 69 -17.43 -8.43 -11.54
N LYS A 70 -16.98 -9.23 -10.61
CA LYS A 70 -17.59 -10.52 -10.33
C LYS A 70 -18.30 -10.51 -8.98
N LYS A 71 -18.44 -9.31 -8.41
CA LYS A 71 -19.09 -9.14 -7.11
C LYS A 71 -20.47 -9.76 -7.08
N ARG A 72 -21.25 -9.39 -6.07
CA ARG A 72 -22.61 -9.90 -5.91
C ARG A 72 -23.62 -8.77 -6.07
N LYS A 73 -24.85 -8.98 -5.59
CA LYS A 73 -25.90 -7.97 -5.69
C LYS A 73 -26.02 -7.20 -4.37
N ASP A 74 -27.11 -6.44 -4.23
CA ASP A 74 -27.34 -5.65 -3.03
C ASP A 74 -28.82 -5.68 -2.65
N ASN A 75 -29.21 -4.74 -1.78
CA ASN A 75 -30.59 -4.65 -1.33
C ASN A 75 -31.55 -4.46 -2.50
N GLU A 76 -31.64 -3.23 -2.99
CA GLU A 76 -32.52 -2.90 -4.09
C GLU A 76 -31.96 -3.40 -5.42
N GLY A 77 -31.73 -4.70 -5.51
CA GLY A 77 -31.19 -5.28 -6.73
C GLY A 77 -29.90 -4.61 -7.17
N ASN A 78 -29.23 -3.94 -6.25
CA ASN A 78 -27.98 -3.25 -6.57
C ASN A 78 -26.80 -4.21 -6.45
N GLU A 79 -25.60 -3.66 -6.26
CA GLU A 79 -24.40 -4.49 -6.14
C GLU A 79 -23.39 -3.82 -5.20
N VAL A 80 -22.14 -4.28 -5.26
CA VAL A 80 -21.09 -3.74 -4.41
C VAL A 80 -19.77 -4.48 -4.64
N VAL A 81 -18.66 -3.85 -4.27
CA VAL A 81 -17.36 -4.46 -4.43
C VAL A 81 -17.00 -5.30 -3.20
N PRO A 82 -16.60 -6.57 -3.40
CA PRO A 82 -16.23 -7.46 -2.29
C PRO A 82 -15.05 -6.92 -1.48
N LYS A 83 -15.31 -6.52 -0.24
CA LYS A 83 -14.28 -5.97 0.64
C LYS A 83 -12.97 -6.77 0.52
N PRO A 84 -12.02 -6.27 -0.27
CA PRO A 84 -10.73 -6.93 -0.48
C PRO A 84 -9.88 -6.93 0.79
N GLN A 85 -8.58 -7.16 0.62
CA GLN A 85 -7.66 -7.19 1.75
C GLN A 85 -6.70 -6.01 1.70
N ARG A 86 -7.13 -4.87 2.19
CA ARG A 86 -6.31 -3.66 2.19
C ARG A 86 -5.33 -3.68 3.37
N HIS A 87 -4.04 -3.63 3.06
CA HIS A 87 -3.01 -3.63 4.09
C HIS A 87 -2.51 -2.21 4.37
N MET A 88 -2.69 -1.77 5.61
CA MET A 88 -2.25 -0.43 6.00
C MET A 88 -0.96 -0.51 6.78
N PHE A 89 0.13 -0.09 6.16
CA PHE A 89 1.43 -0.10 6.80
C PHE A 89 1.72 1.25 7.45
N SER A 90 2.25 1.23 8.67
CA SER A 90 2.53 2.47 9.39
C SER A 90 3.92 2.47 10.03
N PHE A 91 4.62 3.58 9.85
CA PHE A 91 5.96 3.74 10.44
C PHE A 91 6.15 5.17 10.91
N ASN A 92 7.24 5.41 11.63
CA ASN A 92 7.53 6.74 12.15
C ASN A 92 8.57 7.44 11.26
N ASN A 93 8.54 7.13 9.98
CA ASN A 93 9.47 7.73 9.03
C ASN A 93 8.75 8.40 7.87
N ARG A 94 8.88 9.73 7.79
CA ARG A 94 8.25 10.51 6.74
C ARG A 94 9.04 10.37 5.43
N THR A 95 10.34 10.46 5.52
CA THR A 95 11.21 10.35 4.36
C THR A 95 11.12 8.95 3.74
N VAL A 96 11.17 7.93 4.61
CA VAL A 96 11.08 6.54 4.16
C VAL A 96 9.80 6.30 3.37
N MET A 97 8.66 6.48 4.04
CA MET A 97 7.37 6.27 3.39
C MET A 97 7.30 6.95 2.02
N ASP A 98 7.58 8.25 2.00
CA ASP A 98 7.54 9.02 0.76
C ASP A 98 8.60 8.55 -0.23
N ASN A 99 9.65 7.89 0.27
CA ASN A 99 10.73 7.41 -0.58
C ASN A 99 10.39 6.06 -1.21
N ILE A 100 10.14 5.06 -0.38
CA ILE A 100 9.84 3.72 -0.88
C ILE A 100 8.59 3.70 -1.76
N LYS A 101 7.53 4.36 -1.30
CA LYS A 101 6.28 4.41 -2.07
C LYS A 101 6.51 5.08 -3.41
N MET A 102 7.31 6.13 -3.41
CA MET A 102 7.61 6.87 -4.63
C MET A 102 8.06 5.92 -5.74
N THR A 103 8.69 4.82 -5.34
CA THR A 103 9.18 3.83 -6.29
C THR A 103 8.12 2.78 -6.60
N LEU A 104 7.62 2.13 -5.56
CA LEU A 104 6.60 1.10 -5.71
C LEU A 104 5.31 1.67 -6.32
N GLN A 105 5.07 2.95 -6.08
CA GLN A 105 3.89 3.63 -6.59
C GLN A 105 3.86 3.61 -8.12
N GLN A 106 4.89 4.19 -8.72
CA GLN A 106 5.00 4.25 -10.18
C GLN A 106 4.70 2.89 -10.81
N ILE A 107 5.19 1.83 -10.19
CA ILE A 107 4.99 0.48 -10.69
C ILE A 107 3.51 0.15 -10.79
N ILE A 108 2.72 0.55 -9.80
CA ILE A 108 1.30 0.27 -9.83
C ILE A 108 0.62 1.08 -10.91
N SER A 109 1.16 2.26 -11.15
CA SER A 109 0.63 3.15 -12.18
C SER A 109 0.96 2.60 -13.56
N ARG A 110 2.02 1.79 -13.65
CA ARG A 110 2.44 1.20 -14.91
C ARG A 110 1.92 -0.23 -15.03
N TYR A 111 2.03 -1.00 -13.95
CA TYR A 111 1.55 -2.38 -13.95
C TYR A 111 0.04 -2.44 -14.16
N LYS A 112 -0.66 -1.48 -13.57
CA LYS A 112 -2.12 -1.41 -13.68
C LYS A 112 -2.56 -1.47 -15.14
N ASP A 113 -1.91 -0.66 -15.96
CA ASP A 113 -2.22 -0.60 -17.39
C ASP A 113 -2.21 -1.98 -18.05
N ALA A 114 -1.57 -2.94 -17.39
CA ALA A 114 -1.49 -4.30 -17.93
C ALA A 114 -2.16 -5.31 -17.01
N ASP A 115 -2.15 -5.03 -15.71
CA ASP A 115 -2.75 -5.93 -14.74
C ASP A 115 -4.24 -6.09 -15.00
N PRO B 11 3.92 13.45 19.87
CA PRO B 11 4.52 12.37 20.68
C PRO B 11 4.89 11.16 19.84
N GLY B 12 3.88 10.40 19.42
CA GLY B 12 4.11 9.23 18.60
C GLY B 12 3.89 7.94 19.37
N GLU B 13 4.93 7.10 19.41
CA GLU B 13 4.84 5.82 20.12
C GLU B 13 3.75 4.94 19.54
N GLU B 14 4.05 4.32 18.39
CA GLU B 14 3.09 3.45 17.73
C GLU B 14 1.81 4.21 17.38
N GLU B 15 1.94 5.52 17.17
CA GLU B 15 0.79 6.35 16.84
C GLU B 15 -0.29 6.25 17.91
N ASP B 16 -1.48 6.76 17.60
CA ASP B 16 -2.59 6.72 18.53
C ASP B 16 -3.70 5.81 18.03
N ASP B 17 -3.95 5.86 16.71
CA ASP B 17 -4.98 5.05 16.06
C ASP B 17 -6.15 5.93 15.67
N GLU B 18 -5.86 7.20 15.52
CA GLU B 18 -6.85 8.21 15.14
C GLU B 18 -6.16 9.46 14.62
N ARG B 19 -4.89 9.32 14.22
CA ARG B 19 -4.13 10.44 13.70
C ARG B 19 -3.04 9.95 12.76
N GLY B 20 -2.29 8.95 13.22
CA GLY B 20 -1.23 8.38 12.43
C GLY B 20 -1.71 7.31 11.47
N ALA B 21 -3.01 7.29 11.21
CA ALA B 21 -3.60 6.30 10.30
C ALA B 21 -4.91 6.80 9.72
N ASP B 22 -4.93 8.06 9.29
CA ASP B 22 -6.13 8.66 8.71
C ASP B 22 -5.82 9.86 7.83
N ALA B 23 -4.93 9.67 6.86
CA ALA B 23 -4.55 10.75 5.94
C ALA B 23 -3.89 10.18 4.69
N THR B 24 -4.27 8.95 4.34
CA THR B 24 -3.71 8.29 3.16
C THR B 24 -4.80 7.98 2.13
N TRP B 25 -6.05 8.25 2.48
CA TRP B 25 -7.17 7.97 1.58
C TRP B 25 -7.60 9.22 0.82
N ASP B 26 -6.64 10.04 0.41
CA ASP B 26 -6.97 11.26 -0.32
C ASP B 26 -5.76 11.81 -1.08
N LEU B 27 -4.76 10.98 -1.32
CA LEU B 27 -3.57 11.41 -2.07
C LEU B 27 -3.21 10.40 -3.15
N ASP B 28 -3.99 9.32 -3.23
CA ASP B 28 -3.75 8.30 -4.23
C ASP B 28 -5.05 7.96 -4.95
N LEU B 29 -5.12 6.77 -5.54
CA LEU B 29 -6.32 6.35 -6.24
C LEU B 29 -6.64 7.29 -7.40
N LEU B 30 -5.67 7.47 -8.28
CA LEU B 30 -5.83 8.35 -9.44
C LEU B 30 -4.57 8.35 -10.30
N LEU B 31 -4.24 7.20 -10.88
CA LEU B 31 -3.05 7.07 -11.73
C LEU B 31 -3.44 6.53 -13.11
N THR B 32 -3.66 5.23 -13.19
CA THR B 32 -4.02 4.60 -14.45
C THR B 32 -5.46 4.95 -14.84
N ASN B 33 -5.61 5.76 -15.88
CA ASN B 33 -6.93 6.17 -16.36
C ASN B 33 -6.92 6.37 -17.87
N PHE B 34 -6.30 7.46 -18.31
CA PHE B 34 -6.22 7.78 -19.74
C PHE B 34 -4.82 8.25 -20.11
N SER B 35 -3.81 7.69 -19.45
CA SER B 35 -2.43 8.05 -19.72
C SER B 35 -1.80 7.08 -20.72
N GLY B 36 -2.09 7.28 -22.00
CA GLY B 36 -1.55 6.42 -23.03
C GLY B 36 -2.60 5.98 -24.03
N PRO B 37 -3.26 4.83 -23.78
CA PRO B 37 -4.29 4.31 -24.68
C PRO B 37 -5.56 5.15 -24.66
N PRO A 1 15.29 3.04 -7.13
CA PRO A 1 14.50 4.05 -6.37
C PRO A 1 14.19 3.58 -4.96
N SER A 2 15.13 2.88 -4.35
CA SER A 2 14.95 2.36 -2.99
C SER A 2 13.79 1.37 -2.92
N HIS A 3 14.11 0.13 -2.60
CA HIS A 3 13.09 -0.92 -2.52
C HIS A 3 13.03 -1.49 -1.11
N SER A 4 14.19 -1.65 -0.49
CA SER A 4 14.26 -2.19 0.85
C SER A 4 14.11 -1.07 1.88
N GLY A 5 13.25 -1.33 2.86
CA GLY A 5 12.99 -0.36 3.91
C GLY A 5 12.34 -1.03 5.10
N ALA A 6 12.04 -0.26 6.13
CA ALA A 6 11.42 -0.82 7.31
C ALA A 6 9.96 -0.42 7.41
N ALA A 7 9.13 -1.37 7.83
CA ALA A 7 7.70 -1.14 7.97
C ALA A 7 7.14 -1.97 9.11
N ILE A 8 5.98 -1.56 9.63
CA ILE A 8 5.38 -2.28 10.74
C ILE A 8 3.89 -2.54 10.51
N PHE A 9 3.44 -3.69 10.99
CA PHE A 9 2.05 -4.08 10.88
C PHE A 9 1.61 -4.86 12.12
N GLU A 10 0.35 -4.65 12.52
CA GLU A 10 -0.20 -5.31 13.70
C GLU A 10 0.80 -5.32 14.85
N LYS A 11 1.43 -4.17 15.06
CA LYS A 11 2.42 -4.02 16.14
C LYS A 11 3.61 -4.94 15.95
N VAL A 12 3.80 -5.44 14.72
CA VAL A 12 4.93 -6.31 14.42
C VAL A 12 5.82 -5.66 13.39
N SER A 13 7.05 -5.36 13.78
CA SER A 13 7.99 -4.72 12.88
C SER A 13 8.71 -5.71 11.98
N GLY A 14 9.16 -5.22 10.84
CA GLY A 14 9.84 -6.04 9.87
C GLY A 14 10.46 -5.21 8.76
N ILE A 15 11.07 -5.85 7.78
CA ILE A 15 11.69 -5.14 6.69
C ILE A 15 10.85 -5.31 5.42
N ILE A 16 10.61 -4.20 4.73
CA ILE A 16 9.81 -4.20 3.53
C ILE A 16 10.70 -4.04 2.30
N ALA A 17 10.54 -4.94 1.32
CA ALA A 17 11.35 -4.90 0.12
C ALA A 17 10.56 -5.22 -1.15
N ILE A 18 10.86 -4.50 -2.23
CA ILE A 18 10.21 -4.72 -3.51
C ILE A 18 11.05 -5.64 -4.40
N ASN A 19 10.36 -6.47 -5.17
CA ASN A 19 11.02 -7.42 -6.07
C ASN A 19 10.55 -7.22 -7.50
N GLU A 20 11.45 -6.74 -8.34
CA GLU A 20 11.15 -6.53 -9.75
C GLU A 20 11.89 -7.55 -10.59
N ASP A 21 12.13 -8.70 -10.00
CA ASP A 21 12.83 -9.79 -10.69
C ASP A 21 11.84 -10.82 -11.19
N VAL A 22 10.68 -10.90 -10.54
CA VAL A 22 9.64 -11.84 -10.92
C VAL A 22 8.58 -11.17 -11.79
N SER A 23 7.72 -11.96 -12.42
CA SER A 23 6.68 -11.41 -13.28
C SER A 23 5.93 -10.29 -12.57
N PRO A 24 5.17 -10.61 -11.50
CA PRO A 24 4.44 -9.60 -10.74
C PRO A 24 5.36 -8.89 -9.77
N ALA A 25 5.99 -7.83 -10.24
CA ALA A 25 6.91 -7.06 -9.40
C ALA A 25 6.24 -6.74 -8.08
N GLU A 26 6.48 -7.60 -7.11
CA GLU A 26 5.88 -7.48 -5.79
C GLU A 26 6.90 -7.20 -4.70
N LEU A 27 6.41 -6.89 -3.50
CA LEU A 27 7.26 -6.60 -2.38
C LEU A 27 6.82 -7.42 -1.19
N THR A 28 7.77 -7.91 -0.41
CA THR A 28 7.42 -8.71 0.75
C THR A 28 7.98 -8.11 2.02
N TRP A 29 7.24 -8.33 3.09
CA TRP A 29 7.59 -7.83 4.41
C TRP A 29 8.03 -8.97 5.31
N ARG A 30 9.15 -8.79 6.01
CA ARG A 30 9.66 -9.82 6.90
C ARG A 30 9.99 -9.24 8.27
N SER A 31 9.33 -9.76 9.31
CA SER A 31 9.57 -9.28 10.66
C SER A 31 11.04 -9.46 11.06
N THR A 32 11.52 -8.55 11.90
CA THR A 32 12.89 -8.61 12.38
C THR A 32 13.15 -9.89 13.14
N ASP A 33 12.10 -10.42 13.77
CA ASP A 33 12.20 -11.64 14.54
C ASP A 33 12.35 -12.85 13.62
N GLY A 34 11.79 -12.75 12.43
CA GLY A 34 11.87 -13.84 11.46
C GLY A 34 10.79 -14.88 11.69
N ASP A 35 9.68 -14.47 12.28
CA ASP A 35 8.58 -15.37 12.55
C ASP A 35 7.42 -15.14 11.59
N LYS A 36 7.29 -13.90 11.14
CA LYS A 36 6.22 -13.54 10.21
C LYS A 36 6.76 -12.80 8.99
N VAL A 37 6.16 -13.07 7.85
CA VAL A 37 6.56 -12.43 6.60
C VAL A 37 5.36 -12.22 5.69
N HIS A 38 5.10 -10.96 5.33
CA HIS A 38 3.95 -10.65 4.47
C HIS A 38 4.40 -10.21 3.08
N THR A 39 4.15 -11.08 2.11
CA THR A 39 4.48 -10.81 0.70
C THR A 39 3.28 -10.18 0.01
N VAL A 40 3.37 -8.89 -0.29
CA VAL A 40 2.27 -8.20 -0.95
C VAL A 40 2.52 -8.14 -2.45
N VAL A 41 1.72 -8.86 -3.22
CA VAL A 41 1.89 -8.87 -4.67
C VAL A 41 1.42 -7.56 -5.28
N LEU A 42 2.38 -6.71 -5.61
CA LEU A 42 2.10 -5.42 -6.23
C LEU A 42 1.15 -5.59 -7.42
N SER A 43 1.17 -6.79 -8.00
CA SER A 43 0.32 -7.10 -9.14
C SER A 43 -1.14 -6.94 -8.75
N THR A 44 -1.50 -7.61 -7.67
CA THR A 44 -2.85 -7.54 -7.14
C THR A 44 -3.09 -6.16 -6.55
N ILE A 45 -2.01 -5.45 -6.25
CA ILE A 45 -2.11 -4.11 -5.69
C ILE A 45 -2.35 -3.07 -6.78
N ASP A 46 -3.59 -2.61 -6.89
CA ASP A 46 -3.95 -1.61 -7.89
C ASP A 46 -3.81 -0.19 -7.34
N LYS A 47 -3.42 -0.08 -6.08
CA LYS A 47 -3.24 1.22 -5.45
C LYS A 47 -2.11 1.20 -4.43
N LEU A 48 -1.39 2.31 -4.34
CA LEU A 48 -0.28 2.43 -3.40
C LEU A 48 -0.06 3.89 -3.04
N GLN A 49 -0.27 4.23 -1.77
CA GLN A 49 -0.12 5.61 -1.32
C GLN A 49 0.91 5.73 -0.20
N ALA A 50 1.50 6.92 -0.09
CA ALA A 50 2.49 7.20 0.94
C ALA A 50 2.22 8.57 1.55
N THR A 51 2.56 8.75 2.81
CA THR A 51 2.32 10.02 3.47
C THR A 51 3.35 11.08 3.07
N PRO A 52 2.86 12.24 2.58
CA PRO A 52 3.68 13.35 2.13
C PRO A 52 3.88 14.40 3.20
N ALA A 53 4.81 15.32 2.97
CA ALA A 53 5.10 16.39 3.92
C ALA A 53 3.83 17.11 4.40
N SER A 54 2.67 16.74 3.85
CA SER A 54 1.40 17.35 4.25
C SER A 54 1.16 17.12 5.73
N SER A 55 1.65 16.01 6.21
CA SER A 55 1.52 15.62 7.60
C SER A 55 2.84 15.09 8.14
N GLU A 56 2.87 14.81 9.44
CA GLU A 56 4.08 14.31 10.08
C GLU A 56 4.09 12.79 10.17
N LYS A 57 3.41 12.15 9.22
CA LYS A 57 3.35 10.69 9.21
C LYS A 57 4.38 10.10 8.24
N MET A 58 4.54 8.78 8.32
CA MET A 58 5.47 8.06 7.46
C MET A 58 4.96 6.64 7.26
N MET A 59 3.88 6.52 6.50
CA MET A 59 3.26 5.22 6.25
C MET A 59 3.13 4.91 4.76
N LEU A 60 2.67 3.70 4.47
CA LEU A 60 2.47 3.23 3.11
C LEU A 60 1.24 2.33 3.06
N ARG A 61 0.32 2.61 2.15
CA ARG A 61 -0.92 1.82 2.04
C ARG A 61 -1.02 1.15 0.68
N LEU A 62 -1.48 -0.10 0.66
CA LEU A 62 -1.63 -0.85 -0.57
C LEU A 62 -3.05 -1.38 -0.71
N ILE A 63 -3.75 -0.95 -1.75
CA ILE A 63 -5.13 -1.40 -1.99
C ILE A 63 -5.18 -2.33 -3.20
N GLY A 64 -5.34 -3.62 -2.94
CA GLY A 64 -5.40 -4.59 -4.01
C GLY A 64 -6.83 -4.86 -4.47
N LYS A 65 -6.96 -5.30 -5.71
CA LYS A 65 -8.27 -5.60 -6.27
C LYS A 65 -9.17 -4.36 -6.28
N VAL A 66 -10.18 -4.38 -7.13
CA VAL A 66 -11.11 -3.25 -7.22
C VAL A 66 -11.94 -3.10 -5.96
N ASP A 67 -12.84 -2.13 -5.96
CA ASP A 67 -13.70 -1.88 -4.81
C ASP A 67 -14.85 -2.87 -4.77
N GLU A 68 -15.83 -2.61 -3.90
CA GLU A 68 -16.98 -3.48 -3.77
C GLU A 68 -18.26 -2.79 -4.24
N SER A 69 -18.23 -1.47 -4.29
CA SER A 69 -19.39 -0.70 -4.73
C SER A 69 -19.91 -1.19 -6.07
N LYS A 70 -19.03 -1.79 -6.85
CA LYS A 70 -19.39 -2.31 -8.17
C LYS A 70 -19.80 -3.78 -8.11
N LYS A 71 -19.96 -4.31 -6.89
CA LYS A 71 -20.34 -5.70 -6.72
C LYS A 71 -21.65 -6.03 -7.44
N ARG A 72 -22.26 -7.15 -7.06
CA ARG A 72 -23.51 -7.58 -7.66
C ARG A 72 -24.19 -8.64 -6.80
N LYS A 73 -25.48 -8.50 -6.60
CA LYS A 73 -26.25 -9.44 -5.78
C LYS A 73 -26.10 -10.86 -6.33
N ASP A 74 -26.83 -11.80 -5.73
CA ASP A 74 -26.78 -13.18 -6.15
C ASP A 74 -28.18 -13.79 -6.21
N ASN A 75 -28.27 -15.03 -6.65
CA ASN A 75 -29.56 -15.72 -6.75
C ASN A 75 -30.25 -15.79 -5.39
N GLU A 76 -29.45 -15.92 -4.35
CA GLU A 76 -29.96 -16.01 -3.00
C GLU A 76 -29.92 -14.65 -2.30
N GLY A 77 -29.18 -13.71 -2.89
CA GLY A 77 -29.06 -12.39 -2.31
C GLY A 77 -27.84 -12.25 -1.43
N ASN A 78 -26.86 -13.11 -1.64
CA ASN A 78 -25.62 -13.09 -0.87
C ASN A 78 -24.61 -12.13 -1.48
N GLU A 79 -24.79 -11.81 -2.76
CA GLU A 79 -23.88 -10.91 -3.46
C GLU A 79 -22.47 -11.50 -3.54
N VAL A 80 -21.55 -10.74 -4.12
CA VAL A 80 -20.17 -11.20 -4.26
C VAL A 80 -19.21 -10.25 -3.57
N VAL A 81 -19.51 -8.95 -3.65
CA VAL A 81 -18.69 -7.92 -3.04
C VAL A 81 -17.20 -8.25 -3.16
N PRO A 82 -16.57 -7.85 -4.28
CA PRO A 82 -15.15 -8.11 -4.53
C PRO A 82 -14.26 -7.67 -3.38
N LYS A 83 -14.14 -8.53 -2.37
CA LYS A 83 -13.32 -8.23 -1.20
C LYS A 83 -11.93 -7.76 -1.62
N PRO A 84 -11.68 -6.44 -1.58
CA PRO A 84 -10.38 -5.86 -1.95
C PRO A 84 -9.31 -6.15 -0.92
N GLN A 85 -8.13 -5.56 -1.11
CA GLN A 85 -7.01 -5.76 -0.20
C GLN A 85 -6.38 -4.44 0.20
N ARG A 86 -7.04 -3.71 1.09
CA ARG A 86 -6.54 -2.42 1.54
C ARG A 86 -5.92 -2.54 2.93
N HIS A 87 -4.69 -2.05 3.08
CA HIS A 87 -3.99 -2.10 4.36
C HIS A 87 -3.11 -0.88 4.56
N MET A 88 -2.93 -0.48 5.81
CA MET A 88 -2.10 0.69 6.13
C MET A 88 -0.81 0.29 6.84
N PHE A 89 0.31 0.48 6.15
CA PHE A 89 1.62 0.16 6.70
C PHE A 89 2.22 1.40 7.34
N SER A 90 2.73 1.28 8.57
CA SER A 90 3.29 2.43 9.26
C SER A 90 4.67 2.15 9.85
N PHE A 91 5.63 3.01 9.54
CA PHE A 91 6.98 2.88 10.06
C PHE A 91 7.47 4.21 10.61
N ASN A 92 8.61 4.18 11.30
CA ASN A 92 9.18 5.39 11.88
C ASN A 92 10.19 6.02 10.95
N ASN A 93 10.03 5.80 9.64
CA ASN A 93 10.94 6.36 8.65
C ASN A 93 10.19 7.10 7.57
N ARG A 94 10.30 8.43 7.59
CA ARG A 94 9.63 9.27 6.60
C ARG A 94 10.42 9.30 5.29
N THR A 95 11.73 9.14 5.39
CA THR A 95 12.59 9.15 4.22
C THR A 95 12.44 7.85 3.43
N VAL A 96 12.48 6.74 4.15
CA VAL A 96 12.34 5.42 3.53
C VAL A 96 10.99 5.29 2.84
N MET A 97 9.91 5.43 3.61
CA MET A 97 8.55 5.32 3.09
C MET A 97 8.39 6.03 1.75
N ASP A 98 8.73 7.30 1.71
CA ASP A 98 8.60 8.09 0.48
C ASP A 98 9.54 7.58 -0.61
N ASN A 99 10.64 6.96 -0.21
CA ASN A 99 11.61 6.45 -1.16
C ASN A 99 11.17 5.08 -1.69
N ILE A 100 10.54 4.28 -0.84
CA ILE A 100 10.10 2.95 -1.22
C ILE A 100 8.70 2.98 -1.84
N LYS A 101 7.93 4.04 -1.57
CA LYS A 101 6.58 4.15 -2.12
C LYS A 101 6.64 4.62 -3.57
N MET A 102 7.60 5.49 -3.85
CA MET A 102 7.78 6.03 -5.19
C MET A 102 7.95 4.92 -6.21
N THR A 103 8.77 3.93 -5.88
CA THR A 103 9.02 2.80 -6.77
C THR A 103 7.71 2.10 -7.13
N LEU A 104 6.83 1.97 -6.15
CA LEU A 104 5.54 1.32 -6.35
C LEU A 104 4.59 2.24 -7.10
N GLN A 105 4.46 3.47 -6.61
CA GLN A 105 3.57 4.45 -7.24
C GLN A 105 3.78 4.50 -8.75
N GLN A 106 5.04 4.54 -9.18
CA GLN A 106 5.37 4.58 -10.60
C GLN A 106 4.96 3.28 -11.28
N ILE A 107 5.24 2.16 -10.64
CA ILE A 107 4.91 0.85 -11.18
C ILE A 107 3.44 0.76 -11.57
N ILE A 108 2.55 1.05 -10.62
CA ILE A 108 1.12 0.98 -10.89
C ILE A 108 0.76 1.81 -12.11
N SER A 109 1.16 3.06 -12.08
CA SER A 109 0.90 3.98 -13.18
C SER A 109 1.38 3.38 -14.50
N ARG A 110 2.38 2.52 -14.41
CA ARG A 110 2.93 1.87 -15.60
C ARG A 110 2.16 0.58 -15.90
N TYR A 111 2.04 -0.29 -14.89
CA TYR A 111 1.33 -1.55 -15.05
C TYR A 111 -0.13 -1.32 -15.41
N LYS A 112 -0.76 -0.36 -14.74
CA LYS A 112 -2.17 -0.05 -15.00
C LYS A 112 -2.42 0.17 -16.50
N ASP A 113 -1.38 0.65 -17.18
CA ASP A 113 -1.48 0.91 -18.62
C ASP A 113 -1.56 -0.39 -19.42
N ALA A 114 -1.36 -1.52 -18.75
CA ALA A 114 -1.41 -2.81 -19.42
C ALA A 114 -2.29 -3.79 -18.66
N ASP A 115 -2.08 -3.88 -17.34
CA ASP A 115 -2.86 -4.78 -16.50
C ASP A 115 -4.35 -4.46 -16.59
N PRO B 11 -6.09 16.57 24.67
CA PRO B 11 -5.12 15.88 23.78
C PRO B 11 -3.85 15.49 24.51
N GLY B 12 -3.39 14.26 24.28
CA GLY B 12 -2.18 13.79 24.93
C GLY B 12 -1.27 13.03 23.99
N GLU B 13 -0.99 11.77 24.32
CA GLU B 13 -0.13 10.93 23.50
C GLU B 13 -0.94 9.85 22.79
N GLU B 14 -1.03 9.97 21.47
CA GLU B 14 -1.79 9.00 20.68
C GLU B 14 -1.67 9.32 19.19
N GLU B 15 -1.28 8.32 18.41
CA GLU B 15 -1.13 8.49 16.97
C GLU B 15 -2.23 7.77 16.20
N ASP B 16 -2.85 6.79 16.85
CA ASP B 16 -3.93 6.04 16.22
C ASP B 16 -5.19 6.89 16.10
N ASP B 17 -5.02 8.14 15.67
CA ASP B 17 -6.15 9.05 15.52
C ASP B 17 -5.70 10.37 14.93
N GLU B 18 -5.84 10.52 13.62
CA GLU B 18 -5.46 11.73 12.92
C GLU B 18 -4.08 12.23 13.38
N ARG B 19 -3.17 11.30 13.61
CA ARG B 19 -1.82 11.64 14.04
C ARG B 19 -0.85 10.52 13.72
N GLY B 20 -0.27 10.60 12.53
CA GLY B 20 0.67 9.58 12.09
C GLY B 20 -0.01 8.50 11.27
N ALA B 21 -1.31 8.68 11.01
CA ALA B 21 -2.09 7.73 10.25
C ALA B 21 -3.31 8.42 9.64
N ASP B 22 -3.07 9.54 8.97
CA ASP B 22 -4.16 10.29 8.36
C ASP B 22 -3.64 11.36 7.40
N ALA B 23 -2.80 10.95 6.44
CA ALA B 23 -2.26 11.88 5.45
C ALA B 23 -1.78 11.14 4.22
N THR B 24 -2.49 10.07 3.83
CA THR B 24 -2.13 9.29 2.67
C THR B 24 -3.29 9.16 1.68
N TRP B 25 -4.49 9.54 2.12
CA TRP B 25 -5.66 9.44 1.26
C TRP B 25 -5.91 10.73 0.48
N ASP B 26 -4.85 11.45 0.14
CA ASP B 26 -5.00 12.69 -0.61
C ASP B 26 -3.73 13.07 -1.40
N LEU B 27 -2.82 12.12 -1.55
CA LEU B 27 -1.59 12.37 -2.31
C LEU B 27 -1.36 11.28 -3.33
N ASP B 28 -2.29 10.32 -3.39
CA ASP B 28 -2.19 9.23 -4.33
C ASP B 28 -3.43 9.17 -5.22
N LEU B 29 -3.76 7.98 -5.71
CA LEU B 29 -4.92 7.81 -6.57
C LEU B 29 -4.83 8.68 -7.81
N LEU B 30 -4.00 8.24 -8.76
CA LEU B 30 -3.80 8.96 -10.01
C LEU B 30 -2.75 8.26 -10.87
N LEU B 31 -2.82 6.93 -10.89
CA LEU B 31 -1.88 6.12 -11.66
C LEU B 31 -2.40 5.85 -13.07
N THR B 32 -1.96 6.67 -14.02
CA THR B 32 -2.36 6.52 -15.42
C THR B 32 -3.86 6.22 -15.55
N ASN B 33 -4.65 6.82 -14.65
CA ASN B 33 -6.08 6.61 -14.66
C ASN B 33 -6.80 7.77 -15.34
N PHE B 34 -6.36 8.98 -15.05
CA PHE B 34 -6.95 10.18 -15.64
C PHE B 34 -6.10 10.70 -16.79
N SER B 35 -4.84 11.00 -16.50
CA SER B 35 -3.92 11.50 -17.51
C SER B 35 -2.55 10.84 -17.38
N GLY B 36 -2.04 10.33 -18.50
CA GLY B 36 -0.75 9.67 -18.49
C GLY B 36 -0.68 8.51 -19.46
N PRO B 37 -0.26 8.75 -20.72
CA PRO B 37 -0.16 7.71 -21.74
C PRO B 37 0.97 6.72 -21.45
N PRO A 1 14.79 5.05 -5.35
CA PRO A 1 15.32 3.68 -5.58
C PRO A 1 15.81 3.03 -4.28
N SER A 2 15.11 3.30 -3.20
CA SER A 2 15.48 2.74 -1.90
C SER A 2 14.99 1.30 -1.77
N HIS A 3 13.72 1.07 -2.08
CA HIS A 3 13.12 -0.26 -2.01
C HIS A 3 13.10 -0.77 -0.59
N SER A 4 14.26 -1.19 -0.10
CA SER A 4 14.36 -1.69 1.26
C SER A 4 14.14 -0.57 2.26
N GLY A 5 13.29 -0.84 3.24
CA GLY A 5 13.00 0.14 4.27
C GLY A 5 12.35 -0.52 5.46
N ALA A 6 11.99 0.26 6.46
CA ALA A 6 11.36 -0.29 7.64
C ALA A 6 9.88 0.07 7.69
N ALA A 7 9.07 -0.89 8.10
CA ALA A 7 7.63 -0.70 8.20
C ALA A 7 7.04 -1.56 9.31
N ILE A 8 5.86 -1.18 9.79
CA ILE A 8 5.23 -1.93 10.86
C ILE A 8 3.77 -2.23 10.54
N PHE A 9 3.32 -3.40 10.98
CA PHE A 9 1.95 -3.84 10.77
C PHE A 9 1.47 -4.69 11.95
N GLU A 10 0.20 -4.54 12.31
CA GLU A 10 -0.37 -5.28 13.42
C GLU A 10 0.52 -5.20 14.66
N LYS A 11 1.15 -4.05 14.83
CA LYS A 11 2.02 -3.83 15.99
C LYS A 11 3.30 -4.68 15.91
N VAL A 12 3.61 -5.17 14.71
CA VAL A 12 4.81 -5.98 14.52
C VAL A 12 5.75 -5.30 13.54
N SER A 13 6.95 -4.99 13.99
CA SER A 13 7.92 -4.32 13.14
C SER A 13 8.71 -5.31 12.28
N GLY A 14 9.15 -4.81 11.14
CA GLY A 14 9.89 -5.61 10.19
C GLY A 14 10.50 -4.76 9.10
N ILE A 15 11.17 -5.38 8.15
CA ILE A 15 11.78 -4.65 7.05
C ILE A 15 10.99 -4.87 5.78
N ILE A 16 10.77 -3.78 5.06
CA ILE A 16 10.00 -3.81 3.84
C ILE A 16 10.92 -3.69 2.62
N ALA A 17 10.83 -4.64 1.70
CA ALA A 17 11.70 -4.64 0.51
C ALA A 17 10.95 -4.98 -0.77
N ILE A 18 11.26 -4.24 -1.84
CA ILE A 18 10.64 -4.46 -3.14
C ILE A 18 11.50 -5.41 -3.98
N ASN A 19 10.83 -6.24 -4.78
CA ASN A 19 11.50 -7.22 -5.63
C ASN A 19 11.15 -6.99 -7.08
N GLU A 20 12.13 -6.55 -7.85
CA GLU A 20 11.95 -6.31 -9.28
C GLU A 20 12.69 -7.36 -10.08
N ASP A 21 12.83 -8.53 -9.48
CA ASP A 21 13.52 -9.65 -10.11
C ASP A 21 12.52 -10.65 -10.68
N VAL A 22 11.30 -10.63 -10.13
CA VAL A 22 10.25 -11.53 -10.59
C VAL A 22 9.27 -10.80 -11.50
N SER A 23 8.45 -11.55 -12.23
CA SER A 23 7.46 -10.95 -13.12
C SER A 23 6.68 -9.86 -12.40
N PRO A 24 5.83 -10.22 -11.42
CA PRO A 24 5.06 -9.25 -10.65
C PRO A 24 5.92 -8.60 -9.58
N ALA A 25 6.64 -7.55 -9.96
CA ALA A 25 7.51 -6.85 -9.01
C ALA A 25 6.78 -6.69 -7.70
N GLU A 26 7.10 -7.56 -6.75
CA GLU A 26 6.44 -7.55 -5.46
C GLU A 26 7.41 -7.22 -4.34
N LEU A 27 6.87 -6.99 -3.14
CA LEU A 27 7.67 -6.65 -1.99
C LEU A 27 7.24 -7.45 -0.78
N THR A 28 8.20 -7.91 0.00
CA THR A 28 7.87 -8.68 1.19
C THR A 28 8.36 -8.00 2.44
N TRP A 29 7.62 -8.20 3.51
CA TRP A 29 7.92 -7.59 4.78
C TRP A 29 8.25 -8.64 5.86
N ARG A 30 9.51 -8.69 6.27
CA ARG A 30 9.95 -9.64 7.28
C ARG A 30 10.14 -8.95 8.63
N SER A 31 9.44 -9.43 9.66
CA SER A 31 9.57 -8.84 10.99
C SER A 31 11.03 -8.79 11.44
N THR A 32 11.35 -7.78 12.24
CA THR A 32 12.72 -7.62 12.74
C THR A 32 13.19 -8.85 13.49
N ASP A 33 12.24 -9.55 14.12
CA ASP A 33 12.54 -10.75 14.88
C ASP A 33 12.70 -11.95 13.96
N GLY A 34 12.03 -11.91 12.82
CA GLY A 34 12.09 -12.99 11.87
C GLY A 34 11.03 -14.05 12.11
N ASP A 35 10.11 -13.76 13.04
CA ASP A 35 9.06 -14.70 13.38
C ASP A 35 7.89 -14.59 12.41
N LYS A 36 7.83 -13.49 11.66
CA LYS A 36 6.76 -13.27 10.71
C LYS A 36 7.26 -12.51 9.48
N VAL A 37 6.72 -12.87 8.32
CA VAL A 37 7.09 -12.22 7.08
C VAL A 37 5.90 -12.13 6.14
N HIS A 38 5.51 -10.91 5.78
CA HIS A 38 4.38 -10.70 4.88
C HIS A 38 4.82 -10.26 3.50
N THR A 39 4.68 -11.15 2.53
CA THR A 39 5.04 -10.87 1.14
C THR A 39 3.85 -10.25 0.42
N VAL A 40 3.93 -8.95 0.14
CA VAL A 40 2.86 -8.25 -0.55
C VAL A 40 3.18 -8.14 -2.03
N VAL A 41 2.43 -8.86 -2.86
CA VAL A 41 2.68 -8.82 -4.29
C VAL A 41 2.07 -7.59 -4.94
N LEU A 42 2.93 -6.64 -5.24
CA LEU A 42 2.51 -5.40 -5.89
C LEU A 42 1.61 -5.68 -7.09
N SER A 43 1.75 -6.89 -7.64
CA SER A 43 0.94 -7.28 -8.78
C SER A 43 -0.52 -7.32 -8.38
N THR A 44 -0.78 -7.97 -7.27
CA THR A 44 -2.12 -8.06 -6.73
C THR A 44 -2.54 -6.70 -6.17
N ILE A 45 -1.55 -5.85 -5.88
CA ILE A 45 -1.83 -4.52 -5.36
C ILE A 45 -2.03 -3.52 -6.51
N ASP A 46 -3.15 -2.80 -6.47
CA ASP A 46 -3.47 -1.83 -7.51
C ASP A 46 -3.42 -0.40 -6.97
N LYS A 47 -3.60 -0.24 -5.66
CA LYS A 47 -3.57 1.07 -5.05
C LYS A 47 -2.34 1.25 -4.16
N LEU A 48 -1.97 2.51 -3.93
CA LEU A 48 -0.81 2.81 -3.11
C LEU A 48 -0.95 4.21 -2.50
N GLN A 49 -0.81 4.30 -1.18
CA GLN A 49 -0.94 5.58 -0.49
C GLN A 49 0.20 5.83 0.49
N ALA A 50 0.70 7.07 0.49
CA ALA A 50 1.77 7.48 1.39
C ALA A 50 1.44 8.80 2.04
N THR A 51 1.99 9.05 3.21
CA THR A 51 1.72 10.28 3.94
C THR A 51 2.50 11.47 3.34
N PRO A 52 1.76 12.44 2.78
CA PRO A 52 2.32 13.63 2.16
C PRO A 52 2.39 14.81 3.13
N ALA A 53 3.11 15.86 2.72
CA ALA A 53 3.26 17.06 3.54
C ALA A 53 1.91 17.59 4.07
N SER A 54 0.80 16.99 3.64
CA SER A 54 -0.52 17.40 4.09
C SER A 54 -0.63 17.25 5.60
N SER A 55 0.09 16.26 6.09
CA SER A 55 0.11 15.97 7.51
C SER A 55 1.52 15.62 7.96
N GLU A 56 1.71 15.46 9.27
CA GLU A 56 3.01 15.11 9.82
C GLU A 56 3.07 13.59 10.02
N LYS A 57 2.38 12.87 9.16
CA LYS A 57 2.31 11.43 9.23
C LYS A 57 3.54 10.77 8.62
N MET A 58 3.50 9.44 8.54
CA MET A 58 4.58 8.65 7.98
C MET A 58 4.14 7.19 7.91
N MET A 59 3.51 6.82 6.80
CA MET A 59 3.02 5.47 6.62
C MET A 59 2.65 5.19 5.17
N LEU A 60 2.87 3.94 4.74
CA LEU A 60 2.55 3.54 3.37
C LEU A 60 1.43 2.50 3.38
N ARG A 61 0.42 2.71 2.54
CA ARG A 61 -0.71 1.79 2.46
C ARG A 61 -0.83 1.19 1.06
N LEU A 62 -1.03 -0.12 1.01
CA LEU A 62 -1.16 -0.83 -0.26
C LEU A 62 -2.50 -1.57 -0.33
N ILE A 63 -3.22 -1.38 -1.42
CA ILE A 63 -4.51 -2.03 -1.60
C ILE A 63 -4.48 -3.06 -2.71
N GLY A 64 -5.24 -4.13 -2.53
CA GLY A 64 -5.30 -5.19 -3.51
C GLY A 64 -5.74 -4.70 -4.87
N LYS A 65 -6.17 -5.63 -5.73
CA LYS A 65 -6.62 -5.29 -7.07
C LYS A 65 -8.14 -5.22 -7.15
N VAL A 66 -8.81 -5.84 -6.19
CA VAL A 66 -10.28 -5.86 -6.16
C VAL A 66 -10.84 -4.44 -6.27
N ASP A 67 -12.11 -4.34 -6.65
CA ASP A 67 -12.77 -3.05 -6.79
C ASP A 67 -14.06 -2.99 -5.98
N GLU A 68 -14.61 -4.16 -5.63
CA GLU A 68 -15.85 -4.23 -4.86
C GLU A 68 -16.89 -3.26 -5.40
N SER A 69 -16.83 -3.00 -6.70
CA SER A 69 -17.76 -2.09 -7.35
C SER A 69 -18.52 -2.78 -8.48
N LYS A 70 -17.86 -3.74 -9.11
CA LYS A 70 -18.45 -4.48 -10.22
C LYS A 70 -19.48 -5.49 -9.71
N LYS A 71 -19.30 -5.93 -8.46
CA LYS A 71 -20.20 -6.89 -7.84
C LYS A 71 -20.44 -8.13 -8.71
N ARG A 72 -20.89 -9.19 -8.05
CA ARG A 72 -21.21 -10.43 -8.72
C ARG A 72 -22.73 -10.57 -8.84
N LYS A 73 -23.44 -9.79 -8.02
CA LYS A 73 -24.89 -9.78 -8.01
C LYS A 73 -25.43 -11.12 -7.53
N ASP A 74 -26.76 -11.29 -7.61
CA ASP A 74 -27.40 -12.52 -7.18
C ASP A 74 -28.68 -12.76 -7.97
N ASN A 75 -29.33 -13.89 -7.71
CA ASN A 75 -30.57 -14.25 -8.39
C ASN A 75 -31.63 -13.17 -8.18
N GLU A 76 -31.61 -12.56 -7.02
CA GLU A 76 -32.56 -11.51 -6.68
C GLU A 76 -31.93 -10.13 -6.83
N GLY A 77 -30.60 -10.10 -6.89
CA GLY A 77 -29.90 -8.83 -7.02
C GLY A 77 -29.35 -8.32 -5.70
N ASN A 78 -29.05 -9.26 -4.80
CA ASN A 78 -28.51 -8.91 -3.49
C ASN A 78 -27.15 -8.25 -3.62
N GLU A 79 -26.30 -8.81 -4.48
CA GLU A 79 -24.96 -8.27 -4.70
C GLU A 79 -24.14 -8.31 -3.43
N VAL A 80 -22.82 -8.21 -3.56
CA VAL A 80 -21.93 -8.23 -2.42
C VAL A 80 -20.74 -7.29 -2.62
N VAL A 81 -20.11 -6.90 -1.52
CA VAL A 81 -18.96 -6.02 -1.58
C VAL A 81 -17.70 -6.73 -1.11
N PRO A 82 -17.02 -7.44 -2.04
CA PRO A 82 -15.80 -8.18 -1.71
C PRO A 82 -14.78 -7.34 -0.97
N LYS A 83 -14.87 -7.34 0.36
CA LYS A 83 -13.95 -6.57 1.21
C LYS A 83 -12.51 -6.73 0.75
N PRO A 84 -11.97 -5.72 0.03
CA PRO A 84 -10.58 -5.75 -0.47
C PRO A 84 -9.57 -5.91 0.66
N GLN A 85 -8.44 -6.55 0.35
CA GLN A 85 -7.40 -6.75 1.33
C GLN A 85 -6.57 -5.49 1.52
N ARG A 86 -7.21 -4.46 2.06
CA ARG A 86 -6.54 -3.18 2.30
C ARG A 86 -5.76 -3.21 3.61
N HIS A 87 -4.52 -2.74 3.57
CA HIS A 87 -3.66 -2.71 4.75
C HIS A 87 -2.86 -1.43 4.81
N MET A 88 -2.83 -0.81 5.98
CA MET A 88 -2.10 0.44 6.19
C MET A 88 -0.78 0.17 6.90
N PHE A 89 0.33 0.39 6.20
CA PHE A 89 1.65 0.17 6.77
C PHE A 89 2.18 1.47 7.35
N SER A 90 2.56 1.46 8.62
CA SER A 90 3.05 2.66 9.28
C SER A 90 4.39 2.44 9.95
N PHE A 91 5.34 3.33 9.67
CA PHE A 91 6.66 3.25 10.27
C PHE A 91 7.03 4.60 10.90
N ASN A 92 8.12 4.62 11.65
CA ASN A 92 8.58 5.83 12.30
C ASN A 92 9.58 6.58 11.44
N ASN A 93 9.50 6.39 10.13
CA ASN A 93 10.42 7.04 9.21
C ASN A 93 9.68 7.75 8.08
N ARG A 94 9.73 9.07 8.08
CA ARG A 94 9.07 9.87 7.05
C ARG A 94 9.94 9.96 5.79
N THR A 95 11.26 9.92 6.00
CA THR A 95 12.19 10.00 4.89
C THR A 95 12.19 8.68 4.10
N VAL A 96 12.25 7.57 4.82
CA VAL A 96 12.25 6.25 4.20
C VAL A 96 10.98 6.04 3.40
N MET A 97 9.84 6.11 4.07
CA MET A 97 8.55 5.91 3.42
C MET A 97 8.44 6.66 2.10
N ASP A 98 8.69 7.96 2.13
CA ASP A 98 8.60 8.79 0.94
C ASP A 98 9.55 8.31 -0.16
N ASN A 99 10.60 7.61 0.23
CA ASN A 99 11.58 7.11 -0.73
C ASN A 99 11.20 5.76 -1.29
N ILE A 100 10.67 4.88 -0.44
CA ILE A 100 10.28 3.55 -0.88
C ILE A 100 8.98 3.57 -1.67
N LYS A 101 8.06 4.46 -1.31
CA LYS A 101 6.79 4.55 -2.02
C LYS A 101 7.01 5.11 -3.42
N MET A 102 7.94 6.05 -3.53
CA MET A 102 8.26 6.66 -4.81
C MET A 102 8.46 5.58 -5.87
N THR A 103 9.07 4.48 -5.45
CA THR A 103 9.31 3.36 -6.35
C THR A 103 8.03 2.59 -6.62
N LEU A 104 7.31 2.24 -5.54
CA LEU A 104 6.06 1.50 -5.67
C LEU A 104 5.05 2.28 -6.50
N GLN A 105 4.78 3.52 -6.10
CA GLN A 105 3.82 4.37 -6.81
C GLN A 105 4.08 4.34 -8.31
N GLN A 106 5.33 4.51 -8.70
CA GLN A 106 5.71 4.50 -10.11
C GLN A 106 5.33 3.18 -10.75
N ILE A 107 5.58 2.08 -10.05
CA ILE A 107 5.26 0.76 -10.54
C ILE A 107 3.77 0.62 -10.87
N ILE A 108 2.92 0.86 -9.88
CA ILE A 108 1.48 0.75 -10.09
C ILE A 108 1.07 1.48 -11.36
N SER A 109 1.51 2.70 -11.48
CA SER A 109 1.21 3.53 -12.64
C SER A 109 1.73 2.86 -13.91
N ARG A 110 2.83 2.12 -13.77
CA ARG A 110 3.42 1.43 -14.91
C ARG A 110 2.68 0.12 -15.18
N TYR A 111 2.46 -0.65 -14.13
CA TYR A 111 1.76 -1.93 -14.26
C TYR A 111 0.34 -1.71 -14.78
N LYS A 112 -0.34 -0.71 -14.25
CA LYS A 112 -1.71 -0.40 -14.67
C LYS A 112 -1.78 -0.19 -16.17
N ASP A 113 -0.68 0.31 -16.74
CA ASP A 113 -0.61 0.57 -18.17
C ASP A 113 -0.58 -0.72 -18.99
N ALA A 114 -0.46 -1.86 -18.30
CA ALA A 114 -0.42 -3.14 -18.98
C ALA A 114 -1.39 -4.13 -18.36
N ASP A 115 -1.35 -4.24 -17.04
CA ASP A 115 -2.24 -5.15 -16.32
C ASP A 115 -3.70 -4.84 -16.62
N PRO B 11 4.16 13.91 26.05
CA PRO B 11 4.81 14.33 24.77
C PRO B 11 4.31 13.51 23.59
N GLY B 12 4.55 12.20 23.65
CA GLY B 12 4.13 11.32 22.57
C GLY B 12 4.35 9.86 22.90
N GLU B 13 3.28 9.07 22.85
CA GLU B 13 3.36 7.65 23.15
C GLU B 13 3.15 6.82 21.88
N GLU B 14 2.21 7.24 21.05
CA GLU B 14 1.92 6.53 19.80
C GLU B 14 0.86 7.28 18.99
N GLU B 15 1.17 7.56 17.73
CA GLU B 15 0.24 8.26 16.86
C GLU B 15 -0.30 7.33 15.78
N ASP B 16 -0.67 6.11 16.18
CA ASP B 16 -1.21 5.14 15.24
C ASP B 16 -2.73 5.17 15.24
N ASP B 17 -3.30 6.37 15.33
CA ASP B 17 -4.73 6.55 15.34
C ASP B 17 -5.10 7.77 14.52
N GLU B 18 -5.73 8.70 15.18
CA GLU B 18 -6.16 9.94 14.57
C GLU B 18 -5.09 11.03 14.71
N ARG B 19 -3.83 10.63 14.61
CA ARG B 19 -2.72 11.56 14.72
C ARG B 19 -1.64 11.26 13.71
N GLY B 20 -1.34 9.97 13.54
CA GLY B 20 -0.35 9.54 12.58
C GLY B 20 -0.90 8.49 11.65
N ALA B 21 -2.20 8.57 11.39
CA ALA B 21 -2.88 7.63 10.50
C ALA B 21 -4.19 8.22 9.99
N ASP B 22 -4.13 9.48 9.55
CA ASP B 22 -5.31 10.17 9.03
C ASP B 22 -4.94 11.27 8.05
N ALA B 23 -4.17 10.91 7.03
CA ALA B 23 -3.74 11.86 6.00
C ALA B 23 -3.02 11.15 4.87
N THR B 24 -3.63 10.08 4.35
CA THR B 24 -3.03 9.32 3.28
C THR B 24 -4.01 8.89 2.21
N TRP B 25 -5.32 8.98 2.49
CA TRP B 25 -6.32 8.58 1.51
C TRP B 25 -6.75 9.76 0.64
N ASP B 26 -5.81 10.66 0.37
CA ASP B 26 -6.11 11.82 -0.46
C ASP B 26 -4.92 12.21 -1.35
N LEU B 27 -3.84 11.44 -1.29
CA LEU B 27 -2.66 11.70 -2.11
C LEU B 27 -2.42 10.54 -3.07
N ASP B 28 -3.13 9.44 -2.84
CA ASP B 28 -3.01 8.27 -3.67
C ASP B 28 -3.91 8.42 -4.90
N LEU B 29 -4.40 7.30 -5.43
CA LEU B 29 -5.27 7.34 -6.60
C LEU B 29 -4.70 8.21 -7.72
N LEU B 30 -3.69 7.68 -8.41
CA LEU B 30 -3.04 8.39 -9.49
C LEU B 30 -2.02 7.49 -10.18
N LEU B 31 -2.49 6.48 -10.89
CA LEU B 31 -1.62 5.54 -11.58
C LEU B 31 -1.69 5.73 -13.09
N THR B 32 -2.82 5.33 -13.68
CA THR B 32 -3.02 5.44 -15.11
C THR B 32 -4.41 5.99 -15.42
N ASN B 33 -4.62 6.37 -16.68
CA ASN B 33 -5.91 6.91 -17.11
C ASN B 33 -6.65 5.90 -17.99
N PHE B 34 -7.80 6.32 -18.50
CA PHE B 34 -8.61 5.45 -19.36
C PHE B 34 -8.39 5.79 -20.83
N SER B 35 -7.20 6.27 -21.15
CA SER B 35 -6.85 6.63 -22.53
C SER B 35 -7.64 7.86 -22.97
N GLY B 36 -8.94 7.69 -23.16
CA GLY B 36 -9.78 8.79 -23.59
C GLY B 36 -9.95 8.84 -25.10
N PRO B 37 -11.07 9.40 -25.59
CA PRO B 37 -11.33 9.50 -27.03
C PRO B 37 -10.17 10.14 -27.79
N PRO A 1 19.34 2.18 -0.83
CA PRO A 1 18.57 3.44 -0.77
C PRO A 1 17.36 3.42 -1.71
N SER A 2 16.74 2.25 -1.81
CA SER A 2 15.57 2.09 -2.67
C SER A 2 14.95 0.71 -2.49
N HIS A 3 13.64 0.62 -2.69
CA HIS A 3 12.91 -0.63 -2.55
C HIS A 3 12.86 -1.08 -1.10
N SER A 4 14.03 -1.37 -0.55
CA SER A 4 14.11 -1.81 0.84
C SER A 4 14.03 -0.62 1.78
N GLY A 5 13.18 -0.75 2.77
CA GLY A 5 12.98 0.30 3.75
C GLY A 5 12.33 -0.23 4.99
N ALA A 6 12.08 0.63 5.97
CA ALA A 6 11.45 0.20 7.20
C ALA A 6 10.00 0.64 7.26
N ALA A 7 9.15 -0.24 7.77
CA ALA A 7 7.73 0.05 7.89
C ALA A 7 7.14 -0.70 9.07
N ILE A 8 5.98 -0.26 9.55
CA ILE A 8 5.34 -0.90 10.68
C ILE A 8 3.87 -1.17 10.42
N PHE A 9 3.39 -2.29 10.96
CA PHE A 9 1.99 -2.68 10.81
C PHE A 9 1.52 -3.41 12.06
N GLU A 10 0.26 -3.17 12.45
CA GLU A 10 -0.31 -3.80 13.63
C GLU A 10 0.61 -3.63 14.84
N LYS A 11 1.23 -2.46 14.93
CA LYS A 11 2.13 -2.16 16.03
C LYS A 11 3.35 -3.08 16.00
N VAL A 12 3.59 -3.71 14.85
CA VAL A 12 4.73 -4.61 14.69
C VAL A 12 5.68 -4.05 13.64
N SER A 13 6.92 -3.79 14.04
CA SER A 13 7.91 -3.24 13.12
C SER A 13 8.62 -4.31 12.32
N GLY A 14 9.11 -3.92 11.16
CA GLY A 14 9.80 -4.82 10.26
C GLY A 14 10.40 -4.07 9.09
N ILE A 15 11.02 -4.81 8.17
CA ILE A 15 11.63 -4.18 7.00
C ILE A 15 10.79 -4.47 5.77
N ILE A 16 10.56 -3.43 4.98
CA ILE A 16 9.75 -3.53 3.78
C ILE A 16 10.63 -3.50 2.53
N ALA A 17 10.46 -4.49 1.66
CA ALA A 17 11.28 -4.59 0.44
C ALA A 17 10.45 -4.91 -0.80
N ILE A 18 10.83 -4.32 -1.92
CA ILE A 18 10.15 -4.55 -3.19
C ILE A 18 10.83 -5.68 -3.97
N ASN A 19 10.03 -6.46 -4.68
CA ASN A 19 10.54 -7.58 -5.47
C ASN A 19 10.15 -7.44 -6.93
N GLU A 20 11.14 -7.19 -7.77
CA GLU A 20 10.91 -7.05 -9.21
C GLU A 20 11.59 -8.19 -9.94
N ASP A 21 11.70 -9.32 -9.27
CA ASP A 21 12.33 -10.51 -9.84
C ASP A 21 11.27 -11.53 -10.25
N VAL A 22 10.09 -11.44 -9.66
CA VAL A 22 9.00 -12.37 -9.97
C VAL A 22 7.99 -11.70 -10.90
N SER A 23 7.10 -12.51 -11.47
CA SER A 23 6.07 -11.99 -12.38
C SER A 23 5.37 -10.78 -11.76
N PRO A 24 4.58 -11.00 -10.69
CA PRO A 24 3.90 -9.90 -10.01
C PRO A 24 4.84 -9.15 -9.09
N ALA A 25 5.51 -8.15 -9.64
CA ALA A 25 6.45 -7.35 -8.85
C ALA A 25 5.80 -6.96 -7.55
N GLU A 26 6.10 -7.72 -6.51
CA GLU A 26 5.52 -7.52 -5.19
C GLU A 26 6.56 -7.15 -4.15
N LEU A 27 6.10 -6.76 -2.97
CA LEU A 27 6.97 -6.37 -1.89
C LEU A 27 6.57 -7.09 -0.62
N THR A 28 7.55 -7.53 0.15
CA THR A 28 7.23 -8.24 1.38
C THR A 28 7.84 -7.53 2.58
N TRP A 29 7.13 -7.65 3.68
CA TRP A 29 7.51 -7.04 4.94
C TRP A 29 8.00 -8.11 5.92
N ARG A 30 9.06 -7.79 6.66
CA ARG A 30 9.62 -8.74 7.62
C ARG A 30 9.88 -8.09 8.97
N SER A 31 9.22 -8.59 10.01
CA SER A 31 9.39 -8.04 11.34
C SER A 31 10.81 -8.25 11.86
N THR A 32 11.21 -7.43 12.82
CA THR A 32 12.54 -7.53 13.41
C THR A 32 12.48 -8.23 14.76
N ASP A 33 11.40 -7.98 15.49
CA ASP A 33 11.19 -8.57 16.80
C ASP A 33 9.96 -9.46 16.81
N GLY A 34 9.02 -9.19 15.90
CA GLY A 34 7.81 -9.99 15.82
C GLY A 34 8.01 -11.31 15.09
N ASP A 35 9.18 -11.47 14.48
CA ASP A 35 9.50 -12.69 13.75
C ASP A 35 8.42 -13.02 12.72
N LYS A 36 7.69 -12.01 12.27
CA LYS A 36 6.64 -12.19 11.28
C LYS A 36 7.05 -11.61 9.94
N VAL A 37 6.34 -11.99 8.88
CA VAL A 37 6.63 -11.50 7.54
C VAL A 37 5.35 -11.35 6.73
N HIS A 38 5.14 -10.17 6.16
CA HIS A 38 3.96 -9.91 5.35
C HIS A 38 4.33 -9.58 3.91
N THR A 39 4.04 -10.51 3.02
CA THR A 39 4.31 -10.36 1.59
C THR A 39 3.07 -9.82 0.88
N VAL A 40 3.11 -8.56 0.47
CA VAL A 40 1.97 -7.96 -0.21
C VAL A 40 2.20 -7.95 -1.72
N VAL A 41 1.43 -8.76 -2.44
CA VAL A 41 1.59 -8.83 -3.89
C VAL A 41 1.10 -7.55 -4.55
N LEU A 42 2.06 -6.70 -4.91
CA LEU A 42 1.77 -5.43 -5.58
C LEU A 42 0.80 -5.64 -6.74
N SER A 43 0.78 -6.86 -7.28
CA SER A 43 -0.10 -7.18 -8.39
C SER A 43 -1.54 -6.89 -8.01
N THR A 44 -1.99 -7.56 -6.98
CA THR A 44 -3.33 -7.36 -6.47
C THR A 44 -3.48 -5.93 -5.95
N ILE A 45 -2.35 -5.30 -5.65
CA ILE A 45 -2.36 -3.93 -5.15
C ILE A 45 -2.62 -2.94 -6.29
N ASP A 46 -3.79 -2.31 -6.26
CA ASP A 46 -4.17 -1.36 -7.29
C ASP A 46 -3.95 0.09 -6.83
N LYS A 47 -3.47 0.26 -5.61
CA LYS A 47 -3.23 1.60 -5.07
C LYS A 47 -2.00 1.63 -4.15
N LEU A 48 -1.27 2.74 -4.20
CA LEU A 48 -0.08 2.92 -3.39
C LEU A 48 0.18 4.41 -3.19
N GLN A 49 0.11 4.88 -1.95
CA GLN A 49 0.31 6.31 -1.68
C GLN A 49 1.15 6.56 -0.44
N ALA A 50 2.11 7.48 -0.57
CA ALA A 50 2.98 7.86 0.54
C ALA A 50 2.59 9.26 1.01
N THR A 51 3.03 9.66 2.19
CA THR A 51 2.68 10.98 2.70
C THR A 51 3.49 12.09 2.02
N PRO A 52 2.82 13.20 1.67
CA PRO A 52 3.41 14.35 0.99
C PRO A 52 3.77 15.46 1.96
N ALA A 53 4.55 16.43 1.47
CA ALA A 53 4.96 17.59 2.28
C ALA A 53 3.80 18.15 3.12
N SER A 54 2.56 17.78 2.77
CA SER A 54 1.39 18.24 3.49
C SER A 54 1.46 17.78 4.94
N SER A 55 2.10 16.65 5.13
CA SER A 55 2.27 16.08 6.44
C SER A 55 3.66 15.50 6.62
N GLU A 56 4.42 16.02 7.58
CA GLU A 56 5.75 15.50 7.86
C GLU A 56 5.65 14.00 8.13
N LYS A 57 4.45 13.57 8.52
CA LYS A 57 4.17 12.17 8.81
C LYS A 57 4.56 11.28 7.64
N MET A 58 5.25 10.20 7.94
CA MET A 58 5.67 9.25 6.91
C MET A 58 4.83 7.99 6.98
N MET A 59 4.21 7.64 5.86
CA MET A 59 3.35 6.45 5.82
C MET A 59 3.03 6.06 4.38
N LEU A 60 3.04 4.76 4.12
CA LEU A 60 2.71 4.24 2.79
C LEU A 60 1.42 3.44 2.86
N ARG A 61 0.45 3.80 2.02
CA ARG A 61 -0.84 3.13 2.02
C ARG A 61 -1.11 2.46 0.68
N LEU A 62 -1.57 1.21 0.73
CA LEU A 62 -1.89 0.46 -0.49
C LEU A 62 -3.26 -0.19 -0.36
N ILE A 63 -3.96 -0.29 -1.49
CA ILE A 63 -5.30 -0.89 -1.50
C ILE A 63 -5.41 -1.95 -2.61
N GLY A 64 -5.53 -3.20 -2.20
CA GLY A 64 -5.65 -4.28 -3.17
C GLY A 64 -7.09 -4.51 -3.60
N LYS A 65 -7.25 -5.16 -4.75
CA LYS A 65 -8.59 -5.45 -5.28
C LYS A 65 -9.35 -4.15 -5.52
N VAL A 66 -10.36 -4.22 -6.39
CA VAL A 66 -11.17 -3.05 -6.71
C VAL A 66 -12.57 -3.46 -7.17
N ASP A 67 -13.30 -2.50 -7.76
CA ASP A 67 -14.65 -2.73 -8.27
C ASP A 67 -15.38 -3.85 -7.54
N GLU A 68 -16.18 -3.47 -6.55
CA GLU A 68 -16.95 -4.43 -5.77
C GLU A 68 -18.44 -4.16 -5.88
N SER A 69 -18.83 -3.34 -6.86
CA SER A 69 -20.23 -3.01 -7.07
C SER A 69 -20.83 -3.90 -8.17
N LYS A 70 -20.25 -5.07 -8.34
CA LYS A 70 -20.70 -6.02 -9.34
C LYS A 70 -21.24 -7.29 -8.69
N LYS A 71 -20.99 -7.42 -7.38
CA LYS A 71 -21.41 -8.59 -6.61
C LYS A 71 -22.85 -9.00 -6.92
N ARG A 72 -23.30 -10.04 -6.24
CA ARG A 72 -24.65 -10.55 -6.41
C ARG A 72 -25.12 -11.21 -5.11
N LYS A 73 -26.33 -10.88 -4.70
CA LYS A 73 -26.88 -11.43 -3.47
C LYS A 73 -27.06 -12.94 -3.59
N ASP A 74 -27.68 -13.55 -2.58
CA ASP A 74 -27.92 -14.97 -2.57
C ASP A 74 -29.31 -15.29 -2.06
N ASN A 75 -29.54 -15.09 -0.77
CA ASN A 75 -30.83 -15.35 -0.16
C ASN A 75 -31.28 -14.18 0.70
N GLU A 76 -30.68 -14.07 1.88
CA GLU A 76 -31.01 -13.01 2.81
C GLU A 76 -30.34 -11.70 2.42
N GLY A 77 -29.55 -11.73 1.36
CA GLY A 77 -28.87 -10.53 0.90
C GLY A 77 -27.35 -10.67 0.94
N ASN A 78 -26.89 -11.91 1.03
CA ASN A 78 -25.44 -12.18 1.08
C ASN A 78 -24.85 -12.16 -0.32
N GLU A 79 -23.71 -11.49 -0.47
CA GLU A 79 -23.03 -11.40 -1.76
C GLU A 79 -21.55 -11.73 -1.61
N VAL A 80 -20.79 -11.54 -2.68
CA VAL A 80 -19.35 -11.82 -2.66
C VAL A 80 -18.55 -10.54 -2.42
N VAL A 81 -18.92 -9.49 -3.15
CA VAL A 81 -18.26 -8.20 -3.04
C VAL A 81 -16.76 -8.35 -2.74
N PRO A 82 -15.92 -8.38 -3.79
CA PRO A 82 -14.46 -8.53 -3.64
C PRO A 82 -13.89 -7.65 -2.54
N LYS A 83 -13.83 -8.19 -1.33
CA LYS A 83 -13.30 -7.46 -0.19
C LYS A 83 -11.94 -6.85 -0.50
N PRO A 84 -11.87 -5.52 -0.71
CA PRO A 84 -10.62 -4.82 -1.03
C PRO A 84 -9.58 -5.01 0.07
N GLN A 85 -8.32 -5.07 -0.33
CA GLN A 85 -7.22 -5.24 0.61
C GLN A 85 -6.60 -3.89 0.97
N ARG A 86 -7.29 -3.12 1.79
CA ARG A 86 -6.81 -1.80 2.19
C ARG A 86 -5.96 -1.89 3.46
N HIS A 87 -4.71 -1.47 3.35
CA HIS A 87 -3.79 -1.49 4.48
C HIS A 87 -2.96 -0.21 4.51
N MET A 88 -2.85 0.39 5.70
CA MET A 88 -2.09 1.62 5.87
C MET A 88 -0.77 1.37 6.58
N PHE A 89 0.33 1.55 5.88
CA PHE A 89 1.65 1.35 6.45
C PHE A 89 2.21 2.66 6.99
N SER A 90 2.85 2.60 8.14
CA SER A 90 3.41 3.80 8.76
C SER A 90 4.75 3.52 9.44
N PHE A 91 5.74 4.34 9.12
CA PHE A 91 7.08 4.18 9.71
C PHE A 91 7.59 5.52 10.23
N ASN A 92 8.69 5.48 10.95
CA ASN A 92 9.28 6.68 11.51
C ASN A 92 10.39 7.21 10.60
N ASN A 93 10.26 6.95 9.30
CA ASN A 93 11.24 7.40 8.33
C ASN A 93 10.60 8.14 7.17
N ARG A 94 10.97 9.41 7.02
CA ARG A 94 10.43 10.25 5.95
C ARG A 94 11.28 10.11 4.68
N THR A 95 12.56 9.80 4.86
CA THR A 95 13.46 9.62 3.74
C THR A 95 13.22 8.27 3.08
N VAL A 96 13.08 7.24 3.90
CA VAL A 96 12.83 5.89 3.40
C VAL A 96 11.53 5.84 2.61
N MET A 97 10.43 6.20 3.26
CA MET A 97 9.11 6.18 2.62
C MET A 97 9.15 6.79 1.22
N ASP A 98 9.63 8.01 1.11
CA ASP A 98 9.71 8.69 -0.18
C ASP A 98 10.61 7.94 -1.16
N ASN A 99 11.51 7.11 -0.63
CA ASN A 99 12.44 6.36 -1.46
C ASN A 99 11.83 5.04 -1.93
N ILE A 100 11.01 4.42 -1.09
CA ILE A 100 10.41 3.14 -1.44
C ILE A 100 9.10 3.32 -2.20
N LYS A 101 8.28 4.29 -1.79
CA LYS A 101 7.02 4.54 -2.47
C LYS A 101 7.24 4.77 -3.95
N MET A 102 8.16 5.67 -4.26
CA MET A 102 8.49 6.00 -5.65
C MET A 102 8.67 4.73 -6.48
N THR A 103 9.36 3.75 -5.91
CA THR A 103 9.60 2.49 -6.58
C THR A 103 8.29 1.84 -7.02
N LEU A 104 7.31 1.83 -6.12
CA LEU A 104 6.01 1.24 -6.40
C LEU A 104 5.12 2.21 -7.17
N GLN A 105 5.21 3.49 -6.84
CA GLN A 105 4.41 4.52 -7.49
C GLN A 105 4.48 4.37 -9.01
N GLN A 106 5.68 4.13 -9.51
CA GLN A 106 5.89 3.95 -10.94
C GLN A 106 5.30 2.63 -11.41
N ILE A 107 5.40 1.61 -10.55
CA ILE A 107 4.88 0.29 -10.87
C ILE A 107 3.38 0.33 -11.10
N ILE A 108 2.63 0.75 -10.08
CA ILE A 108 1.17 0.82 -10.21
C ILE A 108 0.78 1.63 -11.43
N SER A 109 1.62 2.60 -11.76
CA SER A 109 1.38 3.45 -12.92
C SER A 109 1.62 2.68 -14.22
N ARG A 110 2.43 1.64 -14.14
CA ARG A 110 2.73 0.81 -15.29
C ARG A 110 1.87 -0.44 -15.30
N TYR A 111 1.73 -1.07 -14.13
CA TYR A 111 0.93 -2.28 -14.00
C TYR A 111 -0.54 -1.99 -14.32
N LYS A 112 -0.99 -0.80 -13.96
CA LYS A 112 -2.36 -0.40 -14.20
C LYS A 112 -2.71 -0.47 -15.69
N ASP A 113 -1.88 0.16 -16.50
CA ASP A 113 -2.08 0.19 -17.95
C ASP A 113 -1.75 -1.15 -18.59
N ALA A 114 -1.35 -2.12 -17.80
CA ALA A 114 -1.00 -3.44 -18.30
C ALA A 114 -1.96 -4.51 -17.77
N ASP A 115 -2.46 -4.30 -16.56
CA ASP A 115 -3.38 -5.25 -15.95
C ASP A 115 -4.64 -5.42 -16.79
N PRO B 11 -7.33 -2.09 22.59
CA PRO B 11 -7.95 -1.59 21.33
C PRO B 11 -7.48 -2.39 20.12
N GLY B 12 -6.20 -2.28 19.80
CA GLY B 12 -5.65 -3.00 18.67
C GLY B 12 -4.85 -2.09 17.75
N GLU B 13 -5.01 -2.27 16.44
CA GLU B 13 -4.30 -1.48 15.46
C GLU B 13 -4.76 -0.02 15.51
N GLU B 14 -3.81 0.90 15.48
CA GLU B 14 -4.11 2.32 15.52
C GLU B 14 -2.86 3.16 15.27
N GLU B 15 -2.63 3.52 14.01
CA GLU B 15 -1.47 4.33 13.64
C GLU B 15 -1.53 5.71 14.31
N ASP B 16 -1.11 5.77 15.56
CA ASP B 16 -1.11 7.02 16.31
C ASP B 16 -2.54 7.47 16.59
N ASP B 17 -3.26 7.84 15.51
CA ASP B 17 -4.65 8.29 15.59
C ASP B 17 -4.77 9.71 15.02
N GLU B 18 -5.08 9.79 13.74
CA GLU B 18 -5.23 11.07 13.06
C GLU B 18 -4.03 11.98 13.36
N ARG B 19 -2.86 11.38 13.52
CA ARG B 19 -1.65 12.13 13.82
C ARG B 19 -0.49 11.70 12.93
N GLY B 20 -0.49 10.44 12.55
CA GLY B 20 0.55 9.91 11.69
C GLY B 20 -0.01 8.97 10.65
N ALA B 21 -1.30 9.12 10.35
CA ALA B 21 -1.98 8.29 9.39
C ALA B 21 -3.18 9.01 8.80
N ASP B 22 -3.04 10.32 8.61
CA ASP B 22 -4.13 11.14 8.07
C ASP B 22 -3.62 12.28 7.19
N ALA B 23 -2.86 11.91 6.15
CA ALA B 23 -2.31 12.89 5.22
C ALA B 23 -1.68 12.20 4.02
N THR B 24 -2.21 11.04 3.66
CA THR B 24 -1.70 10.28 2.52
C THR B 24 -2.78 10.11 1.45
N TRP B 25 -3.97 10.62 1.73
CA TRP B 25 -5.09 10.51 0.78
C TRP B 25 -5.26 11.79 -0.02
N ASP B 26 -4.15 12.37 -0.47
CA ASP B 26 -4.22 13.59 -1.26
C ASP B 26 -2.93 13.86 -2.03
N LEU B 27 -2.15 12.82 -2.29
CA LEU B 27 -0.90 12.97 -3.04
C LEU B 27 -0.81 11.97 -4.18
N ASP B 28 -1.62 10.92 -4.12
CA ASP B 28 -1.62 9.90 -5.16
C ASP B 28 -2.94 9.91 -5.92
N LEU B 29 -3.32 8.77 -6.48
CA LEU B 29 -4.58 8.67 -7.23
C LEU B 29 -4.55 9.57 -8.47
N LEU B 30 -3.55 9.34 -9.32
CA LEU B 30 -3.41 10.13 -10.55
C LEU B 30 -2.21 9.65 -11.37
N LEU B 31 -2.32 8.46 -11.94
CA LEU B 31 -1.24 7.90 -12.75
C LEU B 31 -1.77 7.39 -14.09
N THR B 32 -2.40 6.23 -14.08
CA THR B 32 -2.94 5.64 -15.29
C THR B 32 -4.35 6.17 -15.58
N ASN B 33 -4.61 6.49 -16.84
CA ASN B 33 -5.91 7.00 -17.25
C ASN B 33 -6.00 7.15 -18.76
N PHE B 34 -5.37 8.20 -19.29
CA PHE B 34 -5.37 8.45 -20.72
C PHE B 34 -4.55 9.69 -21.05
N SER B 35 -3.44 9.87 -20.35
CA SER B 35 -2.56 11.01 -20.57
C SER B 35 -1.42 10.66 -21.51
N GLY B 36 -1.38 11.33 -22.66
CA GLY B 36 -0.33 11.07 -23.63
C GLY B 36 1.01 11.65 -23.21
N PRO B 37 1.87 12.01 -24.18
CA PRO B 37 3.18 12.58 -23.89
C PRO B 37 3.10 13.98 -23.31
N PRO A 1 14.74 6.30 -5.80
CA PRO A 1 14.53 4.95 -6.36
C PRO A 1 14.85 3.85 -5.34
N SER A 2 14.53 4.12 -4.09
CA SER A 2 14.77 3.16 -3.01
C SER A 2 13.64 2.14 -2.92
N HIS A 3 14.00 0.89 -2.68
CA HIS A 3 13.01 -0.18 -2.57
C HIS A 3 12.98 -0.75 -1.16
N SER A 4 14.12 -0.72 -0.50
CA SER A 4 14.21 -1.23 0.87
C SER A 4 13.93 -0.12 1.88
N GLY A 5 13.07 -0.43 2.84
CA GLY A 5 12.71 0.52 3.86
C GLY A 5 12.17 -0.17 5.09
N ALA A 6 11.79 0.59 6.10
CA ALA A 6 11.26 0.01 7.32
C ALA A 6 9.76 0.25 7.43
N ALA A 7 9.05 -0.76 7.90
CA ALA A 7 7.60 -0.67 8.07
C ALA A 7 7.14 -1.59 9.19
N ILE A 8 5.94 -1.33 9.70
CA ILE A 8 5.40 -2.14 10.78
C ILE A 8 3.97 -2.58 10.50
N PHE A 9 3.67 -3.81 10.93
CA PHE A 9 2.33 -4.37 10.75
C PHE A 9 1.94 -5.17 11.99
N GLU A 10 0.66 -5.12 12.34
CA GLU A 10 0.13 -5.83 13.51
C GLU A 10 1.08 -5.70 14.71
N LYS A 11 1.56 -4.48 14.94
CA LYS A 11 2.47 -4.21 16.05
C LYS A 11 3.78 -4.98 15.91
N VAL A 12 4.06 -5.47 14.71
CA VAL A 12 5.29 -6.21 14.45
C VAL A 12 6.16 -5.45 13.46
N SER A 13 7.35 -5.06 13.88
CA SER A 13 8.24 -4.31 13.01
C SER A 13 9.08 -5.22 12.13
N GLY A 14 9.54 -4.66 11.02
CA GLY A 14 10.33 -5.40 10.07
C GLY A 14 10.83 -4.51 8.95
N ILE A 15 11.54 -5.09 7.99
CA ILE A 15 12.06 -4.32 6.87
C ILE A 15 11.28 -4.65 5.61
N ILE A 16 10.87 -3.61 4.91
CA ILE A 16 10.09 -3.76 3.70
C ILE A 16 10.94 -3.51 2.45
N ALA A 17 10.91 -4.43 1.49
CA ALA A 17 11.72 -4.27 0.28
C ALA A 17 10.96 -4.67 -0.98
N ILE A 18 11.12 -3.86 -2.03
CA ILE A 18 10.45 -4.13 -3.31
C ILE A 18 11.36 -4.95 -4.23
N ASN A 19 10.74 -5.84 -5.00
CA ASN A 19 11.49 -6.69 -5.93
C ASN A 19 10.95 -6.55 -7.34
N GLU A 20 11.75 -5.95 -8.20
CA GLU A 20 11.38 -5.75 -9.60
C GLU A 20 12.16 -6.72 -10.48
N ASP A 21 12.52 -7.84 -9.90
CA ASP A 21 13.27 -8.88 -10.61
C ASP A 21 12.34 -9.99 -11.06
N VAL A 22 11.22 -10.13 -10.37
CA VAL A 22 10.24 -11.16 -10.71
C VAL A 22 9.09 -10.57 -11.53
N SER A 23 8.28 -11.42 -12.13
CA SER A 23 7.15 -10.96 -12.95
C SER A 23 6.33 -9.92 -12.19
N PRO A 24 5.66 -10.32 -11.10
CA PRO A 24 4.87 -9.40 -10.30
C PRO A 24 5.74 -8.61 -9.34
N ALA A 25 6.27 -7.49 -9.82
CA ALA A 25 7.12 -6.65 -8.98
C ALA A 25 6.45 -6.45 -7.63
N GLU A 26 6.89 -7.24 -6.67
CA GLU A 26 6.31 -7.21 -5.33
C GLU A 26 7.35 -6.83 -4.28
N LEU A 27 6.88 -6.57 -3.06
CA LEU A 27 7.77 -6.20 -1.98
C LEU A 27 7.56 -7.10 -0.76
N THR A 28 8.65 -7.50 -0.14
CA THR A 28 8.58 -8.36 1.02
C THR A 28 8.86 -7.60 2.30
N TRP A 29 8.22 -8.08 3.36
CA TRP A 29 8.39 -7.47 4.68
C TRP A 29 8.92 -8.50 5.69
N ARG A 30 10.16 -8.35 6.09
CA ARG A 30 10.77 -9.27 7.06
C ARG A 30 10.90 -8.61 8.43
N SER A 31 10.35 -9.26 9.45
CA SER A 31 10.42 -8.73 10.81
C SER A 31 11.86 -8.54 11.26
N THR A 32 12.07 -7.61 12.18
CA THR A 32 13.41 -7.33 12.70
C THR A 32 13.63 -8.04 14.03
N ASP A 33 12.54 -8.29 14.74
CA ASP A 33 12.61 -8.97 16.02
C ASP A 33 11.45 -9.95 16.17
N GLY A 34 10.92 -10.41 15.04
CA GLY A 34 9.82 -11.35 15.05
C GLY A 34 10.08 -12.60 14.23
N ASP A 35 11.23 -12.62 13.54
CA ASP A 35 11.61 -13.76 12.72
C ASP A 35 10.48 -14.16 11.76
N LYS A 36 9.64 -13.18 11.42
CA LYS A 36 8.54 -13.42 10.50
C LYS A 36 8.74 -12.63 9.22
N VAL A 37 7.92 -12.94 8.20
CA VAL A 37 8.02 -12.25 6.93
C VAL A 37 6.66 -12.09 6.29
N HIS A 38 6.52 -11.03 5.50
CA HIS A 38 5.28 -10.75 4.79
C HIS A 38 5.57 -10.26 3.39
N THR A 39 5.28 -11.10 2.41
CA THR A 39 5.53 -10.77 1.01
C THR A 39 4.23 -10.31 0.36
N VAL A 40 4.12 -9.02 0.07
CA VAL A 40 2.93 -8.49 -0.57
C VAL A 40 3.13 -8.38 -2.07
N VAL A 41 2.43 -9.23 -2.83
CA VAL A 41 2.56 -9.21 -4.28
C VAL A 41 1.89 -7.98 -4.86
N LEU A 42 2.70 -6.94 -5.08
CA LEU A 42 2.21 -5.69 -5.65
C LEU A 42 1.35 -5.93 -6.89
N SER A 43 1.55 -7.09 -7.52
CA SER A 43 0.78 -7.43 -8.71
C SER A 43 -0.70 -7.40 -8.39
N THR A 44 -1.08 -8.19 -7.40
CA THR A 44 -2.44 -8.25 -6.95
C THR A 44 -2.84 -6.91 -6.36
N ILE A 45 -1.83 -6.15 -5.91
CA ILE A 45 -2.09 -4.83 -5.34
C ILE A 45 -2.38 -3.81 -6.43
N ASP A 46 -3.59 -3.29 -6.44
CA ASP A 46 -3.99 -2.31 -7.44
C ASP A 46 -3.93 -0.89 -6.90
N LYS A 47 -3.81 -0.75 -5.58
CA LYS A 47 -3.75 0.58 -4.96
C LYS A 47 -2.50 0.73 -4.11
N LEU A 48 -2.01 1.97 -4.04
CA LEU A 48 -0.82 2.30 -3.26
C LEU A 48 -0.87 3.76 -2.86
N GLN A 49 -0.73 4.04 -1.56
CA GLN A 49 -0.79 5.42 -1.09
C GLN A 49 0.18 5.69 0.05
N ALA A 50 0.83 6.85 0.00
CA ALA A 50 1.75 7.28 1.04
C ALA A 50 1.23 8.57 1.67
N THR A 51 1.56 8.81 2.93
CA THR A 51 1.07 10.00 3.60
C THR A 51 1.84 11.25 3.17
N PRO A 52 1.10 12.26 2.67
CA PRO A 52 1.65 13.53 2.19
C PRO A 52 1.68 14.59 3.28
N ALA A 53 2.38 15.69 3.01
CA ALA A 53 2.50 16.81 3.95
C ALA A 53 1.18 17.10 4.70
N SER A 54 0.07 16.54 4.22
CA SER A 54 -1.22 16.74 4.88
C SER A 54 -1.16 16.21 6.29
N SER A 55 -0.35 15.19 6.47
CA SER A 55 -0.17 14.57 7.76
C SER A 55 1.30 14.21 7.99
N GLU A 56 1.87 14.73 9.06
CA GLU A 56 3.27 14.44 9.39
C GLU A 56 3.45 12.93 9.57
N LYS A 57 2.34 12.22 9.74
CA LYS A 57 2.35 10.78 9.92
C LYS A 57 2.77 10.07 8.65
N MET A 58 3.76 9.19 8.76
CA MET A 58 4.26 8.43 7.62
C MET A 58 3.66 7.03 7.59
N MET A 59 3.13 6.64 6.43
CA MET A 59 2.51 5.32 6.29
C MET A 59 2.29 4.97 4.83
N LEU A 60 2.32 3.67 4.54
CA LEU A 60 2.09 3.18 3.18
C LEU A 60 0.95 2.18 3.17
N ARG A 61 -0.01 2.36 2.28
CA ARG A 61 -1.17 1.47 2.20
C ARG A 61 -1.24 0.78 0.84
N LEU A 62 -1.62 -0.49 0.86
CA LEU A 62 -1.73 -1.28 -0.37
C LEU A 62 -3.06 -2.03 -0.40
N ILE A 63 -3.67 -2.10 -1.58
CA ILE A 63 -4.94 -2.79 -1.73
C ILE A 63 -4.90 -3.77 -2.91
N GLY A 64 -5.33 -5.00 -2.66
CA GLY A 64 -5.34 -6.01 -3.71
C GLY A 64 -6.17 -5.62 -4.91
N LYS A 65 -6.54 -6.59 -5.73
CA LYS A 65 -7.33 -6.34 -6.92
C LYS A 65 -8.78 -6.79 -6.72
N VAL A 66 -9.51 -6.96 -7.82
CA VAL A 66 -10.90 -7.37 -7.76
C VAL A 66 -11.81 -6.23 -7.33
N ASP A 67 -13.09 -6.36 -7.61
CA ASP A 67 -14.06 -5.33 -7.25
C ASP A 67 -15.13 -5.89 -6.30
N GLU A 68 -15.95 -5.00 -5.76
CA GLU A 68 -17.01 -5.39 -4.84
C GLU A 68 -18.23 -4.48 -5.00
N SER A 69 -18.33 -3.80 -6.13
CA SER A 69 -19.45 -2.90 -6.40
C SER A 69 -20.71 -3.69 -6.78
N LYS A 70 -20.59 -5.01 -6.87
CA LYS A 70 -21.71 -5.85 -7.23
C LYS A 70 -22.53 -6.25 -6.01
N LYS A 71 -21.97 -6.02 -4.81
CA LYS A 71 -22.64 -6.34 -3.53
C LYS A 71 -23.57 -7.55 -3.67
N ARG A 72 -24.53 -7.66 -2.74
CA ARG A 72 -25.49 -8.77 -2.74
C ARG A 72 -25.84 -9.22 -4.16
N LYS A 73 -25.90 -8.25 -5.07
CA LYS A 73 -26.20 -8.52 -6.47
C LYS A 73 -26.30 -7.24 -7.27
N ASP A 74 -26.61 -7.35 -8.56
CA ASP A 74 -26.74 -6.19 -9.42
C ASP A 74 -27.46 -6.55 -10.72
N ASN A 75 -27.43 -5.63 -11.68
CA ASN A 75 -28.09 -5.84 -12.97
C ASN A 75 -27.48 -7.03 -13.71
N GLU A 76 -26.24 -7.35 -13.38
CA GLU A 76 -25.55 -8.47 -14.01
C GLU A 76 -25.81 -9.77 -13.26
N GLY A 77 -26.70 -9.72 -12.27
CA GLY A 77 -27.00 -10.90 -11.48
C GLY A 77 -25.87 -11.31 -10.58
N ASN A 78 -24.83 -10.48 -10.49
CA ASN A 78 -23.69 -10.77 -9.63
C ASN A 78 -24.15 -10.89 -8.18
N GLU A 79 -23.21 -10.81 -7.23
CA GLU A 79 -23.57 -10.90 -5.83
C GLU A 79 -22.35 -10.81 -4.93
N VAL A 80 -22.61 -10.56 -3.64
CA VAL A 80 -21.55 -10.45 -2.64
C VAL A 80 -20.65 -9.23 -2.89
N VAL A 81 -20.02 -8.76 -1.81
CA VAL A 81 -19.13 -7.62 -1.87
C VAL A 81 -17.68 -8.05 -1.62
N PRO A 82 -17.04 -8.70 -2.61
CA PRO A 82 -15.66 -9.16 -2.48
C PRO A 82 -14.73 -8.12 -1.87
N LYS A 83 -14.62 -8.13 -0.54
CA LYS A 83 -13.77 -7.18 0.16
C LYS A 83 -12.31 -7.35 -0.25
N PRO A 84 -11.75 -6.37 -1.00
CA PRO A 84 -10.36 -6.43 -1.46
C PRO A 84 -9.37 -6.44 -0.30
N GLN A 85 -8.23 -7.07 -0.51
CA GLN A 85 -7.19 -7.15 0.52
C GLN A 85 -6.50 -5.80 0.69
N ARG A 86 -6.90 -5.07 1.72
CA ARG A 86 -6.32 -3.75 1.99
C ARG A 86 -5.38 -3.82 3.19
N HIS A 87 -4.12 -3.48 2.97
CA HIS A 87 -3.11 -3.49 4.03
C HIS A 87 -2.58 -2.09 4.30
N MET A 88 -2.73 -1.63 5.54
CA MET A 88 -2.25 -0.30 5.92
C MET A 88 -0.94 -0.42 6.69
N PHE A 89 0.15 -0.02 6.04
CA PHE A 89 1.46 -0.08 6.66
C PHE A 89 1.80 1.26 7.31
N SER A 90 2.47 1.21 8.46
CA SER A 90 2.83 2.42 9.17
C SER A 90 4.20 2.32 9.82
N PHE A 91 5.06 3.28 9.53
CA PHE A 91 6.40 3.31 10.10
C PHE A 91 6.72 4.70 10.64
N ASN A 92 7.83 4.80 11.37
CA ASN A 92 8.25 6.08 11.94
C ASN A 92 9.27 6.77 11.05
N ASN A 93 9.18 6.51 9.75
CA ASN A 93 10.10 7.12 8.79
C ASN A 93 9.37 7.77 7.63
N ARG A 94 9.47 9.09 7.56
CA ARG A 94 8.83 9.86 6.49
C ARG A 94 9.70 9.86 5.24
N THR A 95 11.00 9.81 5.44
CA THR A 95 11.95 9.80 4.35
C THR A 95 11.96 8.46 3.64
N VAL A 96 11.85 7.39 4.44
CA VAL A 96 11.83 6.04 3.88
C VAL A 96 10.56 5.80 3.08
N MET A 97 9.41 5.97 3.73
CA MET A 97 8.11 5.77 3.06
C MET A 97 8.09 6.43 1.68
N ASP A 98 8.38 7.72 1.63
CA ASP A 98 8.36 8.46 0.38
C ASP A 98 9.39 7.91 -0.61
N ASN A 99 10.39 7.20 -0.10
CA ASN A 99 11.43 6.63 -0.96
C ASN A 99 11.03 5.27 -1.52
N ILE A 100 10.29 4.49 -0.74
CA ILE A 100 9.88 3.16 -1.17
C ILE A 100 8.57 3.20 -1.97
N LYS A 101 7.71 4.16 -1.65
CA LYS A 101 6.43 4.30 -2.36
C LYS A 101 6.64 5.01 -3.68
N MET A 102 7.53 6.00 -3.68
CA MET A 102 7.83 6.78 -4.87
C MET A 102 8.05 5.86 -6.07
N THR A 103 8.61 4.69 -5.80
CA THR A 103 8.87 3.70 -6.84
C THR A 103 7.63 2.87 -7.13
N LEU A 104 6.79 2.70 -6.11
CA LEU A 104 5.57 1.91 -6.24
C LEU A 104 4.47 2.73 -6.91
N GLN A 105 4.40 4.01 -6.59
CA GLN A 105 3.38 4.90 -7.16
C GLN A 105 3.33 4.74 -8.67
N GLN A 106 4.49 4.70 -9.31
CA GLN A 106 4.57 4.54 -10.76
C GLN A 106 4.20 3.12 -11.15
N ILE A 107 4.63 2.15 -10.36
CA ILE A 107 4.35 0.76 -10.61
C ILE A 107 2.85 0.49 -10.70
N ILE A 108 2.10 0.96 -9.72
CA ILE A 108 0.66 0.77 -9.73
C ILE A 108 0.02 1.55 -10.85
N SER A 109 0.57 2.73 -11.10
CA SER A 109 0.08 3.60 -12.15
C SER A 109 0.44 3.03 -13.53
N ARG A 110 1.47 2.19 -13.57
CA ARG A 110 1.90 1.58 -14.81
C ARG A 110 1.30 0.18 -14.94
N TYR A 111 1.33 -0.59 -13.86
CA TYR A 111 0.78 -1.94 -13.87
C TYR A 111 -0.74 -1.90 -13.96
N LYS A 112 -1.33 -0.73 -13.77
CA LYS A 112 -2.78 -0.57 -13.84
C LYS A 112 -3.26 -0.49 -15.29
N ASP A 113 -2.61 0.37 -16.07
CA ASP A 113 -2.96 0.56 -17.47
C ASP A 113 -2.79 -0.73 -18.27
N ALA A 114 -2.08 -1.70 -17.71
CA ALA A 114 -1.85 -2.96 -18.39
C ALA A 114 -2.26 -4.15 -17.52
N ASP A 115 -1.63 -4.26 -16.36
CA ASP A 115 -1.93 -5.34 -15.43
C ASP A 115 -1.95 -6.70 -16.13
N PRO B 11 8.19 15.37 23.52
CA PRO B 11 7.76 15.03 24.90
C PRO B 11 6.74 13.89 24.92
N GLY B 12 6.97 12.89 24.09
CA GLY B 12 6.05 11.75 24.02
C GLY B 12 6.29 10.90 22.78
N GLU B 13 5.91 11.42 21.62
CA GLU B 13 6.08 10.70 20.37
C GLU B 13 5.27 9.40 20.39
N GLU B 14 4.00 9.50 20.01
CA GLU B 14 3.13 8.33 19.97
C GLU B 14 1.75 8.70 19.44
N GLU B 15 1.17 7.82 18.62
CA GLU B 15 -0.14 8.05 18.05
C GLU B 15 -0.95 6.75 18.00
N ASP B 16 -0.78 5.98 16.93
CA ASP B 16 -1.48 4.72 16.78
C ASP B 16 -2.96 4.85 17.15
N ASP B 17 -3.62 5.85 16.57
CA ASP B 17 -5.03 6.11 16.85
C ASP B 17 -5.55 7.26 16.00
N GLU B 18 -6.17 6.93 14.87
CA GLU B 18 -6.71 7.93 13.96
C GLU B 18 -5.71 9.06 13.73
N ARG B 19 -4.44 8.70 13.61
CA ARG B 19 -3.38 9.67 13.38
C ARG B 19 -2.35 9.13 12.42
N GLY B 20 -1.71 8.05 12.83
CA GLY B 20 -0.69 7.43 12.00
C GLY B 20 -1.28 6.47 10.98
N ALA B 21 -2.56 6.63 10.70
CA ALA B 21 -3.25 5.77 9.73
C ALA B 21 -4.49 6.47 9.17
N ASP B 22 -4.44 7.79 9.07
CA ASP B 22 -5.57 8.56 8.56
C ASP B 22 -5.12 9.83 7.82
N ALA B 23 -4.39 9.63 6.73
CA ALA B 23 -3.92 10.75 5.91
C ALA B 23 -3.28 10.24 4.62
N THR B 24 -3.72 9.06 4.18
CA THR B 24 -3.19 8.46 2.96
C THR B 24 -4.30 8.19 1.94
N TRP B 25 -5.55 8.48 2.32
CA TRP B 25 -6.68 8.25 1.43
C TRP B 25 -7.10 9.55 0.74
N ASP B 26 -6.11 10.33 0.30
CA ASP B 26 -6.38 11.60 -0.35
C ASP B 26 -5.17 12.12 -1.13
N LEU B 27 -4.28 11.22 -1.55
CA LEU B 27 -3.09 11.62 -2.29
C LEU B 27 -2.70 10.62 -3.37
N ASP B 28 -3.22 9.40 -3.30
CA ASP B 28 -2.86 8.38 -4.29
C ASP B 28 -4.10 7.81 -4.97
N LEU B 29 -5.26 8.39 -4.72
CA LEU B 29 -6.51 7.91 -5.31
C LEU B 29 -6.71 8.52 -6.70
N LEU B 30 -5.74 8.31 -7.58
CA LEU B 30 -5.80 8.84 -8.94
C LEU B 30 -4.53 8.50 -9.71
N LEU B 31 -4.38 7.23 -10.07
CA LEU B 31 -3.21 6.79 -10.81
C LEU B 31 -3.51 6.67 -12.31
N THR B 32 -4.17 5.58 -12.70
CA THR B 32 -4.50 5.36 -14.10
C THR B 32 -5.92 5.84 -14.40
N ASN B 33 -6.28 6.99 -13.84
CA ASN B 33 -7.61 7.56 -14.05
C ASN B 33 -7.51 9.00 -14.54
N PHE B 34 -6.64 9.78 -13.90
CA PHE B 34 -6.45 11.18 -14.27
C PHE B 34 -5.19 11.35 -15.11
N SER B 35 -4.85 10.32 -15.88
CA SER B 35 -3.68 10.35 -16.74
C SER B 35 -3.80 9.35 -17.88
N GLY B 36 -5.04 9.10 -18.31
CA GLY B 36 -5.27 8.16 -19.39
C GLY B 36 -4.65 8.62 -20.70
N PRO B 37 -4.47 7.70 -21.66
CA PRO B 37 -3.88 8.03 -22.96
C PRO B 37 -4.81 8.88 -23.82
N PRO A 1 18.90 3.85 -2.08
CA PRO A 1 18.18 4.50 -0.95
C PRO A 1 16.78 4.95 -1.36
N SER A 2 16.13 4.15 -2.19
CA SER A 2 14.77 4.47 -2.65
C SER A 2 13.84 3.28 -2.45
N HIS A 3 14.28 2.11 -2.91
CA HIS A 3 13.48 0.90 -2.77
C HIS A 3 13.56 0.35 -1.37
N SER A 4 14.74 0.47 -0.76
CA SER A 4 14.95 -0.01 0.59
C SER A 4 14.63 1.09 1.60
N GLY A 5 13.87 0.72 2.61
CA GLY A 5 13.48 1.66 3.64
C GLY A 5 13.00 0.93 4.88
N ALA A 6 12.59 1.66 5.90
CA ALA A 6 12.12 1.04 7.12
C ALA A 6 10.60 1.14 7.22
N ALA A 7 9.99 0.06 7.69
CA ALA A 7 8.54 0.00 7.86
C ALA A 7 8.18 -0.91 9.02
N ILE A 8 6.99 -0.73 9.57
CA ILE A 8 6.56 -1.55 10.69
C ILE A 8 5.16 -2.13 10.47
N PHE A 9 4.97 -3.34 10.96
CA PHE A 9 3.69 -4.03 10.83
C PHE A 9 3.41 -4.87 12.08
N GLU A 10 2.15 -4.90 12.50
CA GLU A 10 1.75 -5.66 13.68
C GLU A 10 2.67 -5.39 14.86
N LYS A 11 3.10 -4.14 14.99
CA LYS A 11 3.98 -3.73 16.08
C LYS A 11 5.37 -4.37 15.94
N VAL A 12 5.70 -4.85 14.75
CA VAL A 12 6.99 -5.46 14.51
C VAL A 12 7.76 -4.67 13.45
N SER A 13 8.91 -4.14 13.84
CA SER A 13 9.71 -3.34 12.91
C SER A 13 10.59 -4.21 12.03
N GLY A 14 10.90 -3.67 10.86
CA GLY A 14 11.72 -4.37 9.89
C GLY A 14 12.11 -3.45 8.74
N ILE A 15 12.83 -3.98 7.76
CA ILE A 15 13.23 -3.19 6.62
C ILE A 15 12.42 -3.57 5.39
N ILE A 16 11.95 -2.55 4.68
CA ILE A 16 11.14 -2.76 3.50
C ILE A 16 11.94 -2.48 2.23
N ALA A 17 11.93 -3.43 1.29
CA ALA A 17 12.68 -3.29 0.06
C ALA A 17 11.92 -3.78 -1.17
N ILE A 18 12.03 -3.02 -2.26
CA ILE A 18 11.36 -3.38 -3.52
C ILE A 18 12.29 -4.19 -4.41
N ASN A 19 11.72 -5.14 -5.14
CA ASN A 19 12.48 -6.00 -6.04
C ASN A 19 11.95 -5.91 -7.45
N GLU A 20 12.75 -5.33 -8.34
CA GLU A 20 12.37 -5.20 -9.74
C GLU A 20 13.24 -6.09 -10.59
N ASP A 21 13.71 -7.18 -9.99
CA ASP A 21 14.55 -8.15 -10.67
C ASP A 21 13.74 -9.37 -11.10
N VAL A 22 12.63 -9.62 -10.41
CA VAL A 22 11.77 -10.75 -10.72
C VAL A 22 10.57 -10.30 -11.56
N SER A 23 9.85 -11.26 -12.14
CA SER A 23 8.68 -10.94 -12.95
C SER A 23 7.76 -9.97 -12.21
N PRO A 24 7.12 -10.43 -11.11
CA PRO A 24 6.25 -9.57 -10.32
C PRO A 24 7.05 -8.66 -9.41
N ALA A 25 7.42 -7.50 -9.93
CA ALA A 25 8.19 -6.54 -9.15
C ALA A 25 7.54 -6.35 -7.79
N GLU A 26 8.04 -7.08 -6.81
CA GLU A 26 7.50 -7.06 -5.48
C GLU A 26 8.51 -6.54 -4.46
N LEU A 27 8.03 -6.30 -3.24
CA LEU A 27 8.87 -5.80 -2.18
C LEU A 27 8.69 -6.64 -0.93
N THR A 28 9.78 -6.98 -0.27
CA THR A 28 9.69 -7.79 0.92
C THR A 28 10.17 -7.04 2.15
N TRP A 29 9.54 -7.37 3.25
CA TRP A 29 9.83 -6.75 4.52
C TRP A 29 10.54 -7.73 5.46
N ARG A 30 11.58 -7.26 6.14
CA ARG A 30 12.34 -8.12 7.05
C ARG A 30 12.45 -7.48 8.43
N SER A 31 11.92 -8.17 9.45
CA SER A 31 11.97 -7.66 10.81
C SER A 31 13.37 -7.16 11.17
N THR A 32 13.42 -6.14 12.02
CA THR A 32 14.70 -5.56 12.45
C THR A 32 15.55 -6.61 13.14
N ASP A 33 14.90 -7.49 13.88
CA ASP A 33 15.58 -8.55 14.60
C ASP A 33 15.86 -9.74 13.69
N GLY A 34 15.12 -9.82 12.58
CA GLY A 34 15.29 -10.91 11.65
C GLY A 34 14.48 -12.13 12.03
N ASP A 35 13.44 -11.92 12.82
CA ASP A 35 12.58 -13.01 13.26
C ASP A 35 11.50 -13.31 12.23
N LYS A 36 11.03 -12.27 11.56
CA LYS A 36 9.99 -12.41 10.55
C LYS A 36 10.32 -11.64 9.29
N VAL A 37 9.74 -12.07 8.18
CA VAL A 37 9.95 -11.44 6.88
C VAL A 37 8.68 -11.50 6.05
N HIS A 38 8.15 -10.34 5.67
CA HIS A 38 6.93 -10.30 4.87
C HIS A 38 7.19 -9.83 3.44
N THR A 39 7.08 -10.76 2.51
CA THR A 39 7.27 -10.49 1.08
C THR A 39 5.93 -10.17 0.43
N VAL A 40 5.70 -8.91 0.10
CA VAL A 40 4.44 -8.52 -0.53
C VAL A 40 4.59 -8.45 -2.04
N VAL A 41 3.93 -9.36 -2.75
CA VAL A 41 4.01 -9.36 -4.20
C VAL A 41 3.22 -8.22 -4.80
N LEU A 42 3.93 -7.16 -5.16
CA LEU A 42 3.32 -5.98 -5.76
C LEU A 42 2.44 -6.36 -6.94
N SER A 43 2.69 -7.53 -7.50
CA SER A 43 1.93 -8.02 -8.64
C SER A 43 0.46 -8.13 -8.27
N THR A 44 0.19 -9.00 -7.32
CA THR A 44 -1.15 -9.21 -6.83
C THR A 44 -1.67 -7.93 -6.18
N ILE A 45 -0.74 -7.07 -5.75
CA ILE A 45 -1.11 -5.82 -5.12
C ILE A 45 -1.23 -4.70 -6.16
N ASP A 46 -2.41 -4.59 -6.77
CA ASP A 46 -2.64 -3.58 -7.79
C ASP A 46 -2.96 -2.21 -7.18
N LYS A 47 -3.07 -2.16 -5.85
CA LYS A 47 -3.37 -0.92 -5.16
C LYS A 47 -2.16 -0.45 -4.35
N LEU A 48 -1.96 0.85 -4.31
CA LEU A 48 -0.85 1.44 -3.57
C LEU A 48 -1.16 2.87 -3.17
N GLN A 49 -1.14 3.13 -1.87
CA GLN A 49 -1.42 4.46 -1.35
C GLN A 49 -0.38 4.85 -0.30
N ALA A 50 0.12 6.07 -0.39
CA ALA A 50 1.13 6.56 0.54
C ALA A 50 0.69 7.86 1.19
N THR A 51 1.02 8.04 2.47
CA THR A 51 0.62 9.25 3.16
C THR A 51 1.47 10.45 2.77
N PRO A 52 0.85 11.43 2.08
CA PRO A 52 1.51 12.65 1.62
C PRO A 52 1.57 13.71 2.70
N ALA A 53 2.36 14.76 2.46
CA ALA A 53 2.53 15.86 3.41
C ALA A 53 1.21 16.32 4.05
N SER A 54 0.08 15.77 3.61
CA SER A 54 -1.22 16.13 4.17
C SER A 54 -1.26 15.82 5.65
N SER A 55 -0.52 14.80 6.02
CA SER A 55 -0.43 14.38 7.40
C SER A 55 1.01 14.09 7.80
N GLU A 56 1.46 14.68 8.90
CA GLU A 56 2.82 14.47 9.38
C GLU A 56 3.09 12.98 9.52
N LYS A 57 2.02 12.21 9.69
CA LYS A 57 2.10 10.77 9.85
C LYS A 57 2.66 10.12 8.57
N MET A 58 3.54 9.15 8.75
CA MET A 58 4.16 8.45 7.63
C MET A 58 3.72 6.99 7.58
N MET A 59 3.14 6.58 6.46
CA MET A 59 2.67 5.21 6.31
C MET A 59 2.34 4.87 4.86
N LEU A 60 2.66 3.65 4.44
CA LEU A 60 2.35 3.20 3.09
C LEU A 60 1.31 2.08 3.14
N ARG A 61 0.24 2.23 2.39
CA ARG A 61 -0.83 1.23 2.37
C ARG A 61 -1.00 0.63 0.98
N LEU A 62 -1.11 -0.69 0.92
CA LEU A 62 -1.28 -1.40 -0.34
C LEU A 62 -2.42 -2.41 -0.24
N ILE A 63 -3.28 -2.43 -1.26
CA ILE A 63 -4.40 -3.36 -1.29
C ILE A 63 -4.25 -4.40 -2.38
N GLY A 64 -4.73 -5.60 -2.09
CA GLY A 64 -4.64 -6.69 -3.05
C GLY A 64 -5.59 -6.52 -4.21
N LYS A 65 -5.53 -7.44 -5.17
CA LYS A 65 -6.39 -7.39 -6.34
C LYS A 65 -7.87 -7.46 -5.93
N VAL A 66 -8.71 -6.72 -6.64
CA VAL A 66 -10.13 -6.68 -6.35
C VAL A 66 -10.90 -7.64 -7.26
N ASP A 67 -12.05 -8.10 -6.78
CA ASP A 67 -12.88 -9.03 -7.55
C ASP A 67 -14.30 -8.50 -7.67
N GLU A 68 -14.58 -7.81 -8.77
CA GLU A 68 -15.90 -7.25 -9.00
C GLU A 68 -16.72 -8.18 -9.90
N SER A 69 -16.44 -9.47 -9.82
CA SER A 69 -17.16 -10.45 -10.62
C SER A 69 -18.35 -11.04 -9.85
N LYS A 70 -18.49 -10.65 -8.59
CA LYS A 70 -19.58 -11.15 -7.75
C LYS A 70 -20.17 -10.04 -6.88
N LYS A 71 -19.75 -8.79 -7.11
CA LYS A 71 -20.24 -7.66 -6.33
C LYS A 71 -21.76 -7.57 -6.41
N ARG A 72 -22.30 -6.42 -5.99
CA ARG A 72 -23.73 -6.19 -6.00
C ARG A 72 -24.06 -4.82 -6.59
N LYS A 73 -25.15 -4.76 -7.35
CA LYS A 73 -25.58 -3.50 -7.97
C LYS A 73 -25.80 -2.42 -6.93
N ASP A 74 -26.51 -1.35 -7.32
CA ASP A 74 -26.80 -0.26 -6.41
C ASP A 74 -27.96 0.59 -6.94
N ASN A 75 -28.12 1.78 -6.38
CA ASN A 75 -29.19 2.69 -6.80
C ASN A 75 -29.19 2.90 -8.30
N GLU A 76 -28.30 3.75 -8.76
CA GLU A 76 -28.19 4.05 -10.19
C GLU A 76 -27.21 3.10 -10.88
N GLY A 77 -27.34 1.80 -10.58
CA GLY A 77 -26.46 0.82 -11.18
C GLY A 77 -24.99 1.10 -10.91
N ASN A 78 -24.72 1.76 -9.79
CA ASN A 78 -23.36 2.09 -9.41
C ASN A 78 -22.56 0.84 -9.05
N GLU A 79 -23.26 -0.18 -8.54
CA GLU A 79 -22.63 -1.42 -8.15
C GLU A 79 -21.55 -1.19 -7.10
N VAL A 80 -20.68 -2.18 -6.92
CA VAL A 80 -19.60 -2.07 -5.94
C VAL A 80 -18.52 -3.12 -6.20
N VAL A 81 -17.51 -3.17 -5.33
CA VAL A 81 -16.43 -4.11 -5.46
C VAL A 81 -15.98 -4.63 -4.09
N PRO A 82 -16.17 -5.93 -3.82
CA PRO A 82 -15.78 -6.52 -2.54
C PRO A 82 -14.35 -6.16 -2.13
N LYS A 83 -14.22 -5.12 -1.32
CA LYS A 83 -12.91 -4.66 -0.86
C LYS A 83 -12.10 -5.81 -0.25
N PRO A 84 -11.09 -6.32 -0.98
CA PRO A 84 -10.25 -7.42 -0.50
C PRO A 84 -9.42 -7.03 0.71
N GLN A 85 -8.39 -7.83 0.99
CA GLN A 85 -7.51 -7.56 2.12
C GLN A 85 -6.73 -6.26 1.90
N ARG A 86 -6.27 -5.65 2.97
CA ARG A 86 -5.51 -4.41 2.89
C ARG A 86 -4.30 -4.44 3.81
N HIS A 87 -3.17 -3.93 3.32
CA HIS A 87 -1.94 -3.89 4.10
C HIS A 87 -1.55 -2.46 4.40
N MET A 88 -1.58 -2.09 5.69
CA MET A 88 -1.24 -0.75 6.12
C MET A 88 0.14 -0.72 6.78
N PHE A 89 1.11 -0.16 6.08
CA PHE A 89 2.47 -0.07 6.60
C PHE A 89 2.70 1.31 7.22
N SER A 90 3.25 1.33 8.44
CA SER A 90 3.51 2.59 9.13
C SER A 90 4.88 2.61 9.77
N PHE A 91 5.66 3.62 9.43
CA PHE A 91 7.00 3.78 10.00
C PHE A 91 7.13 5.17 10.62
N ASN A 92 8.22 5.38 11.34
CA ASN A 92 8.46 6.66 12.00
C ASN A 92 9.35 7.56 11.15
N ASN A 93 9.28 7.37 9.83
CA ASN A 93 10.10 8.18 8.93
C ASN A 93 9.25 8.77 7.80
N ARG A 94 9.18 10.10 7.78
CA ARG A 94 8.41 10.80 6.75
C ARG A 94 9.26 11.02 5.51
N THR A 95 10.57 11.13 5.69
CA THR A 95 11.48 11.34 4.58
C THR A 95 11.64 10.05 3.78
N VAL A 96 11.83 8.95 4.51
CA VAL A 96 12.00 7.64 3.88
C VAL A 96 10.75 7.25 3.10
N MET A 97 9.61 7.19 3.79
CA MET A 97 8.35 6.82 3.16
C MET A 97 8.14 7.53 1.82
N ASP A 98 8.20 8.85 1.85
CA ASP A 98 8.00 9.66 0.64
C ASP A 98 8.87 9.18 -0.53
N ASN A 99 9.98 8.51 -0.22
CA ASN A 99 10.87 8.03 -1.25
C ASN A 99 10.44 6.67 -1.80
N ILE A 100 10.36 5.68 -0.91
CA ILE A 100 9.98 4.34 -1.32
C ILE A 100 8.53 4.27 -1.81
N LYS A 101 7.68 5.17 -1.31
CA LYS A 101 6.28 5.20 -1.71
C LYS A 101 6.15 5.43 -3.22
N MET A 102 7.06 6.22 -3.75
CA MET A 102 7.06 6.54 -5.17
C MET A 102 7.42 5.33 -6.02
N THR A 103 8.53 4.69 -5.67
CA THR A 103 9.01 3.51 -6.40
C THR A 103 7.88 2.49 -6.60
N LEU A 104 7.06 2.30 -5.58
CA LEU A 104 5.96 1.34 -5.65
C LEU A 104 4.77 1.95 -6.39
N GLN A 105 4.43 3.19 -6.06
CA GLN A 105 3.31 3.87 -6.71
C GLN A 105 3.50 3.95 -8.22
N GLN A 106 4.70 4.35 -8.64
CA GLN A 106 5.01 4.47 -10.05
C GLN A 106 4.79 3.15 -10.78
N ILE A 107 5.12 2.04 -10.11
CA ILE A 107 4.97 0.72 -10.69
C ILE A 107 3.52 0.46 -11.11
N ILE A 108 2.60 0.66 -10.18
CA ILE A 108 1.18 0.44 -10.47
C ILE A 108 0.76 1.14 -11.75
N SER A 109 1.35 2.31 -11.97
CA SER A 109 1.06 3.11 -13.15
C SER A 109 1.53 2.40 -14.41
N ARG A 110 2.49 1.50 -14.26
CA ARG A 110 3.02 0.75 -15.38
C ARG A 110 2.39 -0.64 -15.40
N TYR A 111 2.32 -1.27 -14.22
CA TYR A 111 1.73 -2.59 -14.10
C TYR A 111 0.24 -2.54 -14.46
N LYS A 112 -0.37 -1.37 -14.27
CA LYS A 112 -1.77 -1.18 -14.57
C LYS A 112 -2.05 -1.49 -16.04
N ASP A 113 -1.36 -0.77 -16.90
CA ASP A 113 -1.51 -0.91 -18.35
C ASP A 113 -1.01 -2.27 -18.85
N ALA A 114 -0.51 -3.09 -17.95
CA ALA A 114 0.00 -4.40 -18.32
C ALA A 114 -0.81 -5.53 -17.67
N ASP A 115 -1.34 -5.26 -16.49
CA ASP A 115 -2.13 -6.25 -15.76
C ASP A 115 -3.35 -6.66 -16.57
N PRO B 11 0.20 6.83 18.25
CA PRO B 11 0.95 7.37 19.41
C PRO B 11 0.05 7.56 20.64
N GLY B 12 0.59 7.20 21.80
CA GLY B 12 -0.18 7.34 23.03
C GLY B 12 -1.20 6.23 23.21
N GLU B 13 -2.46 6.62 23.43
CA GLU B 13 -3.52 5.65 23.62
C GLU B 13 -4.50 5.67 22.44
N GLU B 14 -3.98 5.98 21.27
CA GLU B 14 -4.80 6.05 20.07
C GLU B 14 -4.67 4.76 19.24
N GLU B 15 -5.73 4.44 18.51
CA GLU B 15 -5.74 3.23 17.69
C GLU B 15 -5.22 3.53 16.28
N ASP B 16 -5.39 2.57 15.38
CA ASP B 16 -4.94 2.73 14.00
C ASP B 16 -6.10 3.14 13.10
N ASP B 17 -6.57 4.38 13.27
CA ASP B 17 -7.68 4.89 12.48
C ASP B 17 -7.95 6.35 12.82
N GLU B 18 -6.89 7.09 13.07
CA GLU B 18 -7.00 8.51 13.42
C GLU B 18 -5.65 9.16 13.73
N ARG B 19 -4.60 8.35 13.93
CA ARG B 19 -3.27 8.86 14.23
C ARG B 19 -2.23 7.92 13.65
N GLY B 20 -1.92 8.14 12.38
CA GLY B 20 -0.97 7.29 11.70
C GLY B 20 -1.70 6.30 10.80
N ALA B 21 -3.02 6.44 10.73
CA ALA B 21 -3.85 5.57 9.90
C ALA B 21 -5.16 6.26 9.51
N ASP B 22 -5.05 7.38 8.81
CA ASP B 22 -6.24 8.12 8.40
C ASP B 22 -5.98 9.04 7.21
N ALA B 23 -4.82 9.67 7.19
CA ALA B 23 -4.45 10.58 6.11
C ALA B 23 -4.20 9.87 4.80
N THR B 24 -4.02 8.55 4.85
CA THR B 24 -3.75 7.80 3.63
C THR B 24 -5.05 7.40 2.91
N TRP B 25 -6.17 7.54 3.60
CA TRP B 25 -7.47 7.19 3.00
C TRP B 25 -7.94 8.31 2.10
N ASP B 26 -7.08 8.67 1.16
CA ASP B 26 -7.35 9.74 0.21
C ASP B 26 -6.14 9.92 -0.70
N LEU B 27 -5.52 8.79 -1.06
CA LEU B 27 -4.33 8.80 -1.90
C LEU B 27 -4.63 8.31 -3.31
N ASP B 28 -4.51 7.00 -3.52
CA ASP B 28 -4.73 6.40 -4.82
C ASP B 28 -6.18 5.91 -4.95
N LEU B 29 -6.38 4.59 -4.94
CA LEU B 29 -7.72 4.02 -5.07
C LEU B 29 -8.49 4.65 -6.21
N LEU B 30 -7.88 4.68 -7.40
CA LEU B 30 -8.52 5.26 -8.58
C LEU B 30 -7.61 5.12 -9.79
N LEU B 31 -6.92 3.99 -9.89
CA LEU B 31 -6.03 3.73 -11.01
C LEU B 31 -6.33 2.38 -11.66
N THR B 32 -5.78 1.32 -11.06
CA THR B 32 -5.98 -0.04 -11.58
C THR B 32 -7.41 -0.50 -11.31
N ASN B 33 -8.38 0.12 -11.96
CA ASN B 33 -9.78 -0.24 -11.79
C ASN B 33 -10.54 -0.14 -13.11
N PHE B 34 -11.86 -0.23 -13.03
CA PHE B 34 -12.70 -0.14 -14.22
C PHE B 34 -13.67 1.03 -14.13
N SER B 35 -13.23 2.10 -13.45
CA SER B 35 -14.06 3.28 -13.30
C SER B 35 -13.20 4.50 -12.98
N GLY B 36 -13.35 5.55 -13.78
CA GLY B 36 -12.59 6.76 -13.57
C GLY B 36 -12.94 7.85 -14.58
N PRO B 37 -12.80 9.13 -14.18
CA PRO B 37 -13.10 10.26 -15.06
C PRO B 37 -12.10 10.39 -16.21
N PRO A 1 18.69 -0.91 -5.97
CA PRO A 1 17.67 -0.99 -7.03
C PRO A 1 16.27 -0.65 -6.52
N SER A 2 16.20 0.30 -5.59
CA SER A 2 14.94 0.72 -5.01
C SER A 2 14.26 -0.44 -4.29
N HIS A 3 13.00 -0.25 -3.91
CA HIS A 3 12.24 -1.28 -3.22
C HIS A 3 12.89 -1.62 -1.88
N SER A 4 12.26 -2.54 -1.15
CA SER A 4 12.75 -2.95 0.16
C SER A 4 12.84 -1.77 1.11
N GLY A 5 12.29 -1.97 2.29
CA GLY A 5 12.29 -0.93 3.29
C GLY A 5 11.73 -1.46 4.59
N ALA A 6 11.66 -0.62 5.60
CA ALA A 6 11.12 -1.06 6.88
C ALA A 6 9.72 -0.50 7.09
N ALA A 7 8.86 -1.33 7.65
CA ALA A 7 7.48 -0.95 7.92
C ALA A 7 6.93 -1.74 9.08
N ILE A 8 5.96 -1.17 9.79
CA ILE A 8 5.38 -1.85 10.93
C ILE A 8 3.86 -1.91 10.85
N PHE A 9 3.32 -3.04 11.27
CA PHE A 9 1.88 -3.26 11.27
C PHE A 9 1.47 -4.12 12.46
N GLU A 10 0.30 -3.82 13.03
CA GLU A 10 -0.20 -4.55 14.19
C GLU A 10 0.87 -4.64 15.28
N LYS A 11 1.62 -3.56 15.42
CA LYS A 11 2.68 -3.51 16.42
C LYS A 11 3.78 -4.52 16.12
N VAL A 12 3.82 -5.00 14.88
CA VAL A 12 4.83 -5.97 14.48
C VAL A 12 5.71 -5.38 13.39
N SER A 13 7.01 -5.31 13.65
CA SER A 13 7.94 -4.73 12.68
C SER A 13 8.47 -5.78 11.72
N GLY A 14 8.85 -5.30 10.54
CA GLY A 14 9.36 -6.17 9.50
C GLY A 14 9.92 -5.38 8.35
N ILE A 15 10.39 -6.08 7.31
CA ILE A 15 10.94 -5.40 6.15
C ILE A 15 9.95 -5.52 4.99
N ILE A 16 9.69 -4.40 4.36
CA ILE A 16 8.74 -4.32 3.26
C ILE A 16 9.48 -4.20 1.94
N ALA A 17 9.33 -5.20 1.06
CA ALA A 17 10.03 -5.16 -0.22
C ALA A 17 9.10 -5.42 -1.39
N ILE A 18 9.35 -4.72 -2.51
CA ILE A 18 8.55 -4.87 -3.71
C ILE A 18 9.18 -5.90 -4.65
N ASN A 19 8.33 -6.65 -5.34
CA ASN A 19 8.78 -7.68 -6.27
C ASN A 19 8.17 -7.47 -7.65
N GLU A 20 9.02 -7.12 -8.60
CA GLU A 20 8.58 -6.91 -9.97
C GLU A 20 9.06 -8.04 -10.84
N ASP A 21 9.23 -9.20 -10.24
CA ASP A 21 9.69 -10.40 -10.93
C ASP A 21 8.51 -11.30 -11.27
N VAL A 22 7.45 -11.20 -10.47
CA VAL A 22 6.26 -12.00 -10.70
C VAL A 22 5.21 -11.21 -11.46
N SER A 23 4.18 -11.90 -11.97
CA SER A 23 3.13 -11.23 -12.73
C SER A 23 2.60 -10.01 -11.97
N PRO A 24 1.92 -10.22 -10.83
CA PRO A 24 1.41 -9.12 -10.02
C PRO A 24 2.50 -8.50 -9.18
N ALA A 25 3.23 -7.55 -9.76
CA ALA A 25 4.31 -6.87 -9.04
C ALA A 25 3.82 -6.46 -7.67
N GLU A 26 4.13 -7.30 -6.69
CA GLU A 26 3.69 -7.07 -5.32
C GLU A 26 4.87 -6.92 -4.37
N LEU A 27 4.58 -6.50 -3.13
CA LEU A 27 5.61 -6.31 -2.14
C LEU A 27 5.33 -7.14 -0.91
N THR A 28 6.38 -7.74 -0.35
CA THR A 28 6.23 -8.57 0.82
C THR A 28 6.76 -7.90 2.07
N TRP A 29 6.14 -8.23 3.18
CA TRP A 29 6.53 -7.69 4.47
C TRP A 29 6.95 -8.82 5.42
N ARG A 30 8.24 -8.91 5.70
CA ARG A 30 8.76 -9.95 6.59
C ARG A 30 9.18 -9.39 7.93
N SER A 31 8.57 -9.90 9.00
CA SER A 31 8.90 -9.46 10.36
C SER A 31 10.27 -9.98 10.78
N THR A 32 10.89 -9.30 11.74
CA THR A 32 12.19 -9.70 12.23
C THR A 32 12.08 -10.43 13.56
N ASP A 33 11.35 -9.84 14.48
CA ASP A 33 11.15 -10.41 15.79
C ASP A 33 9.89 -11.27 15.84
N GLY A 34 8.98 -11.03 14.90
CA GLY A 34 7.74 -11.79 14.84
C GLY A 34 7.84 -13.02 13.95
N ASP A 35 8.93 -13.11 13.19
CA ASP A 35 9.15 -14.24 12.30
C ASP A 35 7.93 -14.46 11.39
N LYS A 36 7.18 -13.40 11.14
CA LYS A 36 6.00 -13.47 10.30
C LYS A 36 6.25 -12.80 8.96
N VAL A 37 5.34 -13.01 8.01
CA VAL A 37 5.47 -12.41 6.69
C VAL A 37 4.11 -12.00 6.14
N HIS A 38 4.07 -10.83 5.50
CA HIS A 38 2.84 -10.32 4.91
C HIS A 38 3.10 -9.86 3.49
N THR A 39 2.59 -10.61 2.54
CA THR A 39 2.76 -10.29 1.12
C THR A 39 1.55 -9.53 0.59
N VAL A 40 1.71 -8.24 0.35
CA VAL A 40 0.62 -7.43 -0.18
C VAL A 40 0.69 -7.39 -1.69
N VAL A 41 -0.30 -7.99 -2.35
CA VAL A 41 -0.31 -8.01 -3.80
C VAL A 41 -0.69 -6.67 -4.38
N LEU A 42 0.33 -5.92 -4.81
CA LEU A 42 0.13 -4.62 -5.42
C LEU A 42 -0.93 -4.68 -6.51
N SER A 43 -1.11 -5.88 -7.07
CA SER A 43 -2.10 -6.09 -8.12
C SER A 43 -3.48 -5.75 -7.59
N THR A 44 -3.80 -6.34 -6.46
CA THR A 44 -5.06 -6.10 -5.81
C THR A 44 -5.09 -4.67 -5.27
N ILE A 45 -3.89 -4.11 -5.07
CA ILE A 45 -3.78 -2.74 -4.57
C ILE A 45 -4.19 -1.74 -5.66
N ASP A 46 -5.10 -0.84 -5.31
CA ASP A 46 -5.58 0.16 -6.26
C ASP A 46 -5.20 1.57 -5.82
N LYS A 47 -4.65 1.70 -4.62
CA LYS A 47 -4.25 2.99 -4.09
C LYS A 47 -3.05 2.86 -3.16
N LEU A 48 -2.25 3.93 -3.10
CA LEU A 48 -1.06 3.95 -2.26
C LEU A 48 -0.72 5.38 -1.86
N GLN A 49 -0.40 5.60 -0.59
CA GLN A 49 -0.06 6.93 -0.12
C GLN A 49 1.12 6.90 0.85
N ALA A 50 2.03 7.85 0.68
CA ALA A 50 3.21 7.95 1.55
C ALA A 50 3.23 9.29 2.27
N THR A 51 3.89 9.32 3.42
CA THR A 51 3.96 10.53 4.22
C THR A 51 4.96 11.54 3.66
N PRO A 52 4.48 12.75 3.30
CA PRO A 52 5.28 13.82 2.74
C PRO A 52 5.75 14.81 3.79
N ALA A 53 6.70 15.66 3.43
CA ALA A 53 7.21 16.68 4.34
C ALA A 53 6.11 17.58 4.89
N SER A 54 4.85 17.31 4.51
CA SER A 54 3.72 18.10 4.98
C SER A 54 3.60 18.01 6.48
N SER A 55 4.00 16.87 7.00
CA SER A 55 3.97 16.62 8.43
C SER A 55 5.26 15.94 8.89
N GLU A 56 5.41 15.79 10.20
CA GLU A 56 6.61 15.16 10.75
C GLU A 56 6.38 13.68 11.02
N LYS A 57 5.48 13.07 10.25
CA LYS A 57 5.15 11.66 10.41
C LYS A 57 6.05 10.78 9.54
N MET A 58 5.61 9.54 9.34
CA MET A 58 6.35 8.57 8.53
C MET A 58 5.57 7.27 8.42
N MET A 59 4.84 7.09 7.31
CA MET A 59 4.05 5.88 7.10
C MET A 59 3.59 5.74 5.65
N LEU A 60 3.38 4.50 5.22
CA LEU A 60 2.92 4.20 3.87
C LEU A 60 1.62 3.40 3.93
N ARG A 61 0.58 3.87 3.23
CA ARG A 61 -0.71 3.19 3.23
C ARG A 61 -1.09 2.73 1.83
N LEU A 62 -1.65 1.51 1.76
CA LEU A 62 -2.07 0.94 0.49
C LEU A 62 -3.53 0.48 0.55
N ILE A 63 -4.28 0.77 -0.50
CA ILE A 63 -5.69 0.39 -0.57
C ILE A 63 -5.92 -0.56 -1.74
N GLY A 64 -6.35 -1.79 -1.44
CA GLY A 64 -6.58 -2.77 -2.49
C GLY A 64 -8.03 -3.19 -2.61
N LYS A 65 -8.30 -4.06 -3.59
CA LYS A 65 -9.65 -4.56 -3.84
C LYS A 65 -10.56 -3.45 -4.36
N VAL A 66 -11.13 -2.67 -3.44
CA VAL A 66 -12.02 -1.57 -3.80
C VAL A 66 -13.03 -1.97 -4.88
N ASP A 67 -13.84 -1.01 -5.31
CA ASP A 67 -14.86 -1.20 -6.35
C ASP A 67 -15.25 -2.67 -6.52
N GLU A 68 -16.35 -3.07 -5.88
CA GLU A 68 -16.83 -4.45 -5.98
C GLU A 68 -17.18 -4.81 -7.41
N SER A 69 -17.33 -3.81 -8.27
CA SER A 69 -17.68 -4.03 -9.67
C SER A 69 -16.77 -5.07 -10.33
N LYS A 70 -15.54 -5.15 -9.84
CA LYS A 70 -14.59 -6.11 -10.38
C LYS A 70 -14.70 -7.48 -9.72
N LYS A 71 -15.75 -7.66 -8.91
CA LYS A 71 -15.96 -8.95 -8.23
C LYS A 71 -15.92 -10.12 -9.20
N ARG A 72 -16.20 -11.32 -8.69
CA ARG A 72 -16.20 -12.51 -9.51
C ARG A 72 -17.58 -13.18 -9.47
N LYS A 73 -17.64 -14.44 -9.88
CA LYS A 73 -18.90 -15.18 -9.89
C LYS A 73 -18.85 -16.35 -8.91
N ASP A 74 -19.89 -17.18 -8.92
CA ASP A 74 -19.96 -18.33 -8.04
C ASP A 74 -20.92 -19.38 -8.61
N ASN A 75 -21.31 -20.34 -7.76
CA ASN A 75 -22.22 -21.40 -8.18
C ASN A 75 -23.46 -20.83 -8.86
N GLU A 76 -24.45 -20.44 -8.06
CA GLU A 76 -25.68 -19.89 -8.58
C GLU A 76 -25.56 -18.38 -8.76
N GLY A 77 -24.52 -17.96 -9.49
CA GLY A 77 -24.31 -16.54 -9.74
C GLY A 77 -24.23 -15.73 -8.46
N ASN A 78 -23.80 -16.39 -7.38
CA ASN A 78 -23.68 -15.73 -6.08
C ASN A 78 -22.68 -14.58 -6.15
N GLU A 79 -21.60 -14.78 -6.91
CA GLU A 79 -20.58 -13.76 -7.06
C GLU A 79 -20.02 -13.34 -5.69
N VAL A 80 -19.26 -12.25 -5.67
CA VAL A 80 -18.68 -11.75 -4.44
C VAL A 80 -18.52 -10.23 -4.47
N VAL A 81 -17.87 -9.69 -3.46
CA VAL A 81 -17.65 -8.26 -3.36
C VAL A 81 -16.26 -7.97 -2.78
N PRO A 82 -15.25 -7.83 -3.65
CA PRO A 82 -13.87 -7.55 -3.23
C PRO A 82 -13.78 -6.45 -2.17
N LYS A 83 -13.84 -6.85 -0.91
CA LYS A 83 -13.78 -5.90 0.20
C LYS A 83 -12.45 -5.14 0.18
N PRO A 84 -12.48 -3.82 0.42
CA PRO A 84 -11.28 -2.99 0.42
C PRO A 84 -10.19 -3.53 1.35
N GLN A 85 -8.94 -3.38 0.94
CA GLN A 85 -7.81 -3.84 1.74
C GLN A 85 -6.90 -2.66 2.09
N ARG A 86 -7.47 -1.68 2.78
CA ARG A 86 -6.72 -0.48 3.17
C ARG A 86 -5.92 -0.74 4.45
N HIS A 87 -4.65 -0.41 4.43
CA HIS A 87 -3.78 -0.60 5.58
C HIS A 87 -2.73 0.50 5.67
N MET A 88 -2.55 1.04 6.88
CA MET A 88 -1.58 2.11 7.11
C MET A 88 -0.31 1.55 7.73
N PHE A 89 0.77 1.54 6.96
CA PHE A 89 2.06 1.04 7.44
C PHE A 89 2.88 2.19 7.99
N SER A 90 3.22 2.13 9.27
CA SER A 90 3.99 3.20 9.90
C SER A 90 5.36 2.73 10.37
N PHE A 91 6.39 3.47 9.98
CA PHE A 91 7.76 3.16 10.37
C PHE A 91 8.44 4.39 10.92
N ASN A 92 9.62 4.20 11.51
CA ASN A 92 10.37 5.31 12.08
C ASN A 92 11.38 5.86 11.09
N ASN A 93 11.08 5.71 9.80
CA ASN A 93 11.96 6.20 8.76
C ASN A 93 11.25 7.21 7.86
N ARG A 94 11.97 8.25 7.45
CA ARG A 94 11.42 9.28 6.58
C ARG A 94 12.03 9.19 5.20
N THR A 95 13.29 8.76 5.13
CA THR A 95 14.00 8.62 3.87
C THR A 95 13.61 7.31 3.19
N VAL A 96 13.60 6.23 3.97
CA VAL A 96 13.24 4.91 3.45
C VAL A 96 11.84 4.95 2.85
N MET A 97 10.86 5.25 3.68
CA MET A 97 9.46 5.33 3.26
C MET A 97 9.29 5.97 1.88
N ASP A 98 9.82 7.17 1.73
CA ASP A 98 9.69 7.91 0.46
C ASP A 98 10.39 7.19 -0.69
N ASN A 99 11.34 6.33 -0.36
CA ASN A 99 12.08 5.60 -1.39
C ASN A 99 11.27 4.44 -1.95
N ILE A 100 10.47 3.82 -1.09
CA ILE A 100 9.66 2.68 -1.50
C ILE A 100 8.30 3.10 -2.07
N LYS A 101 7.79 4.25 -1.63
CA LYS A 101 6.51 4.73 -2.11
C LYS A 101 6.61 5.19 -3.56
N MET A 102 7.74 5.79 -3.88
CA MET A 102 7.98 6.29 -5.23
C MET A 102 8.02 5.16 -6.25
N THR A 103 8.50 4.00 -5.81
CA THR A 103 8.60 2.84 -6.69
C THR A 103 7.33 2.00 -6.69
N LEU A 104 6.69 1.90 -5.53
CA LEU A 104 5.46 1.11 -5.40
C LEU A 104 4.24 1.91 -5.87
N GLN A 105 4.31 3.23 -5.75
CA GLN A 105 3.20 4.08 -6.17
C GLN A 105 3.08 4.11 -7.68
N GLN A 106 4.17 4.43 -8.35
CA GLN A 106 4.19 4.49 -9.82
C GLN A 106 3.59 3.24 -10.43
N ILE A 107 3.96 2.08 -9.88
CA ILE A 107 3.47 0.81 -10.36
C ILE A 107 1.94 0.79 -10.43
N ILE A 108 1.28 1.16 -9.35
CA ILE A 108 -0.17 1.18 -9.32
C ILE A 108 -0.68 2.07 -10.44
N SER A 109 0.05 3.14 -10.68
CA SER A 109 -0.30 4.09 -11.73
C SER A 109 0.02 3.49 -13.10
N ARG A 110 0.95 2.54 -13.13
CA ARG A 110 1.34 1.90 -14.37
C ARG A 110 0.38 0.75 -14.67
N TYR A 111 0.06 -0.03 -13.64
CA TYR A 111 -0.86 -1.15 -13.79
C TYR A 111 -2.24 -0.67 -14.23
N LYS A 112 -2.76 0.34 -13.53
CA LYS A 112 -4.07 0.89 -13.85
C LYS A 112 -4.18 1.24 -15.33
N ASP A 113 -3.04 1.59 -15.93
CA ASP A 113 -2.99 1.95 -17.34
C ASP A 113 -3.22 0.72 -18.23
N ALA A 114 -3.25 -0.46 -17.63
CA ALA A 114 -3.45 -1.69 -18.39
C ALA A 114 -4.52 -2.56 -17.75
N ASP A 115 -4.42 -2.77 -16.44
CA ASP A 115 -5.37 -3.58 -15.72
C ASP A 115 -6.79 -3.02 -15.87
N PRO B 11 -11.40 0.25 17.93
CA PRO B 11 -10.00 0.43 17.48
C PRO B 11 -9.47 1.83 17.78
N GLY B 12 -8.16 2.00 17.67
CA GLY B 12 -7.55 3.29 17.94
C GLY B 12 -6.53 3.68 16.88
N GLU B 13 -5.87 4.81 17.10
CA GLU B 13 -4.87 5.30 16.15
C GLU B 13 -4.19 6.56 16.67
N GLU B 14 -3.04 6.40 17.32
CA GLU B 14 -2.30 7.52 17.86
C GLU B 14 -0.81 7.41 17.54
N GLU B 15 -0.08 8.50 17.75
CA GLU B 15 1.36 8.51 17.48
C GLU B 15 2.05 9.54 18.36
N ASP B 16 1.76 10.82 18.12
CA ASP B 16 2.35 11.90 18.91
C ASP B 16 1.32 12.97 19.22
N ASP B 17 0.64 13.45 18.19
CA ASP B 17 -0.39 14.48 18.36
C ASP B 17 -0.90 14.95 17.00
N GLU B 18 -1.63 14.08 16.32
CA GLU B 18 -2.19 14.42 15.00
C GLU B 18 -1.16 15.11 14.12
N ARG B 19 0.05 14.57 14.09
CA ARG B 19 1.13 15.13 13.29
C ARG B 19 2.03 14.04 12.75
N GLY B 20 2.36 13.08 13.59
CA GLY B 20 3.21 11.99 13.20
C GLY B 20 2.42 10.79 12.72
N ALA B 21 1.12 10.99 12.46
CA ALA B 21 0.27 9.92 11.98
C ALA B 21 -1.08 10.47 11.49
N ASP B 22 -1.02 11.40 10.54
CA ASP B 22 -2.23 12.00 9.99
C ASP B 22 -1.89 13.01 8.90
N ALA B 23 -1.17 12.54 7.87
CA ALA B 23 -0.80 13.41 6.77
C ALA B 23 -0.35 12.60 5.56
N THR B 24 -1.21 11.68 5.11
CA THR B 24 -0.91 10.83 3.96
C THR B 24 -2.03 10.80 2.93
N TRP B 25 -3.23 11.22 3.32
CA TRP B 25 -4.36 11.21 2.40
C TRP B 25 -4.51 12.57 1.69
N ASP B 26 -3.41 13.29 1.53
CA ASP B 26 -3.45 14.59 0.87
C ASP B 26 -2.24 14.82 -0.03
N LEU B 27 -1.41 13.79 -0.21
CA LEU B 27 -0.23 13.89 -1.07
C LEU B 27 -0.26 12.83 -2.16
N ASP B 28 -1.20 11.90 -2.04
CA ASP B 28 -1.33 10.83 -3.00
C ASP B 28 -2.72 10.82 -3.62
N LEU B 29 -3.15 9.64 -4.11
CA LEU B 29 -4.46 9.50 -4.72
C LEU B 29 -4.54 10.28 -6.03
N LEU B 30 -3.92 9.74 -7.07
CA LEU B 30 -3.90 10.37 -8.39
C LEU B 30 -3.10 9.53 -9.38
N LEU B 31 -3.66 8.39 -9.78
CA LEU B 31 -3.00 7.50 -10.72
C LEU B 31 -3.85 7.28 -11.97
N THR B 32 -3.23 7.40 -13.13
CA THR B 32 -3.94 7.21 -14.40
C THR B 32 -5.21 8.05 -14.45
N ASN B 33 -5.08 9.26 -14.99
CA ASN B 33 -6.23 10.17 -15.10
C ASN B 33 -7.25 9.63 -16.09
N PHE B 34 -6.95 9.75 -17.37
CA PHE B 34 -7.85 9.27 -18.42
C PHE B 34 -7.07 8.96 -19.70
N SER B 35 -5.90 8.35 -19.54
CA SER B 35 -5.06 7.99 -20.68
C SER B 35 -5.80 7.04 -21.61
N GLY B 36 -6.15 7.53 -22.79
CA GLY B 36 -6.85 6.70 -23.76
C GLY B 36 -8.30 7.12 -23.93
N PRO B 37 -8.89 6.84 -25.11
CA PRO B 37 -10.29 7.20 -25.38
C PRO B 37 -11.28 6.36 -24.58
N PRO A 1 19.42 2.52 -1.51
CA PRO A 1 18.64 3.51 -0.75
C PRO A 1 17.23 3.69 -1.30
N SER A 2 16.64 2.60 -1.76
CA SER A 2 15.30 2.63 -2.32
C SER A 2 14.64 1.25 -2.25
N HIS A 3 13.33 1.22 -2.45
CA HIS A 3 12.57 -0.04 -2.40
C HIS A 3 12.54 -0.60 -0.99
N SER A 4 13.70 -1.02 -0.51
CA SER A 4 13.80 -1.57 0.83
C SER A 4 13.71 -0.47 1.87
N GLY A 5 12.88 -0.70 2.87
CA GLY A 5 12.69 0.25 3.94
C GLY A 5 11.99 -0.39 5.11
N ALA A 6 11.73 0.38 6.17
CA ALA A 6 11.06 -0.17 7.33
C ALA A 6 9.61 0.29 7.39
N ALA A 7 8.74 -0.63 7.76
CA ALA A 7 7.32 -0.36 7.87
C ALA A 7 6.70 -1.19 8.97
N ILE A 8 5.58 -0.73 9.52
CA ILE A 8 4.92 -1.45 10.59
C ILE A 8 3.44 -1.65 10.31
N PHE A 9 2.93 -2.80 10.75
CA PHE A 9 1.52 -3.14 10.57
C PHE A 9 1.02 -3.97 11.75
N GLU A 10 -0.23 -3.75 12.13
CA GLU A 10 -0.84 -4.46 13.26
C GLU A 10 0.08 -4.45 14.47
N LYS A 11 0.80 -3.35 14.65
CA LYS A 11 1.71 -3.19 15.78
C LYS A 11 2.91 -4.13 15.67
N VAL A 12 3.18 -4.61 14.45
CA VAL A 12 4.32 -5.50 14.23
C VAL A 12 5.28 -4.87 13.24
N SER A 13 6.51 -4.62 13.67
CA SER A 13 7.51 -4.00 12.81
C SER A 13 8.23 -5.02 11.95
N GLY A 14 8.67 -4.57 10.78
CA GLY A 14 9.37 -5.41 9.84
C GLY A 14 10.02 -4.58 8.74
N ILE A 15 10.65 -5.24 7.78
CA ILE A 15 11.30 -4.51 6.69
C ILE A 15 10.49 -4.70 5.41
N ILE A 16 10.26 -3.60 4.72
CA ILE A 16 9.48 -3.60 3.49
C ILE A 16 10.38 -3.45 2.27
N ALA A 17 10.33 -4.42 1.36
CA ALA A 17 11.16 -4.37 0.16
C ALA A 17 10.36 -4.63 -1.11
N ILE A 18 10.64 -3.84 -2.15
CA ILE A 18 9.95 -3.98 -3.43
C ILE A 18 10.74 -4.87 -4.39
N ASN A 19 10.29 -6.10 -4.56
CA ASN A 19 10.94 -7.05 -5.44
C ASN A 19 10.59 -6.78 -6.90
N GLU A 20 11.59 -6.32 -7.65
CA GLU A 20 11.40 -6.04 -9.07
C GLU A 20 12.19 -7.03 -9.91
N ASP A 21 12.36 -8.23 -9.36
CA ASP A 21 13.09 -9.29 -10.04
C ASP A 21 12.15 -10.34 -10.59
N VAL A 22 10.93 -10.39 -10.04
CA VAL A 22 9.93 -11.35 -10.50
C VAL A 22 8.94 -10.69 -11.46
N SER A 23 8.13 -11.52 -12.13
CA SER A 23 7.15 -10.99 -13.07
C SER A 23 6.32 -9.88 -12.42
N PRO A 24 5.48 -10.20 -11.44
CA PRO A 24 4.67 -9.21 -10.74
C PRO A 24 5.49 -8.49 -9.69
N ALA A 25 6.16 -7.42 -10.09
CA ALA A 25 6.98 -6.65 -9.17
C ALA A 25 6.23 -6.43 -7.88
N GLU A 26 6.51 -7.29 -6.92
CA GLU A 26 5.83 -7.27 -5.64
C GLU A 26 6.78 -6.92 -4.51
N LEU A 27 6.23 -6.67 -3.33
CA LEU A 27 7.03 -6.31 -2.18
C LEU A 27 6.63 -7.13 -0.97
N THR A 28 7.62 -7.64 -0.25
CA THR A 28 7.34 -8.45 0.92
C THR A 28 7.79 -7.74 2.19
N TRP A 29 7.06 -7.99 3.25
CA TRP A 29 7.34 -7.37 4.54
C TRP A 29 7.63 -8.42 5.61
N ARG A 30 8.87 -8.51 6.04
CA ARG A 30 9.27 -9.46 7.07
C ARG A 30 9.46 -8.76 8.41
N SER A 31 8.71 -9.18 9.41
CA SER A 31 8.80 -8.58 10.74
C SER A 31 10.27 -8.53 11.22
N THR A 32 10.58 -7.53 12.04
CA THR A 32 11.93 -7.37 12.55
C THR A 32 12.41 -8.63 13.26
N ASP A 33 11.55 -9.15 14.11
CA ASP A 33 11.86 -10.35 14.87
C ASP A 33 11.91 -11.58 13.95
N GLY A 34 11.22 -11.48 12.83
CA GLY A 34 11.20 -12.58 11.88
C GLY A 34 10.11 -13.60 12.19
N ASP A 35 9.13 -13.18 12.99
CA ASP A 35 8.04 -14.06 13.38
C ASP A 35 6.95 -14.07 12.33
N LYS A 36 6.84 -12.98 11.57
CA LYS A 36 5.84 -12.86 10.53
C LYS A 36 6.40 -12.21 9.27
N VAL A 37 5.80 -12.54 8.14
CA VAL A 37 6.22 -11.99 6.86
C VAL A 37 5.02 -11.79 5.93
N HIS A 38 4.78 -10.55 5.53
CA HIS A 38 3.65 -10.25 4.65
C HIS A 38 4.14 -9.87 3.26
N THR A 39 3.89 -10.75 2.31
CA THR A 39 4.27 -10.54 0.91
C THR A 39 3.11 -9.87 0.16
N VAL A 40 3.28 -8.60 -0.16
CA VAL A 40 2.25 -7.87 -0.90
C VAL A 40 2.57 -7.85 -2.38
N VAL A 41 1.76 -8.54 -3.18
CA VAL A 41 2.01 -8.59 -4.61
C VAL A 41 1.41 -7.39 -5.33
N LEU A 42 2.26 -6.40 -5.58
CA LEU A 42 1.86 -5.19 -6.28
C LEU A 42 1.05 -5.52 -7.52
N SER A 43 1.24 -6.73 -8.05
CA SER A 43 0.51 -7.16 -9.24
C SER A 43 -0.97 -7.16 -8.95
N THR A 44 -1.32 -7.69 -7.80
CA THR A 44 -2.70 -7.73 -7.35
C THR A 44 -3.09 -6.36 -6.80
N ILE A 45 -2.09 -5.59 -6.37
CA ILE A 45 -2.36 -4.25 -5.85
C ILE A 45 -2.64 -3.26 -6.97
N ASP A 46 -3.72 -2.51 -6.83
CA ASP A 46 -4.11 -1.53 -7.85
C ASP A 46 -4.09 -0.10 -7.30
N LYS A 47 -4.23 0.03 -5.98
CA LYS A 47 -4.25 1.34 -5.35
C LYS A 47 -3.07 1.51 -4.40
N LEU A 48 -2.60 2.75 -4.27
CA LEU A 48 -1.48 3.06 -3.38
C LEU A 48 -1.54 4.51 -2.92
N GLN A 49 -1.19 4.74 -1.66
CA GLN A 49 -1.19 6.09 -1.11
C GLN A 49 -0.04 6.28 -0.12
N ALA A 50 0.33 7.53 0.10
CA ALA A 50 1.43 7.86 1.01
C ALA A 50 1.19 9.22 1.67
N THR A 51 1.93 9.53 2.73
CA THR A 51 1.75 10.81 3.42
C THR A 51 2.39 11.95 2.64
N PRO A 52 1.62 13.04 2.40
CA PRO A 52 2.07 14.21 1.66
C PRO A 52 2.55 15.33 2.59
N ALA A 53 3.21 16.33 2.00
CA ALA A 53 3.71 17.48 2.76
C ALA A 53 2.65 18.04 3.72
N SER A 54 1.39 17.64 3.51
CA SER A 54 0.30 18.10 4.36
C SER A 54 0.52 17.67 5.79
N SER A 55 1.20 16.55 5.93
CA SER A 55 1.49 16.01 7.24
C SER A 55 2.94 15.56 7.35
N GLU A 56 3.48 15.63 8.56
CA GLU A 56 4.84 15.19 8.82
C GLU A 56 4.86 13.69 9.10
N LYS A 57 3.67 13.08 9.05
CA LYS A 57 3.54 11.65 9.29
C LYS A 57 4.32 10.85 8.24
N MET A 58 4.11 9.53 8.25
CA MET A 58 4.77 8.65 7.29
C MET A 58 4.02 7.33 7.22
N MET A 59 3.18 7.18 6.19
CA MET A 59 2.40 5.97 6.01
C MET A 59 2.19 5.64 4.54
N LEU A 60 2.27 4.35 4.24
CA LEU A 60 2.06 3.87 2.88
C LEU A 60 0.94 2.84 2.87
N ARG A 61 0.00 2.97 1.96
CA ARG A 61 -1.14 2.05 1.89
C ARG A 61 -1.16 1.30 0.56
N LEU A 62 -1.46 0.01 0.63
CA LEU A 62 -1.53 -0.83 -0.55
C LEU A 62 -2.82 -1.63 -0.58
N ILE A 63 -3.62 -1.42 -1.62
CA ILE A 63 -4.89 -2.13 -1.74
C ILE A 63 -4.71 -3.42 -2.53
N GLY A 64 -5.17 -4.52 -1.95
CA GLY A 64 -5.06 -5.81 -2.60
C GLY A 64 -5.88 -5.92 -3.86
N LYS A 65 -6.95 -5.16 -3.94
CA LYS A 65 -7.82 -5.18 -5.10
C LYS A 65 -8.46 -6.56 -5.26
N VAL A 66 -9.56 -6.60 -6.02
CA VAL A 66 -10.27 -7.84 -6.27
C VAL A 66 -11.08 -7.75 -7.56
N ASP A 67 -11.46 -8.91 -8.10
CA ASP A 67 -12.23 -8.96 -9.33
C ASP A 67 -13.73 -8.78 -9.04
N GLU A 68 -14.45 -8.20 -10.01
CA GLU A 68 -15.87 -7.97 -9.86
C GLU A 68 -16.68 -9.11 -10.47
N SER A 69 -16.08 -10.30 -10.52
CA SER A 69 -16.74 -11.47 -11.08
C SER A 69 -17.00 -12.52 -10.02
N LYS A 70 -16.12 -12.57 -9.03
CA LYS A 70 -16.24 -13.53 -7.95
C LYS A 70 -17.09 -12.97 -6.80
N LYS A 71 -17.70 -11.81 -7.03
CA LYS A 71 -18.54 -11.17 -6.03
C LYS A 71 -19.62 -12.13 -5.50
N ARG A 72 -20.49 -11.60 -4.65
CA ARG A 72 -21.57 -12.37 -4.07
C ARG A 72 -22.91 -11.70 -4.37
N LYS A 73 -23.97 -12.49 -4.42
CA LYS A 73 -25.29 -11.96 -4.70
C LYS A 73 -25.92 -11.36 -3.44
N ASP A 74 -27.23 -11.12 -3.49
CA ASP A 74 -27.94 -10.55 -2.35
C ASP A 74 -29.44 -10.79 -2.47
N ASN A 75 -30.20 -10.26 -1.52
CA ASN A 75 -31.65 -10.42 -1.52
C ASN A 75 -32.26 -9.82 -2.78
N GLU A 76 -31.63 -8.77 -3.28
CA GLU A 76 -32.10 -8.09 -4.48
C GLU A 76 -31.27 -8.48 -5.70
N GLY A 77 -30.42 -9.49 -5.53
CA GLY A 77 -29.58 -9.93 -6.64
C GLY A 77 -28.76 -8.80 -7.23
N ASN A 78 -28.44 -7.82 -6.40
CA ASN A 78 -27.66 -6.67 -6.85
C ASN A 78 -26.21 -7.08 -7.15
N GLU A 79 -25.57 -7.73 -6.20
CA GLU A 79 -24.19 -8.17 -6.35
C GLU A 79 -23.27 -6.97 -6.61
N VAL A 80 -21.97 -7.18 -6.42
CA VAL A 80 -21.00 -6.10 -6.63
C VAL A 80 -19.58 -6.56 -6.31
N VAL A 81 -18.60 -5.92 -6.94
CA VAL A 81 -17.20 -6.24 -6.71
C VAL A 81 -16.87 -6.25 -5.22
N PRO A 82 -16.32 -7.35 -4.69
CA PRO A 82 -15.96 -7.47 -3.27
C PRO A 82 -14.96 -6.41 -2.84
N LYS A 83 -15.39 -5.52 -1.96
CA LYS A 83 -14.53 -4.44 -1.45
C LYS A 83 -13.16 -4.98 -1.04
N PRO A 84 -12.11 -4.74 -1.86
CA PRO A 84 -10.76 -5.21 -1.56
C PRO A 84 -10.30 -4.82 -0.17
N GLN A 85 -9.50 -5.68 0.46
CA GLN A 85 -8.99 -5.42 1.80
C GLN A 85 -7.84 -4.42 1.75
N ARG A 86 -8.06 -3.25 2.33
CA ARG A 86 -7.03 -2.21 2.34
C ARG A 86 -6.28 -2.21 3.68
N HIS A 87 -5.02 -1.77 3.64
CA HIS A 87 -4.20 -1.73 4.84
C HIS A 87 -3.27 -0.51 4.81
N MET A 88 -3.12 0.13 5.96
CA MET A 88 -2.25 1.31 6.07
C MET A 88 -0.94 0.94 6.76
N PHE A 89 0.16 1.14 6.06
CA PHE A 89 1.48 0.86 6.60
C PHE A 89 2.06 2.13 7.21
N SER A 90 2.42 2.07 8.48
CA SER A 90 2.95 3.25 9.17
C SER A 90 4.29 2.96 9.82
N PHE A 91 5.29 3.78 9.49
CA PHE A 91 6.61 3.63 10.07
C PHE A 91 7.05 4.95 10.70
N ASN A 92 8.15 4.92 11.44
CA ASN A 92 8.65 6.12 12.10
C ASN A 92 9.78 6.75 11.29
N ASN A 93 9.71 6.58 9.97
CA ASN A 93 10.73 7.13 9.09
C ASN A 93 10.11 7.91 7.94
N ARG A 94 10.25 9.23 7.99
CA ARG A 94 9.69 10.10 6.95
C ARG A 94 10.63 10.13 5.74
N THR A 95 11.92 9.93 5.99
CA THR A 95 12.90 9.93 4.92
C THR A 95 12.80 8.65 4.09
N VAL A 96 12.75 7.52 4.78
CA VAL A 96 12.64 6.23 4.12
C VAL A 96 11.37 6.14 3.29
N MET A 97 10.23 6.30 3.96
CA MET A 97 8.93 6.24 3.30
C MET A 97 8.91 7.03 1.99
N ASP A 98 9.28 8.29 2.07
CA ASP A 98 9.28 9.17 0.91
C ASP A 98 10.05 8.56 -0.27
N ASN A 99 10.99 7.68 0.04
CA ASN A 99 11.80 7.02 -0.99
C ASN A 99 11.11 5.78 -1.54
N ILE A 100 10.43 5.04 -0.66
CA ILE A 100 9.76 3.82 -1.06
C ILE A 100 8.34 4.08 -1.58
N LYS A 101 7.73 5.18 -1.14
CA LYS A 101 6.39 5.52 -1.57
C LYS A 101 6.33 5.77 -3.06
N MET A 102 7.40 6.35 -3.59
CA MET A 102 7.49 6.65 -5.02
C MET A 102 7.70 5.38 -5.82
N THR A 103 8.52 4.47 -5.28
CA THR A 103 8.79 3.20 -5.95
C THR A 103 7.50 2.49 -6.31
N LEU A 104 6.53 2.57 -5.41
CA LEU A 104 5.23 1.93 -5.63
C LEU A 104 4.34 2.80 -6.50
N GLN A 105 4.28 4.09 -6.19
CA GLN A 105 3.46 5.03 -6.94
C GLN A 105 3.68 4.86 -8.45
N GLN A 106 4.94 4.80 -8.85
CA GLN A 106 5.27 4.64 -10.25
C GLN A 106 4.72 3.31 -10.79
N ILE A 107 4.97 2.24 -10.05
CA ILE A 107 4.50 0.92 -10.43
C ILE A 107 3.01 0.90 -10.70
N ILE A 108 2.21 1.28 -9.69
CA ILE A 108 0.76 1.30 -9.85
C ILE A 108 0.38 1.97 -11.16
N SER A 109 0.76 3.22 -11.28
CA SER A 109 0.47 3.99 -12.48
C SER A 109 0.94 3.26 -13.73
N ARG A 110 1.91 2.38 -13.57
CA ARG A 110 2.45 1.62 -14.68
C ARG A 110 1.65 0.33 -14.91
N TYR A 111 1.39 -0.39 -13.83
CA TYR A 111 0.65 -1.65 -13.93
C TYR A 111 -0.86 -1.42 -13.99
N LYS A 112 -1.38 -0.52 -13.17
CA LYS A 112 -2.81 -0.23 -13.15
C LYS A 112 -3.30 0.03 -14.57
N ASP A 113 -2.59 0.94 -15.23
CA ASP A 113 -2.89 1.32 -16.61
C ASP A 113 -3.21 0.11 -17.48
N ALA A 114 -2.69 -1.04 -17.11
CA ALA A 114 -2.90 -2.25 -17.88
C ALA A 114 -3.68 -3.29 -17.07
N ASP A 115 -3.16 -3.65 -15.91
CA ASP A 115 -3.81 -4.64 -15.05
C ASP A 115 -5.25 -4.23 -14.75
N PRO B 11 7.51 4.80 24.10
CA PRO B 11 6.38 5.61 24.62
C PRO B 11 5.32 5.87 23.54
N GLY B 12 5.02 4.84 22.76
CA GLY B 12 4.04 4.97 21.71
C GLY B 12 3.03 3.84 21.71
N GLU B 13 3.18 2.90 20.79
CA GLU B 13 2.28 1.77 20.70
C GLU B 13 0.85 2.23 20.42
N GLU B 14 0.72 3.36 19.75
CA GLU B 14 -0.59 3.92 19.42
C GLU B 14 -0.46 5.18 18.59
N GLU B 15 0.54 5.20 17.70
CA GLU B 15 0.77 6.36 16.84
C GLU B 15 0.81 7.65 17.66
N ASP B 16 0.89 8.78 16.97
CA ASP B 16 0.92 10.07 17.64
C ASP B 16 -0.38 10.34 18.38
N ASP B 17 -1.40 10.76 17.64
CA ASP B 17 -2.72 11.04 18.21
C ASP B 17 -3.65 11.64 17.16
N GLU B 18 -4.47 10.78 16.55
CA GLU B 18 -5.41 11.21 15.52
C GLU B 18 -4.74 12.15 14.52
N ARG B 19 -3.50 11.83 14.15
CA ARG B 19 -2.74 12.63 13.20
C ARG B 19 -1.85 11.76 12.34
N GLY B 20 -1.18 10.81 12.99
CA GLY B 20 -0.30 9.89 12.28
C GLY B 20 -1.06 8.82 11.52
N ALA B 21 -2.39 8.86 11.60
CA ALA B 21 -3.22 7.88 10.91
C ALA B 21 -4.41 8.57 10.23
N ASP B 22 -4.12 9.61 9.47
CA ASP B 22 -5.16 10.35 8.76
C ASP B 22 -4.59 11.02 7.52
N ALA B 23 -3.73 12.00 7.74
CA ALA B 23 -3.10 12.74 6.66
C ALA B 23 -2.32 11.80 5.75
N THR B 24 -2.98 11.24 4.75
CA THR B 24 -2.33 10.31 3.84
C THR B 24 -3.26 9.83 2.73
N TRP B 25 -4.56 9.84 2.99
CA TRP B 25 -5.53 9.39 2.00
C TRP B 25 -6.09 10.56 1.21
N ASP B 26 -5.26 11.58 0.97
CA ASP B 26 -5.70 12.74 0.20
C ASP B 26 -4.57 13.34 -0.63
N LEU B 27 -3.69 12.49 -1.11
CA LEU B 27 -2.57 12.93 -1.95
C LEU B 27 -2.36 12.00 -3.14
N ASP B 28 -2.76 10.74 -2.99
CA ASP B 28 -2.62 9.75 -4.05
C ASP B 28 -3.97 9.50 -4.72
N LEU B 29 -4.15 8.32 -5.29
CA LEU B 29 -5.40 7.97 -5.96
C LEU B 29 -5.64 8.87 -7.17
N LEU B 30 -4.68 8.88 -8.10
CA LEU B 30 -4.79 9.70 -9.29
C LEU B 30 -3.59 9.49 -10.22
N LEU B 31 -3.50 8.30 -10.82
CA LEU B 31 -2.39 7.98 -11.71
C LEU B 31 -2.91 7.59 -13.09
N THR B 32 -1.99 7.20 -13.97
CA THR B 32 -2.35 6.81 -15.34
C THR B 32 -3.23 7.86 -16.01
N ASN B 33 -3.63 7.59 -17.24
CA ASN B 33 -4.48 8.51 -17.99
C ASN B 33 -5.81 7.86 -18.34
N PHE B 34 -5.77 6.86 -19.21
CA PHE B 34 -6.99 6.15 -19.63
C PHE B 34 -6.64 4.96 -20.52
N SER B 35 -5.71 5.17 -21.45
CA SER B 35 -5.30 4.12 -22.36
C SER B 35 -3.77 4.04 -22.46
N GLY B 36 -3.16 5.16 -22.84
CA GLY B 36 -1.71 5.20 -22.97
C GLY B 36 -1.07 6.15 -21.97
N PRO B 37 0.27 6.25 -21.97
CA PRO B 37 1.00 7.14 -21.06
C PRO B 37 0.80 8.61 -21.40
N PRO A 1 15.47 6.00 -6.86
CA PRO A 1 16.04 4.65 -6.64
C PRO A 1 15.89 4.19 -5.19
N SER A 2 14.77 4.55 -4.58
CA SER A 2 14.50 4.18 -3.19
C SER A 2 13.56 2.97 -3.12
N HIS A 3 14.11 1.83 -2.73
CA HIS A 3 13.32 0.60 -2.62
C HIS A 3 13.38 0.05 -1.21
N SER A 4 14.57 0.05 -0.64
CA SER A 4 14.75 -0.45 0.72
C SER A 4 14.49 0.65 1.73
N GLY A 5 13.69 0.31 2.72
CA GLY A 5 13.35 1.24 3.77
C GLY A 5 12.85 0.51 4.98
N ALA A 6 12.48 1.25 6.02
CA ALA A 6 11.97 0.62 7.23
C ALA A 6 10.45 0.69 7.30
N ALA A 7 9.84 -0.39 7.76
CA ALA A 7 8.40 -0.47 7.87
C ALA A 7 7.98 -1.27 9.09
N ILE A 8 6.80 -0.98 9.62
CA ILE A 8 6.32 -1.70 10.79
C ILE A 8 4.87 -2.14 10.60
N PHE A 9 4.58 -3.34 11.08
CA PHE A 9 3.24 -3.91 10.99
C PHE A 9 2.89 -4.69 12.24
N GLU A 10 1.65 -4.53 12.71
CA GLU A 10 1.17 -5.22 13.90
C GLU A 10 2.17 -5.08 15.05
N LYS A 11 2.75 -3.89 15.18
CA LYS A 11 3.73 -3.62 16.23
C LYS A 11 5.01 -4.41 16.02
N VAL A 12 5.22 -4.90 14.81
CA VAL A 12 6.42 -5.66 14.49
C VAL A 12 7.25 -4.90 13.48
N SER A 13 8.46 -4.51 13.88
CA SER A 13 9.32 -3.75 12.99
C SER A 13 10.16 -4.65 12.09
N GLY A 14 10.50 -4.10 10.93
CA GLY A 14 11.29 -4.81 9.94
C GLY A 14 11.72 -3.90 8.82
N ILE A 15 12.40 -4.43 7.83
CA ILE A 15 12.86 -3.63 6.70
C ILE A 15 12.04 -3.96 5.47
N ILE A 16 11.60 -2.90 4.79
CA ILE A 16 10.77 -3.04 3.61
C ILE A 16 11.59 -2.75 2.35
N ALA A 17 11.58 -3.68 1.39
CA ALA A 17 12.35 -3.51 0.16
C ALA A 17 11.59 -3.95 -1.08
N ILE A 18 11.84 -3.26 -2.20
CA ILE A 18 11.21 -3.60 -3.47
C ILE A 18 12.17 -4.41 -4.34
N ASN A 19 11.62 -5.36 -5.10
CA ASN A 19 12.42 -6.21 -5.97
C ASN A 19 11.92 -6.11 -7.41
N GLU A 20 12.76 -5.52 -8.27
CA GLU A 20 12.43 -5.38 -9.67
C GLU A 20 13.29 -6.33 -10.50
N ASP A 21 13.68 -7.43 -9.87
CA ASP A 21 14.52 -8.43 -10.52
C ASP A 21 13.67 -9.62 -10.98
N VAL A 22 12.55 -9.82 -10.30
CA VAL A 22 11.65 -10.92 -10.65
C VAL A 22 10.52 -10.42 -11.54
N SER A 23 9.77 -11.35 -12.16
CA SER A 23 8.67 -10.98 -13.03
C SER A 23 7.75 -9.97 -12.35
N PRO A 24 7.02 -10.39 -11.31
CA PRO A 24 6.14 -9.48 -10.58
C PRO A 24 6.92 -8.64 -9.58
N ALA A 25 7.45 -7.52 -10.05
CA ALA A 25 8.23 -6.62 -9.20
C ALA A 25 7.52 -6.48 -7.86
N GLU A 26 7.99 -7.25 -6.89
CA GLU A 26 7.37 -7.27 -5.58
C GLU A 26 8.29 -6.72 -4.49
N LEU A 27 7.74 -6.53 -3.30
CA LEU A 27 8.48 -6.00 -2.19
C LEU A 27 8.24 -6.86 -0.96
N THR A 28 9.30 -7.16 -0.22
CA THR A 28 9.16 -7.98 0.96
C THR A 28 9.64 -7.27 2.21
N TRP A 29 9.00 -7.60 3.31
CA TRP A 29 9.30 -7.01 4.61
C TRP A 29 9.98 -8.03 5.51
N ARG A 30 11.07 -7.63 6.16
CA ARG A 30 11.81 -8.52 7.06
C ARG A 30 11.97 -7.90 8.44
N SER A 31 11.45 -8.56 9.46
CA SER A 31 11.56 -8.07 10.82
C SER A 31 13.01 -7.88 11.24
N THR A 32 13.29 -6.77 11.91
CA THR A 32 14.64 -6.46 12.37
C THR A 32 14.90 -7.09 13.74
N ASP A 33 13.82 -7.25 14.50
CA ASP A 33 13.89 -7.84 15.83
C ASP A 33 12.57 -8.50 16.20
N GLY A 34 11.82 -8.91 15.18
CA GLY A 34 10.54 -9.55 15.42
C GLY A 34 10.49 -10.98 14.93
N ASP A 35 11.52 -11.38 14.17
CA ASP A 35 11.60 -12.74 13.66
C ASP A 35 10.40 -13.05 12.77
N LYS A 36 10.36 -12.40 11.61
CA LYS A 36 9.27 -12.60 10.65
C LYS A 36 9.57 -11.87 9.36
N VAL A 37 8.94 -12.31 8.28
CA VAL A 37 9.14 -11.71 6.97
C VAL A 37 7.85 -11.72 6.15
N HIS A 38 7.44 -10.56 5.66
CA HIS A 38 6.24 -10.46 4.85
C HIS A 38 6.56 -9.99 3.44
N THR A 39 6.43 -10.91 2.49
CA THR A 39 6.68 -10.63 1.07
C THR A 39 5.36 -10.24 0.38
N VAL A 40 5.22 -8.97 0.05
CA VAL A 40 4.01 -8.51 -0.62
C VAL A 40 4.25 -8.39 -2.12
N VAL A 41 3.62 -9.27 -2.89
CA VAL A 41 3.81 -9.25 -4.33
C VAL A 41 3.06 -8.09 -4.96
N LEU A 42 3.79 -7.02 -5.25
CA LEU A 42 3.24 -5.84 -5.88
C LEU A 42 2.39 -6.21 -7.08
N SER A 43 2.68 -7.37 -7.68
CA SER A 43 1.93 -7.84 -8.83
C SER A 43 0.47 -8.03 -8.46
N THR A 44 0.27 -8.73 -7.35
CA THR A 44 -1.06 -8.96 -6.85
C THR A 44 -1.62 -7.67 -6.25
N ILE A 45 -0.71 -6.74 -5.92
CA ILE A 45 -1.10 -5.47 -5.35
C ILE A 45 -1.33 -4.44 -6.46
N ASP A 46 -2.59 -4.27 -6.85
CA ASP A 46 -2.94 -3.33 -7.91
C ASP A 46 -3.13 -1.92 -7.38
N LYS A 47 -2.96 -1.74 -6.07
CA LYS A 47 -3.12 -0.42 -5.47
C LYS A 47 -2.18 -0.23 -4.28
N LEU A 48 -1.71 1.00 -4.11
CA LEU A 48 -0.81 1.33 -3.01
C LEU A 48 -0.91 2.81 -2.68
N GLN A 49 -1.04 3.13 -1.40
CA GLN A 49 -1.16 4.52 -0.98
C GLN A 49 -0.15 4.88 0.10
N ALA A 50 0.53 6.00 -0.10
CA ALA A 50 1.52 6.47 0.86
C ALA A 50 1.12 7.84 1.40
N THR A 51 1.74 8.26 2.50
CA THR A 51 1.40 9.55 3.09
C THR A 51 2.28 10.68 2.57
N PRO A 52 1.66 11.71 1.97
CA PRO A 52 2.34 12.87 1.41
C PRO A 52 2.45 14.01 2.43
N ALA A 53 3.27 14.99 2.12
CA ALA A 53 3.46 16.14 3.00
C ALA A 53 2.12 16.82 3.37
N SER A 54 1.01 16.29 2.86
CA SER A 54 -0.31 16.85 3.16
C SER A 54 -0.59 16.81 4.65
N SER A 55 -0.04 15.80 5.29
CA SER A 55 -0.21 15.60 6.71
C SER A 55 1.10 15.20 7.37
N GLU A 56 1.09 15.10 8.70
CA GLU A 56 2.28 14.73 9.45
C GLU A 56 2.37 13.23 9.68
N LYS A 57 1.72 12.45 8.82
CA LYS A 57 1.74 11.00 8.96
C LYS A 57 2.76 10.38 8.00
N MET A 58 3.26 9.21 8.37
CA MET A 58 4.24 8.50 7.56
C MET A 58 3.92 7.01 7.53
N MET A 59 3.23 6.57 6.48
CA MET A 59 2.85 5.18 6.36
C MET A 59 2.53 4.80 4.90
N LEU A 60 2.87 3.57 4.54
CA LEU A 60 2.62 3.08 3.18
C LEU A 60 1.57 1.96 3.20
N ARG A 61 0.62 2.02 2.28
CA ARG A 61 -0.44 1.02 2.22
C ARG A 61 -0.40 0.29 0.87
N LEU A 62 -0.70 -1.01 0.91
CA LEU A 62 -0.70 -1.82 -0.30
C LEU A 62 -1.99 -2.64 -0.39
N ILE A 63 -2.79 -2.38 -1.42
CA ILE A 63 -4.04 -3.10 -1.61
C ILE A 63 -3.84 -4.34 -2.47
N GLY A 64 -4.45 -5.43 -2.04
CA GLY A 64 -4.32 -6.68 -2.75
C GLY A 64 -5.44 -6.89 -3.76
N LYS A 65 -5.35 -6.21 -4.90
CA LYS A 65 -6.34 -6.34 -5.95
C LYS A 65 -7.75 -6.12 -5.41
N VAL A 66 -8.74 -6.24 -6.28
CA VAL A 66 -10.14 -6.06 -5.89
C VAL A 66 -11.06 -6.95 -6.71
N ASP A 67 -12.03 -7.57 -6.04
CA ASP A 67 -12.98 -8.44 -6.72
C ASP A 67 -14.41 -8.11 -6.31
N GLU A 68 -15.03 -7.20 -7.06
CA GLU A 68 -16.40 -6.79 -6.78
C GLU A 68 -17.39 -7.51 -7.68
N SER A 69 -16.90 -8.10 -8.77
CA SER A 69 -17.75 -8.81 -9.73
C SER A 69 -18.62 -9.85 -9.03
N LYS A 70 -18.16 -10.31 -7.86
CA LYS A 70 -18.89 -11.31 -7.10
C LYS A 70 -19.94 -10.67 -6.19
N LYS A 71 -20.15 -9.37 -6.33
CA LYS A 71 -21.12 -8.65 -5.52
C LYS A 71 -22.50 -9.27 -5.65
N ARG A 72 -23.52 -8.55 -5.15
CA ARG A 72 -24.89 -9.03 -5.22
C ARG A 72 -25.87 -7.87 -5.39
N LYS A 73 -26.22 -7.21 -4.29
CA LYS A 73 -27.15 -6.08 -4.33
C LYS A 73 -27.31 -5.47 -2.94
N ASP A 74 -28.35 -4.67 -2.77
CA ASP A 74 -28.62 -4.03 -1.49
C ASP A 74 -30.05 -3.51 -1.42
N ASN A 75 -30.31 -2.40 -2.11
CA ASN A 75 -31.64 -1.81 -2.12
C ASN A 75 -32.06 -1.43 -3.54
N GLU A 76 -31.77 -0.19 -3.93
CA GLU A 76 -32.11 0.29 -5.26
C GLU A 76 -31.15 -0.25 -6.31
N GLY A 77 -31.11 -1.57 -6.43
CA GLY A 77 -30.21 -2.20 -7.39
C GLY A 77 -28.76 -1.93 -7.08
N ASN A 78 -28.47 -1.57 -5.84
CA ASN A 78 -27.10 -1.29 -5.41
C ASN A 78 -26.27 -2.57 -5.45
N GLU A 79 -25.18 -2.61 -4.67
CA GLU A 79 -24.32 -3.78 -4.63
C GLU A 79 -23.26 -3.62 -3.55
N VAL A 80 -22.59 -4.73 -3.21
CA VAL A 80 -21.55 -4.72 -2.19
C VAL A 80 -20.19 -5.05 -2.80
N VAL A 81 -19.13 -4.66 -2.11
CA VAL A 81 -17.77 -4.92 -2.56
C VAL A 81 -16.98 -5.67 -1.50
N PRO A 82 -16.67 -6.96 -1.75
CA PRO A 82 -15.91 -7.78 -0.81
C PRO A 82 -14.63 -7.10 -0.35
N LYS A 83 -14.69 -6.44 0.81
CA LYS A 83 -13.54 -5.73 1.37
C LYS A 83 -12.28 -6.59 1.29
N PRO A 84 -11.38 -6.30 0.34
CA PRO A 84 -10.13 -7.05 0.17
C PRO A 84 -9.28 -7.04 1.43
N GLN A 85 -8.03 -7.45 1.29
CA GLN A 85 -7.10 -7.49 2.42
C GLN A 85 -6.14 -6.32 2.36
N ARG A 86 -6.62 -5.14 2.74
CA ARG A 86 -5.80 -3.94 2.74
C ARG A 86 -4.94 -3.86 4.00
N HIS A 87 -3.69 -3.42 3.84
CA HIS A 87 -2.77 -3.30 4.96
C HIS A 87 -2.11 -1.93 4.96
N MET A 88 -1.89 -1.39 6.17
CA MET A 88 -1.26 -0.09 6.32
C MET A 88 0.08 -0.21 7.05
N PHE A 89 1.15 0.14 6.35
CA PHE A 89 2.50 0.07 6.93
C PHE A 89 2.87 1.42 7.54
N SER A 90 3.20 1.43 8.83
CA SER A 90 3.52 2.67 9.52
C SER A 90 4.96 2.70 10.03
N PHE A 91 5.59 3.86 9.91
CA PHE A 91 6.96 4.05 10.38
C PHE A 91 7.14 5.47 10.93
N ASN A 92 8.27 5.72 11.56
CA ASN A 92 8.54 7.03 12.16
C ASN A 92 9.41 7.90 11.27
N ASN A 93 9.46 7.59 9.97
CA ASN A 93 10.26 8.38 9.04
C ASN A 93 9.42 8.87 7.87
N ARG A 94 9.19 10.18 7.82
CA ARG A 94 8.41 10.79 6.75
C ARG A 94 9.22 10.83 5.45
N THR A 95 10.54 10.84 5.58
CA THR A 95 11.42 10.88 4.43
C THR A 95 11.63 9.47 3.86
N VAL A 96 11.73 8.49 4.77
CA VAL A 96 11.93 7.11 4.37
C VAL A 96 10.69 6.56 3.66
N MET A 97 9.52 6.91 4.16
CA MET A 97 8.26 6.44 3.59
C MET A 97 8.06 6.95 2.16
N ASP A 98 8.08 8.26 1.99
CA ASP A 98 7.87 8.88 0.69
C ASP A 98 8.92 8.46 -0.34
N ASN A 99 10.08 8.02 0.13
CA ASN A 99 11.15 7.62 -0.75
C ASN A 99 10.89 6.25 -1.38
N ILE A 100 10.28 5.35 -0.62
CA ILE A 100 9.99 4.02 -1.12
C ILE A 100 8.65 3.95 -1.86
N LYS A 101 7.72 4.84 -1.51
CA LYS A 101 6.42 4.85 -2.16
C LYS A 101 6.54 5.38 -3.58
N MET A 102 7.41 6.36 -3.75
CA MET A 102 7.64 6.96 -5.05
C MET A 102 8.15 5.93 -6.06
N THR A 103 8.91 4.96 -5.55
CA THR A 103 9.48 3.91 -6.39
C THR A 103 8.53 2.73 -6.52
N LEU A 104 7.81 2.41 -5.45
CA LEU A 104 6.87 1.30 -5.45
C LEU A 104 5.53 1.68 -6.08
N GLN A 105 5.15 2.94 -5.93
CA GLN A 105 3.89 3.43 -6.49
C GLN A 105 3.95 3.50 -8.01
N GLN A 106 5.01 4.12 -8.53
CA GLN A 106 5.17 4.25 -9.98
C GLN A 106 5.02 2.90 -10.68
N ILE A 107 5.55 1.84 -10.06
CA ILE A 107 5.48 0.51 -10.62
C ILE A 107 4.03 0.10 -10.87
N ILE A 108 3.21 0.15 -9.84
CA ILE A 108 1.80 -0.23 -9.97
C ILE A 108 1.17 0.42 -11.18
N SER A 109 1.35 1.72 -11.28
CA SER A 109 0.82 2.49 -12.40
C SER A 109 1.38 1.96 -13.72
N ARG A 110 2.58 1.41 -13.66
CA ARG A 110 3.23 0.86 -14.85
C ARG A 110 2.74 -0.56 -15.11
N TYR A 111 2.77 -1.40 -14.06
CA TYR A 111 2.32 -2.78 -14.19
C TYR A 111 0.86 -2.84 -14.64
N LYS A 112 0.02 -2.02 -14.02
CA LYS A 112 -1.40 -1.98 -14.36
C LYS A 112 -1.59 -1.76 -15.86
N ASP A 113 -0.65 -1.08 -16.47
CA ASP A 113 -0.70 -0.80 -17.91
C ASP A 113 -0.47 -2.05 -18.74
N ALA A 114 -0.09 -3.14 -18.07
CA ALA A 114 0.16 -4.40 -18.77
C ALA A 114 -0.57 -5.55 -18.11
N ASP A 115 -0.42 -5.66 -16.79
CA ASP A 115 -1.07 -6.73 -16.03
C ASP A 115 -2.58 -6.71 -16.23
N PRO B 11 -4.83 -0.94 13.63
CA PRO B 11 -5.68 -2.13 13.89
C PRO B 11 -5.95 -2.33 15.38
N GLY B 12 -6.23 -1.22 16.07
CA GLY B 12 -6.51 -1.27 17.49
C GLY B 12 -6.57 0.10 18.13
N GLU B 13 -5.52 0.45 18.86
CA GLU B 13 -5.46 1.75 19.52
C GLU B 13 -4.01 2.19 19.72
N GLU B 14 -3.39 2.67 18.66
CA GLU B 14 -2.00 3.12 18.71
C GLU B 14 -1.92 4.56 19.22
N GLU B 15 -2.44 5.49 18.44
CA GLU B 15 -2.43 6.90 18.81
C GLU B 15 -3.83 7.50 18.72
N ASP B 16 -4.53 7.19 17.63
CA ASP B 16 -5.88 7.69 17.42
C ASP B 16 -6.48 7.11 16.15
N ASP B 17 -5.80 7.35 15.03
CA ASP B 17 -6.24 6.87 13.70
C ASP B 17 -6.84 8.02 12.90
N GLU B 18 -6.43 9.22 13.28
CA GLU B 18 -6.88 10.43 12.63
C GLU B 18 -5.82 11.53 12.74
N ARG B 19 -4.62 11.16 13.19
CA ARG B 19 -3.54 12.12 13.34
C ARG B 19 -2.26 11.62 12.69
N GLY B 20 -2.11 10.30 12.62
CA GLY B 20 -0.95 9.70 12.02
C GLY B 20 -1.31 8.51 11.16
N ALA B 21 -2.59 8.38 10.84
CA ALA B 21 -3.10 7.29 10.01
C ALA B 21 -4.33 7.72 9.23
N ASP B 22 -4.18 8.76 8.42
CA ASP B 22 -5.30 9.28 7.63
C ASP B 22 -4.85 9.77 6.26
N ALA B 23 -3.76 10.53 6.25
CA ALA B 23 -3.22 11.09 5.01
C ALA B 23 -2.65 10.00 4.09
N THR B 24 -3.54 9.29 3.41
CA THR B 24 -3.12 8.24 2.48
C THR B 24 -4.25 7.85 1.54
N TRP B 25 -5.45 7.73 2.08
CA TRP B 25 -6.61 7.36 1.28
C TRP B 25 -7.11 8.56 0.49
N ASP B 26 -6.25 9.10 -0.38
CA ASP B 26 -6.61 10.26 -1.19
C ASP B 26 -5.53 10.58 -2.21
N LEU B 27 -4.37 10.96 -1.72
CA LEU B 27 -3.24 11.30 -2.59
C LEU B 27 -2.98 10.22 -3.63
N ASP B 28 -3.43 9.00 -3.35
CA ASP B 28 -3.22 7.89 -4.28
C ASP B 28 -4.52 7.51 -4.98
N LEU B 29 -4.53 6.32 -5.58
CA LEU B 29 -5.70 5.83 -6.30
C LEU B 29 -5.99 6.70 -7.53
N LEU B 30 -5.10 6.62 -8.51
CA LEU B 30 -5.24 7.39 -9.74
C LEU B 30 -4.12 7.06 -10.71
N LEU B 31 -3.99 5.78 -11.05
CA LEU B 31 -2.94 5.34 -11.97
C LEU B 31 -3.53 5.09 -13.35
N THR B 32 -2.77 4.37 -14.19
CA THR B 32 -3.21 4.06 -15.55
C THR B 32 -4.65 3.54 -15.56
N ASN B 33 -5.52 4.26 -16.26
CA ASN B 33 -6.92 3.88 -16.35
C ASN B 33 -7.32 3.62 -17.81
N PHE B 34 -7.28 4.67 -18.62
CA PHE B 34 -7.63 4.54 -20.03
C PHE B 34 -6.93 5.62 -20.86
N SER B 35 -6.97 6.86 -20.38
CA SER B 35 -6.35 7.96 -21.08
C SER B 35 -6.03 9.11 -20.11
N GLY B 36 -7.08 9.72 -19.57
CA GLY B 36 -6.89 10.82 -18.65
C GLY B 36 -8.18 11.59 -18.39
N PRO B 37 -8.57 12.49 -19.30
CA PRO B 37 -9.80 13.28 -19.16
C PRO B 37 -11.02 12.42 -18.88
#